data_6W6G
#
_entry.id   6W6G
#
_cell.length_a   1.00
_cell.length_b   1.00
_cell.length_c   1.00
_cell.angle_alpha   90.00
_cell.angle_beta   90.00
_cell.angle_gamma   90.00
#
_symmetry.space_group_name_H-M   'P 1'
#
loop_
_entity.id
_entity.type
_entity.pdbx_description
1 polymer 'Chaperone protein ClpB'
2 polymer Substrate
3 non-polymer 'PHOSPHOTHIOPHOSPHORIC ACID-ADENYLATE ESTER'
4 non-polymer "ADENOSINE-5'-DIPHOSPHATE"
#
loop_
_entity_poly.entity_id
_entity_poly.type
_entity_poly.pdbx_seq_one_letter_code
_entity_poly.pdbx_strand_id
1 'polypeptide(L)'
;MDSFNPTTKTQAALTAALQAASTAGNPEIRPAHLLMALLTQNDGIAAPLLEAVGVEPATVRAETQRLLDRLPQATGASTQ
PQLSRESLAAITTAQQLATELDDEYVSTEHVMVGLATGDSDVAKLLTGHGASPQALREAFVKVRGSARVTSPEPEATYQA
LQKYSTDLTARAREGKLDPVIGRDNEIRRVVQVLSRRTKNNPVLIGEPGVGKTAIVEGLAQRIVAGDVPESLRDKTIVAL
DLGSMVAGSKYRGEFEERLKAVLDDIKNSAGQIITFIDELHTIVGAGATGEGAMDAGNMIKPMLARGELRLVGATTLDEY
RKHIEKDAALERRFQQVYVGEPSVEDTIGILRGLKDRYEVHHGVRITDSALVAAATLSDRYITARFLPDKAIDLVDEAAS
RLRMEIDSRPVEIDEVERLVRRLEIEEMALSKEEDEASAERLAKLRSELADQKEKLAELTTRWQNEKNAIEIVRDLKEQL
EALRGESERAERDGDLAKAAELRYGRIPEVEKKLDAALPQAQAREQVMLKEEVGPDDIADVVSAWTGIPAGRLLEGETAK
LLRMEDELGKRVIGQKAAVTAVSDAVRRSRAGVSDPNRPTGAFMFLGPTGVGKTELAKALADFLFDDERAMVRIDMSEYG
EKHTVARLIGAPPGYVGYEAGGQLTEAVRRRPYTVVLFDEIEKAHPDVFDVLLQVLDEGRLTDGHGRTVDFRNTILILTS
NLGSGGSAEQVLAAVRATFKPEFINRLDDVLIFEGLNPEELVRIVDIQLAQLGKRLAQRRLQLQVSLPAKRWLAQRGFDP
VYGARPLRRLVQQAIGDQLAKMLLAGQVHDGDTVPVNVSPDADSLILG
;
A,B,C,D,E,F
2 'polypeptide(L)'
;(UNK)(UNK)(UNK)(UNK)(UNK)(UNK)(UNK)(UNK)(UNK)(UNK)(UNK)(UNK)(UNK)(UNK)(UNK)(UNK)
(UNK)(UNK)(UNK)(UNK)(UNK)(UNK)(UNK)(UNK)(UNK)(UNK)(UNK)(UNK)(UNK)(UNK)(UNK)(UNK)
(UNK)
;
N
#
loop_
_chem_comp.id
_chem_comp.type
_chem_comp.name
_chem_comp.formula
ADP non-polymer ADENOSINE-5'-DIPHOSPHATE 'C10 H15 N5 O10 P2'
AGS non-polymer 'PHOSPHOTHIOPHOSPHORIC ACID-ADENYLATE ESTER' 'C10 H16 N5 O12 P3 S'
#
# COMPACT_ATOMS: atom_id res chain seq x y z
N GLN A 159 -32.47 51.33 2.73
CA GLN A 159 -31.45 51.68 1.75
C GLN A 159 -30.21 50.81 1.89
N ALA A 160 -30.32 49.73 2.65
CA ALA A 160 -29.24 48.76 2.71
C ALA A 160 -29.01 48.10 1.36
N LEU A 161 -30.09 47.84 0.61
CA LEU A 161 -29.94 47.33 -0.75
C LEU A 161 -29.14 48.31 -1.59
N GLN A 162 -29.50 49.59 -1.57
CA GLN A 162 -28.72 50.59 -2.28
C GLN A 162 -27.32 50.74 -1.72
N LYS A 163 -27.07 50.21 -0.52
CA LYS A 163 -25.72 50.26 0.05
C LYS A 163 -24.84 49.14 -0.51
N TYR A 164 -25.31 47.89 -0.46
CA TYR A 164 -24.46 46.74 -0.74
C TYR A 164 -24.67 46.17 -2.13
N SER A 165 -25.89 45.82 -2.48
CA SER A 165 -26.14 45.20 -3.76
C SER A 165 -26.11 46.24 -4.88
N THR A 166 -25.95 45.75 -6.11
CA THR A 166 -25.98 46.60 -7.30
C THR A 166 -27.12 46.16 -8.21
N ASP A 167 -27.82 47.15 -8.76
CA ASP A 167 -29.02 46.92 -9.54
C ASP A 167 -28.66 46.38 -10.91
N LEU A 168 -29.31 45.28 -11.31
CA LEU A 168 -29.06 44.68 -12.61
C LEU A 168 -29.95 45.28 -13.69
N THR A 169 -31.21 45.55 -13.37
CA THR A 169 -32.12 46.11 -14.37
C THR A 169 -31.74 47.54 -14.74
N ALA A 170 -31.31 48.34 -13.76
CA ALA A 170 -30.88 49.69 -14.06
C ALA A 170 -29.66 49.70 -14.95
N ARG A 171 -28.79 48.69 -14.82
CA ARG A 171 -27.65 48.57 -15.72
C ARG A 171 -28.06 48.02 -17.08
N ALA A 172 -29.13 47.24 -17.12
CA ALA A 172 -29.63 46.74 -18.40
C ALA A 172 -30.27 47.85 -19.21
N ARG A 173 -30.93 48.80 -18.54
CA ARG A 173 -31.55 49.93 -19.23
C ARG A 173 -30.54 50.83 -19.91
N GLU A 174 -29.37 51.00 -19.33
CA GLU A 174 -28.33 51.87 -19.90
C GLU A 174 -27.54 51.20 -21.00
N GLY A 175 -28.01 50.07 -21.53
CA GLY A 175 -27.25 49.36 -22.54
C GLY A 175 -25.89 48.87 -22.09
N LYS A 176 -25.75 48.52 -20.82
CA LYS A 176 -24.46 48.13 -20.26
C LYS A 176 -24.22 46.63 -20.27
N LEU A 177 -25.15 45.84 -20.80
CA LEU A 177 -24.98 44.40 -20.87
C LEU A 177 -24.77 43.99 -22.33
N ASP A 178 -24.69 42.70 -22.55
CA ASP A 178 -24.37 42.13 -23.85
C ASP A 178 -25.55 41.35 -24.41
N PRO A 179 -25.59 41.17 -25.74
CA PRO A 179 -26.68 40.38 -26.32
C PRO A 179 -26.68 38.96 -25.81
N VAL A 180 -27.86 38.36 -25.79
CA VAL A 180 -28.09 37.05 -25.17
C VAL A 180 -28.70 36.08 -26.18
N ILE A 181 -28.23 36.14 -27.43
CA ILE A 181 -28.75 35.35 -28.54
C ILE A 181 -29.02 33.92 -28.13
N GLY A 182 -30.22 33.44 -28.41
CA GLY A 182 -30.58 32.05 -28.15
C GLY A 182 -31.00 31.80 -26.72
N ARG A 183 -31.08 30.50 -26.41
CA ARG A 183 -31.39 30.01 -25.07
C ARG A 183 -32.75 30.53 -24.59
N ASP A 184 -33.80 30.10 -25.29
CA ASP A 184 -35.15 30.47 -24.91
C ASP A 184 -35.74 29.51 -23.90
N ASN A 185 -35.43 28.22 -24.02
CA ASN A 185 -36.01 27.22 -23.14
C ASN A 185 -35.61 27.44 -21.69
N GLU A 186 -34.33 27.75 -21.45
CA GLU A 186 -33.87 27.92 -20.08
C GLU A 186 -34.40 29.22 -19.48
N ILE A 187 -34.45 30.29 -20.28
CA ILE A 187 -35.07 31.52 -19.81
C ILE A 187 -36.51 31.26 -19.40
N ARG A 188 -37.27 30.57 -20.25
CA ARG A 188 -38.66 30.32 -19.94
C ARG A 188 -38.82 29.44 -18.71
N ARG A 189 -37.93 28.45 -18.56
CA ARG A 189 -38.01 27.59 -17.38
C ARG A 189 -37.71 28.37 -16.10
N VAL A 190 -36.74 29.27 -16.16
CA VAL A 190 -36.43 30.11 -15.01
C VAL A 190 -37.64 30.99 -14.66
N VAL A 191 -38.25 31.60 -15.68
CA VAL A 191 -39.43 32.42 -15.44
C VAL A 191 -40.54 31.59 -14.80
N GLN A 192 -40.79 30.40 -15.34
CA GLN A 192 -41.81 29.50 -14.83
C GLN A 192 -41.57 29.19 -13.35
N VAL A 193 -40.37 28.71 -13.01
CA VAL A 193 -40.07 28.37 -11.63
C VAL A 193 -40.15 29.60 -10.74
N LEU A 194 -39.84 30.78 -11.27
CA LEU A 194 -39.85 31.99 -10.45
C LEU A 194 -41.28 32.42 -10.16
N SER A 195 -42.21 32.14 -11.08
CA SER A 195 -43.62 32.43 -10.86
C SER A 195 -44.38 31.24 -10.30
N ARG A 196 -43.71 30.37 -9.55
CA ARG A 196 -44.36 29.20 -8.98
C ARG A 196 -44.90 29.53 -7.59
N ARG A 197 -45.78 28.68 -7.10
CA ARG A 197 -46.38 28.90 -5.79
C ARG A 197 -45.35 28.69 -4.68
N THR A 198 -44.79 27.48 -4.59
CA THR A 198 -43.77 27.17 -3.62
C THR A 198 -42.50 26.74 -4.35
N LYS A 199 -41.39 26.76 -3.63
CA LYS A 199 -40.08 26.41 -4.18
C LYS A 199 -39.72 27.32 -5.34
N ASN A 200 -39.94 28.62 -5.17
CA ASN A 200 -39.64 29.61 -6.20
C ASN A 200 -38.21 30.12 -5.99
N ASN A 201 -37.26 29.20 -6.11
CA ASN A 201 -35.84 29.54 -6.00
C ASN A 201 -35.08 28.72 -7.02
N PRO A 202 -35.04 29.17 -8.28
CA PRO A 202 -34.30 28.43 -9.30
C PRO A 202 -32.81 28.55 -9.11
N VAL A 203 -32.08 27.56 -9.62
CA VAL A 203 -30.64 27.51 -9.52
C VAL A 203 -30.09 26.96 -10.83
N LEU A 204 -29.22 27.73 -11.48
CA LEU A 204 -28.60 27.30 -12.73
C LEU A 204 -27.33 26.54 -12.42
N ILE A 205 -27.11 25.45 -13.16
CA ILE A 205 -26.02 24.53 -12.85
C ILE A 205 -25.47 23.96 -14.14
N GLY A 206 -24.16 24.05 -14.31
CA GLY A 206 -23.49 23.50 -15.48
C GLY A 206 -22.00 23.65 -15.35
N GLU A 207 -21.31 23.25 -16.40
CA GLU A 207 -19.86 23.39 -16.45
C GLU A 207 -19.49 24.87 -16.57
N PRO A 208 -18.28 25.26 -16.17
CA PRO A 208 -17.88 26.67 -16.25
C PRO A 208 -17.61 27.09 -17.69
N GLY A 209 -18.33 28.10 -18.16
CA GLY A 209 -18.09 28.64 -19.48
C GLY A 209 -19.28 28.54 -20.41
N VAL A 210 -20.24 27.68 -20.06
CA VAL A 210 -21.36 27.40 -20.95
C VAL A 210 -22.35 28.56 -21.01
N GLY A 211 -22.33 29.45 -20.03
CA GLY A 211 -23.21 30.59 -20.00
C GLY A 211 -24.29 30.43 -18.94
N LYS A 212 -24.08 31.02 -17.79
CA LYS A 212 -25.05 30.97 -16.71
C LYS A 212 -25.48 32.35 -16.26
N THR A 213 -24.55 33.26 -16.01
CA THR A 213 -24.91 34.63 -15.72
C THR A 213 -25.45 35.33 -16.95
N ALA A 214 -25.06 34.88 -18.14
CA ALA A 214 -25.64 35.43 -19.35
C ALA A 214 -27.14 35.19 -19.40
N ILE A 215 -27.60 34.06 -18.87
CA ILE A 215 -29.04 33.79 -18.85
C ILE A 215 -29.75 34.80 -17.95
N VAL A 216 -29.20 35.07 -16.77
CA VAL A 216 -29.83 36.02 -15.86
C VAL A 216 -29.81 37.43 -16.46
N GLU A 217 -28.72 37.79 -17.13
CA GLU A 217 -28.67 39.10 -17.77
C GLU A 217 -29.66 39.19 -18.93
N GLY A 218 -29.85 38.09 -19.65
CA GLY A 218 -30.89 38.07 -20.67
C GLY A 218 -32.27 38.22 -20.09
N LEU A 219 -32.53 37.58 -18.96
CA LEU A 219 -33.81 37.75 -18.28
C LEU A 219 -34.00 39.19 -17.85
N ALA A 220 -32.93 39.84 -17.40
CA ALA A 220 -33.03 41.24 -17.00
C ALA A 220 -33.37 42.13 -18.20
N GLN A 221 -32.67 41.94 -19.31
CA GLN A 221 -33.00 42.71 -20.52
C GLN A 221 -34.42 42.43 -20.98
N ARG A 222 -34.87 41.18 -20.82
CA ARG A 222 -36.22 40.82 -21.22
C ARG A 222 -37.27 41.53 -20.37
N ILE A 223 -37.05 41.58 -19.05
CA ILE A 223 -37.95 42.34 -18.19
C ILE A 223 -37.94 43.81 -18.56
N VAL A 224 -36.76 44.37 -18.83
CA VAL A 224 -36.68 45.78 -19.20
C VAL A 224 -37.47 46.05 -20.47
N ALA A 225 -37.35 45.17 -21.46
CA ALA A 225 -38.06 45.37 -22.72
C ALA A 225 -39.56 45.22 -22.54
N GLY A 226 -39.98 44.16 -21.85
CA GLY A 226 -41.40 43.92 -21.64
C GLY A 226 -41.87 42.63 -22.28
N ASP A 227 -40.95 41.71 -22.53
CA ASP A 227 -41.26 40.43 -23.16
C ASP A 227 -41.51 39.32 -22.14
N VAL A 228 -42.03 39.66 -20.97
CA VAL A 228 -42.21 38.68 -19.90
C VAL A 228 -43.70 38.52 -19.62
N PRO A 229 -44.11 37.47 -18.90
CA PRO A 229 -45.53 37.36 -18.50
C PRO A 229 -45.96 38.48 -17.57
N GLU A 230 -47.25 38.50 -17.23
CA GLU A 230 -47.82 39.61 -16.48
C GLU A 230 -47.14 39.76 -15.12
N SER A 231 -47.06 38.68 -14.34
CA SER A 231 -46.51 38.80 -13.00
C SER A 231 -44.99 38.75 -13.03
N LEU A 232 -44.37 39.51 -13.92
CA LEU A 232 -42.95 39.80 -13.86
C LEU A 232 -42.65 41.21 -14.35
N ARG A 233 -43.60 42.12 -14.21
CA ARG A 233 -43.47 43.48 -14.73
C ARG A 233 -42.84 44.36 -13.66
N ASP A 234 -41.69 44.96 -14.00
CA ASP A 234 -41.00 45.92 -13.13
C ASP A 234 -40.65 45.31 -11.78
N LYS A 235 -39.76 44.31 -11.82
CA LYS A 235 -39.33 43.62 -10.61
C LYS A 235 -37.96 44.04 -10.10
N THR A 236 -37.11 44.60 -10.96
CA THR A 236 -35.84 45.20 -10.55
C THR A 236 -34.94 44.17 -9.83
N ILE A 237 -34.50 43.19 -10.61
CA ILE A 237 -33.54 42.18 -10.15
C ILE A 237 -32.29 42.86 -9.61
N VAL A 238 -31.92 42.54 -8.38
CA VAL A 238 -30.74 43.10 -7.74
C VAL A 238 -29.78 41.96 -7.39
N ALA A 239 -28.50 42.28 -7.33
CA ALA A 239 -27.43 41.28 -7.19
C ALA A 239 -26.63 41.57 -5.93
N LEU A 240 -26.61 40.60 -5.01
CA LEU A 240 -25.98 40.80 -3.72
C LEU A 240 -24.46 40.75 -3.82
N ASP A 241 -23.80 41.30 -2.81
CA ASP A 241 -22.33 41.29 -2.71
C ASP A 241 -21.96 41.01 -1.26
N LEU A 242 -21.84 39.72 -0.93
CA LEU A 242 -21.46 39.33 0.42
C LEU A 242 -20.04 39.75 0.74
N GLY A 243 -19.15 39.71 -0.26
CA GLY A 243 -17.79 40.19 -0.05
C GLY A 243 -17.75 41.63 0.42
N SER A 244 -18.61 42.47 -0.16
CA SER A 244 -18.68 43.86 0.30
C SER A 244 -19.44 43.98 1.61
N MET A 245 -20.35 43.04 1.89
CA MET A 245 -21.03 43.08 3.18
C MET A 245 -20.08 42.76 4.33
N VAL A 246 -19.08 41.92 4.09
CA VAL A 246 -18.10 41.53 5.12
C VAL A 246 -16.89 42.43 4.92
N ALA A 247 -16.88 43.57 5.61
CA ALA A 247 -15.77 44.51 5.53
C ALA A 247 -15.93 45.53 6.65
N GLY A 248 -14.87 45.74 7.42
CA GLY A 248 -14.96 46.65 8.54
C GLY A 248 -15.93 46.21 9.61
N SER A 249 -16.49 45.01 9.44
CA SER A 249 -17.49 44.48 10.37
C SER A 249 -16.79 43.71 11.49
N LYS A 250 -15.84 44.40 12.12
CA LYS A 250 -14.97 43.78 13.10
C LYS A 250 -15.58 43.67 14.49
N TYR A 251 -16.71 44.33 14.74
CA TYR A 251 -17.31 44.28 16.06
C TYR A 251 -18.27 43.09 16.16
N ARG A 252 -18.74 42.85 17.38
CA ARG A 252 -19.44 41.60 17.66
C ARG A 252 -20.87 41.58 17.13
N GLY A 253 -21.44 42.75 16.85
CA GLY A 253 -22.83 42.80 16.41
C GLY A 253 -23.03 43.55 15.11
N GLU A 254 -22.18 43.32 14.11
CA GLU A 254 -22.20 44.14 12.91
C GLU A 254 -22.65 43.41 11.66
N PHE A 255 -22.07 42.25 11.36
CA PHE A 255 -22.40 41.59 10.10
C PHE A 255 -23.83 41.08 10.09
N GLU A 256 -24.24 40.41 11.17
CA GLU A 256 -25.61 39.95 11.29
C GLU A 256 -26.59 41.11 11.27
N GLU A 257 -26.22 42.24 11.86
CA GLU A 257 -27.08 43.42 11.83
C GLU A 257 -27.25 43.93 10.40
N ARG A 258 -26.15 43.99 9.65
CA ARG A 258 -26.22 44.40 8.25
C ARG A 258 -27.11 43.45 7.46
N LEU A 259 -26.94 42.15 7.66
CA LEU A 259 -27.73 41.19 6.89
C LEU A 259 -29.21 41.29 7.25
N LYS A 260 -29.52 41.52 8.52
CA LYS A 260 -30.92 41.67 8.92
C LYS A 260 -31.51 42.92 8.32
N ALA A 261 -30.76 44.02 8.31
CA ALA A 261 -31.23 45.24 7.65
C ALA A 261 -31.53 44.98 6.18
N VAL A 262 -30.63 44.30 5.49
CA VAL A 262 -30.84 44.02 4.07
C VAL A 262 -32.08 43.16 3.87
N LEU A 263 -32.23 42.10 4.67
CA LEU A 263 -33.35 41.19 4.50
C LEU A 263 -34.68 41.87 4.81
N ASP A 264 -34.70 42.74 5.81
CA ASP A 264 -35.92 43.48 6.10
C ASP A 264 -36.24 44.49 5.00
N ASP A 265 -35.21 45.12 4.43
CA ASP A 265 -35.46 46.01 3.31
C ASP A 265 -36.03 45.26 2.12
N ILE A 266 -35.60 44.01 1.91
CA ILE A 266 -36.16 43.20 0.84
C ILE A 266 -37.60 42.83 1.14
N LYS A 267 -37.86 42.38 2.38
CA LYS A 267 -39.20 41.91 2.72
C LYS A 267 -40.21 43.04 2.75
N ASN A 268 -39.79 44.27 3.09
CA ASN A 268 -40.71 45.40 3.10
C ASN A 268 -41.35 45.61 1.74
N SER A 269 -40.54 45.57 0.68
CA SER A 269 -41.11 45.49 -0.65
C SER A 269 -41.91 44.20 -0.78
N ALA A 270 -43.11 44.31 -1.35
CA ALA A 270 -44.07 43.21 -1.29
C ALA A 270 -43.54 41.95 -1.96
N GLY A 271 -43.35 42.00 -3.28
CA GLY A 271 -42.82 40.86 -4.00
C GLY A 271 -41.98 41.25 -5.20
N GLN A 272 -41.60 42.53 -5.29
CA GLN A 272 -40.93 43.00 -6.49
C GLN A 272 -39.48 42.56 -6.53
N ILE A 273 -38.70 42.87 -5.50
CA ILE A 273 -37.27 42.62 -5.53
C ILE A 273 -36.99 41.13 -5.69
N ILE A 274 -36.10 40.81 -6.62
CA ILE A 274 -35.67 39.43 -6.86
C ILE A 274 -34.16 39.42 -6.67
N THR A 275 -33.69 38.80 -5.59
CA THR A 275 -32.27 38.75 -5.32
C THR A 275 -31.59 37.73 -6.21
N PHE A 276 -30.39 38.08 -6.69
CA PHE A 276 -29.58 37.20 -7.52
C PHE A 276 -28.21 37.10 -6.89
N ILE A 277 -27.87 35.92 -6.36
CA ILE A 277 -26.59 35.69 -5.71
C ILE A 277 -25.76 34.82 -6.64
N ASP A 278 -24.64 35.36 -7.13
CA ASP A 278 -23.79 34.64 -8.04
C ASP A 278 -22.79 33.78 -7.28
N GLU A 279 -22.60 32.55 -7.74
CA GLU A 279 -21.75 31.58 -7.08
C GLU A 279 -22.19 31.36 -5.64
N LEU A 280 -23.43 30.89 -5.48
CA LEU A 280 -24.05 30.91 -4.16
C LEU A 280 -23.44 29.90 -3.20
N HIS A 281 -22.50 29.06 -3.65
CA HIS A 281 -21.87 28.16 -2.71
C HIS A 281 -20.97 28.88 -1.71
N THR A 282 -20.86 30.20 -1.79
CA THR A 282 -20.07 30.96 -0.83
C THR A 282 -20.93 31.53 0.31
N ILE A 283 -22.22 31.20 0.34
CA ILE A 283 -23.07 31.65 1.44
C ILE A 283 -23.06 30.68 2.61
N VAL A 284 -22.27 29.62 2.54
CA VAL A 284 -22.26 28.63 3.61
C VAL A 284 -21.50 29.16 4.83
N GLY A 285 -20.35 29.80 4.61
CA GLY A 285 -19.60 30.37 5.71
C GLY A 285 -19.97 31.82 5.96
N ALA A 286 -19.01 32.73 5.75
CA ALA A 286 -19.16 34.17 5.86
C ALA A 286 -19.42 34.64 7.29
N GLY A 287 -19.54 33.75 8.25
CA GLY A 287 -19.81 34.16 9.61
C GLY A 287 -18.58 34.33 10.47
N ALA A 288 -17.76 33.29 10.57
CA ALA A 288 -16.56 33.33 11.40
C ALA A 288 -15.61 32.18 11.04
N ALA A 296 -22.74 32.34 10.70
CA ALA A 296 -23.73 33.20 10.07
C ALA A 296 -23.94 32.82 8.61
N GLY A 297 -24.40 33.78 7.81
CA GLY A 297 -24.83 33.44 6.47
C GLY A 297 -25.96 32.44 6.44
N ASN A 298 -26.64 32.25 7.57
CA ASN A 298 -27.64 31.21 7.74
C ASN A 298 -28.96 31.77 8.23
N MET A 299 -29.10 33.09 8.31
CA MET A 299 -30.39 33.69 8.58
C MET A 299 -31.17 33.79 7.28
N ILE A 300 -31.23 32.68 6.54
CA ILE A 300 -31.95 32.63 5.27
C ILE A 300 -32.89 31.44 5.19
N LYS A 301 -32.69 30.40 5.99
CA LYS A 301 -33.65 29.29 6.04
C LYS A 301 -35.05 29.75 6.40
N PRO A 302 -35.28 30.59 7.41
CA PRO A 302 -36.64 31.09 7.64
C PRO A 302 -37.21 31.83 6.46
N MET A 303 -36.51 32.85 5.96
CA MET A 303 -37.00 33.61 4.81
C MET A 303 -37.36 32.70 3.65
N LEU A 304 -36.58 31.63 3.44
CA LEU A 304 -36.89 30.70 2.36
C LEU A 304 -38.13 29.88 2.68
N ALA A 305 -38.33 29.54 3.96
CA ALA A 305 -39.52 28.80 4.34
C ALA A 305 -40.77 29.64 4.17
N ARG A 306 -40.70 30.93 4.48
CA ARG A 306 -41.84 31.82 4.44
C ARG A 306 -42.08 32.43 3.06
N GLY A 307 -41.49 31.85 2.01
CA GLY A 307 -41.73 32.30 0.65
C GLY A 307 -41.49 33.76 0.39
N GLU A 308 -40.70 34.43 1.23
CA GLU A 308 -40.52 35.87 1.07
C GLU A 308 -39.41 36.18 0.07
N LEU A 309 -38.33 35.41 0.10
CA LEU A 309 -37.20 35.65 -0.77
C LEU A 309 -37.40 34.98 -2.13
N ARG A 310 -36.63 35.45 -3.11
CA ARG A 310 -36.69 34.89 -4.46
C ARG A 310 -35.46 34.08 -4.81
N LEU A 311 -34.26 34.67 -4.69
CA LEU A 311 -33.00 33.93 -4.65
C LEU A 311 -32.80 33.06 -5.90
N VAL A 312 -32.66 33.73 -7.03
CA VAL A 312 -32.18 33.07 -8.24
C VAL A 312 -30.66 33.01 -8.19
N GLY A 313 -30.09 31.82 -8.37
CA GLY A 313 -28.68 31.62 -8.17
C GLY A 313 -28.06 30.77 -9.26
N ALA A 314 -26.73 30.84 -9.33
CA ALA A 314 -25.98 30.12 -10.36
C ALA A 314 -24.66 29.68 -9.75
N THR A 315 -24.35 28.39 -9.90
CA THR A 315 -23.08 27.84 -9.48
C THR A 315 -22.67 26.72 -10.43
N THR A 316 -21.45 26.23 -10.28
CA THR A 316 -20.97 25.12 -11.09
C THR A 316 -21.46 23.80 -10.52
N LEU A 317 -21.14 22.72 -11.22
CA LEU A 317 -21.75 21.43 -10.90
C LEU A 317 -21.20 20.84 -9.60
N ASP A 318 -19.87 20.76 -9.48
CA ASP A 318 -19.27 20.07 -8.35
C ASP A 318 -19.38 20.85 -7.05
N GLU A 319 -19.24 22.17 -7.09
CA GLU A 319 -19.36 22.95 -5.87
C GLU A 319 -20.76 22.87 -5.30
N TYR A 320 -21.76 22.65 -6.15
CA TYR A 320 -23.11 22.40 -5.67
C TYR A 320 -23.13 21.27 -4.65
N ARG A 321 -22.71 20.08 -5.07
CA ARG A 321 -22.72 18.92 -4.19
C ARG A 321 -21.63 18.98 -3.13
N LYS A 322 -20.64 19.86 -3.27
CA LYS A 322 -19.58 19.93 -2.27
C LYS A 322 -19.84 20.96 -1.19
N HIS A 323 -20.77 21.89 -1.38
CA HIS A 323 -21.02 22.89 -0.35
C HIS A 323 -22.49 22.99 0.04
N ILE A 324 -23.38 22.38 -0.74
CA ILE A 324 -24.81 22.55 -0.49
C ILE A 324 -25.46 21.24 -0.12
N GLU A 325 -25.25 20.18 -0.89
CA GLU A 325 -25.90 18.91 -0.61
C GLU A 325 -25.45 18.29 0.71
N LYS A 326 -24.51 18.90 1.42
CA LYS A 326 -24.19 18.53 2.79
C LYS A 326 -25.06 19.28 3.79
N ASP A 327 -26.03 20.04 3.33
CA ASP A 327 -26.94 20.82 4.16
C ASP A 327 -28.37 20.65 3.68
N ALA A 328 -28.80 19.39 3.55
CA ALA A 328 -30.08 19.02 2.95
C ALA A 328 -31.27 19.81 3.48
N ALA A 329 -31.10 20.48 4.63
CA ALA A 329 -32.10 21.45 5.06
C ALA A 329 -32.27 22.56 4.03
N LEU A 330 -31.18 23.01 3.42
CA LEU A 330 -31.23 24.01 2.36
C LEU A 330 -31.65 23.42 1.02
N GLU A 331 -31.00 22.32 0.62
CA GLU A 331 -31.18 21.74 -0.72
C GLU A 331 -32.64 21.59 -1.11
N ARG A 332 -33.52 21.30 -0.15
CA ARG A 332 -34.93 21.12 -0.47
C ARG A 332 -35.56 22.39 -1.01
N ARG A 333 -35.07 23.56 -0.59
CA ARG A 333 -35.64 24.84 -0.96
C ARG A 333 -35.12 25.37 -2.30
N PHE A 334 -34.57 24.51 -3.14
CA PHE A 334 -33.90 24.96 -4.36
C PHE A 334 -34.35 24.09 -5.53
N GLN A 335 -34.87 24.73 -6.57
CA GLN A 335 -35.23 24.03 -7.79
C GLN A 335 -34.10 24.17 -8.80
N GLN A 336 -33.52 23.04 -9.21
CA GLN A 336 -32.34 23.05 -10.06
C GLN A 336 -32.74 23.14 -11.53
N VAL A 337 -32.00 23.97 -12.27
CA VAL A 337 -32.11 24.03 -13.72
C VAL A 337 -30.75 23.67 -14.28
N TYR A 338 -30.73 22.79 -15.28
CA TYR A 338 -29.47 22.33 -15.85
C TYR A 338 -29.21 23.01 -17.17
N VAL A 339 -28.02 23.59 -17.30
CA VAL A 339 -27.61 24.32 -18.50
C VAL A 339 -26.51 23.51 -19.16
N GLY A 340 -26.74 23.11 -20.41
CA GLY A 340 -25.75 22.36 -21.14
C GLY A 340 -25.01 23.22 -22.15
N GLU A 341 -23.89 22.69 -22.64
CA GLU A 341 -23.15 23.51 -23.57
C GLU A 341 -23.71 23.36 -24.98
N PRO A 342 -23.71 24.43 -25.76
CA PRO A 342 -24.31 24.41 -27.08
C PRO A 342 -23.50 23.57 -28.05
N SER A 343 -23.95 23.56 -29.30
CA SER A 343 -23.27 22.89 -30.38
C SER A 343 -22.64 23.92 -31.30
N VAL A 344 -22.03 23.45 -32.39
CA VAL A 344 -21.30 24.36 -33.27
C VAL A 344 -22.26 25.32 -33.96
N GLU A 345 -23.47 24.85 -34.30
CA GLU A 345 -24.42 25.73 -34.97
C GLU A 345 -24.88 26.85 -34.05
N ASP A 346 -25.27 26.50 -32.82
CA ASP A 346 -25.66 27.51 -31.85
C ASP A 346 -24.51 28.46 -31.54
N THR A 347 -23.28 27.95 -31.54
CA THR A 347 -22.15 28.82 -31.26
C THR A 347 -21.91 29.80 -32.40
N ILE A 348 -22.09 29.35 -33.65
CA ILE A 348 -22.01 30.28 -34.77
C ILE A 348 -23.10 31.33 -34.66
N GLY A 349 -24.31 30.92 -34.29
CA GLY A 349 -25.37 31.87 -34.06
C GLY A 349 -25.01 32.92 -33.03
N ILE A 350 -24.40 32.50 -31.92
CA ILE A 350 -24.02 33.44 -30.86
C ILE A 350 -22.92 34.39 -31.36
N LEU A 351 -21.92 33.85 -32.04
CA LEU A 351 -20.84 34.69 -32.55
C LEU A 351 -21.36 35.73 -33.52
N ARG A 352 -22.34 35.34 -34.36
CA ARG A 352 -22.91 36.30 -35.31
C ARG A 352 -23.54 37.50 -34.61
N GLY A 353 -24.09 37.30 -33.42
CA GLY A 353 -24.70 38.39 -32.69
C GLY A 353 -23.70 39.19 -31.89
N LEU A 354 -22.63 38.54 -31.42
CA LEU A 354 -21.63 39.25 -30.64
C LEU A 354 -20.55 39.92 -31.48
N LYS A 355 -20.49 39.63 -32.78
CA LYS A 355 -19.44 40.20 -33.63
C LYS A 355 -19.42 41.73 -33.58
N ASP A 356 -20.59 42.35 -33.46
CA ASP A 356 -20.70 43.79 -33.58
C ASP A 356 -19.90 44.54 -32.52
N ARG A 357 -19.85 44.04 -31.29
CA ARG A 357 -19.19 44.73 -30.20
C ARG A 357 -17.67 44.60 -30.24
N TYR A 358 -17.17 43.43 -30.60
CA TYR A 358 -15.75 43.28 -30.84
C TYR A 358 -15.28 44.03 -32.07
N GLU A 359 -16.16 44.21 -33.07
CA GLU A 359 -15.81 45.05 -34.20
C GLU A 359 -15.57 46.49 -33.79
N VAL A 360 -16.31 47.00 -32.82
CA VAL A 360 -16.21 48.41 -32.48
C VAL A 360 -15.20 48.65 -31.36
N HIS A 361 -14.95 47.68 -30.48
CA HIS A 361 -13.91 47.86 -29.48
C HIS A 361 -12.55 48.04 -30.14
N HIS A 362 -12.16 47.08 -30.97
CA HIS A 362 -11.02 47.24 -31.84
C HIS A 362 -11.44 48.07 -33.05
N GLY A 363 -10.56 48.23 -34.02
CA GLY A 363 -10.89 49.04 -35.18
C GLY A 363 -10.85 48.28 -36.48
N VAL A 364 -11.37 47.06 -36.50
CA VAL A 364 -11.22 46.16 -37.62
C VAL A 364 -12.59 45.60 -38.01
N ARG A 365 -12.60 44.79 -39.05
CA ARG A 365 -13.77 44.07 -39.51
C ARG A 365 -13.54 42.57 -39.34
N ILE A 366 -14.64 41.81 -39.30
CA ILE A 366 -14.59 40.37 -39.06
C ILE A 366 -15.52 39.72 -40.07
N THR A 367 -14.98 38.85 -40.92
CA THR A 367 -15.80 38.15 -41.89
C THR A 367 -16.68 37.12 -41.19
N ASP A 368 -17.48 36.42 -41.97
CA ASP A 368 -18.30 35.35 -41.43
C ASP A 368 -17.62 33.99 -41.55
N SER A 369 -16.77 33.82 -42.55
CA SER A 369 -15.93 32.62 -42.60
C SER A 369 -15.04 32.54 -41.38
N ALA A 370 -14.59 33.69 -40.88
CA ALA A 370 -13.81 33.71 -39.64
C ALA A 370 -14.64 33.20 -38.47
N LEU A 371 -15.90 33.62 -38.39
CA LEU A 371 -16.77 33.14 -37.32
C LEU A 371 -17.02 31.64 -37.43
N VAL A 372 -17.12 31.13 -38.65
CA VAL A 372 -17.31 29.69 -38.84
C VAL A 372 -16.06 28.94 -38.40
N ALA A 373 -14.89 29.44 -38.80
CA ALA A 373 -13.64 28.75 -38.47
C ALA A 373 -13.36 28.79 -36.98
N ALA A 374 -13.63 29.92 -36.32
CA ALA A 374 -13.33 30.04 -34.91
C ALA A 374 -14.20 29.12 -34.05
N ALA A 375 -15.30 28.62 -34.58
CA ALA A 375 -16.11 27.63 -33.88
C ALA A 375 -15.80 26.21 -34.29
N THR A 376 -15.47 25.98 -35.57
CA THR A 376 -15.12 24.64 -35.99
C THR A 376 -13.77 24.19 -35.43
N LEU A 377 -12.78 25.09 -35.43
CA LEU A 377 -11.44 24.75 -35.00
C LEU A 377 -11.33 24.58 -33.49
N SER A 378 -11.89 25.50 -32.72
CA SER A 378 -11.78 25.46 -31.27
C SER A 378 -12.47 24.27 -30.64
N ASP A 379 -13.20 23.48 -31.43
CA ASP A 379 -13.80 22.25 -30.94
C ASP A 379 -12.95 21.03 -31.19
N ARG A 380 -12.02 21.09 -32.14
CA ARG A 380 -11.18 19.95 -32.46
C ARG A 380 -9.89 19.96 -31.64
N TYR A 381 -9.39 21.14 -31.28
CA TYR A 381 -8.05 21.23 -30.73
C TYR A 381 -8.06 21.54 -29.24
N ILE A 382 -8.84 22.53 -28.82
CA ILE A 382 -8.86 22.96 -27.43
C ILE A 382 -9.89 22.09 -26.72
N THR A 383 -9.46 20.89 -26.32
CA THR A 383 -10.34 19.92 -25.68
C THR A 383 -10.20 20.01 -24.16
N ALA A 384 -10.28 21.23 -23.65
CA ALA A 384 -10.26 21.44 -22.21
C ALA A 384 -11.27 22.45 -21.70
N ARG A 385 -11.87 23.26 -22.56
CA ARG A 385 -12.84 24.28 -22.18
C ARG A 385 -14.13 24.02 -22.95
N PHE A 386 -15.08 24.95 -22.84
CA PHE A 386 -16.41 24.76 -23.38
C PHE A 386 -16.78 25.87 -24.36
N LEU A 387 -17.76 25.56 -25.22
CA LEU A 387 -17.92 26.27 -26.49
C LEU A 387 -18.14 27.77 -26.37
N PRO A 388 -19.18 28.26 -25.68
CA PRO A 388 -19.62 29.64 -25.92
C PRO A 388 -18.53 30.67 -25.70
N ASP A 389 -17.51 30.36 -24.89
CA ASP A 389 -16.38 31.26 -24.72
C ASP A 389 -15.07 30.69 -25.24
N LYS A 390 -14.94 29.36 -25.32
CA LYS A 390 -13.82 28.77 -26.01
C LYS A 390 -13.73 29.27 -27.44
N ALA A 391 -14.85 29.62 -28.05
CA ALA A 391 -14.88 30.11 -29.41
C ALA A 391 -14.71 31.62 -29.51
N ILE A 392 -15.04 32.35 -28.45
CA ILE A 392 -14.94 33.81 -28.49
C ILE A 392 -13.50 34.26 -28.41
N ASP A 393 -12.67 33.53 -27.67
CA ASP A 393 -11.29 33.95 -27.44
C ASP A 393 -10.49 34.05 -28.72
N LEU A 394 -10.72 33.15 -29.67
CA LEU A 394 -9.96 33.19 -30.91
C LEU A 394 -10.27 34.45 -31.70
N VAL A 395 -11.56 34.82 -31.78
CA VAL A 395 -11.93 36.04 -32.48
C VAL A 395 -11.36 37.25 -31.76
N ASP A 396 -11.50 37.28 -30.43
CA ASP A 396 -11.04 38.43 -29.66
C ASP A 396 -9.54 38.59 -29.70
N GLU A 397 -8.78 37.52 -29.92
CA GLU A 397 -7.33 37.66 -30.04
C GLU A 397 -6.89 37.97 -31.46
N ALA A 398 -7.53 37.38 -32.47
CA ALA A 398 -7.19 37.72 -33.84
C ALA A 398 -7.47 39.18 -34.13
N ALA A 399 -8.56 39.71 -33.57
CA ALA A 399 -8.87 41.12 -33.76
C ALA A 399 -7.75 42.01 -33.22
N SER A 400 -7.30 41.74 -32.00
CA SER A 400 -6.28 42.59 -31.39
C SER A 400 -4.93 42.44 -32.08
N ARG A 401 -4.61 41.23 -32.55
CA ARG A 401 -3.38 41.06 -33.30
C ARG A 401 -3.42 41.85 -34.61
N LEU A 402 -4.55 41.78 -35.32
CA LEU A 402 -4.70 42.57 -36.53
C LEU A 402 -4.65 44.07 -36.23
N ARG A 403 -5.12 44.48 -35.06
CA ARG A 403 -5.00 45.88 -34.68
C ARG A 403 -3.55 46.29 -34.51
N MET A 404 -2.79 45.48 -33.76
CA MET A 404 -1.36 45.74 -33.63
C MET A 404 -0.67 45.82 -34.98
N GLU A 405 -1.12 45.01 -35.94
CA GLU A 405 -0.49 45.05 -37.25
C GLU A 405 -0.92 46.28 -38.06
N ILE A 406 -2.18 46.71 -37.93
CA ILE A 406 -2.63 47.93 -38.58
C ILE A 406 -1.91 49.13 -37.97
N ASP A 407 -1.36 48.96 -36.77
CA ASP A 407 -0.37 49.87 -36.24
C ASP A 407 0.96 49.63 -36.96
N SER A 408 2.05 50.00 -36.30
CA SER A 408 3.39 49.89 -36.89
C SER A 408 3.66 48.49 -37.45
N ARG A 409 4.76 48.35 -38.20
CA ARG A 409 5.01 47.33 -39.22
C ARG A 409 4.54 45.93 -38.85
N PRO A 410 4.12 45.13 -39.83
CA PRO A 410 3.52 43.82 -39.52
C PRO A 410 4.54 42.79 -39.06
N VAL A 411 4.03 41.63 -38.65
CA VAL A 411 4.90 40.52 -38.25
C VAL A 411 5.72 40.07 -39.46
N GLU A 412 6.80 39.31 -39.17
CA GLU A 412 7.76 38.78 -40.14
C GLU A 412 8.61 39.89 -40.77
N ILE A 413 8.36 41.13 -40.37
CA ILE A 413 9.30 42.22 -40.58
C ILE A 413 9.77 42.66 -39.20
N ASP A 414 8.81 42.75 -38.28
CA ASP A 414 9.05 43.04 -36.88
C ASP A 414 9.81 41.94 -36.16
N GLU A 415 10.10 40.84 -36.85
CA GLU A 415 10.99 39.80 -36.35
C GLU A 415 12.38 39.90 -36.94
N VAL A 416 12.48 40.11 -38.25
CA VAL A 416 13.78 40.17 -38.88
C VAL A 416 14.54 41.41 -38.46
N GLU A 417 13.86 42.55 -38.34
CA GLU A 417 14.61 43.75 -37.92
C GLU A 417 15.07 43.64 -36.47
N ARG A 418 14.21 43.13 -35.59
CA ARG A 418 14.59 42.82 -34.22
C ARG A 418 15.79 41.90 -34.12
N LEU A 419 15.84 40.86 -34.96
CA LEU A 419 16.96 39.94 -34.97
C LEU A 419 18.25 40.59 -35.48
N VAL A 420 18.14 41.37 -36.56
CA VAL A 420 19.32 42.00 -37.15
C VAL A 420 19.93 43.00 -36.19
N ARG A 421 19.11 43.72 -35.43
CA ARG A 421 19.64 44.66 -34.45
C ARG A 421 20.54 43.94 -33.45
N ARG A 422 20.05 42.83 -32.88
CA ARG A 422 20.82 42.08 -31.90
C ARG A 422 22.06 41.46 -32.51
N LEU A 423 21.94 40.97 -33.75
CA LEU A 423 23.10 40.38 -34.41
C LEU A 423 24.20 41.41 -34.62
N GLU A 424 23.81 42.64 -34.99
CA GLU A 424 24.79 43.71 -35.13
C GLU A 424 25.43 44.04 -33.79
N ILE A 425 24.62 44.14 -32.74
CA ILE A 425 25.15 44.42 -31.41
C ILE A 425 26.14 43.35 -30.97
N GLU A 426 25.87 42.07 -31.29
CA GLU A 426 26.80 41.01 -30.94
C GLU A 426 28.08 41.07 -31.77
N GLU A 427 27.94 41.36 -33.07
CA GLU A 427 29.12 41.39 -33.93
C GLU A 427 30.04 42.55 -33.60
N MET A 428 29.50 43.68 -33.16
CA MET A 428 30.31 44.85 -32.84
C MET A 428 31.01 44.69 -31.49
N ALA A 429 30.83 43.56 -30.83
CA ALA A 429 31.50 43.32 -29.54
C ALA A 429 32.32 42.04 -29.62
N LEU A 430 32.01 41.18 -30.59
CA LEU A 430 32.85 40.03 -30.86
C LEU A 430 34.07 40.36 -31.72
N SER A 431 34.24 41.61 -32.12
CA SER A 431 35.40 41.98 -32.92
C SER A 431 36.61 42.29 -32.04
N LYS A 432 36.39 42.92 -30.89
CA LYS A 432 37.47 43.32 -30.00
C LYS A 432 37.73 42.27 -28.91
N GLU A 433 38.03 41.05 -29.33
CA GLU A 433 38.34 39.95 -28.42
C GLU A 433 39.70 39.38 -28.80
N GLU A 434 40.68 39.53 -27.90
CA GLU A 434 42.05 39.12 -28.16
C GLU A 434 42.24 37.63 -27.92
N ASP A 435 41.45 36.80 -28.61
CA ASP A 435 41.58 35.35 -28.55
C ASP A 435 41.77 34.81 -29.96
N GLU A 436 41.87 33.49 -30.07
CA GLU A 436 42.13 32.86 -31.35
C GLU A 436 40.97 31.95 -31.74
N ALA A 437 40.32 31.35 -30.74
CA ALA A 437 39.19 30.47 -31.03
C ALA A 437 37.98 31.26 -31.52
N SER A 438 37.78 32.46 -31.01
CA SER A 438 36.67 33.32 -31.42
C SER A 438 36.90 33.98 -32.76
N ALA A 439 38.07 33.78 -33.37
CA ALA A 439 38.32 34.30 -34.70
C ALA A 439 37.55 33.52 -35.76
N GLU A 440 37.12 32.31 -35.44
CA GLU A 440 36.27 31.53 -36.33
C GLU A 440 34.81 31.57 -35.92
N ARG A 441 34.51 31.88 -34.65
CA ARG A 441 33.15 32.16 -34.23
C ARG A 441 32.66 33.51 -34.74
N LEU A 442 33.57 34.34 -35.24
CA LEU A 442 33.22 35.61 -35.85
C LEU A 442 32.98 35.51 -37.34
N ALA A 443 33.66 34.60 -38.03
CA ALA A 443 33.50 34.41 -39.46
C ALA A 443 32.11 33.88 -39.84
N LYS A 444 31.39 33.28 -38.89
CA LYS A 444 30.02 32.81 -39.12
C LYS A 444 28.98 33.85 -38.74
N LEU A 445 29.25 34.63 -37.69
CA LEU A 445 28.32 35.67 -37.27
C LEU A 445 28.10 36.69 -38.38
N ARG A 446 29.18 37.09 -39.07
CA ARG A 446 29.06 38.07 -40.14
C ARG A 446 28.24 37.52 -41.29
N SER A 447 28.47 36.27 -41.65
CA SER A 447 27.73 35.66 -42.77
C SER A 447 26.25 35.51 -42.43
N GLU A 448 25.96 35.12 -41.19
CA GLU A 448 24.57 35.02 -40.75
C GLU A 448 23.90 36.39 -40.78
N LEU A 449 24.58 37.42 -40.26
CA LEU A 449 24.03 38.77 -40.29
C LEU A 449 23.77 39.24 -41.71
N ALA A 450 24.69 38.94 -42.63
CA ALA A 450 24.51 39.36 -44.01
C ALA A 450 23.34 38.65 -44.67
N ASP A 451 23.23 37.33 -44.47
CA ASP A 451 22.13 36.59 -45.07
C ASP A 451 20.80 36.98 -44.45
N GLN A 452 20.83 37.50 -43.22
CA GLN A 452 19.60 38.02 -42.62
C GLN A 452 19.24 39.38 -43.21
N LYS A 453 20.24 40.24 -43.41
CA LYS A 453 20.02 41.54 -44.04
C LYS A 453 19.43 41.37 -45.44
N GLU A 454 19.89 40.36 -46.17
CA GLU A 454 19.36 40.08 -47.50
C GLU A 454 17.86 39.83 -47.46
N LYS A 455 17.43 38.91 -46.59
CA LYS A 455 16.02 38.59 -46.44
C LYS A 455 15.22 39.80 -46.00
N LEU A 456 15.79 40.60 -45.09
CA LEU A 456 15.11 41.81 -44.63
C LEU A 456 14.90 42.79 -45.78
N ALA A 457 15.92 42.95 -46.62
CA ALA A 457 15.81 43.86 -47.76
C ALA A 457 14.75 43.36 -48.74
N GLU A 458 14.70 42.06 -48.98
CA GLU A 458 13.69 41.52 -49.88
C GLU A 458 12.28 41.76 -49.32
N LEU A 459 12.09 41.52 -48.03
CA LEU A 459 10.79 41.77 -47.40
C LEU A 459 10.42 43.25 -47.50
N THR A 460 11.38 44.14 -47.25
CA THR A 460 11.11 45.57 -47.33
C THR A 460 10.76 46.00 -48.74
N THR A 461 11.35 45.34 -49.74
CA THR A 461 10.98 45.64 -51.13
C THR A 461 9.57 45.17 -51.44
N ARG A 462 9.22 43.95 -51.02
CA ARG A 462 7.89 43.42 -51.28
C ARG A 462 6.82 44.25 -50.59
N TRP A 463 7.14 44.80 -49.42
CA TRP A 463 6.18 45.63 -48.71
C TRP A 463 5.78 46.84 -49.54
N GLN A 464 6.73 47.40 -50.31
CA GLN A 464 6.42 48.57 -51.11
C GLN A 464 5.44 48.24 -52.22
N ASN A 465 5.59 47.07 -52.85
CA ASN A 465 4.64 46.66 -53.88
C ASN A 465 3.26 46.44 -53.28
N GLU A 466 3.18 45.66 -52.19
CA GLU A 466 1.88 45.41 -51.59
C GLU A 466 1.28 46.66 -50.93
N LYS A 467 2.08 47.71 -50.75
CA LYS A 467 1.58 48.97 -50.23
C LYS A 467 1.13 49.93 -51.33
N ASN A 468 1.81 49.94 -52.47
CA ASN A 468 1.41 50.75 -53.62
C ASN A 468 0.16 50.19 -54.29
N ALA A 469 0.14 48.88 -54.55
CA ALA A 469 -1.02 48.26 -55.17
C ALA A 469 -2.18 48.18 -54.19
N LYS A 530 -3.11 43.51 -44.56
CA LYS A 530 -4.48 42.98 -44.56
C LYS A 530 -5.42 43.98 -43.88
N GLU A 531 -6.72 43.75 -44.00
CA GLU A 531 -7.71 44.72 -43.53
C GLU A 531 -8.78 44.12 -42.64
N GLU A 532 -8.93 42.80 -42.59
CA GLU A 532 -9.96 42.19 -41.77
C GLU A 532 -9.55 40.75 -41.48
N VAL A 533 -9.99 40.24 -40.33
CA VAL A 533 -9.56 38.90 -39.90
C VAL A 533 -10.18 37.86 -40.81
N GLY A 534 -9.32 37.11 -41.50
CA GLY A 534 -9.76 36.05 -42.36
C GLY A 534 -10.00 34.77 -41.60
N PRO A 535 -10.14 33.66 -42.33
CA PRO A 535 -10.31 32.35 -41.67
C PRO A 535 -9.01 31.69 -41.25
N ASP A 536 -7.86 32.33 -41.45
CA ASP A 536 -6.60 31.74 -41.07
C ASP A 536 -5.87 32.53 -39.99
N ASP A 537 -6.25 33.77 -39.72
CA ASP A 537 -5.78 34.41 -38.51
C ASP A 537 -6.25 33.63 -37.27
N ILE A 538 -7.46 33.11 -37.33
CA ILE A 538 -7.94 32.20 -36.28
C ILE A 538 -7.01 31.00 -36.18
N ALA A 539 -6.62 30.43 -37.31
CA ALA A 539 -5.74 29.28 -37.30
C ALA A 539 -4.38 29.61 -36.69
N ASP A 540 -3.88 30.81 -36.97
CA ASP A 540 -2.60 31.21 -36.37
C ASP A 540 -2.74 31.39 -34.87
N VAL A 541 -3.89 31.86 -34.40
CA VAL A 541 -4.09 31.93 -32.96
C VAL A 541 -4.13 30.53 -32.35
N VAL A 542 -4.86 29.60 -32.98
CA VAL A 542 -4.93 28.24 -32.48
C VAL A 542 -3.60 27.51 -32.57
N SER A 543 -2.69 27.96 -33.44
CA SER A 543 -1.37 27.35 -33.51
C SER A 543 -0.40 27.95 -32.51
N ALA A 544 -0.48 29.25 -32.25
CA ALA A 544 0.30 29.84 -31.17
C ALA A 544 -0.12 29.24 -29.84
N TRP A 545 -1.42 29.11 -29.63
CA TRP A 545 -1.94 28.25 -28.57
C TRP A 545 -1.63 26.80 -28.90
N THR A 546 -1.39 25.98 -27.88
CA THR A 546 -1.38 24.53 -28.02
C THR A 546 -0.25 24.00 -28.90
N GLY A 547 0.51 24.89 -29.56
CA GLY A 547 1.64 24.45 -30.36
C GLY A 547 1.33 23.59 -31.57
N ILE A 548 0.09 23.18 -31.74
CA ILE A 548 -0.26 22.29 -32.86
C ILE A 548 -0.23 23.08 -34.17
N PRO A 549 0.36 22.54 -35.23
CA PRO A 549 0.31 23.23 -36.53
C PRO A 549 -1.02 22.99 -37.22
N ALA A 550 -1.87 24.02 -37.23
CA ALA A 550 -3.18 23.93 -37.88
C ALA A 550 -3.27 25.12 -38.82
N GLY A 551 -2.77 24.94 -40.04
CA GLY A 551 -2.74 26.02 -41.00
C GLY A 551 -3.24 25.60 -42.36
N ARG A 552 -2.59 26.10 -43.41
CA ARG A 552 -3.00 25.79 -44.77
C ARG A 552 -1.80 25.57 -45.69
N LEU A 553 -0.69 25.07 -45.12
CA LEU A 553 0.53 24.77 -45.88
C LEU A 553 1.05 26.01 -46.60
N LEU A 554 1.47 26.97 -45.78
CA LEU A 554 1.81 28.30 -46.27
C LEU A 554 3.13 28.36 -47.01
N GLU A 555 3.23 27.61 -48.13
CA GLU A 555 4.14 27.90 -49.23
C GLU A 555 5.63 27.86 -48.87
N GLY A 556 5.95 27.62 -47.60
CA GLY A 556 7.32 27.52 -47.18
C GLY A 556 7.55 26.20 -46.47
N GLU A 557 6.45 25.59 -46.07
CA GLU A 557 6.48 24.26 -45.48
C GLU A 557 6.33 23.17 -46.52
N THR A 558 5.74 23.48 -47.67
CA THR A 558 5.49 22.46 -48.69
C THR A 558 6.74 22.07 -49.45
N ALA A 559 7.83 22.82 -49.33
CA ALA A 559 9.10 22.38 -49.88
C ALA A 559 9.87 21.52 -48.89
N LYS A 560 9.83 21.88 -47.62
CA LYS A 560 10.38 21.05 -46.58
C LYS A 560 9.72 19.68 -46.57
N LEU A 561 8.40 19.65 -46.58
CA LEU A 561 7.67 18.39 -46.55
C LEU A 561 7.90 17.53 -47.79
N LEU A 562 8.37 18.10 -48.89
CA LEU A 562 8.67 17.31 -50.08
C LEU A 562 10.12 16.88 -50.15
N ARG A 563 11.03 17.65 -49.56
CA ARG A 563 12.40 17.18 -49.37
C ARG A 563 12.54 16.21 -48.21
N MET A 564 11.45 16.04 -47.42
CA MET A 564 11.49 15.29 -46.17
C MET A 564 12.38 14.05 -46.22
N GLU A 565 12.17 13.18 -47.21
CA GLU A 565 12.85 11.90 -47.19
C GLU A 565 14.34 12.04 -47.50
N ASP A 566 14.69 12.88 -48.48
CA ASP A 566 16.09 13.11 -48.78
C ASP A 566 16.80 13.77 -47.61
N GLU A 567 16.11 14.68 -46.91
CA GLU A 567 16.71 15.33 -45.75
C GLU A 567 16.80 14.38 -44.57
N LEU A 568 15.90 13.41 -44.47
CA LEU A 568 15.92 12.44 -43.39
C LEU A 568 16.99 11.38 -43.61
N GLY A 569 17.31 11.06 -44.85
CA GLY A 569 18.36 10.10 -45.13
C GLY A 569 19.76 10.59 -44.88
N LYS A 570 19.93 11.85 -44.46
CA LYS A 570 21.25 12.33 -44.07
C LYS A 570 21.72 11.72 -42.75
N ARG A 571 20.84 10.97 -42.08
CA ARG A 571 21.14 10.39 -40.78
C ARG A 571 20.82 8.91 -40.68
N VAL A 572 19.88 8.39 -41.45
CA VAL A 572 19.52 6.98 -41.45
C VAL A 572 19.75 6.47 -42.87
N ILE A 573 20.68 5.54 -43.02
CA ILE A 573 21.10 5.06 -44.34
C ILE A 573 20.43 3.71 -44.60
N GLY A 574 19.75 3.62 -45.73
CA GLY A 574 18.94 2.45 -46.01
C GLY A 574 17.51 2.65 -45.54
N GLN A 575 16.80 1.54 -45.41
CA GLN A 575 15.44 1.53 -44.85
C GLN A 575 14.53 2.52 -45.56
N LYS A 576 14.67 2.61 -46.88
CA LYS A 576 13.80 3.48 -47.67
C LYS A 576 12.33 3.08 -47.51
N ALA A 577 12.07 1.78 -47.38
CA ALA A 577 10.69 1.32 -47.21
C ALA A 577 10.04 1.92 -45.97
N ALA A 578 10.81 2.09 -44.90
CA ALA A 578 10.26 2.65 -43.67
C ALA A 578 10.31 4.17 -43.66
N VAL A 579 11.33 4.77 -44.28
CA VAL A 579 11.37 6.23 -44.37
C VAL A 579 10.18 6.74 -45.17
N THR A 580 9.89 6.13 -46.31
CA THR A 580 8.75 6.54 -47.12
C THR A 580 7.43 6.39 -46.38
N ALA A 581 7.31 5.37 -45.52
CA ALA A 581 6.08 5.18 -44.77
C ALA A 581 5.95 6.16 -43.62
N VAL A 582 7.07 6.53 -43.00
CA VAL A 582 7.00 7.56 -41.95
C VAL A 582 6.66 8.91 -42.54
N SER A 583 7.23 9.23 -43.70
CA SER A 583 6.98 10.54 -44.30
C SER A 583 5.54 10.67 -44.77
N ASP A 584 4.99 9.64 -45.40
CA ASP A 584 3.65 9.72 -45.95
C ASP A 584 2.57 9.84 -44.89
N ALA A 585 2.92 9.82 -43.60
CA ALA A 585 1.95 10.02 -42.54
C ALA A 585 1.93 11.46 -42.04
N VAL A 586 3.00 12.21 -42.26
CA VAL A 586 3.04 13.63 -41.93
C VAL A 586 2.45 14.48 -43.04
N ARG A 587 2.80 14.18 -44.29
CA ARG A 587 2.22 14.88 -45.43
C ARG A 587 0.71 14.65 -45.48
N ARG A 588 0.27 13.40 -45.31
CA ARG A 588 -1.15 13.10 -45.33
C ARG A 588 -1.91 13.83 -44.23
N SER A 589 -1.25 14.17 -43.13
CA SER A 589 -1.89 14.91 -42.05
C SER A 589 -1.85 16.42 -42.25
N ARG A 590 -0.81 16.93 -42.91
CA ARG A 590 -0.79 18.36 -43.22
C ARG A 590 -1.76 18.69 -44.35
N ALA A 591 -1.95 17.78 -45.30
CA ALA A 591 -2.89 18.03 -46.38
C ALA A 591 -4.34 18.02 -45.91
N GLY A 592 -4.61 17.64 -44.68
CA GLY A 592 -5.97 17.63 -44.16
C GLY A 592 -6.81 16.48 -44.64
N VAL A 593 -6.23 15.29 -44.73
CA VAL A 593 -6.94 14.12 -45.25
C VAL A 593 -7.03 13.06 -44.15
N SER A 594 -6.18 13.19 -43.13
CA SER A 594 -6.06 12.13 -42.14
C SER A 594 -7.34 12.00 -41.32
N ASP A 595 -7.48 10.84 -40.69
CA ASP A 595 -8.65 10.55 -39.86
C ASP A 595 -8.66 11.45 -38.64
N PRO A 596 -9.67 12.32 -38.48
CA PRO A 596 -9.62 13.32 -37.42
C PRO A 596 -9.74 12.79 -36.00
N ASN A 597 -10.15 11.54 -35.79
CA ASN A 597 -10.20 10.95 -34.45
C ASN A 597 -9.42 9.64 -34.46
N ARG A 598 -8.11 9.78 -34.38
CA ARG A 598 -7.11 8.71 -34.34
C ARG A 598 -5.76 9.41 -34.26
N PRO A 599 -4.73 8.78 -33.70
CA PRO A 599 -3.40 9.41 -33.74
C PRO A 599 -2.98 9.74 -35.17
N THR A 600 -2.02 10.65 -35.29
CA THR A 600 -1.54 11.11 -36.59
C THR A 600 -0.62 10.14 -37.24
N GLY A 601 -0.60 8.92 -36.73
CA GLY A 601 0.30 7.90 -37.21
C GLY A 601 0.74 7.02 -36.05
N ALA A 602 0.60 5.71 -36.21
CA ALA A 602 0.90 4.79 -35.11
C ALA A 602 1.30 3.45 -35.73
N PHE A 603 2.59 3.18 -35.77
CA PHE A 603 3.10 2.00 -36.47
C PHE A 603 4.31 1.44 -35.76
N MET A 604 4.39 0.13 -35.70
CA MET A 604 5.51 -0.59 -35.09
C MET A 604 6.43 -1.10 -36.19
N PHE A 605 7.72 -0.84 -36.05
CA PHE A 605 8.71 -1.43 -36.93
C PHE A 605 9.75 -2.19 -36.13
N LEU A 606 10.12 -3.36 -36.64
CA LEU A 606 10.97 -4.31 -35.95
C LEU A 606 11.93 -4.94 -36.95
N GLY A 607 12.89 -5.69 -36.43
CA GLY A 607 13.91 -6.30 -37.24
C GLY A 607 15.06 -6.82 -36.40
N PRO A 608 16.21 -7.06 -37.04
CA PRO A 608 17.38 -7.52 -36.29
C PRO A 608 18.01 -6.40 -35.46
N THR A 609 19.15 -6.68 -34.84
CA THR A 609 19.77 -5.74 -33.91
C THR A 609 20.78 -4.85 -34.63
N GLY A 610 20.85 -3.60 -34.18
CA GLY A 610 21.83 -2.66 -34.70
C GLY A 610 21.59 -2.22 -36.12
N VAL A 611 20.34 -2.02 -36.50
CA VAL A 611 19.99 -1.77 -37.89
C VAL A 611 19.46 -0.35 -38.12
N GLY A 612 18.89 0.30 -37.11
CA GLY A 612 18.46 1.67 -37.30
C GLY A 612 17.01 1.92 -36.99
N LYS A 613 16.41 1.13 -36.11
CA LYS A 613 15.00 1.34 -35.81
C LYS A 613 14.79 2.23 -34.59
N THR A 614 15.76 2.30 -33.68
CA THR A 614 15.72 3.32 -32.65
C THR A 614 16.31 4.63 -33.14
N GLU A 615 17.07 4.59 -34.23
CA GLU A 615 17.67 5.80 -34.78
C GLU A 615 16.68 6.60 -35.59
N LEU A 616 15.74 5.92 -36.25
CA LEU A 616 14.80 6.62 -37.10
C LEU A 616 13.80 7.43 -36.27
N ALA A 617 13.54 7.01 -35.03
CA ALA A 617 12.66 7.81 -34.17
C ALA A 617 13.35 9.11 -33.74
N LYS A 618 14.61 9.02 -33.30
CA LYS A 618 15.35 10.21 -32.93
C LYS A 618 15.64 11.10 -34.13
N ALA A 619 15.66 10.56 -35.33
CA ALA A 619 15.84 11.37 -36.53
C ALA A 619 14.56 12.03 -36.98
N LEU A 620 13.42 11.34 -36.84
CA LEU A 620 12.14 11.94 -37.17
C LEU A 620 11.79 13.03 -36.17
N ALA A 621 12.09 12.83 -34.91
CA ALA A 621 11.80 13.87 -33.93
C ALA A 621 12.82 14.94 -33.90
N ASP A 622 13.79 14.96 -34.81
CA ASP A 622 14.80 15.99 -34.82
C ASP A 622 14.51 17.09 -35.84
N PHE A 623 13.72 16.81 -36.87
CA PHE A 623 13.39 17.84 -37.84
C PHE A 623 11.94 18.29 -37.77
N LEU A 624 11.13 17.68 -36.90
CA LEU A 624 9.82 18.24 -36.59
C LEU A 624 9.90 19.30 -35.52
N PHE A 625 10.74 19.09 -34.49
CA PHE A 625 10.86 20.02 -33.39
C PHE A 625 12.23 20.69 -33.32
N ASP A 626 13.14 20.37 -34.22
CA ASP A 626 14.47 20.97 -34.28
C ASP A 626 15.30 20.71 -33.03
N ASP A 627 14.91 19.72 -32.22
CA ASP A 627 15.64 19.38 -31.01
C ASP A 627 15.45 17.89 -30.75
N GLU A 628 16.56 17.16 -30.66
CA GLU A 628 16.46 15.70 -30.56
C GLU A 628 15.92 15.25 -29.22
N ARG A 629 16.02 16.09 -28.19
CA ARG A 629 15.52 15.77 -26.86
C ARG A 629 14.08 16.22 -26.64
N ALA A 630 13.32 16.44 -27.71
CA ALA A 630 11.98 16.99 -27.61
C ALA A 630 10.89 15.94 -27.78
N MET A 631 11.23 14.66 -27.58
CA MET A 631 10.26 13.59 -27.71
C MET A 631 10.08 12.88 -26.38
N VAL A 632 8.87 12.37 -26.15
CA VAL A 632 8.54 11.67 -24.92
C VAL A 632 8.96 10.22 -25.11
N ARG A 633 10.00 9.81 -24.40
CA ARG A 633 10.59 8.48 -24.55
C ARG A 633 10.46 7.73 -23.24
N ILE A 634 9.88 6.54 -23.30
CA ILE A 634 9.79 5.66 -22.14
C ILE A 634 10.31 4.29 -22.54
N ASP A 635 11.06 3.65 -21.64
CA ASP A 635 11.70 2.37 -21.90
C ASP A 635 10.83 1.26 -21.32
N MET A 636 10.29 0.43 -22.20
CA MET A 636 9.30 -0.55 -21.79
C MET A 636 9.90 -1.79 -21.16
N SER A 637 11.21 -1.84 -20.97
CA SER A 637 11.83 -2.97 -20.29
C SER A 637 11.71 -2.87 -18.77
N GLU A 638 11.11 -1.80 -18.26
CA GLU A 638 10.90 -1.64 -16.83
C GLU A 638 9.47 -1.86 -16.40
N TYR A 639 8.55 -2.02 -17.34
CA TYR A 639 7.15 -2.32 -17.06
C TYR A 639 6.86 -3.81 -17.17
N GLY A 640 7.58 -4.62 -16.38
CA GLY A 640 7.42 -6.05 -16.46
C GLY A 640 6.34 -6.64 -15.60
N GLU A 641 5.73 -5.87 -14.70
CA GLU A 641 4.72 -6.39 -13.79
C GLU A 641 3.39 -5.69 -14.02
N LYS A 642 2.35 -6.24 -13.39
CA LYS A 642 1.02 -5.66 -13.50
C LYS A 642 0.97 -4.26 -12.93
N HIS A 643 1.36 -4.11 -11.67
CA HIS A 643 1.10 -2.87 -10.95
C HIS A 643 1.93 -1.69 -11.43
N THR A 644 2.86 -1.91 -12.35
CA THR A 644 3.67 -0.82 -12.89
C THR A 644 2.94 -0.05 -13.98
N VAL A 645 1.68 -0.38 -14.25
CA VAL A 645 0.88 0.44 -15.15
C VAL A 645 0.52 1.76 -14.48
N ALA A 646 0.28 1.74 -13.16
CA ALA A 646 0.03 2.96 -12.42
C ALA A 646 1.16 3.96 -12.53
N ARG A 647 2.31 3.55 -13.05
CA ARG A 647 3.47 4.43 -13.14
C ARG A 647 3.36 5.41 -14.29
N LEU A 648 2.68 5.05 -15.37
CA LEU A 648 2.51 5.96 -16.49
C LEU A 648 1.09 6.48 -16.63
N ILE A 649 0.25 6.31 -15.60
CA ILE A 649 -1.13 6.78 -15.67
C ILE A 649 -1.44 7.55 -14.40
N GLY A 650 -0.59 7.41 -13.38
CA GLY A 650 -0.80 8.07 -12.11
C GLY A 650 -1.53 7.19 -11.11
N ALA A 651 -1.44 7.59 -9.86
CA ALA A 651 -2.13 6.83 -8.82
C ALA A 651 -3.50 7.43 -8.54
N PRO A 652 -4.47 6.60 -8.14
CA PRO A 652 -5.79 7.12 -7.82
C PRO A 652 -5.74 8.15 -6.71
N PRO A 653 -6.76 8.98 -6.58
CA PRO A 653 -6.70 10.07 -5.59
C PRO A 653 -6.71 9.54 -4.17
N GLY A 654 -5.89 10.14 -3.31
CA GLY A 654 -5.84 9.79 -1.91
C GLY A 654 -4.77 8.80 -1.51
N TYR A 655 -3.83 8.50 -2.40
CA TYR A 655 -2.75 7.56 -2.12
C TYR A 655 -1.44 8.34 -2.01
N VAL A 656 -0.34 7.60 -1.84
CA VAL A 656 0.93 8.24 -1.49
C VAL A 656 1.40 9.18 -2.61
N GLY A 657 1.62 8.66 -3.80
CA GLY A 657 1.99 9.53 -4.90
C GLY A 657 0.79 9.95 -5.70
N TYR A 658 0.24 11.12 -5.39
CA TYR A 658 -1.00 11.57 -6.00
C TYR A 658 -0.82 12.81 -6.86
N GLU A 659 -0.27 13.86 -6.28
CA GLU A 659 -0.04 15.10 -7.02
C GLU A 659 0.95 14.92 -8.16
N ALA A 660 1.82 13.93 -8.09
CA ALA A 660 2.83 13.74 -9.14
C ALA A 660 2.21 13.40 -10.47
N GLY A 661 0.98 12.90 -10.49
CA GLY A 661 0.32 12.56 -11.74
C GLY A 661 1.02 11.46 -12.51
N GLY A 662 0.48 11.12 -13.68
CA GLY A 662 1.08 10.10 -14.51
C GLY A 662 2.39 10.54 -15.12
N GLN A 663 2.99 9.67 -15.91
CA GLN A 663 4.27 9.94 -16.56
C GLN A 663 4.17 10.04 -18.07
N LEU A 664 3.36 9.18 -18.69
CA LEU A 664 3.01 9.36 -20.10
C LEU A 664 1.91 10.41 -20.25
N THR A 665 1.01 10.48 -19.27
CA THR A 665 -0.12 11.39 -19.37
C THR A 665 0.30 12.84 -19.19
N GLU A 666 1.01 13.15 -18.12
CA GLU A 666 1.31 14.54 -17.76
C GLU A 666 2.23 15.22 -18.75
N ALA A 667 2.88 14.48 -19.64
CA ALA A 667 3.74 15.09 -20.64
C ALA A 667 3.03 15.36 -21.95
N VAL A 668 1.91 14.69 -22.22
CA VAL A 668 1.11 14.95 -23.40
C VAL A 668 -0.05 15.91 -23.11
N ARG A 669 -0.58 15.91 -21.88
CA ARG A 669 -1.67 16.83 -21.55
C ARG A 669 -1.28 18.27 -21.82
N ARG A 670 -0.02 18.60 -21.63
CA ARG A 670 0.52 19.91 -22.00
C ARG A 670 1.47 19.72 -23.18
N ARG A 671 1.37 20.61 -24.15
CA ARG A 671 2.05 20.47 -25.43
C ARG A 671 1.70 19.14 -26.08
N PRO A 672 0.47 18.99 -26.59
CA PRO A 672 0.02 17.70 -27.15
C PRO A 672 0.35 17.53 -28.63
N TYR A 673 1.59 17.84 -28.99
CA TYR A 673 2.07 17.63 -30.35
C TYR A 673 3.45 16.98 -30.34
N THR A 674 3.62 15.92 -29.58
CA THR A 674 4.94 15.34 -29.43
C THR A 674 5.05 14.03 -30.20
N VAL A 675 6.20 13.38 -30.05
CA VAL A 675 6.45 12.05 -30.60
C VAL A 675 6.74 11.11 -29.44
N VAL A 676 5.99 10.01 -29.37
CA VAL A 676 6.09 9.07 -28.26
C VAL A 676 6.81 7.83 -28.74
N LEU A 677 7.78 7.36 -27.96
CA LEU A 677 8.59 6.21 -28.30
C LEU A 677 8.46 5.14 -27.21
N PHE A 678 8.20 3.91 -27.63
CA PHE A 678 8.08 2.76 -26.72
C PHE A 678 9.15 1.76 -27.13
N ASP A 679 10.26 1.74 -26.39
CA ASP A 679 11.38 0.86 -26.73
C ASP A 679 11.18 -0.52 -26.13
N GLU A 680 11.43 -1.55 -26.93
CA GLU A 680 11.27 -2.95 -26.53
C GLU A 680 9.89 -3.19 -25.91
N ILE A 681 8.87 -3.03 -26.75
CA ILE A 681 7.50 -3.17 -26.28
C ILE A 681 7.18 -4.60 -25.88
N GLU A 682 7.95 -5.58 -26.39
CA GLU A 682 7.63 -6.97 -26.07
C GLU A 682 8.06 -7.33 -24.65
N LYS A 683 8.98 -6.57 -24.06
CA LYS A 683 9.44 -6.85 -22.71
C LYS A 683 8.44 -6.45 -21.63
N ALA A 684 7.32 -5.85 -22.01
CA ALA A 684 6.35 -5.41 -21.03
C ALA A 684 5.38 -6.53 -20.68
N HIS A 685 4.50 -6.25 -19.73
CA HIS A 685 3.51 -7.19 -19.29
C HIS A 685 2.28 -7.11 -20.18
N PRO A 686 1.61 -8.22 -20.46
CA PRO A 686 0.47 -8.16 -21.38
C PRO A 686 -0.77 -7.57 -20.74
N ASP A 687 -0.56 -6.50 -19.97
CA ASP A 687 -1.62 -5.61 -19.53
C ASP A 687 -1.33 -4.16 -19.86
N VAL A 688 -0.07 -3.82 -20.13
CA VAL A 688 0.25 -2.51 -20.67
C VAL A 688 -0.28 -2.38 -22.09
N PHE A 689 -0.34 -3.48 -22.84
CA PHE A 689 -0.88 -3.43 -24.19
C PHE A 689 -2.37 -3.09 -24.15
N ASP A 690 -3.04 -3.38 -23.04
CA ASP A 690 -4.47 -3.15 -22.92
C ASP A 690 -4.82 -1.70 -22.63
N VAL A 691 -3.83 -0.83 -22.53
CA VAL A 691 -4.06 0.60 -22.41
C VAL A 691 -3.79 1.33 -23.72
N LEU A 692 -2.65 1.01 -24.35
CA LEU A 692 -2.43 1.41 -25.72
C LEU A 692 -3.58 0.95 -26.62
N LEU A 693 -4.33 -0.05 -26.19
CA LEU A 693 -5.50 -0.48 -26.95
C LEU A 693 -6.48 0.66 -27.11
N GLN A 694 -6.89 1.29 -26.02
CA GLN A 694 -7.79 2.43 -26.14
C GLN A 694 -7.08 3.70 -26.59
N VAL A 695 -5.77 3.82 -26.37
CA VAL A 695 -5.04 4.94 -26.97
C VAL A 695 -5.19 4.90 -28.49
N LEU A 696 -5.13 3.71 -29.07
CA LEU A 696 -5.41 3.51 -30.48
C LEU A 696 -6.91 3.41 -30.72
N ASP A 697 -7.32 3.77 -31.94
CA ASP A 697 -8.67 3.53 -32.44
C ASP A 697 -9.71 4.38 -31.71
N GLU A 698 -9.29 5.11 -30.68
CA GLU A 698 -10.17 6.12 -30.09
C GLU A 698 -9.42 7.44 -29.96
N GLY A 699 -8.15 7.37 -29.61
CA GLY A 699 -7.30 8.54 -29.56
C GLY A 699 -7.16 9.22 -28.22
N ARG A 700 -7.55 8.58 -27.13
CA ARG A 700 -7.39 9.19 -25.82
C ARG A 700 -7.59 8.16 -24.71
N LEU A 701 -6.87 8.35 -23.61
CA LEU A 701 -7.05 7.54 -22.41
C LEU A 701 -7.23 8.45 -21.21
N THR A 702 -7.70 7.86 -20.11
CA THR A 702 -7.93 8.56 -18.86
C THR A 702 -6.79 8.29 -17.89
N ASP A 703 -6.62 9.20 -16.93
CA ASP A 703 -5.55 9.05 -15.96
C ASP A 703 -6.09 8.88 -14.55
N GLY A 704 -5.20 8.91 -13.56
CA GLY A 704 -5.62 8.61 -12.20
C GLY A 704 -6.71 9.52 -11.69
N HIS A 705 -6.64 10.81 -12.03
CA HIS A 705 -7.68 11.74 -11.61
C HIS A 705 -9.01 11.40 -12.27
N GLY A 706 -9.03 11.35 -13.60
CA GLY A 706 -10.25 11.17 -14.34
C GLY A 706 -10.25 11.98 -15.61
N ARG A 707 -9.24 12.82 -15.76
CA ARG A 707 -9.10 13.60 -16.99
C ARG A 707 -8.88 12.68 -18.18
N THR A 708 -9.18 13.18 -19.37
CA THR A 708 -9.04 12.42 -20.61
C THR A 708 -8.12 13.19 -21.55
N VAL A 709 -6.81 12.97 -21.42
CA VAL A 709 -5.88 13.57 -22.35
C VAL A 709 -6.02 12.89 -23.71
N ASP A 710 -5.80 13.64 -24.78
CA ASP A 710 -6.08 13.16 -26.12
C ASP A 710 -4.79 13.04 -26.91
N PHE A 711 -4.64 11.90 -27.58
CA PHE A 711 -3.46 11.59 -28.38
C PHE A 711 -3.71 11.76 -29.86
N ARG A 712 -4.72 12.55 -30.23
CA ARG A 712 -5.09 12.66 -31.63
C ARG A 712 -4.10 13.47 -32.45
N ASN A 713 -2.98 13.90 -31.89
CA ASN A 713 -1.99 14.65 -32.64
C ASN A 713 -0.58 14.08 -32.54
N THR A 714 -0.36 13.06 -31.72
CA THR A 714 0.97 12.51 -31.53
C THR A 714 1.32 11.56 -32.67
N ILE A 715 2.50 10.93 -32.56
CA ILE A 715 2.96 9.92 -33.50
C ILE A 715 3.58 8.81 -32.66
N LEU A 716 2.84 7.73 -32.46
CA LEU A 716 3.35 6.63 -31.65
C LEU A 716 4.32 5.77 -32.47
N ILE A 717 5.38 5.31 -31.79
CA ILE A 717 6.36 4.45 -32.42
C ILE A 717 6.74 3.33 -31.45
N LEU A 718 6.74 2.09 -31.93
CA LEU A 718 7.02 0.93 -31.09
C LEU A 718 8.09 0.09 -31.76
N THR A 719 9.23 -0.07 -31.09
CA THR A 719 10.34 -0.85 -31.63
C THR A 719 10.46 -2.17 -30.88
N SER A 720 10.90 -3.19 -31.61
CA SER A 720 10.93 -4.54 -31.07
C SER A 720 12.09 -5.30 -31.69
N ASN A 721 12.29 -6.53 -31.22
CA ASN A 721 13.31 -7.42 -31.74
C ASN A 721 12.79 -8.85 -31.83
N LEU A 722 11.50 -9.01 -32.09
CA LEU A 722 10.90 -10.34 -32.09
C LEU A 722 11.46 -11.18 -33.23
N GLY A 723 11.73 -12.45 -32.95
CA GLY A 723 12.28 -13.36 -33.93
C GLY A 723 13.77 -13.20 -34.08
N SER A 724 14.19 -12.15 -34.79
CA SER A 724 15.58 -11.74 -34.97
C SER A 724 16.39 -12.75 -35.78
N GLY A 725 15.82 -13.90 -36.11
CA GLY A 725 16.50 -14.89 -36.91
C GLY A 725 15.62 -15.42 -38.01
N GLY A 726 14.33 -15.11 -37.93
CA GLY A 726 13.41 -15.50 -38.96
C GLY A 726 13.67 -14.77 -40.26
N SER A 727 13.54 -15.51 -41.37
CA SER A 727 13.82 -14.93 -42.67
C SER A 727 12.85 -13.81 -43.00
N ALA A 728 11.58 -14.16 -43.21
CA ALA A 728 10.54 -13.15 -43.40
C ALA A 728 9.22 -13.49 -42.72
N GLU A 729 9.00 -14.73 -42.31
CA GLU A 729 7.71 -15.17 -41.81
C GLU A 729 7.74 -15.52 -40.33
N GLN A 730 8.87 -16.03 -39.83
CA GLN A 730 8.95 -16.35 -38.41
C GLN A 730 8.77 -15.11 -37.55
N VAL A 731 9.20 -13.95 -38.03
CA VAL A 731 8.97 -12.72 -37.28
C VAL A 731 7.47 -12.42 -37.18
N LEU A 732 6.73 -12.61 -38.27
CA LEU A 732 5.30 -12.39 -38.22
C LEU A 732 4.61 -13.43 -37.35
N ALA A 733 5.12 -14.66 -37.34
CA ALA A 733 4.56 -15.68 -36.47
C ALA A 733 4.76 -15.32 -35.00
N ALA A 734 5.97 -14.86 -34.65
CA ALA A 734 6.22 -14.43 -33.28
C ALA A 734 5.36 -13.24 -32.91
N VAL A 735 5.17 -12.30 -33.83
CA VAL A 735 4.31 -11.15 -33.57
C VAL A 735 2.89 -11.60 -33.29
N ARG A 736 2.36 -12.49 -34.13
CA ARG A 736 1.00 -12.97 -33.96
C ARG A 736 0.83 -13.82 -32.72
N ALA A 737 1.90 -14.46 -32.25
CA ALA A 737 1.83 -15.25 -31.03
C ALA A 737 1.98 -14.40 -29.78
N THR A 738 2.65 -13.25 -29.88
CA THR A 738 2.91 -12.42 -28.70
C THR A 738 1.86 -11.33 -28.52
N PHE A 739 1.29 -10.80 -29.59
CA PHE A 739 0.30 -9.74 -29.50
C PHE A 739 -1.07 -10.24 -29.90
N LYS A 740 -2.09 -9.48 -29.54
CA LYS A 740 -3.45 -9.86 -29.88
C LYS A 740 -3.82 -9.37 -31.28
N PRO A 741 -4.73 -10.06 -31.96
CA PRO A 741 -5.14 -9.61 -33.30
C PRO A 741 -5.87 -8.29 -33.27
N GLU A 742 -6.69 -8.05 -32.25
CA GLU A 742 -7.35 -6.74 -32.11
C GLU A 742 -6.38 -5.65 -31.70
N PHE A 743 -5.12 -5.98 -31.41
CA PHE A 743 -4.07 -4.99 -31.24
C PHE A 743 -3.30 -4.75 -32.53
N ILE A 744 -2.84 -5.82 -33.19
CA ILE A 744 -2.19 -5.66 -34.48
C ILE A 744 -3.11 -5.03 -35.50
N ASN A 745 -4.42 -5.10 -35.29
CA ASN A 745 -5.37 -4.62 -36.29
C ASN A 745 -5.39 -3.10 -36.36
N ARG A 746 -5.10 -2.42 -35.25
CA ARG A 746 -5.24 -0.97 -35.19
C ARG A 746 -4.05 -0.22 -35.74
N LEU A 747 -2.87 -0.81 -35.74
CA LEU A 747 -1.69 -0.08 -36.17
C LEU A 747 -1.75 0.25 -37.66
N ASP A 748 -0.85 1.12 -38.08
CA ASP A 748 -0.51 1.26 -39.49
C ASP A 748 0.46 0.15 -39.86
N ASP A 749 1.11 0.28 -41.01
CA ASP A 749 2.00 -0.76 -41.51
C ASP A 749 2.94 -1.24 -40.42
N VAL A 750 3.04 -2.56 -40.27
CA VAL A 750 4.03 -3.18 -39.39
C VAL A 750 5.31 -3.31 -40.19
N LEU A 751 6.12 -2.26 -40.19
CA LEU A 751 7.31 -2.23 -41.01
C LEU A 751 8.33 -3.24 -40.50
N ILE A 752 9.23 -3.64 -41.38
CA ILE A 752 10.27 -4.61 -41.04
C ILE A 752 11.58 -4.12 -41.63
N PHE A 753 12.53 -3.79 -40.78
CA PHE A 753 13.85 -3.39 -41.26
C PHE A 753 14.57 -4.62 -41.79
N GLU A 754 15.62 -4.39 -42.57
CA GLU A 754 16.18 -5.46 -43.39
C GLU A 754 17.54 -5.94 -42.91
N GLY A 755 18.53 -5.07 -42.80
CA GLY A 755 19.87 -5.52 -42.51
C GLY A 755 20.89 -4.79 -43.36
N LEU A 756 22.05 -4.50 -42.79
CA LEU A 756 23.02 -3.67 -43.49
C LEU A 756 23.85 -4.49 -44.47
N ASN A 757 24.00 -3.95 -45.67
CA ASN A 757 24.80 -4.54 -46.73
C ASN A 757 26.20 -3.97 -46.70
N PRO A 758 27.17 -4.66 -47.32
CA PRO A 758 28.52 -4.10 -47.40
C PRO A 758 28.59 -2.78 -48.13
N GLU A 759 27.55 -2.41 -48.88
CA GLU A 759 27.54 -1.12 -49.57
C GLU A 759 26.88 -0.05 -48.73
N GLU A 760 25.91 -0.42 -47.89
CA GLU A 760 25.24 0.52 -47.00
C GLU A 760 26.05 0.78 -45.74
N LEU A 761 27.35 0.50 -45.75
CA LEU A 761 28.20 0.63 -44.59
C LEU A 761 29.33 1.63 -44.78
N VAL A 762 29.79 1.86 -46.01
CA VAL A 762 30.81 2.87 -46.24
C VAL A 762 30.28 4.25 -45.89
N ARG A 763 29.02 4.52 -46.24
CA ARG A 763 28.41 5.79 -45.89
C ARG A 763 28.25 5.94 -44.39
N ILE A 764 27.97 4.85 -43.68
CA ILE A 764 27.94 4.92 -42.22
C ILE A 764 29.31 5.22 -41.66
N VAL A 765 30.36 4.64 -42.26
CA VAL A 765 31.72 5.00 -41.87
C VAL A 765 31.94 6.49 -42.01
N ASP A 766 31.49 7.05 -43.12
CA ASP A 766 31.63 8.49 -43.35
C ASP A 766 30.89 9.29 -42.27
N ILE A 767 29.67 8.87 -41.94
CA ILE A 767 28.90 9.55 -40.90
C ILE A 767 29.65 9.52 -39.58
N GLN A 768 30.16 8.34 -39.20
CA GLN A 768 30.84 8.21 -37.91
C GLN A 768 32.10 9.06 -37.87
N LEU A 769 32.85 9.11 -38.97
CA LEU A 769 34.07 9.90 -38.98
C LEU A 769 33.76 11.39 -38.92
N ALA A 770 32.69 11.82 -39.61
CA ALA A 770 32.27 13.22 -39.50
C ALA A 770 31.87 13.54 -38.07
N GLN A 771 31.18 12.62 -37.40
CA GLN A 771 30.78 12.83 -36.02
C GLN A 771 31.99 12.93 -35.10
N LEU A 772 32.97 12.05 -35.31
CA LEU A 772 34.18 12.10 -34.50
C LEU A 772 34.90 13.43 -34.70
N GLY A 773 35.02 13.87 -35.95
CA GLY A 773 35.63 15.16 -36.20
C GLY A 773 34.89 16.29 -35.52
N LYS A 774 33.56 16.29 -35.62
CA LYS A 774 32.76 17.31 -34.94
C LYS A 774 32.96 17.27 -33.44
N ARG A 775 33.21 16.08 -32.88
CA ARG A 775 33.42 15.97 -31.43
C ARG A 775 34.78 16.54 -31.04
N LEU A 776 35.84 16.08 -31.68
CA LEU A 776 37.16 16.65 -31.42
C LEU A 776 37.49 17.80 -32.37
N ALA A 777 36.54 18.71 -32.50
CA ALA A 777 36.77 20.00 -33.12
C ALA A 777 36.72 21.13 -32.09
N GLN A 778 36.39 20.81 -30.84
CA GLN A 778 36.45 21.75 -29.74
C GLN A 778 37.87 22.07 -29.32
N ARG A 779 38.86 21.52 -30.02
CA ARG A 779 40.26 21.83 -29.73
C ARG A 779 41.08 22.01 -31.01
N ARG A 780 40.43 22.24 -32.15
CA ARG A 780 41.10 22.46 -33.43
C ARG A 780 42.02 21.29 -33.76
N LEU A 781 41.44 20.10 -33.81
CA LEU A 781 42.20 18.87 -34.00
C LEU A 781 41.60 18.02 -35.11
N GLN A 782 41.35 18.64 -36.27
CA GLN A 782 40.74 17.90 -37.37
C GLN A 782 41.65 16.76 -37.82
N LEU A 783 41.03 15.68 -38.30
CA LEU A 783 41.76 14.54 -38.82
C LEU A 783 41.89 14.67 -40.34
N GLN A 784 42.54 13.67 -40.94
CA GLN A 784 42.69 13.63 -42.39
C GLN A 784 42.75 12.16 -42.79
N VAL A 785 41.61 11.63 -43.22
CA VAL A 785 41.46 10.20 -43.47
C VAL A 785 41.67 9.93 -44.96
N SER A 786 42.35 8.84 -45.27
CA SER A 786 42.57 8.45 -46.64
C SER A 786 41.50 7.47 -47.11
N LEU A 787 41.37 7.36 -48.43
CA LEU A 787 40.42 6.40 -48.99
C LEU A 787 40.78 4.95 -48.69
N PRO A 788 42.04 4.51 -48.78
CA PRO A 788 42.35 3.16 -48.30
C PRO A 788 42.02 2.97 -46.84
N ALA A 789 42.20 4.01 -46.01
CA ALA A 789 41.84 3.92 -44.61
C ALA A 789 40.34 3.68 -44.45
N LYS A 790 39.53 4.43 -45.19
CA LYS A 790 38.08 4.25 -45.08
C LYS A 790 37.65 2.88 -45.58
N ARG A 791 38.31 2.38 -46.63
CA ARG A 791 37.99 1.06 -47.13
C ARG A 791 38.37 -0.02 -46.12
N TRP A 792 39.52 0.15 -45.46
CA TRP A 792 39.93 -0.78 -44.41
C TRP A 792 38.92 -0.79 -43.27
N LEU A 793 38.53 0.40 -42.81
CA LEU A 793 37.57 0.49 -41.72
C LEU A 793 36.21 -0.10 -42.12
N ALA A 794 35.86 0.01 -43.39
CA ALA A 794 34.55 -0.47 -43.82
C ALA A 794 34.54 -1.98 -44.01
N GLN A 795 35.65 -2.56 -44.46
CA GLN A 795 35.73 -4.00 -44.63
C GLN A 795 36.01 -4.76 -43.35
N ARG A 796 36.83 -4.21 -42.46
CA ARG A 796 37.21 -4.95 -41.25
C ARG A 796 36.00 -5.31 -40.40
N GLY A 797 35.29 -4.30 -39.89
CA GLY A 797 34.14 -4.56 -39.05
C GLY A 797 32.83 -4.56 -39.81
N PHE A 798 32.32 -5.73 -40.17
CA PHE A 798 31.10 -5.80 -40.96
C PHE A 798 30.08 -6.83 -40.48
N ASP A 799 30.49 -7.88 -39.74
CA ASP A 799 29.75 -9.14 -39.61
C ASP A 799 28.23 -8.96 -39.56
N PRO A 800 27.50 -9.68 -40.40
CA PRO A 800 26.07 -9.37 -40.57
C PRO A 800 25.18 -10.03 -39.55
N VAL A 801 25.58 -9.99 -38.28
CA VAL A 801 24.72 -10.42 -37.18
C VAL A 801 24.65 -9.39 -36.07
N TYR A 802 25.59 -8.46 -35.97
CA TYR A 802 25.62 -7.48 -34.89
C TYR A 802 25.39 -6.06 -35.38
N GLY A 803 24.96 -5.89 -36.63
CA GLY A 803 24.58 -4.58 -37.12
C GLY A 803 25.72 -3.61 -37.36
N ALA A 804 25.63 -2.41 -36.77
CA ALA A 804 26.61 -1.37 -37.03
C ALA A 804 27.32 -0.87 -35.79
N ARG A 805 27.16 -1.55 -34.65
CA ARG A 805 27.89 -1.21 -33.44
C ARG A 805 29.33 -1.73 -33.46
N PRO A 806 29.59 -2.91 -34.04
CA PRO A 806 30.99 -3.29 -34.28
C PRO A 806 31.80 -2.20 -34.96
N LEU A 807 31.18 -1.44 -35.88
CA LEU A 807 31.91 -0.38 -36.55
C LEU A 807 32.30 0.72 -35.57
N ARG A 808 31.39 1.08 -34.67
CA ARG A 808 31.70 2.09 -33.66
C ARG A 808 32.84 1.62 -32.77
N ARG A 809 32.77 0.37 -32.30
CA ARG A 809 33.82 -0.14 -31.43
C ARG A 809 35.15 -0.22 -32.16
N LEU A 810 35.12 -0.53 -33.46
CA LEU A 810 36.35 -0.59 -34.23
C LEU A 810 36.96 0.78 -34.42
N VAL A 811 36.12 1.78 -34.72
CA VAL A 811 36.62 3.15 -34.84
C VAL A 811 37.30 3.58 -33.54
N GLN A 812 36.63 3.32 -32.42
CA GLN A 812 37.25 3.62 -31.12
C GLN A 812 38.61 2.94 -31.01
N GLN A 813 38.62 1.60 -31.02
CA GLN A 813 39.85 0.86 -30.75
C GLN A 813 40.95 1.16 -31.75
N ALA A 814 40.61 1.58 -32.96
CA ALA A 814 41.63 1.79 -33.99
C ALA A 814 42.19 3.20 -34.01
N ILE A 815 41.35 4.22 -33.84
CA ILE A 815 41.82 5.60 -33.91
C ILE A 815 41.92 6.23 -32.54
N GLY A 816 40.88 6.10 -31.72
CA GLY A 816 40.82 6.85 -30.48
C GLY A 816 41.88 6.44 -29.48
N ASP A 817 42.24 5.16 -29.43
CA ASP A 817 43.25 4.72 -28.48
C ASP A 817 44.60 5.32 -28.80
N GLN A 818 45.04 5.21 -30.06
CA GLN A 818 46.30 5.83 -30.46
C GLN A 818 46.26 7.34 -30.28
N LEU A 819 45.12 7.96 -30.62
CA LEU A 819 45.03 9.40 -30.52
C LEU A 819 45.13 9.86 -29.07
N ALA A 820 44.50 9.14 -28.15
CA ALA A 820 44.55 9.53 -26.75
C ALA A 820 45.88 9.17 -26.11
N LYS A 821 46.57 8.16 -26.65
CA LYS A 821 47.90 7.88 -26.15
C LYS A 821 48.90 8.94 -26.59
N MET A 822 48.71 9.47 -27.80
CA MET A 822 49.60 10.52 -28.28
C MET A 822 49.21 11.89 -27.75
N LEU A 823 47.95 12.08 -27.37
CA LEU A 823 47.45 13.43 -27.07
C LEU A 823 47.92 13.90 -25.71
N LEU A 824 47.91 13.04 -24.70
CA LEU A 824 48.34 13.43 -23.37
C LEU A 824 49.81 13.17 -23.12
N ALA A 825 50.57 12.85 -24.17
CA ALA A 825 52.02 12.78 -24.10
C ALA A 825 52.67 13.87 -24.95
N GLY A 826 52.03 15.04 -25.00
CA GLY A 826 52.50 16.12 -25.84
C GLY A 826 52.43 15.74 -27.31
N GLN A 827 53.12 16.54 -28.13
CA GLN A 827 53.42 16.21 -29.52
C GLN A 827 52.21 16.19 -30.44
N VAL A 828 51.01 16.35 -29.91
CA VAL A 828 49.80 16.44 -30.73
C VAL A 828 49.02 17.69 -30.33
N HIS A 829 49.74 18.76 -29.97
CA HIS A 829 49.15 19.98 -29.45
C HIS A 829 48.02 20.52 -30.32
N ASP A 830 47.19 21.38 -29.73
CA ASP A 830 46.00 21.92 -30.39
C ASP A 830 46.39 22.67 -31.66
N GLY A 831 45.36 23.00 -32.45
CA GLY A 831 45.57 23.64 -33.73
C GLY A 831 46.47 22.80 -34.62
N ASP A 832 46.08 21.55 -34.83
CA ASP A 832 46.91 20.63 -35.59
C ASP A 832 45.99 19.65 -36.31
N THR A 833 46.49 19.10 -37.41
CA THR A 833 45.75 18.17 -38.24
C THR A 833 46.62 16.95 -38.47
N VAL A 834 46.26 15.84 -37.86
CA VAL A 834 47.01 14.59 -38.02
C VAL A 834 46.37 13.76 -39.13
N PRO A 835 47.15 13.10 -39.97
CA PRO A 835 46.59 12.19 -40.97
C PRO A 835 46.56 10.75 -40.46
N VAL A 836 45.61 9.99 -40.98
CA VAL A 836 45.51 8.57 -40.66
C VAL A 836 45.75 7.79 -41.95
N ASN A 837 46.63 6.79 -41.86
CA ASN A 837 47.00 6.02 -43.03
C ASN A 837 47.16 4.56 -42.63
N VAL A 838 47.19 3.70 -43.62
CA VAL A 838 47.07 2.27 -43.40
C VAL A 838 48.45 1.62 -43.35
N SER A 839 48.63 0.71 -42.42
CA SER A 839 49.75 -0.21 -42.36
C SER A 839 49.33 -1.54 -42.98
N PRO A 840 50.25 -2.52 -43.08
CA PRO A 840 49.84 -3.88 -43.46
C PRO A 840 48.56 -4.35 -42.77
N ASP A 841 48.50 -4.29 -41.44
CA ASP A 841 47.31 -4.73 -40.72
C ASP A 841 46.59 -3.58 -40.02
N ALA A 842 47.27 -2.85 -39.14
CA ALA A 842 46.64 -1.74 -38.43
C ALA A 842 46.71 -0.48 -39.28
N ASP A 843 46.34 0.66 -38.68
CA ASP A 843 46.52 1.96 -39.31
C ASP A 843 47.21 2.89 -38.32
N SER A 844 48.19 3.65 -38.82
CA SER A 844 49.02 4.49 -37.97
C SER A 844 48.70 5.96 -38.18
N LEU A 845 48.84 6.74 -37.12
CA LEU A 845 48.55 8.17 -37.17
C LEU A 845 49.77 8.95 -37.66
N GLN B 159 -5.14 55.47 -2.69
CA GLN B 159 -3.72 55.27 -2.38
C GLN B 159 -3.51 54.00 -1.58
N ALA B 160 -4.45 53.07 -1.67
CA ALA B 160 -4.27 51.75 -1.08
C ALA B 160 -3.39 50.86 -1.94
N LEU B 161 -3.03 51.30 -3.15
CA LEU B 161 -2.06 50.56 -3.95
C LEU B 161 -0.64 50.80 -3.44
N GLN B 162 -0.33 52.02 -3.03
CA GLN B 162 1.01 52.32 -2.58
C GLN B 162 1.41 51.52 -1.35
N LYS B 163 0.45 51.10 -0.54
CA LYS B 163 0.78 50.39 0.70
C LYS B 163 1.13 48.94 0.46
N TYR B 164 0.49 48.29 -0.52
CA TYR B 164 0.64 46.86 -0.75
C TYR B 164 1.14 46.57 -2.15
N SER B 165 2.11 47.33 -2.64
CA SER B 165 2.59 47.14 -4.00
C SER B 165 3.85 47.93 -4.32
N THR B 166 4.76 47.34 -5.10
CA THR B 166 5.90 48.05 -5.63
C THR B 166 5.54 48.60 -7.01
N ASP B 167 6.53 49.05 -7.78
CA ASP B 167 6.27 49.66 -9.08
C ASP B 167 7.33 49.20 -10.08
N LEU B 168 6.97 48.22 -10.91
CA LEU B 168 7.91 47.67 -11.89
C LEU B 168 8.35 48.72 -12.89
N THR B 169 7.41 49.53 -13.39
CA THR B 169 7.79 50.52 -14.40
C THR B 169 8.70 51.59 -13.80
N ALA B 170 8.46 51.97 -12.55
CA ALA B 170 9.36 52.90 -11.88
C ALA B 170 10.74 52.30 -11.73
N ARG B 171 10.83 51.06 -11.24
CA ARG B 171 12.13 50.41 -11.14
C ARG B 171 12.83 50.31 -12.48
N ALA B 172 12.07 50.09 -13.56
CA ALA B 172 12.66 50.01 -14.88
C ALA B 172 13.16 51.35 -15.38
N ARG B 173 12.52 52.45 -14.97
CA ARG B 173 12.97 53.76 -15.42
C ARG B 173 14.26 54.20 -14.75
N GLU B 174 14.64 53.60 -13.63
CA GLU B 174 15.86 53.97 -12.91
C GLU B 174 17.03 53.07 -13.24
N GLY B 175 16.93 52.28 -14.30
CA GLY B 175 17.96 51.32 -14.64
C GLY B 175 18.32 50.37 -13.50
N LYS B 176 17.32 49.71 -12.93
CA LYS B 176 17.55 48.76 -11.84
C LYS B 176 17.25 47.33 -12.26
N LEU B 177 16.77 47.13 -13.47
CA LEU B 177 16.42 45.81 -13.97
C LEU B 177 17.50 45.32 -14.92
N ASP B 178 17.57 44.00 -15.08
CA ASP B 178 18.54 43.41 -15.97
C ASP B 178 18.02 43.38 -17.41
N PRO B 179 18.91 43.34 -18.39
CA PRO B 179 18.45 43.29 -19.79
C PRO B 179 17.73 41.98 -20.09
N VAL B 180 16.94 42.02 -21.15
CA VAL B 180 16.22 40.84 -21.62
C VAL B 180 16.49 40.69 -23.10
N ILE B 181 17.08 39.55 -23.47
CA ILE B 181 17.54 39.30 -24.83
C ILE B 181 16.63 38.26 -25.48
N GLY B 182 16.08 38.61 -26.64
CA GLY B 182 15.27 37.69 -27.38
C GLY B 182 13.88 37.55 -26.80
N ARG B 183 13.30 36.37 -27.01
CA ARG B 183 11.96 36.03 -26.54
C ARG B 183 10.93 37.03 -27.07
N ASP B 184 10.83 37.07 -28.39
CA ASP B 184 9.91 38.00 -29.05
C ASP B 184 8.50 37.46 -29.14
N ASN B 185 8.35 36.18 -29.52
CA ASN B 185 7.03 35.60 -29.65
C ASN B 185 6.27 35.65 -28.33
N GLU B 186 6.96 35.37 -27.23
CA GLU B 186 6.28 35.34 -25.94
C GLU B 186 5.82 36.73 -25.51
N ILE B 187 6.67 37.75 -25.70
CA ILE B 187 6.27 39.10 -25.32
C ILE B 187 5.15 39.60 -26.23
N ARG B 188 5.19 39.24 -27.51
CA ARG B 188 4.13 39.68 -28.40
C ARG B 188 2.81 39.02 -28.03
N ARG B 189 2.83 37.73 -27.70
CA ARG B 189 1.60 37.07 -27.29
C ARG B 189 1.09 37.64 -25.98
N VAL B 190 1.99 37.97 -25.05
CA VAL B 190 1.56 38.58 -23.80
C VAL B 190 0.88 39.92 -24.06
N VAL B 191 1.45 40.73 -24.95
CA VAL B 191 0.85 42.03 -25.26
C VAL B 191 -0.52 41.85 -25.90
N GLN B 192 -0.61 40.97 -26.90
CA GLN B 192 -1.86 40.85 -27.64
C GLN B 192 -2.94 40.15 -26.83
N VAL B 193 -2.57 39.40 -25.78
CA VAL B 193 -3.58 38.93 -24.85
C VAL B 193 -3.96 40.02 -23.88
N LEU B 194 -3.00 40.81 -23.42
CA LEU B 194 -3.24 41.89 -22.48
C LEU B 194 -4.02 43.03 -23.08
N SER B 195 -4.21 43.05 -24.40
CA SER B 195 -4.90 44.16 -25.04
C SER B 195 -6.15 43.69 -25.77
N ARG B 196 -6.94 42.84 -25.16
CA ARG B 196 -8.23 42.46 -25.73
C ARG B 196 -9.38 42.94 -24.85
N ARG B 197 -10.60 42.67 -25.30
CA ARG B 197 -11.77 43.31 -24.71
C ARG B 197 -12.12 42.73 -23.36
N THR B 198 -12.37 41.43 -23.31
CA THR B 198 -12.76 40.75 -22.08
C THR B 198 -11.78 39.63 -21.78
N LYS B 199 -11.57 39.38 -20.49
CA LYS B 199 -10.73 38.29 -20.03
C LYS B 199 -9.29 38.47 -20.52
N ASN B 200 -8.78 39.69 -20.39
CA ASN B 200 -7.47 40.04 -20.92
C ASN B 200 -6.43 39.93 -19.81
N ASN B 201 -6.06 38.71 -19.49
CA ASN B 201 -5.04 38.49 -18.46
C ASN B 201 -4.30 37.18 -18.68
N PRO B 202 -3.04 37.25 -19.10
CA PRO B 202 -2.28 36.04 -19.40
C PRO B 202 -1.61 35.46 -18.16
N VAL B 203 -1.10 34.24 -18.33
CA VAL B 203 -0.40 33.52 -17.28
C VAL B 203 0.78 32.81 -17.91
N LEU B 204 1.99 33.23 -17.57
CA LEU B 204 3.19 32.57 -18.07
C LEU B 204 3.41 31.29 -17.29
N ILE B 205 3.68 30.20 -17.99
CA ILE B 205 3.73 28.88 -17.39
C ILE B 205 4.87 28.09 -18.03
N GLY B 206 5.60 27.35 -17.22
CA GLY B 206 6.76 26.62 -17.70
C GLY B 206 7.55 26.04 -16.55
N GLU B 207 8.76 25.59 -16.87
CA GLU B 207 9.63 24.98 -15.88
C GLU B 207 10.36 26.06 -15.08
N PRO B 208 10.94 25.71 -13.94
CA PRO B 208 11.62 26.72 -13.13
C PRO B 208 13.02 27.01 -13.65
N GLY B 209 13.25 28.25 -14.06
CA GLY B 209 14.55 28.71 -14.50
C GLY B 209 14.62 29.07 -15.97
N VAL B 210 13.51 28.95 -16.70
CA VAL B 210 13.54 29.20 -18.13
C VAL B 210 13.34 30.66 -18.49
N GLY B 211 12.91 31.47 -17.54
CA GLY B 211 12.70 32.89 -17.75
C GLY B 211 11.25 33.22 -17.96
N LYS B 212 10.58 33.61 -16.90
CA LYS B 212 9.18 34.03 -16.93
C LYS B 212 8.95 35.31 -16.18
N THR B 213 9.73 35.58 -15.13
CA THR B 213 9.80 36.92 -14.58
C THR B 213 10.60 37.84 -15.49
N ALA B 214 11.57 37.29 -16.21
CA ALA B 214 12.35 38.09 -17.13
C ALA B 214 11.52 38.59 -18.29
N ILE B 215 10.49 37.84 -18.69
CA ILE B 215 9.62 38.33 -19.76
C ILE B 215 8.81 39.53 -19.29
N VAL B 216 8.29 39.48 -18.06
CA VAL B 216 7.54 40.62 -17.55
C VAL B 216 8.46 41.82 -17.37
N GLU B 217 9.69 41.60 -16.92
CA GLU B 217 10.62 42.72 -16.81
C GLU B 217 10.99 43.29 -18.16
N GLY B 218 11.17 42.45 -19.17
CA GLY B 218 11.43 42.95 -20.51
C GLY B 218 10.25 43.73 -21.07
N LEU B 219 9.03 43.30 -20.76
CA LEU B 219 7.87 44.06 -21.20
C LEU B 219 7.80 45.40 -20.51
N ALA B 220 8.16 45.46 -19.22
CA ALA B 220 8.19 46.73 -18.53
C ALA B 220 9.22 47.68 -19.16
N GLN B 221 10.41 47.16 -19.45
CA GLN B 221 11.42 47.99 -20.10
C GLN B 221 10.94 48.45 -21.48
N ARG B 222 10.22 47.58 -22.20
CA ARG B 222 9.73 47.93 -23.52
C ARG B 222 8.67 49.03 -23.43
N ILE B 223 7.80 48.97 -22.43
CA ILE B 223 6.85 50.05 -22.22
C ILE B 223 7.58 51.36 -21.91
N VAL B 224 8.58 51.31 -21.03
CA VAL B 224 9.32 52.52 -20.70
C VAL B 224 9.97 53.12 -21.94
N ALA B 225 10.53 52.28 -22.80
CA ALA B 225 11.18 52.78 -24.01
C ALA B 225 10.15 53.35 -24.98
N GLY B 226 9.05 52.63 -25.20
CA GLY B 226 8.02 53.10 -26.11
C GLY B 226 7.82 52.21 -27.32
N ASP B 227 8.04 50.91 -27.17
CA ASP B 227 7.92 49.97 -28.27
C ASP B 227 6.64 49.14 -28.21
N VAL B 228 5.56 49.70 -27.68
CA VAL B 228 4.31 48.97 -27.55
C VAL B 228 3.25 49.66 -28.40
N PRO B 229 2.18 48.96 -28.78
CA PRO B 229 1.11 49.62 -29.54
C PRO B 229 0.45 50.73 -28.73
N GLU B 230 -0.30 51.58 -29.43
CA GLU B 230 -0.89 52.75 -28.80
C GLU B 230 -1.90 52.37 -27.73
N SER B 231 -2.44 51.16 -27.79
CA SER B 231 -3.38 50.73 -26.78
C SER B 231 -2.73 50.39 -25.48
N LEU B 232 -1.41 50.55 -25.35
CA LEU B 232 -0.72 50.08 -24.15
C LEU B 232 0.37 51.05 -23.71
N ARG B 233 0.50 52.21 -24.35
CA ARG B 233 1.52 53.17 -23.97
C ARG B 233 1.16 53.89 -22.67
N ASP B 234 2.18 54.39 -22.00
CA ASP B 234 2.04 55.22 -20.80
C ASP B 234 1.19 54.53 -19.74
N LYS B 235 1.30 53.21 -19.67
CA LYS B 235 0.71 52.41 -18.61
C LYS B 235 1.74 52.28 -17.50
N THR B 236 1.30 51.80 -16.34
CA THR B 236 2.20 51.48 -15.24
C THR B 236 1.95 50.05 -14.80
N ILE B 237 3.02 49.30 -14.61
CA ILE B 237 2.94 47.91 -14.19
C ILE B 237 3.20 47.86 -12.69
N VAL B 238 2.16 47.65 -11.92
CA VAL B 238 2.26 47.62 -10.47
C VAL B 238 2.40 46.17 -10.04
N ALA B 239 3.25 45.92 -9.05
CA ALA B 239 3.56 44.57 -8.59
C ALA B 239 2.83 44.32 -7.28
N LEU B 240 1.67 43.69 -7.37
CA LEU B 240 0.87 43.41 -6.19
C LEU B 240 1.56 42.37 -5.32
N ASP B 241 1.25 42.38 -4.03
CA ASP B 241 1.97 41.55 -3.07
C ASP B 241 0.98 41.10 -2.00
N LEU B 242 0.46 39.88 -2.15
CA LEU B 242 -0.55 39.35 -1.25
C LEU B 242 -0.01 38.97 0.12
N GLY B 243 1.32 38.90 0.28
CA GLY B 243 1.88 38.53 1.56
C GLY B 243 1.75 39.62 2.60
N SER B 244 1.77 40.88 2.19
CA SER B 244 1.66 42.00 3.11
C SER B 244 0.24 42.54 3.21
N MET B 245 -0.72 41.92 2.54
CA MET B 245 -2.12 42.23 2.75
C MET B 245 -2.76 41.31 3.78
N VAL B 246 -2.13 40.18 4.08
CA VAL B 246 -2.60 39.25 5.11
C VAL B 246 -1.84 39.47 6.42
N ALA B 247 -0.93 40.45 6.45
CA ALA B 247 -0.01 40.60 7.57
C ALA B 247 -0.73 40.83 8.89
N GLY B 248 -1.38 41.97 9.05
CA GLY B 248 -2.21 42.12 10.23
C GLY B 248 -3.67 42.11 9.86
N SER B 249 -4.33 40.97 10.02
CA SER B 249 -5.74 40.88 9.68
C SER B 249 -6.48 40.01 10.70
N LYS B 250 -6.20 40.24 11.99
CA LYS B 250 -6.86 39.44 13.01
C LYS B 250 -8.37 39.63 13.00
N TYR B 251 -8.82 40.87 13.05
CA TYR B 251 -10.24 41.16 13.10
C TYR B 251 -10.91 40.75 11.78
N ARG B 252 -12.21 40.47 11.85
CA ARG B 252 -12.87 39.67 10.85
C ARG B 252 -13.26 40.44 9.60
N GLY B 253 -12.70 41.60 9.35
CA GLY B 253 -12.98 42.28 8.10
C GLY B 253 -11.79 42.96 7.47
N GLU B 254 -10.63 42.86 8.11
CA GLU B 254 -9.49 43.68 7.70
C GLU B 254 -8.96 43.26 6.33
N PHE B 255 -8.79 41.96 6.11
CA PHE B 255 -8.26 41.53 4.82
C PHE B 255 -9.24 41.82 3.70
N GLU B 256 -10.52 41.49 3.88
CA GLU B 256 -11.51 41.76 2.84
C GLU B 256 -11.59 43.25 2.55
N GLU B 257 -11.48 44.08 3.57
CA GLU B 257 -11.56 45.52 3.36
C GLU B 257 -10.35 46.04 2.60
N ARG B 258 -9.15 45.59 2.98
CA ARG B 258 -7.95 45.97 2.24
C ARG B 258 -8.05 45.57 0.77
N LEU B 259 -8.46 44.33 0.52
CA LEU B 259 -8.54 43.85 -0.84
C LEU B 259 -9.58 44.63 -1.64
N LYS B 260 -10.71 44.95 -1.02
CA LYS B 260 -11.73 45.72 -1.72
C LYS B 260 -11.24 47.12 -2.02
N ALA B 261 -10.49 47.72 -1.10
CA ALA B 261 -9.93 49.05 -1.34
C ALA B 261 -8.95 49.03 -2.51
N VAL B 262 -8.10 48.00 -2.57
CA VAL B 262 -7.14 47.91 -3.67
C VAL B 262 -7.85 47.70 -4.99
N LEU B 263 -8.86 46.83 -5.02
CA LEU B 263 -9.59 46.59 -6.26
C LEU B 263 -10.33 47.85 -6.71
N ASP B 264 -10.89 48.59 -5.77
CA ASP B 264 -11.56 49.83 -6.14
C ASP B 264 -10.57 50.88 -6.62
N ASP B 265 -9.35 50.88 -6.08
CA ASP B 265 -8.33 51.79 -6.60
C ASP B 265 -7.95 51.42 -8.02
N ILE B 266 -7.90 50.12 -8.33
CA ILE B 266 -7.59 49.71 -9.69
C ILE B 266 -8.74 50.05 -10.64
N LYS B 267 -9.98 49.97 -10.16
CA LYS B 267 -11.12 50.23 -11.03
C LYS B 267 -11.35 51.73 -11.23
N ASN B 268 -11.08 52.55 -10.22
CA ASN B 268 -11.27 53.98 -10.33
C ASN B 268 -10.32 54.61 -11.35
N SER B 269 -9.29 53.89 -11.76
CA SER B 269 -8.45 54.32 -12.87
C SER B 269 -9.20 54.07 -14.17
N ALA B 270 -8.55 54.32 -15.29
CA ALA B 270 -9.16 54.13 -16.60
C ALA B 270 -8.48 53.00 -17.34
N GLY B 271 -8.20 51.91 -16.64
CA GLY B 271 -7.41 50.85 -17.22
C GLY B 271 -5.97 51.24 -17.46
N GLN B 272 -5.47 52.24 -16.72
CA GLN B 272 -4.09 52.68 -16.84
C GLN B 272 -3.18 52.02 -15.82
N ILE B 273 -3.53 50.81 -15.37
CA ILE B 273 -2.75 50.07 -14.40
C ILE B 273 -2.80 48.60 -14.76
N ILE B 274 -1.65 47.95 -14.76
CA ILE B 274 -1.53 46.52 -15.05
C ILE B 274 -1.01 45.85 -13.78
N THR B 275 -1.84 45.00 -13.17
CA THR B 275 -1.43 44.34 -11.93
C THR B 275 -0.66 43.08 -12.25
N PHE B 276 0.42 42.85 -11.51
CA PHE B 276 1.33 41.73 -11.75
C PHE B 276 1.47 40.93 -10.46
N ILE B 277 0.81 39.79 -10.39
CA ILE B 277 0.95 38.87 -9.27
C ILE B 277 1.89 37.75 -9.69
N ASP B 278 3.03 37.64 -9.02
CA ASP B 278 3.99 36.60 -9.29
C ASP B 278 3.78 35.44 -8.32
N GLU B 279 3.90 34.22 -8.83
CA GLU B 279 3.54 33.03 -8.07
C GLU B 279 2.09 33.12 -7.60
N LEU B 280 1.18 33.18 -8.56
CA LEU B 280 -0.22 33.35 -8.20
C LEU B 280 -0.91 32.04 -7.87
N HIS B 281 -0.17 30.97 -7.64
CA HIS B 281 -0.79 29.84 -6.96
C HIS B 281 -1.05 30.15 -5.50
N THR B 282 -0.45 31.22 -4.99
CA THR B 282 -0.64 31.66 -3.61
C THR B 282 -1.87 32.54 -3.45
N ILE B 283 -2.80 32.50 -4.41
CA ILE B 283 -3.98 33.34 -4.37
C ILE B 283 -5.24 32.57 -3.96
N VAL B 284 -5.23 31.24 -4.08
CA VAL B 284 -6.45 30.48 -3.83
C VAL B 284 -6.76 30.42 -2.33
N GLY B 285 -5.76 30.62 -1.48
CA GLY B 285 -6.02 30.63 -0.06
C GLY B 285 -6.28 32.03 0.47
N ALA B 286 -5.45 32.47 1.42
CA ALA B 286 -5.49 33.82 1.94
C ALA B 286 -6.76 34.12 2.72
N GLY B 287 -7.67 33.16 2.80
CA GLY B 287 -8.95 33.40 3.42
C GLY B 287 -9.01 33.17 4.91
N ALA B 288 -8.70 31.95 5.35
CA ALA B 288 -8.82 31.61 6.76
C ALA B 288 -8.05 30.33 7.07
N ASP B 295 -13.30 32.05 1.20
CA ASP B 295 -13.78 33.35 0.76
C ASP B 295 -12.65 34.38 0.77
N ALA B 296 -11.70 34.19 -0.14
CA ALA B 296 -10.65 35.17 -0.43
C ALA B 296 -9.91 34.70 -1.67
N GLY B 297 -9.36 35.66 -2.41
CA GLY B 297 -8.94 35.35 -3.76
C GLY B 297 -10.05 34.77 -4.61
N ASN B 298 -11.30 35.00 -4.22
CA ASN B 298 -12.47 34.42 -4.84
C ASN B 298 -13.48 35.55 -5.04
N MET B 299 -13.23 36.66 -4.36
CA MET B 299 -13.94 37.90 -4.62
C MET B 299 -13.32 38.70 -5.75
N ILE B 300 -12.54 38.04 -6.61
CA ILE B 300 -11.85 38.72 -7.70
C ILE B 300 -12.34 38.27 -9.06
N LYS B 301 -13.12 37.20 -9.12
CA LYS B 301 -13.66 36.65 -10.35
C LYS B 301 -14.58 37.62 -11.10
N PRO B 302 -15.44 38.38 -10.40
CA PRO B 302 -16.24 39.37 -11.14
C PRO B 302 -15.41 40.31 -11.98
N MET B 303 -14.41 40.95 -11.38
CA MET B 303 -13.56 41.85 -12.16
C MET B 303 -12.69 41.11 -13.14
N LEU B 304 -12.27 39.89 -12.80
CA LEU B 304 -11.43 39.12 -13.73
C LEU B 304 -12.15 38.85 -15.03
N ALA B 305 -13.36 38.31 -14.95
CA ALA B 305 -14.06 37.84 -16.14
C ALA B 305 -14.52 38.95 -17.08
N ARG B 306 -14.28 40.21 -16.74
CA ARG B 306 -14.71 41.32 -17.57
C ARG B 306 -13.56 42.16 -18.10
N GLY B 307 -12.35 41.95 -17.61
CA GLY B 307 -11.22 42.74 -18.06
C GLY B 307 -11.00 44.04 -17.33
N GLU B 308 -11.60 44.21 -16.15
CA GLU B 308 -11.43 45.46 -15.42
C GLU B 308 -10.01 45.62 -14.92
N LEU B 309 -9.39 44.52 -14.50
CA LEU B 309 -8.01 44.54 -14.04
C LEU B 309 -7.21 43.59 -14.92
N ARG B 310 -6.07 44.06 -15.41
CA ARG B 310 -5.26 43.30 -16.34
C ARG B 310 -4.15 42.60 -15.60
N LEU B 311 -4.28 41.27 -15.45
CA LEU B 311 -3.49 40.49 -14.49
C LEU B 311 -2.47 39.63 -15.23
N VAL B 312 -1.21 40.01 -15.15
CA VAL B 312 -0.12 39.20 -15.67
C VAL B 312 0.41 38.33 -14.53
N GLY B 313 0.43 37.02 -14.74
CA GLY B 313 0.88 36.09 -13.73
C GLY B 313 2.03 35.23 -14.18
N ALA B 314 2.53 34.42 -13.25
CA ALA B 314 3.62 33.50 -13.55
C ALA B 314 3.66 32.44 -12.46
N THR B 315 3.54 31.18 -12.86
CA THR B 315 3.72 30.05 -11.96
C THR B 315 4.48 28.96 -12.69
N THR B 316 4.97 27.98 -11.94
CA THR B 316 5.64 26.88 -12.57
C THR B 316 4.62 25.93 -13.19
N LEU B 317 5.11 24.83 -13.74
CA LEU B 317 4.28 23.97 -14.58
C LEU B 317 3.42 23.02 -13.77
N ASP B 318 3.72 22.83 -12.49
CA ASP B 318 2.96 21.87 -11.68
C ASP B 318 2.53 22.43 -10.33
N GLU B 319 2.72 23.72 -10.07
CA GLU B 319 1.91 24.39 -9.07
C GLU B 319 0.57 24.79 -9.66
N TYR B 320 0.55 25.08 -10.96
CA TYR B 320 -0.70 25.31 -11.67
C TYR B 320 -1.63 24.11 -11.52
N ARG B 321 -1.18 22.94 -12.00
CA ARG B 321 -2.00 21.74 -11.94
C ARG B 321 -2.38 21.39 -10.51
N LYS B 322 -1.59 21.81 -9.55
CA LYS B 322 -1.79 21.37 -8.18
C LYS B 322 -2.74 22.27 -7.41
N HIS B 323 -2.71 23.58 -7.66
CA HIS B 323 -3.50 24.53 -6.89
C HIS B 323 -4.59 25.21 -7.70
N ILE B 324 -4.30 25.57 -8.96
CA ILE B 324 -5.27 26.35 -9.71
C ILE B 324 -6.21 25.46 -10.49
N GLU B 325 -5.71 24.40 -11.10
CA GLU B 325 -6.57 23.50 -11.86
C GLU B 325 -7.56 22.76 -10.98
N LYS B 326 -7.48 22.93 -9.67
CA LYS B 326 -8.46 22.40 -8.74
C LYS B 326 -9.73 23.25 -8.69
N ASP B 327 -9.69 24.46 -9.24
CA ASP B 327 -10.75 25.46 -9.12
C ASP B 327 -11.21 25.89 -10.50
N ALA B 328 -11.59 24.91 -11.32
CA ALA B 328 -11.82 25.11 -12.76
C ALA B 328 -12.69 26.31 -13.09
N ALA B 329 -13.47 26.81 -12.14
CA ALA B 329 -14.18 28.05 -12.39
C ALA B 329 -13.28 29.27 -12.42
N LEU B 330 -12.14 29.21 -11.72
CA LEU B 330 -11.17 30.30 -11.71
C LEU B 330 -10.19 30.24 -12.87
N GLU B 331 -9.68 29.07 -13.20
CA GLU B 331 -8.71 28.97 -14.29
C GLU B 331 -9.37 29.05 -15.65
N ARG B 332 -10.67 29.28 -15.73
CA ARG B 332 -11.28 29.64 -17.01
C ARG B 332 -10.86 31.03 -17.44
N ARG B 333 -10.49 31.88 -16.49
CA ARG B 333 -10.26 33.29 -16.73
C ARG B 333 -8.80 33.63 -16.97
N PHE B 334 -7.97 32.62 -17.21
CA PHE B 334 -6.55 32.83 -17.49
C PHE B 334 -6.21 32.24 -18.83
N GLN B 335 -5.26 32.86 -19.51
CA GLN B 335 -4.85 32.47 -20.86
C GLN B 335 -3.41 32.00 -20.81
N GLN B 336 -3.21 30.69 -20.74
CA GLN B 336 -1.86 30.15 -20.57
C GLN B 336 -0.95 30.56 -21.71
N VAL B 337 0.28 30.93 -21.37
CA VAL B 337 1.31 31.26 -22.33
C VAL B 337 2.48 30.34 -22.01
N TYR B 338 2.81 29.43 -22.93
CA TYR B 338 3.80 28.42 -22.63
C TYR B 338 5.20 28.95 -22.92
N VAL B 339 6.06 28.93 -21.91
CA VAL B 339 7.43 29.41 -22.00
C VAL B 339 8.34 28.20 -21.91
N GLY B 340 8.96 27.83 -23.03
CA GLY B 340 9.86 26.71 -23.04
C GLY B 340 11.31 27.13 -22.86
N GLU B 341 12.17 26.16 -22.55
CA GLU B 341 13.54 26.57 -22.28
C GLU B 341 14.31 26.74 -23.59
N PRO B 342 15.26 27.67 -23.64
CA PRO B 342 15.98 27.92 -24.89
C PRO B 342 17.04 26.87 -25.18
N SER B 343 17.76 27.05 -26.26
CA SER B 343 18.81 26.13 -26.66
C SER B 343 20.19 26.70 -26.31
N VAL B 344 21.24 26.02 -26.75
CA VAL B 344 22.59 26.42 -26.36
C VAL B 344 23.00 27.71 -27.07
N GLU B 345 22.72 27.80 -28.37
CA GLU B 345 23.08 29.02 -29.08
C GLU B 345 22.16 30.19 -28.76
N ASP B 346 21.11 29.97 -27.99
CA ASP B 346 20.33 31.07 -27.42
C ASP B 346 20.88 31.49 -26.07
N THR B 347 21.25 30.50 -25.24
CA THR B 347 21.91 30.82 -23.98
C THR B 347 23.21 31.58 -24.20
N ILE B 348 23.92 31.30 -25.30
CA ILE B 348 25.15 32.02 -25.57
C ILE B 348 24.86 33.50 -25.80
N GLY B 349 23.82 33.80 -26.58
CA GLY B 349 23.45 35.19 -26.79
C GLY B 349 23.00 35.87 -25.52
N ILE B 350 22.24 35.16 -24.69
CA ILE B 350 21.80 35.72 -23.42
C ILE B 350 23.00 36.05 -22.54
N LEU B 351 24.00 35.17 -22.50
CA LEU B 351 25.19 35.42 -21.71
C LEU B 351 25.98 36.60 -22.25
N ARG B 352 26.11 36.68 -23.58
CA ARG B 352 26.78 37.83 -24.18
C ARG B 352 26.09 39.13 -23.81
N GLY B 353 24.77 39.12 -23.71
CA GLY B 353 24.05 40.30 -23.29
C GLY B 353 24.20 40.63 -21.81
N LEU B 354 24.28 39.61 -20.96
CA LEU B 354 24.31 39.81 -19.52
C LEU B 354 25.72 40.02 -18.96
N LYS B 355 26.76 39.75 -19.75
CA LYS B 355 28.13 39.74 -19.22
C LYS B 355 28.51 41.04 -18.52
N ASP B 356 28.23 42.18 -19.14
CA ASP B 356 28.69 43.47 -18.64
C ASP B 356 28.12 43.85 -17.29
N ARG B 357 27.21 43.07 -16.73
CA ARG B 357 26.66 43.37 -15.42
C ARG B 357 27.36 42.61 -14.31
N TYR B 358 27.94 41.45 -14.64
CA TYR B 358 28.79 40.73 -13.71
C TYR B 358 30.23 41.22 -13.76
N GLU B 359 30.69 41.58 -14.96
CA GLU B 359 32.03 42.16 -15.09
C GLU B 359 32.22 43.36 -14.18
N VAL B 360 31.16 44.11 -13.91
CA VAL B 360 31.28 45.30 -13.07
C VAL B 360 31.14 44.95 -11.59
N HIS B 361 30.23 44.04 -11.24
CA HIS B 361 30.06 43.66 -9.84
C HIS B 361 31.34 43.03 -9.30
N HIS B 362 31.86 42.01 -9.98
CA HIS B 362 33.18 41.47 -9.67
C HIS B 362 34.15 42.14 -10.64
N GLY B 363 35.04 42.97 -10.12
CA GLY B 363 35.83 43.80 -10.99
C GLY B 363 36.87 43.03 -11.79
N VAL B 364 36.40 42.17 -12.69
CA VAL B 364 37.25 41.33 -13.51
C VAL B 364 36.78 41.41 -14.96
N ARG B 365 37.42 40.64 -15.82
CA ARG B 365 37.05 40.54 -17.22
C ARG B 365 36.66 39.11 -17.55
N ILE B 366 35.60 38.97 -18.35
CA ILE B 366 35.06 37.68 -18.71
C ILE B 366 35.20 37.49 -20.21
N THR B 367 35.72 36.34 -20.62
CA THR B 367 36.07 36.08 -22.00
C THR B 367 34.93 35.39 -22.74
N ASP B 368 34.74 35.78 -24.01
CA ASP B 368 33.76 35.09 -24.83
C ASP B 368 34.04 33.60 -24.94
N SER B 369 35.31 33.20 -24.98
CA SER B 369 35.64 31.77 -24.97
C SER B 369 35.15 31.08 -23.70
N ALA B 370 34.99 31.82 -22.62
CA ALA B 370 34.39 31.29 -21.40
C ALA B 370 32.88 31.28 -21.45
N LEU B 371 32.27 32.29 -22.08
CA LEU B 371 30.82 32.29 -22.22
C LEU B 371 30.32 31.10 -23.03
N VAL B 372 31.07 30.66 -24.03
CA VAL B 372 30.65 29.51 -24.83
C VAL B 372 30.78 28.22 -24.03
N ALA B 373 31.89 28.08 -23.30
CA ALA B 373 32.09 26.88 -22.50
C ALA B 373 31.10 26.78 -21.36
N ALA B 374 30.67 27.92 -20.81
CA ALA B 374 29.69 27.88 -19.73
C ALA B 374 28.35 27.36 -20.19
N ALA B 375 28.02 27.49 -21.48
CA ALA B 375 26.78 26.95 -22.00
C ALA B 375 26.95 25.54 -22.55
N THR B 376 28.13 25.22 -23.06
CA THR B 376 28.36 23.87 -23.57
C THR B 376 28.52 22.86 -22.44
N LEU B 377 29.33 23.19 -21.43
CA LEU B 377 29.60 22.23 -20.37
C LEU B 377 28.38 21.98 -19.49
N SER B 378 27.68 23.03 -19.09
CA SER B 378 26.54 22.90 -18.18
C SER B 378 25.36 22.19 -18.82
N ASP B 379 25.45 21.83 -20.09
CA ASP B 379 24.37 21.13 -20.77
C ASP B 379 24.55 19.62 -20.77
N ARG B 380 25.76 19.12 -20.55
CA ARG B 380 26.01 17.69 -20.52
C ARG B 380 26.35 17.18 -19.13
N TYR B 381 26.65 18.05 -18.18
CA TYR B 381 27.06 17.62 -16.85
C TYR B 381 26.02 17.88 -15.79
N ILE B 382 25.24 18.95 -15.89
CA ILE B 382 24.29 19.35 -14.86
C ILE B 382 22.90 19.13 -15.44
N THR B 383 22.27 18.02 -15.08
CA THR B 383 21.05 17.59 -15.73
C THR B 383 19.78 17.79 -14.90
N ALA B 384 19.91 18.06 -13.62
CA ALA B 384 18.72 18.27 -12.80
C ALA B 384 18.16 19.68 -12.90
N ARG B 385 18.84 20.58 -13.60
CA ARG B 385 18.44 21.97 -13.69
C ARG B 385 18.28 22.36 -15.15
N PHE B 386 17.74 23.56 -15.36
CA PHE B 386 17.37 24.03 -16.68
C PHE B 386 18.26 25.18 -17.11
N LEU B 387 18.07 25.61 -18.35
CA LEU B 387 18.91 26.57 -19.06
C LEU B 387 18.70 27.96 -18.47
N PRO B 388 19.02 29.04 -19.17
CA PRO B 388 20.08 29.96 -18.71
C PRO B 388 20.45 29.89 -17.24
N ASP B 389 19.49 29.74 -16.34
CA ASP B 389 19.80 29.60 -14.91
C ASP B 389 21.08 28.83 -14.63
N LYS B 390 21.23 27.64 -15.20
CA LYS B 390 22.37 26.80 -14.87
C LYS B 390 23.62 27.15 -15.67
N ALA B 391 23.58 28.18 -16.51
CA ALA B 391 24.77 28.66 -17.19
C ALA B 391 25.29 29.97 -16.64
N ILE B 392 24.44 30.75 -15.97
CA ILE B 392 24.88 31.97 -15.31
C ILE B 392 25.60 31.66 -14.01
N ASP B 393 25.26 30.54 -13.37
CA ASP B 393 25.87 30.20 -12.10
C ASP B 393 27.36 29.90 -12.25
N LEU B 394 27.72 29.23 -13.34
CA LEU B 394 29.14 28.94 -13.58
C LEU B 394 29.92 30.24 -13.75
N VAL B 395 29.38 31.17 -14.54
CA VAL B 395 30.06 32.44 -14.76
C VAL B 395 30.19 33.21 -13.44
N ASP B 396 29.13 33.22 -12.64
CA ASP B 396 29.14 33.95 -11.39
C ASP B 396 30.17 33.39 -10.43
N GLU B 397 30.19 32.06 -10.25
CA GLU B 397 31.15 31.47 -9.32
C GLU B 397 32.57 31.60 -9.83
N ALA B 398 32.80 31.48 -11.14
CA ALA B 398 34.13 31.67 -11.67
C ALA B 398 34.62 33.08 -11.40
N ALA B 399 33.78 34.08 -11.65
CA ALA B 399 34.16 35.46 -11.37
C ALA B 399 34.45 35.66 -9.89
N SER B 400 33.61 35.11 -9.01
CA SER B 400 33.81 35.32 -7.59
C SER B 400 35.11 34.68 -7.11
N ARG B 401 35.42 33.48 -7.59
CA ARG B 401 36.68 32.84 -7.22
C ARG B 401 37.87 33.64 -7.74
N LEU B 402 37.79 34.14 -8.97
CA LEU B 402 38.89 34.90 -9.51
C LEU B 402 39.11 36.20 -8.73
N ARG B 403 38.03 36.80 -8.23
CA ARG B 403 38.20 38.00 -7.41
C ARG B 403 38.84 37.65 -6.07
N MET B 404 38.40 36.56 -5.44
CA MET B 404 39.05 36.10 -4.22
C MET B 404 40.55 35.90 -4.44
N GLU B 405 40.93 35.36 -5.60
CA GLU B 405 42.35 35.12 -5.86
C GLU B 405 43.09 36.42 -6.20
N ILE B 406 42.41 37.35 -6.88
CA ILE B 406 43.02 38.64 -7.18
C ILE B 406 43.27 39.41 -5.89
N ASP B 407 42.52 39.08 -4.84
CA ASP B 407 42.84 39.55 -3.50
C ASP B 407 44.03 38.76 -2.98
N SER B 408 44.20 38.71 -1.66
CA SER B 408 45.47 38.43 -1.01
C SER B 408 46.40 37.47 -1.74
N ARG B 409 45.95 36.26 -2.04
CA ARG B 409 46.90 35.35 -2.67
C ARG B 409 46.19 34.25 -3.46
N PRO B 410 46.90 33.54 -4.36
CA PRO B 410 46.23 32.50 -5.16
C PRO B 410 45.90 31.27 -4.35
N VAL B 411 45.48 30.21 -5.04
CA VAL B 411 45.08 28.96 -4.39
C VAL B 411 46.26 28.00 -4.57
N GLU B 412 46.18 26.83 -3.95
CA GLU B 412 47.22 25.79 -3.90
C GLU B 412 48.54 26.34 -3.39
N ILE B 413 48.51 27.54 -2.80
CA ILE B 413 49.56 27.97 -1.89
C ILE B 413 48.86 28.16 -0.54
N ASP B 414 47.62 28.61 -0.61
CA ASP B 414 46.75 28.76 0.54
C ASP B 414 46.49 27.43 1.23
N GLU B 415 46.32 26.36 0.45
CA GLU B 415 46.18 25.02 1.00
C GLU B 415 47.47 24.51 1.63
N VAL B 416 48.60 24.70 0.95
CA VAL B 416 49.86 24.16 1.44
C VAL B 416 50.24 24.81 2.76
N GLU B 417 50.15 26.14 2.87
CA GLU B 417 50.54 26.73 4.15
C GLU B 417 49.53 26.42 5.25
N ARG B 418 48.24 26.41 4.92
CA ARG B 418 47.21 26.05 5.88
C ARG B 418 47.38 24.62 6.40
N LEU B 419 47.95 23.74 5.60
CA LEU B 419 48.21 22.37 6.03
C LEU B 419 49.51 22.28 6.85
N VAL B 420 50.55 22.99 6.42
CA VAL B 420 51.80 22.99 7.17
C VAL B 420 51.59 23.53 8.57
N ARG B 421 50.70 24.52 8.72
CA ARG B 421 50.43 25.09 10.03
C ARG B 421 49.85 24.03 10.97
N ARG B 422 48.88 23.26 10.49
CA ARG B 422 48.25 22.22 11.31
C ARG B 422 49.23 21.10 11.60
N LEU B 423 50.05 20.72 10.62
CA LEU B 423 51.07 19.70 10.84
C LEU B 423 52.03 20.12 11.94
N GLU B 424 52.46 21.39 11.92
CA GLU B 424 53.35 21.88 12.96
C GLU B 424 52.65 21.92 14.32
N ILE B 425 51.39 22.33 14.33
CA ILE B 425 50.63 22.35 15.58
C ILE B 425 50.53 20.95 16.20
N GLU B 426 50.35 19.93 15.37
CA GLU B 426 50.24 18.57 15.90
C GLU B 426 51.60 18.00 16.27
N GLU B 427 52.65 18.36 15.54
CA GLU B 427 53.99 17.92 15.90
C GLU B 427 54.44 18.54 17.22
N MET B 428 53.98 19.76 17.52
CA MET B 428 54.31 20.41 18.77
C MET B 428 53.41 19.94 19.92
N ALA B 429 52.73 18.81 19.73
CA ALA B 429 51.96 18.18 20.80
C ALA B 429 52.26 16.68 20.82
N LEU B 430 52.85 16.18 19.74
CA LEU B 430 53.29 14.79 19.69
C LEU B 430 54.70 14.57 20.24
N SER B 431 55.49 15.64 20.42
CA SER B 431 56.84 15.45 20.93
C SER B 431 56.83 15.16 22.43
N LYS B 432 55.85 15.71 23.17
CA LYS B 432 55.78 15.52 24.61
C LYS B 432 54.87 14.35 24.99
N GLU B 433 55.17 13.18 24.43
CA GLU B 433 54.42 11.95 24.72
C GLU B 433 55.39 10.92 25.30
N GLU B 434 55.06 10.40 26.48
CA GLU B 434 55.90 9.42 27.14
C GLU B 434 55.53 8.00 26.73
N ASP B 435 55.39 7.78 25.43
CA ASP B 435 54.94 6.51 24.89
C ASP B 435 56.01 5.93 23.97
N GLU B 436 56.02 4.60 23.90
CA GLU B 436 56.96 3.89 23.05
C GLU B 436 56.30 3.58 21.71
N ALA B 437 54.97 3.47 21.72
CA ALA B 437 54.24 3.28 20.48
C ALA B 437 54.11 4.59 19.70
N SER B 438 53.84 5.69 20.40
CA SER B 438 53.68 7.00 19.78
C SER B 438 55.01 7.60 19.34
N ALA B 439 56.11 6.86 19.45
CA ALA B 439 57.41 7.39 19.04
C ALA B 439 57.65 7.20 17.56
N GLU B 440 56.97 6.24 16.94
CA GLU B 440 57.13 5.99 15.51
C GLU B 440 56.13 6.76 14.66
N ARG B 441 55.03 7.24 15.24
CA ARG B 441 54.12 8.11 14.53
C ARG B 441 54.67 9.54 14.43
N LEU B 442 55.60 9.89 15.32
CA LEU B 442 56.29 11.16 15.25
C LEU B 442 57.38 11.17 14.18
N ALA B 443 57.84 10.01 13.75
CA ALA B 443 58.90 9.92 12.76
C ALA B 443 58.39 10.01 11.33
N LYS B 444 57.09 9.86 11.11
CA LYS B 444 56.48 10.02 9.79
C LYS B 444 55.82 11.38 9.62
N LEU B 445 55.22 11.91 10.69
CA LEU B 445 54.68 13.26 10.66
C LEU B 445 55.76 14.27 10.31
N ARG B 446 56.96 14.10 10.87
CA ARG B 446 58.06 15.00 10.59
C ARG B 446 58.44 14.94 9.11
N SER B 447 58.54 13.73 8.57
CA SER B 447 58.88 13.53 7.17
C SER B 447 57.86 14.19 6.26
N GLU B 448 56.58 13.98 6.55
CA GLU B 448 55.52 14.57 5.72
C GLU B 448 55.55 16.09 5.82
N LEU B 449 55.80 16.62 7.03
CA LEU B 449 55.88 18.06 7.20
C LEU B 449 57.02 18.64 6.37
N ALA B 450 58.16 17.93 6.34
CA ALA B 450 59.27 18.39 5.52
C ALA B 450 58.93 18.35 4.03
N ASP B 451 58.28 17.27 3.59
CA ASP B 451 57.89 17.19 2.18
C ASP B 451 56.91 18.30 1.81
N GLN B 452 56.07 18.72 2.75
CA GLN B 452 55.12 19.79 2.46
C GLN B 452 55.81 21.15 2.46
N LYS B 453 56.78 21.34 3.37
CA LYS B 453 57.54 22.59 3.38
C LYS B 453 58.33 22.74 2.09
N GLU B 454 58.83 21.63 1.54
CA GLU B 454 59.56 21.68 0.27
C GLU B 454 58.67 22.19 -0.85
N LYS B 455 57.46 21.64 -0.96
CA LYS B 455 56.53 22.07 -1.99
C LYS B 455 56.11 23.52 -1.79
N LEU B 456 55.89 23.92 -0.54
CA LEU B 456 55.56 25.31 -0.24
C LEU B 456 56.66 26.23 -0.71
N ALA B 457 57.91 25.88 -0.40
CA ALA B 457 59.05 26.70 -0.81
C ALA B 457 59.11 26.82 -2.33
N GLU B 458 58.94 25.70 -3.03
CA GLU B 458 59.00 25.72 -4.49
C GLU B 458 57.92 26.62 -5.06
N LEU B 459 56.67 26.45 -4.61
CA LEU B 459 55.58 27.25 -5.16
C LEU B 459 55.75 28.73 -4.83
N THR B 460 56.20 29.04 -3.61
CA THR B 460 56.38 30.44 -3.24
C THR B 460 57.53 31.08 -4.03
N THR B 461 58.56 30.31 -4.34
CA THR B 461 59.64 30.85 -5.15
C THR B 461 59.21 31.07 -6.60
N ARG B 462 58.36 30.18 -7.12
CA ARG B 462 57.89 30.35 -8.50
C ARG B 462 56.88 31.50 -8.60
N TRP B 463 56.14 31.76 -7.53
CA TRP B 463 55.22 32.89 -7.52
C TRP B 463 55.97 34.21 -7.72
N GLN B 464 57.20 34.30 -7.20
CA GLN B 464 57.97 35.52 -7.35
C GLN B 464 58.37 35.74 -8.80
N ASN B 465 58.80 34.68 -9.48
CA ASN B 465 59.13 34.80 -10.90
C ASN B 465 57.89 35.17 -11.72
N GLU B 466 56.76 34.52 -11.42
CA GLU B 466 55.51 34.86 -12.10
C GLU B 466 55.10 36.31 -11.87
N LYS B 467 55.34 36.85 -10.68
CA LYS B 467 54.98 38.22 -10.35
C LYS B 467 55.98 39.24 -10.89
N ASN B 468 57.22 38.83 -11.14
CA ASN B 468 58.24 39.72 -11.70
C ASN B 468 58.15 39.79 -13.22
N ALA B 469 58.20 38.65 -13.89
CA ALA B 469 58.15 38.62 -15.35
C ALA B 469 56.70 38.67 -15.84
N LYS B 530 46.33 35.19 -15.75
CA LYS B 530 45.39 34.89 -14.68
C LYS B 530 44.71 36.15 -14.17
N GLU B 531 44.18 36.94 -15.11
CA GLU B 531 43.47 38.16 -14.78
C GLU B 531 42.09 38.22 -15.41
N GLU B 532 41.63 37.14 -16.02
CA GLU B 532 40.30 37.09 -16.60
C GLU B 532 39.84 35.64 -16.65
N VAL B 533 38.56 35.42 -16.40
CA VAL B 533 38.03 34.06 -16.32
C VAL B 533 38.05 33.45 -17.71
N GLY B 534 38.95 32.50 -17.93
CA GLY B 534 39.04 31.81 -19.18
C GLY B 534 38.11 30.62 -19.22
N PRO B 535 38.24 29.78 -20.25
CA PRO B 535 37.37 28.60 -20.35
C PRO B 535 37.76 27.46 -19.43
N ASP B 536 38.75 27.65 -18.55
CA ASP B 536 39.17 26.62 -17.62
C ASP B 536 38.61 26.83 -16.21
N ASP B 537 38.36 28.06 -15.81
CA ASP B 537 37.72 28.29 -14.53
C ASP B 537 36.29 27.78 -14.52
N ILE B 538 35.61 27.84 -15.67
CA ILE B 538 34.28 27.27 -15.77
C ILE B 538 34.34 25.77 -15.53
N ALA B 539 35.35 25.10 -16.10
CA ALA B 539 35.48 23.67 -15.89
C ALA B 539 35.84 23.36 -14.43
N ASP B 540 36.68 24.20 -13.82
CA ASP B 540 36.98 24.01 -12.40
C ASP B 540 35.72 24.10 -11.56
N VAL B 541 34.84 25.05 -11.88
CA VAL B 541 33.60 25.18 -11.12
C VAL B 541 32.71 23.97 -11.33
N VAL B 542 32.50 23.57 -12.60
CA VAL B 542 31.63 22.45 -12.89
C VAL B 542 32.22 21.13 -12.44
N SER B 543 33.49 21.11 -12.04
CA SER B 543 34.10 19.93 -11.47
C SER B 543 34.06 19.90 -9.95
N ALA B 544 34.17 21.06 -9.30
CA ALA B 544 33.87 21.12 -7.86
C ALA B 544 32.42 20.75 -7.62
N TRP B 545 31.51 21.41 -8.33
CA TRP B 545 30.15 20.91 -8.50
C TRP B 545 30.21 19.53 -9.16
N THR B 546 29.36 18.62 -8.69
CA THR B 546 29.10 17.34 -9.35
C THR B 546 30.25 16.34 -9.26
N GLY B 547 31.41 16.77 -8.77
CA GLY B 547 32.51 15.86 -8.55
C GLY B 547 33.16 15.26 -9.79
N ILE B 548 32.57 15.42 -10.97
CA ILE B 548 33.11 14.83 -12.18
C ILE B 548 34.38 15.57 -12.61
N PRO B 549 35.46 14.88 -12.90
CA PRO B 549 36.69 15.58 -13.34
C PRO B 549 36.62 16.01 -14.79
N ALA B 550 36.48 17.32 -15.02
CA ALA B 550 36.50 17.88 -16.37
C ALA B 550 37.53 19.01 -16.39
N GLY B 551 38.79 18.66 -16.63
CA GLY B 551 39.85 19.65 -16.68
C GLY B 551 40.68 19.53 -17.94
N ARG B 552 41.99 19.73 -17.81
CA ARG B 552 42.89 19.55 -18.95
C ARG B 552 44.19 18.85 -18.55
N LEU B 553 44.13 17.96 -17.56
CA LEU B 553 45.26 17.11 -17.19
C LEU B 553 46.47 17.96 -16.79
N LEU B 554 46.32 18.62 -15.65
CA LEU B 554 47.27 19.65 -15.25
C LEU B 554 48.61 19.08 -14.78
N GLU B 555 49.28 18.32 -15.65
CA GLU B 555 50.70 18.04 -15.58
C GLU B 555 51.08 17.19 -14.37
N GLY B 556 50.12 16.92 -13.49
CA GLY B 556 50.38 16.07 -12.35
C GLY B 556 49.50 14.85 -12.42
N GLU B 557 48.44 14.95 -13.22
CA GLU B 557 47.53 13.83 -13.43
C GLU B 557 47.93 13.01 -14.64
N THR B 558 48.50 13.64 -15.67
CA THR B 558 48.88 12.91 -16.87
C THR B 558 50.06 11.99 -16.60
N ALA B 559 51.01 12.44 -15.78
CA ALA B 559 52.11 11.57 -15.37
C ALA B 559 51.62 10.33 -14.65
N LYS B 560 50.51 10.43 -13.93
CA LYS B 560 49.91 9.31 -13.24
C LYS B 560 49.10 8.41 -14.16
N LEU B 561 48.35 9.00 -15.09
CA LEU B 561 47.58 8.21 -16.04
C LEU B 561 48.48 7.49 -17.03
N LEU B 562 49.71 7.96 -17.22
CA LEU B 562 50.61 7.26 -18.12
C LEU B 562 51.20 6.02 -17.46
N ARG B 563 51.23 5.98 -16.14
CA ARG B 563 51.63 4.78 -15.39
C ARG B 563 50.39 4.26 -14.67
N MET B 564 49.58 3.49 -15.38
CA MET B 564 48.39 2.91 -14.77
C MET B 564 48.43 1.39 -14.71
N GLU B 565 48.84 0.73 -15.79
CA GLU B 565 49.01 -0.71 -15.69
C GLU B 565 50.20 -1.12 -14.85
N ASP B 566 50.89 -0.16 -14.24
CA ASP B 566 51.90 -0.44 -13.24
C ASP B 566 51.41 -0.17 -11.82
N GLU B 567 50.40 0.68 -11.67
CA GLU B 567 49.77 0.86 -10.37
C GLU B 567 48.68 -0.17 -10.13
N LEU B 568 48.10 -0.70 -11.20
CA LEU B 568 47.19 -1.83 -11.07
C LEU B 568 47.94 -3.14 -10.92
N GLY B 569 49.20 -3.19 -11.36
CA GLY B 569 49.99 -4.39 -11.25
C GLY B 569 50.56 -4.62 -9.86
N LYS B 570 50.34 -3.66 -8.97
CA LYS B 570 50.70 -3.82 -7.57
C LYS B 570 49.65 -4.57 -6.77
N ARG B 571 48.49 -4.83 -7.36
CA ARG B 571 47.44 -5.59 -6.70
C ARG B 571 46.91 -6.75 -7.53
N VAL B 572 46.96 -6.68 -8.85
CA VAL B 572 46.47 -7.74 -9.72
C VAL B 572 47.62 -8.19 -10.59
N ILE B 573 48.09 -9.42 -10.38
CA ILE B 573 49.24 -9.95 -11.08
C ILE B 573 48.75 -10.75 -12.27
N GLY B 574 49.32 -10.49 -13.44
CA GLY B 574 48.87 -11.14 -14.65
C GLY B 574 47.69 -10.41 -15.24
N GLN B 575 46.94 -11.08 -16.12
CA GLN B 575 45.74 -10.50 -16.72
C GLN B 575 46.03 -9.17 -17.38
N LYS B 576 47.14 -9.11 -18.13
CA LYS B 576 47.49 -7.88 -18.82
C LYS B 576 46.48 -7.54 -19.90
N ALA B 577 45.91 -8.54 -20.54
CA ALA B 577 44.90 -8.30 -21.56
C ALA B 577 43.68 -7.58 -21.02
N ALA B 578 43.41 -7.68 -19.72
CA ALA B 578 42.30 -7.00 -19.08
C ALA B 578 42.70 -5.75 -18.32
N VAL B 579 43.95 -5.66 -17.87
CA VAL B 579 44.42 -4.40 -17.30
C VAL B 579 44.70 -3.39 -18.39
N THR B 580 45.21 -3.83 -19.53
CA THR B 580 45.48 -2.95 -20.65
C THR B 580 44.26 -2.60 -21.45
N ALA B 581 43.07 -2.89 -20.94
CA ALA B 581 41.82 -2.52 -21.60
C ALA B 581 40.90 -1.72 -20.70
N VAL B 582 41.06 -1.82 -19.37
CA VAL B 582 40.33 -0.95 -18.46
C VAL B 582 41.00 0.41 -18.39
N SER B 583 42.33 0.42 -18.30
CA SER B 583 43.07 1.66 -18.30
C SER B 583 43.08 2.34 -19.66
N ASP B 584 42.73 1.63 -20.72
CA ASP B 584 42.67 2.21 -22.05
C ASP B 584 41.39 2.98 -22.28
N ALA B 585 40.41 2.83 -21.38
CA ALA B 585 39.15 3.55 -21.49
C ALA B 585 39.11 4.78 -20.60
N VAL B 586 40.04 4.92 -19.67
CA VAL B 586 40.14 6.12 -18.87
C VAL B 586 40.99 7.17 -19.55
N ARG B 587 42.03 6.74 -20.27
CA ARG B 587 42.83 7.68 -21.03
C ARG B 587 42.00 8.39 -22.08
N ARG B 588 41.28 7.66 -22.91
CA ARG B 588 40.50 8.28 -23.96
C ARG B 588 39.20 8.88 -23.45
N SER B 589 39.05 9.01 -22.14
CA SER B 589 37.98 9.79 -21.54
C SER B 589 38.48 11.04 -20.84
N ARG B 590 39.68 10.99 -20.26
CA ARG B 590 40.32 12.21 -19.80
C ARG B 590 40.86 13.05 -20.94
N ALA B 591 41.23 12.43 -22.05
CA ALA B 591 41.75 13.15 -23.20
C ALA B 591 40.66 13.71 -24.10
N GLY B 592 39.39 13.56 -23.72
CA GLY B 592 38.30 14.13 -24.48
C GLY B 592 38.12 13.54 -25.86
N VAL B 593 38.28 12.22 -26.00
CA VAL B 593 38.12 11.57 -27.29
C VAL B 593 36.88 10.69 -27.35
N SER B 594 36.36 10.24 -26.22
CA SER B 594 35.30 9.24 -26.21
C SER B 594 33.94 9.88 -26.52
N ASP B 595 33.01 9.02 -26.89
CA ASP B 595 31.63 9.44 -27.17
C ASP B 595 31.05 10.13 -25.96
N PRO B 596 30.48 11.33 -26.10
CA PRO B 596 30.04 12.08 -24.93
C PRO B 596 28.74 11.61 -24.32
N ASN B 597 27.91 10.83 -25.02
CA ASN B 597 26.67 10.32 -24.43
C ASN B 597 26.61 8.80 -24.56
N ARG B 598 27.32 8.14 -23.64
CA ARG B 598 27.40 6.71 -23.38
C ARG B 598 28.28 6.54 -22.16
N PRO B 599 28.14 5.47 -21.40
CA PRO B 599 29.01 5.29 -20.23
C PRO B 599 30.48 5.25 -20.64
N THR B 600 31.32 5.68 -19.71
CA THR B 600 32.76 5.73 -19.98
C THR B 600 33.33 4.36 -20.29
N GLY B 601 32.63 3.29 -19.92
CA GLY B 601 33.03 1.95 -20.27
C GLY B 601 32.07 0.94 -19.69
N ALA B 602 31.63 -0.02 -20.51
CA ALA B 602 30.65 -1.03 -20.09
C ALA B 602 31.09 -2.36 -20.69
N PHE B 603 31.86 -3.12 -19.92
CA PHE B 603 32.43 -4.37 -20.41
C PHE B 603 32.36 -5.46 -19.35
N MET B 604 32.18 -6.69 -19.81
CA MET B 604 32.03 -7.87 -18.96
C MET B 604 33.25 -8.75 -19.09
N PHE B 605 33.90 -9.05 -17.98
CA PHE B 605 34.98 -10.01 -17.98
C PHE B 605 34.63 -11.22 -17.12
N LEU B 606 35.00 -12.40 -17.61
CA LEU B 606 34.61 -13.68 -17.02
C LEU B 606 35.73 -14.69 -17.22
N GLY B 607 35.81 -15.64 -16.29
CA GLY B 607 36.81 -16.68 -16.34
C GLY B 607 36.58 -17.70 -15.24
N PRO B 608 37.60 -18.50 -14.93
CA PRO B 608 37.46 -19.46 -13.83
C PRO B 608 37.48 -18.80 -12.46
N THR B 609 37.47 -19.59 -11.40
CA THR B 609 37.32 -19.09 -10.05
C THR B 609 38.68 -18.77 -9.42
N GLY B 610 38.68 -17.76 -8.56
CA GLY B 610 39.87 -17.39 -7.81
C GLY B 610 40.99 -16.85 -8.66
N VAL B 611 40.65 -16.11 -9.72
CA VAL B 611 41.61 -15.71 -10.74
C VAL B 611 41.92 -14.23 -10.65
N GLY B 612 40.97 -13.44 -10.15
CA GLY B 612 41.25 -12.04 -9.94
C GLY B 612 40.35 -11.07 -10.69
N LYS B 613 39.13 -11.49 -11.00
CA LYS B 613 38.22 -10.64 -11.75
C LYS B 613 37.38 -9.74 -10.86
N THR B 614 37.09 -10.14 -9.63
CA THR B 614 36.51 -9.23 -8.66
C THR B 614 37.57 -8.40 -7.95
N GLU B 615 38.83 -8.78 -8.05
CA GLU B 615 39.90 -7.98 -7.45
C GLU B 615 40.30 -6.82 -8.33
N LEU B 616 40.19 -6.98 -9.65
CA LEU B 616 40.49 -5.87 -10.56
C LEU B 616 39.46 -4.77 -10.43
N ALA B 617 38.20 -5.12 -10.20
CA ALA B 617 37.17 -4.11 -10.00
C ALA B 617 37.34 -3.36 -8.69
N LYS B 618 37.97 -3.97 -7.70
CA LYS B 618 38.25 -3.30 -6.43
C LYS B 618 39.61 -2.61 -6.41
N ALA B 619 40.51 -2.96 -7.32
CA ALA B 619 41.79 -2.30 -7.42
C ALA B 619 41.77 -1.10 -8.37
N LEU B 620 40.77 -1.04 -9.25
CA LEU B 620 40.56 0.11 -10.10
C LEU B 620 39.85 1.23 -9.35
N ALA B 621 38.81 0.89 -8.60
CA ALA B 621 38.12 1.85 -7.77
C ALA B 621 38.93 2.34 -6.64
N ASP B 622 40.11 1.77 -6.41
CA ASP B 622 40.94 2.16 -5.29
C ASP B 622 41.86 3.32 -5.59
N PHE B 623 42.19 3.57 -6.85
CA PHE B 623 43.07 4.68 -7.17
C PHE B 623 42.37 5.80 -7.92
N LEU B 624 41.11 5.62 -8.31
CA LEU B 624 40.36 6.73 -8.87
C LEU B 624 39.74 7.57 -7.77
N PHE B 625 39.30 6.95 -6.68
CA PHE B 625 38.70 7.64 -5.55
C PHE B 625 39.53 7.56 -4.29
N ASP B 626 40.63 6.82 -4.30
CA ASP B 626 41.50 6.62 -3.14
C ASP B 626 40.77 5.94 -1.98
N ASP B 627 39.63 5.31 -2.25
CA ASP B 627 38.91 4.55 -1.25
C ASP B 627 38.02 3.55 -1.97
N GLU B 628 38.29 2.27 -1.78
CA GLU B 628 37.57 1.23 -2.51
C GLU B 628 36.17 0.96 -1.99
N ARG B 629 35.77 1.64 -0.91
CA ARG B 629 34.38 1.59 -0.46
C ARG B 629 33.55 2.72 -1.05
N ALA B 630 34.06 3.40 -2.06
CA ALA B 630 33.36 4.49 -2.73
C ALA B 630 32.78 4.06 -4.07
N MET B 631 32.50 2.78 -4.22
CA MET B 631 31.94 2.25 -5.46
C MET B 631 30.63 1.54 -5.16
N VAL B 632 29.69 1.67 -6.08
CA VAL B 632 28.35 1.12 -5.91
C VAL B 632 28.43 -0.36 -6.29
N ARG B 633 28.23 -1.23 -5.31
CA ARG B 633 28.35 -2.66 -5.49
C ARG B 633 27.03 -3.34 -5.16
N ILE B 634 26.48 -4.07 -6.13
CA ILE B 634 25.26 -4.83 -5.90
C ILE B 634 25.56 -6.29 -6.26
N ASP B 635 25.05 -7.22 -5.47
CA ASP B 635 25.32 -8.64 -5.66
C ASP B 635 24.09 -9.29 -6.31
N MET B 636 24.28 -9.81 -7.51
CA MET B 636 23.17 -10.31 -8.32
C MET B 636 22.83 -11.76 -8.02
N SER B 637 23.35 -12.34 -6.94
CA SER B 637 22.89 -13.64 -6.51
C SER B 637 21.58 -13.56 -5.76
N GLU B 638 21.17 -12.37 -5.35
CA GLU B 638 19.91 -12.16 -4.65
C GLU B 638 18.77 -11.81 -5.57
N TYR B 639 19.04 -11.60 -6.85
CA TYR B 639 18.02 -11.29 -7.83
C TYR B 639 17.62 -12.57 -8.57
N GLY B 640 17.09 -13.51 -7.79
CA GLY B 640 16.72 -14.80 -8.34
C GLY B 640 15.36 -14.78 -9.00
N GLU B 641 14.38 -14.15 -8.37
CA GLU B 641 13.05 -14.03 -8.91
C GLU B 641 12.90 -12.70 -9.62
N LYS B 642 11.95 -12.63 -10.55
CA LYS B 642 11.85 -11.46 -11.41
C LYS B 642 11.31 -10.24 -10.69
N HIS B 643 10.50 -10.41 -9.65
CA HIS B 643 9.94 -9.25 -8.98
C HIS B 643 10.94 -8.53 -8.09
N THR B 644 12.19 -8.98 -8.07
CA THR B 644 13.26 -8.29 -7.35
C THR B 644 13.83 -7.13 -8.14
N VAL B 645 13.30 -6.86 -9.34
CA VAL B 645 13.74 -5.71 -10.10
C VAL B 645 13.33 -4.43 -9.39
N ALA B 646 12.18 -4.44 -8.73
CA ALA B 646 11.71 -3.28 -7.99
C ALA B 646 12.67 -2.84 -6.91
N ARG B 647 13.63 -3.69 -6.53
CA ARG B 647 14.56 -3.31 -5.48
C ARG B 647 15.51 -2.21 -5.93
N LEU B 648 15.83 -2.14 -7.22
CA LEU B 648 16.80 -1.17 -7.71
C LEU B 648 16.17 -0.12 -8.61
N ILE B 649 14.85 -0.06 -8.70
CA ILE B 649 14.20 0.92 -9.56
C ILE B 649 13.10 1.62 -8.79
N GLY B 650 12.72 1.06 -7.64
CA GLY B 650 11.71 1.64 -6.79
C GLY B 650 10.33 1.08 -7.07
N ALA B 651 9.37 1.56 -6.30
CA ALA B 651 7.99 1.11 -6.48
C ALA B 651 7.17 2.18 -7.18
N PRO B 652 6.20 1.79 -8.01
CA PRO B 652 5.36 2.77 -8.68
C PRO B 652 4.51 3.51 -7.67
N PRO B 653 3.93 4.66 -8.04
CA PRO B 653 3.17 5.44 -7.07
C PRO B 653 1.95 4.66 -6.58
N GLY B 654 1.64 4.82 -5.29
CA GLY B 654 0.50 4.18 -4.68
C GLY B 654 0.82 2.97 -3.84
N TYR B 655 2.06 2.52 -3.76
CA TYR B 655 2.40 1.27 -3.10
C TYR B 655 3.33 1.52 -1.91
N VAL B 656 3.66 0.44 -1.20
CA VAL B 656 4.15 0.53 0.17
C VAL B 656 5.44 1.33 0.26
N GLY B 657 6.52 0.82 -0.34
CA GLY B 657 7.74 1.58 -0.29
C GLY B 657 7.90 2.44 -1.53
N TYR B 658 7.46 3.68 -1.44
CA TYR B 658 7.49 4.57 -2.60
C TYR B 658 8.29 5.83 -2.35
N GLU B 659 8.12 6.46 -1.20
CA GLU B 659 8.86 7.68 -0.92
C GLU B 659 10.24 7.30 -0.39
N ALA B 660 10.91 6.40 -1.09
CA ALA B 660 12.30 6.06 -0.82
C ALA B 660 13.12 5.87 -2.09
N GLY B 661 12.49 5.81 -3.26
CA GLY B 661 13.21 5.72 -4.51
C GLY B 661 13.80 4.34 -4.72
N GLY B 662 14.61 4.25 -5.77
CA GLY B 662 15.35 3.04 -6.04
C GLY B 662 16.52 2.88 -5.10
N GLN B 663 17.33 1.89 -5.39
CA GLN B 663 18.52 1.61 -4.61
C GLN B 663 19.79 1.74 -5.42
N LEU B 664 19.77 1.31 -6.68
CA LEU B 664 20.84 1.65 -7.62
C LEU B 664 20.65 3.06 -8.16
N THR B 665 19.41 3.49 -8.36
CA THR B 665 19.15 4.81 -8.91
C THR B 665 19.56 5.91 -7.96
N GLU B 666 19.07 5.89 -6.72
CA GLU B 666 19.32 6.96 -5.78
C GLU B 666 20.76 7.02 -5.28
N ALA B 667 21.64 6.16 -5.77
CA ALA B 667 23.05 6.19 -5.39
C ALA B 667 23.95 6.77 -6.47
N VAL B 668 23.58 6.60 -7.74
CA VAL B 668 24.29 7.20 -8.86
C VAL B 668 23.78 8.61 -9.16
N ARG B 669 22.76 9.05 -8.44
CA ARG B 669 22.23 10.39 -8.62
C ARG B 669 22.86 11.40 -7.69
N ARG B 670 23.43 10.96 -6.57
CA ARG B 670 24.07 11.86 -5.63
C ARG B 670 25.54 12.08 -5.96
N ARG B 671 26.21 11.07 -6.51
CA ARG B 671 27.61 11.16 -6.91
C ARG B 671 27.74 10.44 -8.25
N PRO B 672 27.63 11.16 -9.36
CA PRO B 672 27.57 10.51 -10.68
C PRO B 672 28.95 10.21 -11.27
N TYR B 673 29.85 9.68 -10.45
CA TYR B 673 31.19 9.39 -10.93
C TYR B 673 31.73 8.06 -10.40
N THR B 674 30.92 7.25 -9.73
CA THR B 674 31.42 6.01 -9.17
C THR B 674 31.65 4.97 -10.27
N VAL B 675 32.06 3.77 -9.86
CA VAL B 675 32.04 2.60 -10.72
C VAL B 675 31.02 1.64 -10.15
N VAL B 676 30.33 0.93 -11.03
CA VAL B 676 29.22 0.06 -10.63
C VAL B 676 29.62 -1.39 -10.92
N LEU B 677 29.54 -2.23 -9.90
CA LEU B 677 30.01 -3.61 -9.98
C LEU B 677 28.82 -4.54 -9.84
N PHE B 678 28.34 -5.09 -10.96
CA PHE B 678 27.31 -6.13 -10.96
C PHE B 678 28.05 -7.46 -10.83
N ASP B 679 27.95 -8.08 -9.66
CA ASP B 679 28.76 -9.25 -9.35
C ASP B 679 27.91 -10.51 -9.46
N GLU B 680 28.50 -11.55 -10.08
CA GLU B 680 27.83 -12.83 -10.31
C GLU B 680 26.51 -12.63 -11.07
N ILE B 681 26.64 -12.05 -12.27
CA ILE B 681 25.47 -11.59 -13.01
C ILE B 681 24.63 -12.71 -13.58
N GLU B 682 25.22 -13.87 -13.89
CA GLU B 682 24.43 -14.94 -14.50
C GLU B 682 23.64 -15.74 -13.48
N LYS B 683 23.79 -15.45 -12.20
CA LYS B 683 22.95 -16.05 -11.17
C LYS B 683 21.59 -15.38 -11.09
N ALA B 684 21.34 -14.33 -11.86
CA ALA B 684 20.11 -13.58 -11.77
C ALA B 684 19.07 -14.12 -12.74
N HIS B 685 17.88 -13.56 -12.66
CA HIS B 685 16.79 -13.95 -13.55
C HIS B 685 16.91 -13.20 -14.87
N PRO B 686 16.65 -13.85 -15.99
CA PRO B 686 16.92 -13.19 -17.28
C PRO B 686 15.93 -12.10 -17.62
N ASP B 687 15.65 -11.22 -16.67
CA ASP B 687 14.89 -10.00 -16.88
C ASP B 687 15.59 -8.78 -16.30
N VAL B 688 16.39 -8.97 -15.25
CA VAL B 688 17.24 -7.90 -14.78
C VAL B 688 18.21 -7.49 -15.87
N PHE B 689 18.56 -8.40 -16.77
CA PHE B 689 19.33 -8.03 -17.95
C PHE B 689 18.57 -7.02 -18.80
N ASP B 690 17.29 -7.31 -19.05
CA ASP B 690 16.47 -6.37 -19.80
C ASP B 690 16.37 -5.02 -19.10
N VAL B 691 16.37 -5.00 -17.77
CA VAL B 691 16.37 -3.72 -17.07
C VAL B 691 17.70 -3.01 -17.29
N LEU B 692 18.80 -3.76 -17.35
CA LEU B 692 20.11 -3.19 -17.63
C LEU B 692 20.28 -2.84 -19.09
N LEU B 693 19.30 -3.15 -19.93
CA LEU B 693 19.50 -3.07 -21.37
C LEU B 693 19.69 -1.63 -21.84
N GLN B 694 19.08 -0.67 -21.15
CA GLN B 694 19.20 0.73 -21.52
C GLN B 694 20.30 1.46 -20.76
N VAL B 695 20.68 0.97 -19.57
CA VAL B 695 21.79 1.57 -18.85
C VAL B 695 23.05 1.53 -19.69
N LEU B 696 23.34 0.38 -20.30
CA LEU B 696 24.34 0.31 -21.34
C LEU B 696 23.83 0.97 -22.60
N ASP B 697 24.75 1.54 -23.38
CA ASP B 697 24.50 2.05 -24.72
C ASP B 697 23.69 3.34 -24.73
N GLU B 698 23.12 3.74 -23.60
CA GLU B 698 22.49 5.06 -23.53
C GLU B 698 22.77 5.82 -22.25
N GLY B 699 23.08 5.15 -21.15
CA GLY B 699 23.29 5.84 -19.89
C GLY B 699 22.07 6.55 -19.37
N ARG B 700 20.98 5.84 -19.19
CA ARG B 700 19.79 6.46 -18.60
C ARG B 700 18.92 5.38 -17.97
N LEU B 701 18.41 5.66 -16.78
CA LEU B 701 17.54 4.74 -16.08
C LEU B 701 16.57 5.55 -15.23
N THR B 702 15.27 5.30 -15.43
CA THR B 702 14.22 6.08 -14.79
C THR B 702 13.59 5.31 -13.65
N ASP B 703 13.36 5.99 -12.53
CA ASP B 703 12.81 5.35 -11.34
C ASP B 703 11.32 5.66 -11.21
N GLY B 704 10.74 5.27 -10.07
CA GLY B 704 9.30 5.44 -9.89
C GLY B 704 8.86 6.88 -9.81
N HIS B 705 9.71 7.76 -9.26
CA HIS B 705 9.37 9.18 -9.18
C HIS B 705 9.42 9.88 -10.52
N GLY B 706 9.82 9.20 -11.59
CA GLY B 706 9.90 9.82 -12.88
C GLY B 706 11.12 10.69 -13.09
N ARG B 707 12.23 10.39 -12.43
CA ARG B 707 13.48 11.09 -12.60
C ARG B 707 14.39 10.27 -13.50
N THR B 708 14.97 10.88 -14.51
CA THR B 708 15.97 10.19 -15.32
C THR B 708 17.34 10.38 -14.71
N VAL B 709 18.04 9.27 -14.47
CA VAL B 709 19.37 9.27 -13.89
C VAL B 709 20.34 8.87 -15.00
N ASP B 710 21.45 9.58 -15.11
CA ASP B 710 22.37 9.40 -16.21
C ASP B 710 23.60 8.62 -15.75
N PHE B 711 23.80 7.44 -16.33
CA PHE B 711 24.98 6.63 -16.09
C PHE B 711 26.03 6.89 -17.16
N ARG B 712 26.35 8.16 -17.40
CA ARG B 712 27.22 8.49 -18.52
C ARG B 712 28.66 8.73 -18.10
N ASN B 713 28.95 8.76 -16.81
CA ASN B 713 30.30 8.91 -16.32
C ASN B 713 30.76 7.73 -15.48
N THR B 714 29.93 6.71 -15.32
CA THR B 714 30.28 5.53 -14.54
C THR B 714 31.05 4.55 -15.41
N ILE B 715 31.68 3.57 -14.74
CA ILE B 715 32.37 2.49 -15.41
C ILE B 715 31.69 1.18 -15.01
N LEU B 716 30.82 0.68 -15.86
CA LEU B 716 30.09 -0.53 -15.52
C LEU B 716 30.95 -1.77 -15.70
N ILE B 717 30.83 -2.70 -14.75
CA ILE B 717 31.63 -3.91 -14.75
C ILE B 717 30.74 -5.08 -14.38
N LEU B 718 30.76 -6.14 -15.20
CA LEU B 718 29.93 -7.32 -14.99
C LEU B 718 30.83 -8.54 -14.94
N THR B 719 30.97 -9.15 -13.77
CA THR B 719 31.75 -10.36 -13.61
C THR B 719 30.86 -11.57 -13.66
N SER B 720 31.43 -12.70 -14.05
CA SER B 720 30.66 -13.91 -14.29
C SER B 720 31.60 -15.10 -14.20
N ASN B 721 31.02 -16.30 -14.36
CA ASN B 721 31.79 -17.53 -14.21
C ASN B 721 31.42 -18.58 -15.25
N LEU B 722 30.77 -18.20 -16.35
CA LEU B 722 30.38 -19.16 -17.36
C LEU B 722 31.60 -19.84 -17.97
N GLY B 723 31.37 -21.00 -18.57
CA GLY B 723 32.45 -21.78 -19.14
C GLY B 723 33.24 -22.54 -18.10
N SER B 724 33.94 -21.81 -17.25
CA SER B 724 34.66 -22.37 -16.09
C SER B 724 35.70 -23.41 -16.54
N GLY B 725 36.63 -22.94 -17.35
CA GLY B 725 37.70 -23.79 -17.86
C GLY B 725 37.65 -24.03 -19.36
N GLY B 726 36.50 -23.86 -19.99
CA GLY B 726 36.44 -23.98 -21.44
C GLY B 726 37.49 -23.09 -22.10
N SER B 727 38.09 -23.61 -23.17
CA SER B 727 39.29 -22.98 -23.70
C SER B 727 39.06 -21.56 -24.20
N ALA B 728 38.39 -21.42 -25.32
CA ALA B 728 38.06 -20.09 -25.81
C ALA B 728 36.61 -19.96 -26.26
N GLU B 729 36.06 -20.99 -26.90
CA GLU B 729 34.72 -20.94 -27.44
C GLU B 729 33.71 -21.70 -26.61
N GLN B 730 34.14 -22.74 -25.89
CA GLN B 730 33.22 -23.38 -24.95
C GLN B 730 32.80 -22.44 -23.84
N VAL B 731 33.54 -21.35 -23.64
CA VAL B 731 33.19 -20.33 -22.66
C VAL B 731 32.51 -19.19 -23.39
N LEU B 732 32.76 -19.08 -24.69
CA LEU B 732 32.12 -18.05 -25.49
C LEU B 732 30.79 -18.51 -26.07
N ALA B 733 30.64 -19.80 -26.38
CA ALA B 733 29.37 -20.34 -26.81
C ALA B 733 28.45 -20.66 -25.64
N ALA B 734 28.86 -20.31 -24.42
CA ALA B 734 27.98 -20.37 -23.26
C ALA B 734 27.40 -19.01 -22.92
N VAL B 735 28.16 -17.94 -23.15
CA VAL B 735 27.59 -16.60 -23.13
C VAL B 735 26.42 -16.52 -24.11
N ARG B 736 26.69 -16.85 -25.37
CA ARG B 736 25.70 -16.77 -26.44
C ARG B 736 24.52 -17.69 -26.20
N ALA B 737 24.54 -18.45 -25.11
CA ALA B 737 23.42 -19.32 -24.77
C ALA B 737 22.55 -18.73 -23.68
N THR B 738 23.11 -17.91 -22.79
CA THR B 738 22.33 -17.31 -21.72
C THR B 738 21.98 -15.85 -21.98
N PHE B 739 22.86 -15.08 -22.59
CA PHE B 739 22.58 -13.69 -22.94
C PHE B 739 22.10 -13.61 -24.38
N LYS B 740 21.28 -12.59 -24.66
CA LYS B 740 20.73 -12.41 -26.00
C LYS B 740 21.66 -11.54 -26.84
N PRO B 741 21.51 -11.57 -28.18
CA PRO B 741 22.42 -10.78 -29.02
C PRO B 741 22.28 -9.29 -28.79
N GLU B 742 21.07 -8.80 -28.60
CA GLU B 742 20.86 -7.39 -28.29
C GLU B 742 21.54 -6.98 -26.99
N PHE B 743 21.85 -7.92 -26.10
CA PHE B 743 22.61 -7.63 -24.89
C PHE B 743 24.11 -7.76 -25.09
N ILE B 744 24.57 -8.80 -25.79
CA ILE B 744 26.00 -8.91 -26.08
C ILE B 744 26.47 -7.85 -27.05
N ASN B 745 25.56 -7.11 -27.66
CA ASN B 745 25.95 -6.07 -28.61
C ASN B 745 26.17 -4.72 -27.94
N ARG B 746 25.61 -4.50 -26.76
CA ARG B 746 25.80 -3.24 -26.05
C ARG B 746 27.15 -3.17 -25.36
N LEU B 747 27.86 -4.30 -25.24
CA LEU B 747 29.06 -4.35 -24.44
C LEU B 747 30.29 -3.91 -25.22
N ASP B 748 31.29 -3.46 -24.49
CA ASP B 748 32.65 -3.35 -24.99
C ASP B 748 33.28 -4.74 -24.92
N ASP B 749 34.59 -4.81 -25.00
CA ASP B 749 35.31 -6.09 -24.96
C ASP B 749 34.75 -7.04 -23.90
N VAL B 750 34.64 -8.31 -24.27
CA VAL B 750 34.32 -9.38 -23.33
C VAL B 750 35.64 -10.06 -22.98
N LEU B 751 36.20 -9.71 -21.82
CA LEU B 751 37.56 -10.10 -21.50
C LEU B 751 37.60 -11.45 -20.79
N ILE B 752 38.35 -12.38 -21.37
CA ILE B 752 38.49 -13.73 -20.82
C ILE B 752 39.75 -13.77 -19.97
N PHE B 753 39.56 -13.92 -18.66
CA PHE B 753 40.69 -14.10 -17.76
C PHE B 753 41.27 -15.50 -17.96
N GLU B 754 42.48 -15.69 -17.47
CA GLU B 754 43.20 -16.94 -17.69
C GLU B 754 43.63 -17.53 -16.36
N GLY B 755 43.97 -18.81 -16.39
CA GLY B 755 44.48 -19.48 -15.21
C GLY B 755 45.78 -18.85 -14.73
N LEU B 756 46.25 -19.34 -13.60
CA LEU B 756 47.43 -18.79 -12.96
C LEU B 756 48.59 -19.77 -13.11
N ASN B 757 49.65 -19.34 -13.77
CA ASN B 757 50.85 -20.13 -13.91
C ASN B 757 51.58 -20.22 -12.58
N PRO B 758 52.48 -21.21 -12.42
CA PRO B 758 53.26 -21.26 -11.19
C PRO B 758 54.22 -20.11 -11.03
N GLU B 759 54.60 -19.44 -12.13
CA GLU B 759 55.55 -18.34 -12.04
C GLU B 759 54.89 -17.05 -11.57
N GLU B 760 53.60 -16.86 -11.88
CA GLU B 760 52.86 -15.70 -11.41
C GLU B 760 52.12 -15.99 -10.11
N LEU B 761 52.65 -16.91 -9.30
CA LEU B 761 52.15 -17.17 -7.96
C LEU B 761 53.17 -16.83 -6.89
N VAL B 762 54.47 -16.93 -7.20
CA VAL B 762 55.51 -16.54 -6.27
C VAL B 762 55.49 -15.05 -5.97
N ARG B 763 54.72 -14.28 -6.73
CA ARG B 763 54.51 -12.85 -6.47
C ARG B 763 53.24 -12.61 -5.66
N ILE B 764 52.20 -13.40 -5.92
CA ILE B 764 51.02 -13.37 -5.05
C ILE B 764 51.42 -13.75 -3.63
N VAL B 765 52.40 -14.64 -3.49
CA VAL B 765 52.90 -14.96 -2.15
C VAL B 765 53.47 -13.72 -1.48
N ASP B 766 54.27 -12.94 -2.21
CA ASP B 766 54.85 -11.73 -1.65
C ASP B 766 53.75 -10.74 -1.26
N ILE B 767 52.72 -10.62 -2.09
CA ILE B 767 51.62 -9.71 -1.77
C ILE B 767 50.90 -10.15 -0.51
N GLN B 768 50.64 -11.45 -0.37
CA GLN B 768 49.95 -11.96 0.82
C GLN B 768 50.79 -11.73 2.06
N LEU B 769 52.09 -11.97 1.97
CA LEU B 769 52.96 -11.76 3.12
C LEU B 769 53.06 -10.29 3.49
N ALA B 770 53.05 -9.40 2.49
CA ALA B 770 53.07 -7.98 2.79
C ALA B 770 51.78 -7.56 3.49
N GLN B 771 50.64 -8.08 3.04
CA GLN B 771 49.38 -7.76 3.71
C GLN B 771 49.38 -8.28 5.14
N LEU B 772 49.90 -9.49 5.36
CA LEU B 772 49.96 -10.01 6.73
C LEU B 772 50.87 -9.16 7.61
N GLY B 773 52.05 -8.79 7.10
CA GLY B 773 52.93 -7.93 7.87
C GLY B 773 52.32 -6.59 8.20
N LYS B 774 51.62 -5.98 7.24
CA LYS B 774 50.92 -4.74 7.52
C LYS B 774 49.80 -4.96 8.53
N ARG B 775 49.21 -6.14 8.55
CA ARG B 775 48.20 -6.47 9.56
C ARG B 775 48.80 -6.64 10.94
N LEU B 776 50.07 -7.04 11.02
CA LEU B 776 50.72 -7.24 12.31
C LEU B 776 51.35 -5.98 12.87
N ALA B 777 51.50 -4.92 12.08
CA ALA B 777 52.15 -3.72 12.57
C ALA B 777 51.38 -3.03 13.69
N GLN B 778 50.06 -3.25 13.78
CA GLN B 778 49.29 -2.76 14.92
C GLN B 778 49.81 -3.27 16.24
N ARG B 779 50.57 -4.35 16.24
CA ARG B 779 51.07 -4.97 17.45
C ARG B 779 52.57 -4.77 17.61
N ARG B 780 53.20 -4.00 16.72
CA ARG B 780 54.64 -3.78 16.71
C ARG B 780 55.37 -5.12 16.68
N LEU B 781 55.15 -5.85 15.59
CA LEU B 781 55.56 -7.25 15.51
C LEU B 781 55.84 -7.57 14.04
N GLN B 782 57.08 -7.93 13.73
CA GLN B 782 57.48 -8.25 12.38
C GLN B 782 57.75 -9.74 12.26
N LEU B 783 58.19 -10.14 11.07
CA LEU B 783 58.55 -11.53 10.82
C LEU B 783 59.36 -11.61 9.53
N GLN B 784 60.46 -12.37 9.58
CA GLN B 784 61.40 -12.47 8.47
C GLN B 784 61.23 -13.83 7.81
N VAL B 785 60.81 -13.84 6.55
CA VAL B 785 60.60 -15.07 5.79
C VAL B 785 61.82 -15.32 4.93
N SER B 786 62.33 -16.54 4.96
CA SER B 786 63.47 -16.94 4.15
C SER B 786 63.00 -17.52 2.83
N LEU B 787 63.83 -17.35 1.80
CA LEU B 787 63.44 -17.77 0.46
C LEU B 787 63.02 -19.23 0.37
N PRO B 788 63.66 -20.19 1.04
CA PRO B 788 63.14 -21.57 0.97
C PRO B 788 61.69 -21.68 1.40
N ALA B 789 61.30 -21.03 2.49
CA ALA B 789 59.89 -21.08 2.90
C ALA B 789 59.01 -20.27 1.95
N LYS B 790 59.52 -19.12 1.51
CA LYS B 790 58.74 -18.26 0.63
C LYS B 790 58.46 -18.94 -0.70
N ARG B 791 59.24 -19.95 -1.07
CA ARG B 791 58.92 -20.72 -2.26
C ARG B 791 58.41 -22.12 -1.96
N TRP B 792 58.42 -22.53 -0.69
CA TRP B 792 57.64 -23.68 -0.26
C TRP B 792 56.16 -23.36 -0.33
N LEU B 793 55.77 -22.19 0.15
CA LEU B 793 54.39 -21.75 0.04
C LEU B 793 53.93 -21.73 -1.40
N ALA B 794 54.77 -21.24 -2.31
CA ALA B 794 54.37 -21.13 -3.71
C ALA B 794 54.26 -22.51 -4.35
N GLN B 795 55.10 -23.46 -3.96
CA GLN B 795 55.01 -24.80 -4.51
C GLN B 795 53.82 -25.56 -3.97
N ARG B 796 53.37 -25.25 -2.76
CA ARG B 796 52.13 -25.83 -2.26
C ARG B 796 50.90 -25.01 -2.61
N GLY B 797 51.06 -23.89 -3.30
CA GLY B 797 49.95 -23.28 -4.00
C GLY B 797 49.74 -23.98 -5.32
N PHE B 798 48.67 -24.76 -5.41
CA PHE B 798 48.59 -25.81 -6.43
C PHE B 798 47.19 -25.88 -7.02
N ASP B 799 46.87 -27.00 -7.66
CA ASP B 799 45.55 -27.35 -8.18
C ASP B 799 44.99 -26.23 -9.04
N PRO B 800 45.43 -26.10 -10.28
CA PRO B 800 44.94 -25.01 -11.13
C PRO B 800 43.48 -25.19 -11.47
N VAL B 801 42.68 -25.41 -10.43
CA VAL B 801 41.23 -25.44 -10.52
C VAL B 801 40.56 -24.53 -9.51
N TYR B 802 41.23 -24.17 -8.43
CA TYR B 802 40.68 -23.29 -7.40
C TYR B 802 41.41 -21.95 -7.33
N GLY B 803 42.23 -21.63 -8.33
CA GLY B 803 42.81 -20.30 -8.41
C GLY B 803 43.87 -20.06 -7.35
N ALA B 804 43.79 -18.88 -6.71
CA ALA B 804 44.77 -18.44 -5.73
C ALA B 804 44.18 -18.34 -4.33
N ARG B 805 43.04 -18.98 -4.10
CA ARG B 805 42.43 -19.01 -2.78
C ARG B 805 43.06 -20.06 -1.87
N PRO B 806 43.42 -21.25 -2.36
CA PRO B 806 44.15 -22.20 -1.50
C PRO B 806 45.38 -21.62 -0.84
N LEU B 807 46.02 -20.63 -1.46
CA LEU B 807 47.21 -20.03 -0.87
C LEU B 807 46.84 -19.21 0.37
N ARG B 808 45.70 -18.53 0.34
CA ARG B 808 45.25 -17.77 1.50
C ARG B 808 45.04 -18.68 2.70
N ARG B 809 44.46 -19.86 2.48
CA ARG B 809 44.26 -20.80 3.58
C ARG B 809 45.57 -21.45 3.99
N LEU B 810 46.49 -21.66 3.03
CA LEU B 810 47.76 -22.26 3.37
C LEU B 810 48.58 -21.34 4.26
N VAL B 811 48.58 -20.04 3.97
CA VAL B 811 49.33 -19.11 4.81
C VAL B 811 48.79 -19.14 6.23
N GLN B 812 47.47 -19.14 6.38
CA GLN B 812 46.89 -19.29 7.70
C GLN B 812 47.32 -20.57 8.39
N GLN B 813 47.04 -21.72 7.78
CA GLN B 813 47.38 -23.00 8.42
C GLN B 813 48.85 -23.07 8.81
N ALA B 814 49.75 -22.63 7.92
CA ALA B 814 51.18 -22.77 8.18
C ALA B 814 51.67 -21.78 9.22
N ILE B 815 51.44 -20.49 9.00
CA ILE B 815 52.02 -19.48 9.88
C ILE B 815 51.06 -19.15 11.01
N GLY B 816 49.85 -18.71 10.67
CA GLY B 816 49.04 -17.98 11.63
C GLY B 816 48.59 -18.80 12.81
N ASP B 817 48.29 -20.08 12.60
CA ASP B 817 47.83 -20.91 13.71
C ASP B 817 48.87 -21.01 14.80
N GLN B 818 50.09 -21.44 14.45
CA GLN B 818 51.13 -21.54 15.46
C GLN B 818 51.58 -20.17 15.95
N LEU B 819 51.54 -19.15 15.09
CA LEU B 819 51.89 -17.81 15.53
C LEU B 819 50.95 -17.33 16.62
N ALA B 820 49.65 -17.55 16.45
CA ALA B 820 48.68 -17.12 17.44
C ALA B 820 48.59 -18.06 18.63
N LYS B 821 49.11 -19.28 18.50
CA LYS B 821 49.23 -20.12 19.68
C LYS B 821 50.40 -19.65 20.55
N MET B 822 51.51 -19.27 19.93
CA MET B 822 52.62 -18.70 20.67
C MET B 822 52.31 -17.31 21.21
N LEU B 823 51.52 -16.53 20.46
CA LEU B 823 51.36 -15.12 20.78
C LEU B 823 50.59 -14.92 22.08
N LEU B 824 49.83 -15.91 22.51
CA LEU B 824 49.07 -15.79 23.75
C LEU B 824 49.50 -16.80 24.81
N ALA B 825 50.61 -17.50 24.58
CA ALA B 825 51.24 -18.33 25.59
C ALA B 825 52.57 -17.72 26.01
N GLY B 826 52.60 -16.40 26.14
CA GLY B 826 53.85 -15.72 26.36
C GLY B 826 54.71 -15.86 25.11
N GLN B 827 56.02 -16.00 25.34
CA GLN B 827 56.93 -16.53 24.34
C GLN B 827 57.11 -15.65 23.11
N VAL B 828 56.28 -14.61 22.97
CA VAL B 828 56.37 -13.63 21.89
C VAL B 828 55.70 -12.36 22.40
N HIS B 829 56.37 -11.22 22.23
CA HIS B 829 55.84 -9.94 22.67
C HIS B 829 55.98 -8.90 21.57
N ASP B 830 55.62 -7.66 21.91
CA ASP B 830 55.76 -6.56 20.96
C ASP B 830 57.24 -6.28 20.68
N GLY B 831 57.49 -5.67 19.54
CA GLY B 831 58.85 -5.38 19.11
C GLY B 831 59.63 -6.56 18.61
N ASP B 832 59.17 -7.78 18.85
CA ASP B 832 59.90 -8.96 18.42
C ASP B 832 59.87 -9.10 16.90
N THR B 833 60.83 -9.83 16.38
CA THR B 833 60.84 -10.26 14.98
C THR B 833 60.88 -11.77 14.97
N VAL B 834 59.89 -12.38 14.31
CA VAL B 834 59.70 -13.82 14.38
C VAL B 834 60.16 -14.43 13.06
N PRO B 835 61.36 -14.99 13.00
CA PRO B 835 61.84 -15.57 11.74
C PRO B 835 61.13 -16.90 11.47
N VAL B 836 60.66 -17.07 10.24
CA VAL B 836 60.04 -18.31 9.82
C VAL B 836 61.05 -19.07 8.98
N ASN B 837 61.05 -20.39 9.13
CA ASN B 837 62.01 -21.21 8.42
C ASN B 837 61.34 -22.52 8.03
N VAL B 838 61.97 -23.25 7.12
CA VAL B 838 61.40 -24.45 6.54
C VAL B 838 61.98 -25.65 7.27
N SER B 839 61.21 -26.21 8.19
CA SER B 839 61.49 -27.54 8.67
C SER B 839 61.34 -28.51 7.49
N PRO B 840 62.02 -29.68 7.53
CA PRO B 840 61.97 -30.61 6.39
C PRO B 840 60.61 -30.82 5.74
N ASP B 841 59.51 -30.71 6.50
CA ASP B 841 58.19 -30.83 5.91
C ASP B 841 57.30 -29.61 6.13
N ALA B 842 57.32 -29.04 7.33
CA ALA B 842 56.44 -27.92 7.67
C ALA B 842 57.27 -26.66 7.91
N ASP B 843 56.59 -25.58 8.30
CA ASP B 843 57.26 -24.34 8.69
C ASP B 843 57.32 -24.24 10.21
N SER B 844 58.45 -23.77 10.71
CA SER B 844 58.65 -23.59 12.14
C SER B 844 59.10 -22.16 12.40
N LEU B 845 58.60 -21.58 13.48
CA LEU B 845 58.88 -20.18 13.78
C LEU B 845 60.14 -20.05 14.62
N GLN C 159 15.16 44.93 15.25
CA GLN C 159 14.98 44.49 16.63
C GLN C 159 14.04 43.29 16.71
N ALA C 160 13.54 42.85 15.56
CA ALA C 160 12.81 41.59 15.51
C ALA C 160 13.78 40.41 15.46
N LEU C 161 14.95 40.60 14.84
CA LEU C 161 16.01 39.60 14.92
C LEU C 161 16.36 39.29 16.36
N GLN C 162 16.50 40.34 17.18
CA GLN C 162 16.79 40.16 18.59
C GLN C 162 15.72 39.31 19.28
N LYS C 163 14.54 39.23 18.70
CA LYS C 163 13.44 38.48 19.32
C LYS C 163 13.41 37.04 18.82
N TYR C 164 13.67 36.84 17.52
CA TYR C 164 13.49 35.53 16.91
C TYR C 164 14.79 34.96 16.35
N SER C 165 15.93 35.28 16.95
CA SER C 165 17.19 34.76 16.43
C SER C 165 18.27 34.81 17.50
N THR C 166 19.15 33.81 17.47
CA THR C 166 20.36 33.83 18.27
C THR C 166 21.43 34.59 17.49
N ASP C 167 22.68 34.51 17.94
CA ASP C 167 23.78 35.18 17.27
C ASP C 167 25.01 34.29 17.35
N LEU C 168 25.57 33.94 16.20
CA LEU C 168 26.66 32.98 16.14
C LEU C 168 28.03 33.62 16.19
N THR C 169 28.21 34.77 15.55
CA THR C 169 29.50 35.45 15.61
C THR C 169 29.81 35.93 17.02
N ALA C 170 28.77 36.30 17.78
CA ALA C 170 28.99 36.67 19.17
C ALA C 170 29.51 35.49 19.98
N ARG C 171 28.92 34.31 19.81
CA ARG C 171 29.40 33.12 20.51
C ARG C 171 30.81 32.76 20.08
N ALA C 172 31.12 32.94 18.79
CA ALA C 172 32.47 32.67 18.33
C ALA C 172 33.47 33.65 18.91
N ARG C 173 33.02 34.88 19.19
CA ARG C 173 33.91 35.86 19.80
C ARG C 173 34.14 35.56 21.27
N GLU C 174 33.09 35.13 21.97
CA GLU C 174 33.22 34.76 23.39
C GLU C 174 33.87 33.40 23.58
N GLY C 175 34.33 32.76 22.51
CA GLY C 175 35.03 31.49 22.61
C GLY C 175 34.21 30.34 23.16
N LYS C 176 32.96 30.22 22.71
CA LYS C 176 32.08 29.14 23.14
C LYS C 176 31.90 28.07 22.08
N LEU C 177 32.60 28.17 20.96
CA LEU C 177 32.47 27.22 19.86
C LEU C 177 33.68 26.32 19.80
N ASP C 178 33.46 25.04 19.49
CA ASP C 178 34.55 24.09 19.42
C ASP C 178 35.43 24.39 18.20
N PRO C 179 36.69 23.98 18.22
CA PRO C 179 37.56 24.20 17.06
C PRO C 179 37.05 23.45 15.86
N VAL C 180 37.50 23.86 14.68
CA VAL C 180 37.16 23.22 13.42
C VAL C 180 38.44 22.98 12.65
N ILE C 181 38.75 21.72 12.38
CA ILE C 181 40.04 21.29 11.89
C ILE C 181 39.85 20.69 10.51
N GLY C 182 40.64 21.13 9.56
CA GLY C 182 40.55 20.64 8.20
C GLY C 182 39.40 21.28 7.45
N ARG C 183 39.02 20.61 6.36
CA ARG C 183 37.90 21.03 5.53
C ARG C 183 38.09 22.46 5.03
N ASP C 184 39.20 22.67 4.31
CA ASP C 184 39.44 23.97 3.71
C ASP C 184 38.68 24.11 2.41
N ASN C 185 38.55 23.01 1.64
CA ASN C 185 37.85 23.08 0.37
C ASN C 185 36.39 23.43 0.55
N GLU C 186 35.73 22.81 1.54
CA GLU C 186 34.32 23.07 1.76
C GLU C 186 34.09 24.51 2.24
N ILE C 187 34.96 25.01 3.12
CA ILE C 187 34.78 26.37 3.60
C ILE C 187 35.06 27.37 2.49
N ARG C 188 36.07 27.11 1.66
CA ARG C 188 36.35 28.01 0.55
C ARG C 188 35.19 28.05 -0.42
N ARG C 189 34.59 26.89 -0.72
CA ARG C 189 33.45 26.88 -1.63
C ARG C 189 32.25 27.57 -1.00
N VAL C 190 32.03 27.38 0.29
CA VAL C 190 30.94 28.09 0.97
C VAL C 190 31.13 29.59 0.84
N VAL C 191 32.37 30.06 1.04
CA VAL C 191 32.64 31.50 0.96
C VAL C 191 32.38 32.01 -0.45
N GLN C 192 32.93 31.32 -1.47
CA GLN C 192 32.82 31.84 -2.81
C GLN C 192 31.41 31.72 -3.37
N VAL C 193 30.58 30.86 -2.80
CA VAL C 193 29.16 30.87 -3.16
C VAL C 193 28.43 31.94 -2.37
N LEU C 194 28.87 32.23 -1.16
CA LEU C 194 28.25 33.25 -0.33
C LEU C 194 28.56 34.66 -0.81
N SER C 195 29.54 34.81 -1.70
CA SER C 195 29.91 36.16 -2.13
C SER C 195 29.76 36.38 -3.63
N ARG C 196 28.66 35.94 -4.22
CA ARG C 196 28.40 36.18 -5.64
C ARG C 196 27.26 37.18 -5.78
N ARG C 197 26.90 37.49 -7.03
CA ARG C 197 25.99 38.60 -7.29
C ARG C 197 24.56 38.24 -6.94
N THR C 198 24.00 37.23 -7.59
CA THR C 198 22.64 36.79 -7.36
C THR C 198 22.63 35.33 -6.96
N LYS C 199 21.63 34.95 -6.16
CA LYS C 199 21.41 33.55 -5.78
C LYS C 199 22.60 33.01 -4.99
N ASN C 200 23.03 33.78 -3.99
CA ASN C 200 24.17 33.43 -3.16
C ASN C 200 23.68 32.70 -1.92
N ASN C 201 23.23 31.47 -2.10
CA ASN C 201 22.65 30.66 -1.03
C ASN C 201 23.26 29.27 -1.09
N PRO C 202 24.23 28.97 -0.25
CA PRO C 202 24.77 27.60 -0.21
C PRO C 202 24.00 26.72 0.75
N VAL C 203 24.09 25.41 0.51
CA VAL C 203 23.40 24.42 1.33
C VAL C 203 24.35 23.25 1.53
N LEU C 204 24.87 23.10 2.74
CA LEU C 204 25.67 21.93 3.06
C LEU C 204 24.76 20.71 3.12
N ILE C 205 25.24 19.58 2.58
CA ILE C 205 24.40 18.41 2.41
C ILE C 205 25.27 17.17 2.53
N GLY C 206 24.74 16.14 3.17
CA GLY C 206 25.50 14.93 3.37
C GLY C 206 24.80 14.00 4.35
N GLU C 207 25.58 13.09 4.92
CA GLU C 207 25.09 12.10 5.85
C GLU C 207 25.04 12.67 7.27
N PRO C 208 24.30 12.04 8.18
CA PRO C 208 24.22 12.54 9.55
C PRO C 208 25.44 12.16 10.37
N GLY C 209 26.27 13.15 10.69
CA GLY C 209 27.43 12.96 11.53
C GLY C 209 28.74 13.41 10.92
N VAL C 210 28.79 13.62 9.61
CA VAL C 210 30.05 13.95 8.94
C VAL C 210 30.57 15.33 9.27
N GLY C 211 29.73 16.21 9.79
CA GLY C 211 30.13 17.54 10.17
C GLY C 211 29.73 18.59 9.16
N LYS C 212 28.59 19.20 9.39
CA LYS C 212 28.04 20.27 8.56
C LYS C 212 27.81 21.53 9.36
N THR C 213 27.21 21.43 10.55
CA THR C 213 27.16 22.57 11.44
C THR C 213 28.56 22.99 11.87
N ALA C 214 29.47 22.02 11.97
CA ALA C 214 30.85 22.35 12.30
C ALA C 214 31.47 23.26 11.25
N ILE C 215 31.13 23.09 9.98
CA ILE C 215 31.69 23.95 8.95
C ILE C 215 31.19 25.38 9.13
N VAL C 216 29.92 25.55 9.49
CA VAL C 216 29.38 26.89 9.66
C VAL C 216 29.99 27.56 10.89
N GLU C 217 30.16 26.81 11.98
CA GLU C 217 30.83 27.40 13.14
C GLU C 217 32.28 27.73 12.83
N GLY C 218 32.93 26.94 11.99
CA GLY C 218 34.27 27.28 11.55
C GLY C 218 34.29 28.55 10.72
N LEU C 219 33.29 28.72 9.85
CA LEU C 219 33.19 29.97 9.10
C LEU C 219 33.00 31.16 10.01
N ALA C 220 32.21 31.00 11.08
CA ALA C 220 32.00 32.10 12.01
C ALA C 220 33.28 32.45 12.76
N GLN C 221 34.00 31.44 13.24
CA GLN C 221 35.28 31.71 13.90
C GLN C 221 36.27 32.36 12.95
N ARG C 222 36.26 31.93 11.69
CA ARG C 222 37.17 32.49 10.70
C ARG C 222 36.80 33.94 10.38
N ILE C 223 35.51 34.27 10.39
CA ILE C 223 35.09 35.66 10.22
C ILE C 223 35.57 36.50 11.39
N VAL C 224 35.43 35.98 12.61
CA VAL C 224 35.86 36.73 13.78
C VAL C 224 37.37 36.96 13.74
N ALA C 225 38.13 35.94 13.34
CA ALA C 225 39.59 36.08 13.28
C ALA C 225 40.02 37.05 12.20
N GLY C 226 39.55 36.83 10.97
CA GLY C 226 39.90 37.71 9.87
C GLY C 226 40.47 37.01 8.65
N ASP C 227 40.24 35.71 8.52
CA ASP C 227 40.75 34.96 7.39
C ASP C 227 39.78 34.92 6.22
N VAL C 228 38.90 35.90 6.11
CA VAL C 228 37.90 35.93 5.04
C VAL C 228 38.30 37.00 4.03
N PRO C 229 37.86 36.90 2.78
CA PRO C 229 38.18 37.95 1.81
C PRO C 229 37.49 39.26 2.13
N GLU C 230 37.71 40.27 1.27
CA GLU C 230 37.21 41.62 1.54
C GLU C 230 35.69 41.68 1.55
N SER C 231 35.01 40.72 0.93
CA SER C 231 33.56 40.81 0.80
C SER C 231 32.84 40.37 2.08
N LEU C 232 33.54 39.66 2.96
CA LEU C 232 32.91 39.04 4.12
C LEU C 232 33.49 39.53 5.45
N ARG C 233 34.05 40.73 5.49
CA ARG C 233 34.60 41.24 6.74
C ARG C 233 33.48 41.87 7.57
N ASP C 234 33.38 41.45 8.83
CA ASP C 234 32.41 41.99 9.78
C ASP C 234 30.97 41.78 9.29
N LYS C 235 30.59 40.51 9.21
CA LYS C 235 29.30 40.16 8.63
C LYS C 235 28.27 39.66 9.63
N THR C 236 28.67 39.27 10.84
CA THR C 236 27.73 39.06 11.94
C THR C 236 26.66 38.02 11.58
N ILE C 237 27.11 36.77 11.45
CA ILE C 237 26.19 35.67 11.16
C ILE C 237 25.09 35.62 12.20
N VAL C 238 23.88 35.30 11.75
CA VAL C 238 22.68 35.21 12.58
C VAL C 238 22.03 33.86 12.34
N ALA C 239 21.59 33.22 13.43
CA ALA C 239 21.04 31.86 13.38
C ALA C 239 19.54 31.92 13.66
N LEU C 240 18.74 31.90 12.60
CA LEU C 240 17.29 32.04 12.72
C LEU C 240 16.70 30.84 13.46
N ASP C 241 15.44 30.99 13.86
CA ASP C 241 14.75 29.95 14.62
C ASP C 241 13.27 30.03 14.27
N LEU C 242 12.82 29.17 13.37
CA LEU C 242 11.44 29.18 12.93
C LEU C 242 10.49 28.55 13.93
N GLY C 243 11.00 27.77 14.89
CA GLY C 243 10.12 27.18 15.88
C GLY C 243 9.57 28.22 16.83
N SER C 244 10.38 29.21 17.19
CA SER C 244 9.96 30.29 18.06
C SER C 244 9.20 31.37 17.32
N MET C 245 9.14 31.30 15.99
CA MET C 245 8.35 32.24 15.21
C MET C 245 6.93 31.78 14.99
N VAL C 246 6.68 30.48 15.12
CA VAL C 246 5.32 29.93 15.08
C VAL C 246 4.80 29.67 16.48
N ALA C 247 5.44 30.23 17.51
CA ALA C 247 5.12 29.90 18.89
C ALA C 247 3.66 30.18 19.21
N GLY C 248 3.27 31.44 19.21
CA GLY C 248 1.85 31.74 19.27
C GLY C 248 1.42 32.60 18.10
N SER C 249 0.73 32.00 17.15
CA SER C 249 0.24 32.70 15.97
C SER C 249 -1.12 32.17 15.57
N LYS C 250 -2.00 31.97 16.55
CA LYS C 250 -3.26 31.29 16.26
C LYS C 250 -4.22 32.15 15.45
N TYR C 251 -3.93 33.43 15.29
CA TYR C 251 -4.82 34.32 14.56
C TYR C 251 -4.45 34.33 13.08
N ARG C 252 -5.04 35.25 12.31
CA ARG C 252 -4.98 35.14 10.86
C ARG C 252 -3.68 35.61 10.25
N GLY C 253 -2.97 36.54 10.87
CA GLY C 253 -1.75 37.03 10.23
C GLY C 253 -0.54 37.16 11.13
N GLU C 254 -0.60 36.55 12.31
CA GLU C 254 0.47 36.77 13.28
C GLU C 254 1.80 36.22 12.82
N PHE C 255 1.82 35.11 12.08
CA PHE C 255 3.07 34.58 11.55
C PHE C 255 3.58 35.37 10.36
N GLU C 256 2.67 35.74 9.45
CA GLU C 256 3.06 36.55 8.30
C GLU C 256 3.70 37.85 8.73
N GLU C 257 3.15 38.52 9.75
CA GLU C 257 3.71 39.81 10.11
C GLU C 257 5.07 39.66 10.79
N ARG C 258 5.27 38.60 11.58
CA ARG C 258 6.59 38.36 12.15
C ARG C 258 7.62 38.11 11.05
N LEU C 259 7.26 37.28 10.07
CA LEU C 259 8.20 36.99 8.99
C LEU C 259 8.51 38.25 8.18
N LYS C 260 7.50 39.07 7.92
CA LYS C 260 7.74 40.32 7.20
C LYS C 260 8.64 41.24 7.99
N ALA C 261 8.44 41.33 9.30
CA ALA C 261 9.31 42.17 10.12
C ALA C 261 10.76 41.69 10.08
N VAL C 262 10.96 40.38 10.22
CA VAL C 262 12.32 39.84 10.20
C VAL C 262 12.98 40.10 8.85
N LEU C 263 12.24 39.87 7.76
CA LEU C 263 12.81 40.08 6.44
C LEU C 263 13.15 41.55 6.20
N ASP C 264 12.28 42.46 6.64
CA ASP C 264 12.56 43.87 6.46
C ASP C 264 13.74 44.30 7.30
N ASP C 265 13.91 43.70 8.48
CA ASP C 265 15.08 44.03 9.30
C ASP C 265 16.35 43.54 8.66
N ILE C 266 16.32 42.35 8.04
CA ILE C 266 17.50 41.85 7.34
C ILE C 266 17.81 42.72 6.13
N LYS C 267 16.78 43.23 5.46
CA LYS C 267 16.99 44.04 4.26
C LYS C 267 17.46 45.45 4.59
N ASN C 268 17.04 46.00 5.74
CA ASN C 268 17.41 47.37 6.08
C ASN C 268 18.91 47.51 6.28
N SER C 269 19.59 46.46 6.69
CA SER C 269 21.04 46.47 6.69
C SER C 269 21.56 46.36 5.26
N ALA C 270 22.67 47.05 5.00
CA ALA C 270 23.18 47.11 3.65
C ALA C 270 23.96 45.86 3.29
N GLY C 271 23.35 44.69 3.45
CA GLY C 271 24.03 43.46 3.11
C GLY C 271 25.04 43.01 4.15
N GLN C 272 24.78 43.27 5.42
CA GLN C 272 25.67 42.82 6.48
C GLN C 272 25.24 41.47 7.05
N ILE C 273 23.98 41.35 7.47
CA ILE C 273 23.52 40.14 8.12
C ILE C 273 23.64 38.95 7.17
N ILE C 274 24.09 37.82 7.70
CA ILE C 274 24.12 36.54 7.00
C ILE C 274 23.20 35.62 7.78
N THR C 275 22.14 35.13 7.14
CA THR C 275 21.23 34.24 7.84
C THR C 275 21.83 32.85 7.95
N PHE C 276 21.25 32.05 8.83
CA PHE C 276 21.66 30.64 8.97
C PHE C 276 20.48 29.89 9.55
N ILE C 277 19.81 29.11 8.71
CA ILE C 277 18.68 28.29 9.12
C ILE C 277 19.15 26.84 9.13
N ASP C 278 19.42 26.31 10.31
CA ASP C 278 19.84 24.93 10.46
C ASP C 278 18.65 24.02 10.24
N GLU C 279 18.87 22.90 9.56
CA GLU C 279 17.81 21.95 9.24
C GLU C 279 16.71 22.64 8.45
N LEU C 280 17.07 23.13 7.27
CA LEU C 280 16.18 24.01 6.51
C LEU C 280 15.07 23.25 5.81
N HIS C 281 14.97 21.93 6.00
CA HIS C 281 13.80 21.24 5.46
C HIS C 281 12.54 21.56 6.24
N THR C 282 12.67 22.13 7.45
CA THR C 282 11.52 22.55 8.23
C THR C 282 10.98 23.91 7.78
N ILE C 283 11.40 24.41 6.63
CA ILE C 283 10.94 25.71 6.16
C ILE C 283 9.84 25.61 5.12
N VAL C 284 9.54 24.41 4.64
CA VAL C 284 8.66 24.28 3.48
C VAL C 284 7.23 24.64 3.86
N GLY C 285 6.61 23.86 4.74
CA GLY C 285 5.31 24.21 5.27
C GLY C 285 5.39 24.93 6.60
N ALA C 286 5.86 26.17 6.61
CA ALA C 286 6.17 26.80 7.88
C ALA C 286 4.91 27.14 8.66
N GLY C 287 4.09 28.05 8.15
CA GLY C 287 2.78 28.25 8.73
C GLY C 287 1.71 28.12 7.68
N ALA C 288 0.93 27.05 7.73
CA ALA C 288 -0.09 26.81 6.73
C ALA C 288 -1.47 26.79 7.37
N THR C 289 -2.48 26.62 6.53
CA THR C 289 -3.86 26.55 7.00
C THR C 289 -4.65 25.46 6.29
N ALA C 293 -4.37 25.24 0.78
CA ALA C 293 -3.72 26.51 0.44
C ALA C 293 -2.22 26.42 0.66
N MET C 294 -1.47 27.23 -0.10
CA MET C 294 -0.01 27.27 -0.01
C MET C 294 0.43 28.72 -0.07
N ASP C 295 0.66 29.32 1.10
CA ASP C 295 1.00 30.74 1.14
C ASP C 295 2.35 30.99 1.80
N ALA C 296 2.66 30.29 2.88
CA ALA C 296 3.78 30.66 3.72
C ALA C 296 4.97 29.73 3.53
N GLY C 297 6.14 30.21 3.96
CA GLY C 297 7.40 29.55 3.72
C GLY C 297 8.02 29.87 2.38
N ASN C 298 7.25 30.46 1.45
CA ASN C 298 7.77 30.92 0.17
C ASN C 298 7.56 32.41 -0.01
N MET C 299 7.46 33.15 1.10
CA MET C 299 7.56 34.60 1.03
C MET C 299 9.00 35.05 0.87
N ILE C 300 9.95 34.22 1.28
CA ILE C 300 11.38 34.50 1.06
C ILE C 300 11.79 34.23 -0.37
N LYS C 301 10.91 33.68 -1.18
CA LYS C 301 11.23 33.27 -2.54
C LYS C 301 11.63 34.43 -3.44
N PRO C 302 11.05 35.63 -3.31
CA PRO C 302 11.58 36.76 -4.09
C PRO C 302 12.91 37.27 -3.62
N MET C 303 13.16 37.34 -2.31
CA MET C 303 14.44 37.80 -1.80
C MET C 303 15.56 36.81 -2.03
N LEU C 304 15.25 35.53 -2.17
CA LEU C 304 16.30 34.54 -2.42
C LEU C 304 16.93 34.72 -3.79
N ALA C 305 16.10 34.97 -4.81
CA ALA C 305 16.62 35.08 -6.16
C ALA C 305 17.45 36.34 -6.35
N ARG C 306 17.05 37.45 -5.75
CA ARG C 306 17.80 38.69 -5.87
C ARG C 306 19.11 38.66 -5.08
N GLY C 307 19.25 37.77 -4.12
CA GLY C 307 20.47 37.71 -3.33
C GLY C 307 20.53 38.75 -2.25
N GLU C 308 19.40 39.02 -1.60
CA GLU C 308 19.33 40.04 -0.57
C GLU C 308 19.53 39.46 0.83
N LEU C 309 19.09 38.22 1.06
CA LEU C 309 19.47 37.46 2.23
C LEU C 309 20.30 36.26 1.77
N ARG C 310 21.27 35.87 2.59
CA ARG C 310 22.28 34.93 2.12
C ARG C 310 22.01 33.47 2.50
N LEU C 311 21.51 33.22 3.70
CA LEU C 311 20.82 31.96 4.00
C LEU C 311 21.70 30.73 3.77
N VAL C 312 22.73 30.61 4.62
CA VAL C 312 23.40 29.32 4.72
C VAL C 312 22.50 28.33 5.46
N GLY C 313 22.45 27.10 4.95
CA GLY C 313 21.60 26.08 5.54
C GLY C 313 22.23 24.72 5.43
N ALA C 314 21.70 23.77 6.22
CA ALA C 314 22.30 22.44 6.31
C ALA C 314 21.23 21.41 6.62
N THR C 315 21.07 20.43 5.74
CA THR C 315 20.14 19.31 5.96
C THR C 315 20.84 18.02 5.59
N THR C 316 20.24 16.89 5.98
CA THR C 316 20.78 15.60 5.61
C THR C 316 20.52 15.34 4.13
N LEU C 317 20.91 14.15 3.70
CA LEU C 317 20.90 13.83 2.27
C LEU C 317 19.58 13.23 1.80
N ASP C 318 18.76 12.71 2.70
CA ASP C 318 17.49 12.11 2.33
C ASP C 318 16.29 12.81 2.95
N GLU C 319 16.51 13.74 3.88
CA GLU C 319 15.48 14.69 4.27
C GLU C 319 15.42 15.87 3.33
N TYR C 320 16.36 15.94 2.38
CA TYR C 320 16.40 16.97 1.36
C TYR C 320 15.55 16.62 0.16
N ARG C 321 15.61 15.38 -0.30
CA ARG C 321 14.78 14.95 -1.42
C ARG C 321 13.37 14.60 -1.00
N LYS C 322 13.11 14.46 0.29
CA LYS C 322 11.77 14.20 0.78
C LYS C 322 10.94 15.46 0.96
N HIS C 323 11.58 16.61 1.19
CA HIS C 323 10.87 17.83 1.50
C HIS C 323 11.18 18.99 0.57
N ILE C 324 12.38 19.06 0.01
CA ILE C 324 12.76 20.21 -0.80
C ILE C 324 12.72 19.90 -2.28
N GLU C 325 13.31 18.79 -2.70
CA GLU C 325 13.31 18.45 -4.12
C GLU C 325 11.90 18.22 -4.65
N LYS C 326 10.91 18.16 -3.77
CA LYS C 326 9.51 18.12 -4.14
C LYS C 326 8.99 19.46 -4.65
N ASP C 327 9.74 20.53 -4.42
CA ASP C 327 9.29 21.92 -4.59
C ASP C 327 10.25 22.65 -5.50
N ALA C 328 10.49 22.10 -6.69
CA ALA C 328 11.59 22.48 -7.57
C ALA C 328 11.65 23.97 -7.89
N ALA C 329 10.62 24.73 -7.52
CA ALA C 329 10.71 26.18 -7.67
C ALA C 329 11.58 26.80 -6.60
N LEU C 330 11.61 26.20 -5.41
CA LEU C 330 12.44 26.68 -4.31
C LEU C 330 13.79 25.98 -4.26
N GLU C 331 13.87 24.75 -4.75
CA GLU C 331 15.15 24.05 -4.80
C GLU C 331 16.11 24.73 -5.76
N ARG C 332 15.61 25.56 -6.66
CA ARG C 332 16.43 26.26 -7.63
C ARG C 332 17.31 27.33 -6.98
N ARG C 333 16.86 27.95 -5.89
CA ARG C 333 17.56 29.08 -5.32
C ARG C 333 18.77 28.69 -4.48
N PHE C 334 19.00 27.41 -4.26
CA PHE C 334 20.08 26.96 -3.39
C PHE C 334 21.17 26.28 -4.22
N GLN C 335 22.41 26.41 -3.77
CA GLN C 335 23.53 25.71 -4.36
C GLN C 335 23.99 24.61 -3.41
N GLN C 336 24.11 23.40 -3.91
CA GLN C 336 24.41 22.25 -3.07
C GLN C 336 25.91 22.13 -2.88
N VAL C 337 26.34 22.05 -1.62
CA VAL C 337 27.71 21.75 -1.26
C VAL C 337 27.70 20.39 -0.59
N TYR C 338 28.47 19.45 -1.15
CA TYR C 338 28.44 18.06 -0.69
C TYR C 338 29.57 17.85 0.31
N VAL C 339 29.23 17.28 1.46
CA VAL C 339 30.18 17.03 2.54
C VAL C 339 30.21 15.51 2.75
N GLY C 340 31.30 14.88 2.33
CA GLY C 340 31.45 13.46 2.58
C GLY C 340 32.28 13.19 3.82
N GLU C 341 32.14 11.98 4.37
CA GLU C 341 32.80 11.68 5.62
C GLU C 341 34.31 11.54 5.39
N PRO C 342 35.11 11.98 6.35
CA PRO C 342 36.57 11.91 6.21
C PRO C 342 37.05 10.48 6.44
N SER C 343 38.35 10.30 6.23
CA SER C 343 38.99 9.01 6.44
C SER C 343 39.51 8.92 7.87
N VAL C 344 40.19 7.80 8.16
CA VAL C 344 40.69 7.58 9.51
C VAL C 344 41.85 8.51 9.80
N GLU C 345 42.72 8.76 8.82
CA GLU C 345 43.85 9.65 9.04
C GLU C 345 43.40 11.09 9.24
N ASP C 346 42.18 11.42 8.81
CA ASP C 346 41.64 12.76 9.06
C ASP C 346 40.91 12.80 10.40
N THR C 347 40.21 11.73 10.75
CA THR C 347 39.58 11.66 12.06
C THR C 347 40.62 11.73 13.16
N ILE C 348 41.81 11.17 12.93
CA ILE C 348 42.87 11.25 13.94
C ILE C 348 43.31 12.69 14.15
N GLY C 349 43.47 13.43 13.06
CA GLY C 349 43.84 14.83 13.19
C GLY C 349 42.76 15.65 13.85
N ILE C 350 41.50 15.33 13.59
CA ILE C 350 40.39 16.01 14.29
C ILE C 350 40.45 15.73 15.78
N LEU C 351 40.62 14.46 16.15
CA LEU C 351 40.66 14.09 17.57
C LEU C 351 41.82 14.77 18.28
N ARG C 352 43.00 14.83 17.64
CA ARG C 352 44.16 15.45 18.25
C ARG C 352 43.91 16.92 18.59
N GLY C 353 42.98 17.56 17.90
CA GLY C 353 42.68 18.96 18.17
C GLY C 353 41.53 19.14 19.12
N LEU C 354 40.60 18.19 19.15
CA LEU C 354 39.50 18.28 20.10
C LEU C 354 39.83 17.69 21.46
N LYS C 355 41.04 17.22 21.68
CA LYS C 355 41.40 16.55 22.94
C LYS C 355 41.89 17.54 23.98
N ASP C 356 41.17 18.61 24.16
CA ASP C 356 41.42 19.51 25.28
C ASP C 356 40.15 19.85 26.04
N ARG C 357 39.05 20.03 25.33
CA ARG C 357 37.78 20.32 25.97
C ARG C 357 37.33 19.15 26.84
N TYR C 358 37.56 17.92 26.37
CA TYR C 358 37.19 16.76 27.17
C TYR C 358 38.14 16.55 28.33
N GLU C 359 39.45 16.73 28.08
CA GLU C 359 40.43 16.69 29.15
C GLU C 359 40.12 17.70 30.25
N VAL C 360 39.52 18.83 29.91
CA VAL C 360 39.18 19.83 30.91
C VAL C 360 37.84 19.53 31.58
N HIS C 361 36.84 19.12 30.81
CA HIS C 361 35.53 18.81 31.37
C HIS C 361 35.62 17.67 32.37
N HIS C 362 36.16 16.54 31.96
CA HIS C 362 36.48 15.46 32.89
C HIS C 362 37.94 15.62 33.31
N GLY C 363 38.18 15.76 34.62
CA GLY C 363 39.52 16.03 35.06
C GLY C 363 40.46 14.84 34.92
N VAL C 364 40.74 14.45 33.67
CA VAL C 364 41.60 13.31 33.37
C VAL C 364 42.56 13.71 32.26
N ARG C 365 43.39 12.76 31.82
CA ARG C 365 44.32 12.95 30.73
C ARG C 365 44.11 11.86 29.70
N ILE C 366 44.23 12.21 28.43
CA ILE C 366 43.91 11.32 27.32
C ILE C 366 45.16 11.06 26.51
N THR C 367 45.62 9.82 26.50
CA THR C 367 46.79 9.43 25.72
C THR C 367 46.49 9.55 24.22
N ASP C 368 47.55 9.72 23.43
CA ASP C 368 47.41 9.81 21.99
C ASP C 368 47.12 8.45 21.35
N SER C 369 47.70 7.39 21.89
CA SER C 369 47.36 6.05 21.43
C SER C 369 45.88 5.78 21.63
N ALA C 370 45.25 6.40 22.62
CA ALA C 370 43.82 6.25 22.80
C ALA C 370 43.06 6.83 21.62
N LEU C 371 43.45 8.02 21.16
CA LEU C 371 42.80 8.61 20.00
C LEU C 371 42.98 7.74 18.77
N VAL C 372 44.20 7.25 18.54
CA VAL C 372 44.44 6.40 17.37
C VAL C 372 43.60 5.13 17.44
N ALA C 373 43.54 4.53 18.63
CA ALA C 373 42.77 3.30 18.79
C ALA C 373 41.28 3.54 18.60
N ALA C 374 40.76 4.67 19.06
CA ALA C 374 39.35 4.97 18.82
C ALA C 374 39.07 5.11 17.34
N ALA C 375 39.85 5.95 16.66
CA ALA C 375 39.63 6.16 15.23
C ALA C 375 39.78 4.89 14.43
N THR C 376 40.60 3.94 14.91
CA THR C 376 40.78 2.70 14.17
C THR C 376 39.69 1.67 14.48
N LEU C 377 39.35 1.49 15.75
CA LEU C 377 38.40 0.45 16.15
C LEU C 377 36.99 0.80 15.71
N SER C 378 36.58 2.06 15.86
CA SER C 378 35.20 2.39 15.54
C SER C 378 34.94 2.46 14.05
N ASP C 379 35.93 2.17 13.22
CA ASP C 379 35.72 2.11 11.77
C ASP C 379 35.43 0.70 11.31
N ARG C 380 35.85 -0.31 12.08
CA ARG C 380 35.58 -1.68 11.71
C ARG C 380 34.54 -2.35 12.60
N TYR C 381 34.29 -1.84 13.80
CA TYR C 381 33.35 -2.51 14.68
C TYR C 381 31.95 -1.89 14.67
N ILE C 382 31.85 -0.57 14.70
CA ILE C 382 30.55 0.10 14.72
C ILE C 382 30.25 0.52 13.29
N THR C 383 29.50 -0.30 12.57
CA THR C 383 29.06 0.06 11.23
C THR C 383 27.55 0.25 11.27
N ALA C 384 27.13 1.39 11.81
CA ALA C 384 25.82 1.98 11.57
C ALA C 384 25.87 3.48 11.47
N ARG C 385 26.96 4.12 11.88
CA ARG C 385 27.10 5.56 11.99
C ARG C 385 28.31 6.01 11.20
N PHE C 386 28.59 7.31 11.23
CA PHE C 386 29.59 7.90 10.36
C PHE C 386 30.70 8.53 11.20
N LEU C 387 31.83 8.78 10.53
CA LEU C 387 33.12 8.61 11.20
C LEU C 387 33.43 9.68 12.23
N PRO C 388 33.41 10.98 11.91
CA PRO C 388 33.92 11.97 12.88
C PRO C 388 33.22 11.96 14.21
N ASP C 389 32.12 11.22 14.35
CA ASP C 389 31.28 11.25 15.53
C ASP C 389 31.32 9.97 16.35
N LYS C 390 31.25 8.81 15.69
CA LYS C 390 31.36 7.54 16.40
C LYS C 390 32.75 7.30 16.95
N ALA C 391 33.72 8.16 16.62
CA ALA C 391 35.04 8.11 17.25
C ALA C 391 35.16 9.05 18.44
N ILE C 392 34.43 10.15 18.44
CA ILE C 392 34.39 11.03 19.60
C ILE C 392 33.54 10.43 20.72
N ASP C 393 32.51 9.65 20.36
CA ASP C 393 31.68 9.04 21.38
C ASP C 393 32.48 8.10 22.26
N LEU C 394 33.39 7.33 21.67
CA LEU C 394 34.20 6.39 22.43
C LEU C 394 35.08 7.11 23.44
N VAL C 395 35.76 8.17 23.00
CA VAL C 395 36.64 8.92 23.90
C VAL C 395 35.83 9.55 25.02
N ASP C 396 34.67 10.10 24.69
CA ASP C 396 33.86 10.74 25.71
C ASP C 396 33.41 9.74 26.77
N GLU C 397 32.91 8.57 26.34
CA GLU C 397 32.44 7.59 27.31
C GLU C 397 33.60 7.04 28.13
N ALA C 398 34.75 6.81 27.52
CA ALA C 398 35.89 6.31 28.27
C ALA C 398 36.32 7.30 29.34
N ALA C 399 36.39 8.58 28.98
CA ALA C 399 36.79 9.59 29.96
C ALA C 399 35.78 9.70 31.09
N SER C 400 34.49 9.66 30.76
CA SER C 400 33.47 9.76 31.81
C SER C 400 33.53 8.55 32.73
N ARG C 401 33.76 7.36 32.19
CA ARG C 401 33.92 6.18 33.04
C ARG C 401 35.11 6.32 33.96
N LEU C 402 36.25 6.76 33.43
CA LEU C 402 37.44 6.89 34.27
C LEU C 402 37.23 7.92 35.37
N ARG C 403 36.54 9.02 35.06
CA ARG C 403 36.25 9.99 36.12
C ARG C 403 35.30 9.41 37.16
N MET C 404 34.32 8.61 36.72
CA MET C 404 33.43 7.96 37.67
C MET C 404 34.21 7.03 38.59
N GLU C 405 35.27 6.40 38.08
CA GLU C 405 36.07 5.49 38.90
C GLU C 405 37.01 6.22 39.86
N ILE C 406 37.43 7.45 39.55
CA ILE C 406 38.29 8.18 40.47
C ILE C 406 37.58 8.48 41.78
N ASP C 407 36.25 8.60 41.76
CA ASP C 407 35.50 8.48 42.99
C ASP C 407 35.91 7.16 43.65
N SER C 408 36.33 7.24 44.91
CA SER C 408 37.34 6.36 45.54
C SER C 408 37.26 4.94 44.97
N ARG C 409 36.11 4.29 44.95
CA ARG C 409 36.08 2.89 44.57
C ARG C 409 36.35 2.73 43.08
N PRO C 410 37.12 1.71 42.68
CA PRO C 410 37.22 1.39 41.25
C PRO C 410 36.15 0.39 40.85
N VAL C 411 36.16 -0.04 39.58
CA VAL C 411 35.24 -1.07 39.12
C VAL C 411 35.76 -2.44 39.54
N GLU C 412 34.92 -3.46 39.37
CA GLU C 412 35.17 -4.85 39.79
C GLU C 412 35.51 -4.96 41.27
N ILE C 413 35.25 -3.90 42.04
CA ILE C 413 35.10 -4.03 43.49
C ILE C 413 33.72 -3.53 43.84
N ASP C 414 33.24 -2.55 43.07
CA ASP C 414 31.92 -1.96 43.24
C ASP C 414 30.81 -2.94 42.90
N GLU C 415 31.04 -3.86 41.98
CA GLU C 415 30.10 -4.91 41.64
C GLU C 415 30.11 -6.06 42.64
N VAL C 416 31.31 -6.49 43.04
CA VAL C 416 31.42 -7.59 44.00
C VAL C 416 30.83 -7.19 45.34
N GLU C 417 31.02 -5.93 45.76
CA GLU C 417 30.41 -5.48 47.00
C GLU C 417 28.89 -5.58 46.96
N ARG C 418 28.28 -5.03 45.91
CA ARG C 418 26.83 -5.07 45.75
C ARG C 418 26.30 -6.49 45.56
N LEU C 419 27.13 -7.39 45.04
CA LEU C 419 26.73 -8.78 44.88
C LEU C 419 26.72 -9.51 46.23
N VAL C 420 27.78 -9.32 47.03
CA VAL C 420 27.83 -9.94 48.35
C VAL C 420 26.72 -9.40 49.23
N ARG C 421 26.39 -8.11 49.10
CA ARG C 421 25.29 -7.55 49.87
C ARG C 421 23.98 -8.26 49.54
N ARG C 422 23.72 -8.47 48.24
CA ARG C 422 22.49 -9.14 47.82
C ARG C 422 22.46 -10.59 48.32
N LEU C 423 23.59 -11.28 48.23
CA LEU C 423 23.67 -12.65 48.73
C LEU C 423 23.36 -12.70 50.22
N GLU C 424 23.88 -11.74 50.98
CA GLU C 424 23.59 -11.72 52.42
C GLU C 424 22.12 -11.46 52.68
N ILE C 425 21.52 -10.53 51.96
CA ILE C 425 20.09 -10.26 52.15
C ILE C 425 19.25 -11.48 51.83
N GLU C 426 19.63 -12.26 50.81
CA GLU C 426 18.86 -13.46 50.49
C GLU C 426 19.08 -14.56 51.52
N GLU C 427 20.31 -14.74 51.98
CA GLU C 427 20.58 -15.79 52.96
C GLU C 427 19.91 -15.50 54.30
N MET C 428 19.81 -14.22 54.68
CA MET C 428 19.17 -13.83 55.92
C MET C 428 17.66 -14.07 55.89
N ALA C 429 17.10 -14.21 54.69
CA ALA C 429 15.66 -14.40 54.54
C ALA C 429 15.33 -15.87 54.26
N LEU C 430 16.30 -16.62 53.77
CA LEU C 430 16.14 -18.06 53.58
C LEU C 430 16.28 -18.87 54.86
N SER C 431 16.80 -18.28 55.94
CA SER C 431 17.05 -19.05 57.15
C SER C 431 15.75 -19.44 57.85
N LYS C 432 14.73 -18.59 57.80
CA LYS C 432 13.46 -18.86 58.46
C LYS C 432 12.46 -19.52 57.50
N GLU C 433 12.86 -20.63 56.89
CA GLU C 433 12.01 -21.39 55.99
C GLU C 433 11.76 -22.77 56.58
N GLU C 434 10.51 -23.01 57.01
CA GLU C 434 10.13 -24.30 57.58
C GLU C 434 9.81 -25.29 56.47
N ASP C 435 10.85 -25.79 55.80
CA ASP C 435 10.70 -26.77 54.74
C ASP C 435 11.88 -27.73 54.78
N GLU C 436 12.01 -28.53 53.73
CA GLU C 436 13.14 -29.43 53.59
C GLU C 436 13.74 -29.25 52.21
N ALA C 437 12.90 -28.83 51.25
CA ALA C 437 13.39 -28.57 49.89
C ALA C 437 14.28 -27.34 49.85
N SER C 438 14.04 -26.37 50.73
CA SER C 438 14.84 -25.15 50.81
C SER C 438 16.00 -25.27 51.78
N ALA C 439 16.13 -26.42 52.46
CA ALA C 439 17.29 -26.64 53.32
C ALA C 439 18.49 -27.12 52.52
N GLU C 440 18.28 -27.53 51.27
CA GLU C 440 19.36 -27.89 50.36
C GLU C 440 19.75 -26.73 49.46
N ARG C 441 18.82 -25.83 49.15
CA ARG C 441 19.15 -24.61 48.41
C ARG C 441 19.91 -23.62 49.26
N LEU C 442 19.63 -23.58 50.56
CA LEU C 442 20.32 -22.70 51.50
C LEU C 442 21.77 -23.09 51.70
N ALA C 443 22.09 -24.38 51.72
CA ALA C 443 23.44 -24.85 51.89
C ALA C 443 24.32 -24.63 50.67
N LYS C 444 23.77 -24.07 49.60
CA LYS C 444 24.55 -23.69 48.42
C LYS C 444 24.80 -22.19 48.35
N LEU C 445 23.80 -21.40 48.75
CA LEU C 445 23.96 -19.95 48.74
C LEU C 445 25.02 -19.52 49.75
N ARG C 446 25.14 -20.26 50.85
CA ARG C 446 26.20 -19.97 51.82
C ARG C 446 27.58 -20.23 51.23
N SER C 447 27.73 -21.33 50.51
CA SER C 447 29.00 -21.63 49.85
C SER C 447 29.33 -20.56 48.81
N GLU C 448 28.32 -20.12 48.06
CA GLU C 448 28.53 -19.04 47.10
C GLU C 448 28.95 -17.75 47.81
N LEU C 449 28.28 -17.42 48.91
CA LEU C 449 28.61 -16.23 49.67
C LEU C 449 30.05 -16.26 50.16
N ALA C 450 30.48 -17.40 50.69
CA ALA C 450 31.85 -17.51 51.19
C ALA C 450 32.86 -17.44 50.05
N ASP C 451 32.58 -18.11 48.94
CA ASP C 451 33.53 -18.13 47.83
C ASP C 451 33.60 -16.78 47.14
N GLN C 452 32.59 -15.94 47.36
CA GLN C 452 32.65 -14.57 46.84
C GLN C 452 33.34 -13.64 47.81
N LYS C 453 33.12 -13.85 49.11
CA LYS C 453 33.81 -13.06 50.13
C LYS C 453 35.32 -13.26 50.03
N GLU C 454 35.73 -14.48 49.69
CA GLU C 454 37.15 -14.76 49.46
C GLU C 454 37.75 -13.78 48.47
N LYS C 455 37.21 -13.73 47.26
CA LYS C 455 37.78 -12.90 46.20
C LYS C 455 37.54 -11.41 46.48
N LEU C 456 36.47 -11.10 47.21
CA LEU C 456 36.25 -9.72 47.61
C LEU C 456 37.38 -9.22 48.51
N ALA C 457 37.72 -10.02 49.53
CA ALA C 457 38.83 -9.64 50.41
C ALA C 457 40.14 -9.62 49.65
N GLU C 458 40.31 -10.55 48.69
CA GLU C 458 41.53 -10.55 47.88
C GLU C 458 41.67 -9.25 47.10
N LEU C 459 40.60 -8.81 46.44
CA LEU C 459 40.66 -7.56 45.68
C LEU C 459 40.86 -6.37 46.59
N THR C 460 40.17 -6.36 47.74
CA THR C 460 40.33 -5.26 48.69
C THR C 460 41.77 -5.14 49.17
N THR C 461 42.46 -6.27 49.37
CA THR C 461 43.85 -6.21 49.80
C THR C 461 44.77 -5.81 48.66
N ARG C 462 44.51 -6.30 47.44
CA ARG C 462 45.38 -5.96 46.32
C ARG C 462 45.28 -4.49 45.96
N TRP C 463 44.10 -3.89 46.13
CA TRP C 463 43.95 -2.45 45.90
C TRP C 463 44.87 -1.66 46.82
N GLN C 464 45.07 -2.15 48.05
CA GLN C 464 45.93 -1.45 48.98
C GLN C 464 47.38 -1.47 48.52
N ASN C 465 47.83 -2.62 48.01
CA ASN C 465 49.17 -2.69 47.43
C ASN C 465 49.31 -1.73 46.26
N GLU C 466 48.35 -1.78 45.32
CA GLU C 466 48.39 -0.88 44.18
C GLU C 466 48.38 0.60 44.57
N LYS C 467 47.68 0.95 45.65
CA LYS C 467 47.57 2.33 46.09
C LYS C 467 48.78 2.80 46.90
N ASN C 468 49.41 1.91 47.67
CA ASN C 468 50.53 2.30 48.51
C ASN C 468 51.85 2.19 47.76
N ALA C 469 52.15 1.00 47.25
CA ALA C 469 53.41 0.78 46.54
C ALA C 469 53.29 1.22 45.09
N LYS C 530 46.40 4.06 36.40
CA LYS C 530 45.01 4.32 36.02
C LYS C 530 44.65 5.77 36.30
N GLU C 531 45.28 6.70 35.58
CA GLU C 531 44.94 8.10 35.71
C GLU C 531 44.69 8.67 34.32
N GLU C 532 45.04 7.91 33.29
CA GLU C 532 44.84 8.30 31.92
C GLU C 532 44.07 7.22 31.17
N VAL C 533 43.32 7.63 30.15
CA VAL C 533 42.64 6.65 29.31
C VAL C 533 43.63 6.07 28.32
N GLY C 534 43.57 4.76 28.11
CA GLY C 534 44.51 4.08 27.27
C GLY C 534 43.83 3.41 26.09
N PRO C 535 44.63 2.75 25.25
CA PRO C 535 44.06 2.06 24.07
C PRO C 535 43.19 0.87 24.40
N ASP C 536 42.99 0.54 25.69
CA ASP C 536 42.14 -0.58 26.06
C ASP C 536 40.85 -0.17 26.76
N ASP C 537 40.76 1.06 27.26
CA ASP C 537 39.47 1.55 27.71
C ASP C 537 38.55 1.81 26.52
N ILE C 538 39.12 2.23 25.40
CA ILE C 538 38.34 2.33 24.17
C ILE C 538 37.81 0.97 23.75
N ALA C 539 38.66 -0.06 23.86
CA ALA C 539 38.21 -1.41 23.54
C ALA C 539 37.17 -1.88 24.53
N ASP C 540 37.27 -1.46 25.79
CA ASP C 540 36.26 -1.81 26.77
C ASP C 540 34.91 -1.20 26.41
N VAL C 541 34.92 0.05 25.95
CA VAL C 541 33.66 0.67 25.53
C VAL C 541 33.10 -0.04 24.29
N VAL C 542 33.94 -0.26 23.28
CA VAL C 542 33.52 -0.97 22.08
C VAL C 542 33.00 -2.36 22.38
N SER C 543 33.48 -3.00 23.43
CA SER C 543 32.96 -4.30 23.82
C SER C 543 31.66 -4.19 24.61
N ALA C 544 31.51 -3.15 25.43
CA ALA C 544 30.26 -2.95 26.14
C ALA C 544 29.11 -2.61 25.21
N TRP C 545 29.38 -1.93 24.10
CA TRP C 545 28.36 -1.56 23.12
C TRP C 545 28.65 -2.29 21.84
N THR C 546 27.65 -3.03 21.32
CA THR C 546 27.87 -4.01 20.25
C THR C 546 28.82 -5.10 20.72
N GLY C 547 28.29 -5.97 21.56
CA GLY C 547 29.04 -6.79 22.49
C GLY C 547 30.13 -7.69 21.95
N ILE C 548 30.50 -7.51 20.69
CA ILE C 548 31.72 -8.10 20.14
C ILE C 548 32.87 -7.85 21.10
N PRO C 549 33.64 -8.88 21.47
CA PRO C 549 34.78 -8.65 22.35
C PRO C 549 35.98 -8.14 21.57
N ALA C 550 36.41 -6.92 21.88
CA ALA C 550 37.51 -6.30 21.14
C ALA C 550 38.69 -5.96 22.03
N GLY C 551 38.77 -6.55 23.22
CA GLY C 551 39.81 -6.19 24.16
C GLY C 551 41.17 -6.75 23.79
N ARG C 552 41.97 -7.11 24.80
CA ARG C 552 43.32 -7.58 24.56
C ARG C 552 43.66 -8.79 25.42
N LEU C 553 42.68 -9.66 25.68
CA LEU C 553 42.90 -10.95 26.33
C LEU C 553 43.54 -10.76 27.71
N LEU C 554 42.77 -10.14 28.59
CA LEU C 554 43.33 -9.65 29.86
C LEU C 554 43.48 -10.74 30.90
N GLU C 555 44.11 -11.84 30.52
CA GLU C 555 44.72 -12.82 31.44
C GLU C 555 43.69 -13.61 32.23
N GLY C 556 42.42 -13.21 32.17
CA GLY C 556 41.39 -14.00 32.80
C GLY C 556 40.73 -14.98 31.86
N GLU C 557 41.02 -14.86 30.58
CA GLU C 557 40.41 -15.70 29.56
C GLU C 557 41.42 -16.35 28.63
N THR C 558 42.71 -15.99 28.70
CA THR C 558 43.70 -16.67 27.88
C THR C 558 43.89 -18.12 28.33
N ALA C 559 43.74 -18.37 29.63
CA ALA C 559 43.78 -19.75 30.10
C ALA C 559 42.60 -20.54 29.55
N LYS C 560 41.40 -19.97 29.61
CA LYS C 560 40.23 -20.62 29.03
C LYS C 560 40.42 -20.85 27.53
N LEU C 561 41.08 -19.91 26.86
CA LEU C 561 41.23 -20.01 25.42
C LEU C 561 42.31 -21.01 25.04
N LEU C 562 43.21 -21.31 25.98
CA LEU C 562 44.15 -22.41 25.76
C LEU C 562 43.54 -23.75 26.14
N ARG C 563 42.55 -23.73 27.03
CA ARG C 563 41.88 -24.95 27.47
C ARG C 563 40.67 -25.32 26.63
N MET C 564 40.29 -24.47 25.68
CA MET C 564 39.12 -24.66 24.82
C MET C 564 38.90 -26.09 24.36
N GLU C 565 39.94 -26.78 23.89
CA GLU C 565 39.73 -28.11 23.33
C GLU C 565 39.32 -29.12 24.39
N ASP C 566 40.01 -29.11 25.53
CA ASP C 566 39.63 -29.97 26.64
C ASP C 566 38.30 -29.56 27.27
N GLU C 567 37.88 -28.32 27.08
CA GLU C 567 36.61 -27.89 27.64
C GLU C 567 35.44 -28.24 26.73
N LEU C 568 35.65 -28.25 25.42
CA LEU C 568 34.66 -28.78 24.49
C LEU C 568 34.63 -30.29 24.49
N GLY C 569 35.72 -30.95 24.87
CA GLY C 569 35.73 -32.40 24.95
C GLY C 569 34.92 -32.94 26.11
N LYS C 570 34.24 -32.07 26.84
CA LYS C 570 33.34 -32.51 27.89
C LYS C 570 31.99 -32.91 27.33
N ARG C 571 31.60 -32.38 26.17
CA ARG C 571 30.30 -32.63 25.59
C ARG C 571 30.35 -33.39 24.27
N VAL C 572 31.46 -33.34 23.56
CA VAL C 572 31.64 -34.06 22.31
C VAL C 572 32.86 -34.95 22.45
N ILE C 573 32.70 -36.24 22.16
CA ILE C 573 33.72 -37.24 22.42
C ILE C 573 34.21 -37.77 21.08
N GLY C 574 35.51 -37.65 20.85
CA GLY C 574 36.05 -37.94 19.55
C GLY C 574 36.15 -36.69 18.71
N GLN C 575 36.27 -36.89 17.39
CA GLN C 575 36.27 -35.80 16.43
C GLN C 575 37.31 -34.74 16.77
N LYS C 576 38.51 -35.20 17.14
CA LYS C 576 39.57 -34.28 17.51
C LYS C 576 39.96 -33.40 16.33
N ALA C 577 39.92 -33.95 15.11
CA ALA C 577 40.28 -33.18 13.94
C ALA C 577 39.37 -31.99 13.70
N ALA C 578 38.10 -32.07 14.13
CA ALA C 578 37.17 -30.97 13.99
C ALA C 578 37.19 -30.03 15.19
N VAL C 579 37.32 -30.59 16.40
CA VAL C 579 37.42 -29.73 17.57
C VAL C 579 38.64 -28.83 17.45
N THR C 580 39.78 -29.39 17.03
CA THR C 580 40.98 -28.58 16.91
C THR C 580 40.85 -27.56 15.78
N ALA C 581 40.20 -27.93 14.69
CA ALA C 581 40.08 -27.02 13.56
C ALA C 581 39.16 -25.86 13.86
N VAL C 582 38.18 -26.06 14.75
CA VAL C 582 37.34 -24.94 15.18
C VAL C 582 38.06 -24.10 16.23
N SER C 583 38.77 -24.76 17.15
CA SER C 583 39.44 -24.04 18.21
C SER C 583 40.55 -23.15 17.67
N ASP C 584 41.26 -23.60 16.64
CA ASP C 584 42.30 -22.77 16.05
C ASP C 584 41.72 -21.50 15.47
N ALA C 585 40.59 -21.61 14.77
CA ALA C 585 39.96 -20.44 14.18
C ALA C 585 39.43 -19.49 15.25
N VAL C 586 38.93 -20.02 16.36
CA VAL C 586 38.46 -19.13 17.41
C VAL C 586 39.65 -18.48 18.12
N ARG C 587 40.78 -19.17 18.18
CA ARG C 587 41.92 -18.68 18.94
C ARG C 587 42.67 -17.60 18.18
N ARG C 588 42.94 -17.83 16.90
CA ARG C 588 43.70 -16.87 16.12
C ARG C 588 42.88 -15.66 15.69
N SER C 589 41.67 -15.51 16.22
CA SER C 589 40.90 -14.29 16.02
C SER C 589 41.02 -13.33 17.19
N ARG C 590 41.29 -13.84 18.39
CA ARG C 590 41.52 -12.99 19.54
C ARG C 590 42.97 -12.53 19.65
N ALA C 591 43.87 -13.15 18.89
CA ALA C 591 45.26 -12.74 18.87
C ALA C 591 45.56 -11.75 17.74
N GLY C 592 44.56 -11.38 16.96
CA GLY C 592 44.75 -10.38 15.92
C GLY C 592 45.60 -10.87 14.78
N VAL C 593 45.35 -12.08 14.29
CA VAL C 593 46.13 -12.66 13.22
C VAL C 593 45.23 -12.87 12.01
N SER C 594 43.94 -13.02 12.25
CA SER C 594 43.01 -13.36 11.18
C SER C 594 42.64 -12.12 10.37
N ASP C 595 42.13 -12.37 9.17
CA ASP C 595 41.76 -11.31 8.24
C ASP C 595 40.63 -10.47 8.80
N PRO C 596 40.78 -9.14 8.89
CA PRO C 596 39.74 -8.33 9.52
C PRO C 596 38.44 -8.22 8.72
N ASN C 597 38.45 -8.43 7.40
CA ASN C 597 37.22 -8.35 6.61
C ASN C 597 36.99 -9.69 5.92
N ARG C 598 36.40 -10.61 6.68
CA ARG C 598 35.97 -11.96 6.34
C ARG C 598 35.35 -12.54 7.59
N PRO C 599 34.42 -13.48 7.49
CA PRO C 599 33.89 -14.11 8.70
C PRO C 599 34.99 -14.81 9.46
N THR C 600 34.81 -14.87 10.79
CA THR C 600 35.83 -15.45 11.65
C THR C 600 35.99 -16.95 11.44
N GLY C 601 35.18 -17.55 10.57
CA GLY C 601 35.26 -18.96 10.28
C GLY C 601 34.07 -19.43 9.47
N ALA C 602 34.30 -20.29 8.49
CA ALA C 602 33.25 -20.80 7.62
C ALA C 602 33.53 -22.27 7.35
N PHE C 603 32.92 -23.14 8.14
CA PHE C 603 33.19 -24.58 8.10
C PHE C 603 31.99 -25.32 7.58
N MET C 604 32.24 -26.44 6.91
CA MET C 604 31.20 -27.41 6.56
C MET C 604 31.75 -28.77 6.95
N PHE C 605 31.18 -29.36 7.99
CA PHE C 605 31.53 -30.72 8.36
C PHE C 605 30.37 -31.68 8.15
N LEU C 606 30.67 -32.82 7.52
CA LEU C 606 29.70 -33.79 7.08
C LEU C 606 30.23 -35.20 7.31
N GLY C 607 29.31 -36.12 7.61
CA GLY C 607 29.65 -37.49 7.87
C GLY C 607 28.40 -38.33 8.00
N PRO C 608 28.51 -39.51 8.61
CA PRO C 608 27.32 -40.34 8.82
C PRO C 608 26.42 -39.79 9.90
N THR C 609 25.35 -40.50 10.24
CA THR C 609 24.34 -39.99 11.15
C THR C 609 24.63 -40.42 12.58
N GLY C 610 24.19 -39.58 13.52
CA GLY C 610 24.37 -39.88 14.94
C GLY C 610 25.79 -39.75 15.43
N VAL C 611 26.59 -38.89 14.81
CA VAL C 611 28.02 -38.84 15.05
C VAL C 611 28.41 -37.68 15.96
N GLY C 612 27.75 -36.53 15.83
CA GLY C 612 28.05 -35.42 16.72
C GLY C 612 28.26 -34.08 16.05
N LYS C 613 27.92 -33.96 14.78
CA LYS C 613 28.21 -32.75 14.04
C LYS C 613 27.23 -31.61 14.35
N THR C 614 26.06 -31.91 14.90
CA THR C 614 25.22 -30.84 15.44
C THR C 614 25.49 -30.64 16.92
N GLU C 615 25.88 -31.69 17.63
CA GLU C 615 26.27 -31.53 19.02
C GLU C 615 27.48 -30.62 19.16
N LEU C 616 28.42 -30.69 18.23
CA LEU C 616 29.58 -29.80 18.30
C LEU C 616 29.18 -28.35 18.09
N ALA C 617 28.28 -28.09 17.15
CA ALA C 617 27.80 -26.74 16.93
C ALA C 617 27.01 -26.21 18.12
N LYS C 618 26.29 -27.08 18.81
CA LYS C 618 25.57 -26.63 20.01
C LYS C 618 26.48 -26.49 21.22
N ALA C 619 27.61 -27.18 21.25
CA ALA C 619 28.56 -27.03 22.34
C ALA C 619 29.47 -25.82 22.18
N LEU C 620 29.81 -25.46 20.95
CA LEU C 620 30.61 -24.26 20.74
C LEU C 620 29.84 -23.01 21.16
N ALA C 621 28.56 -22.92 20.81
CA ALA C 621 27.74 -21.80 21.23
C ALA C 621 27.67 -21.70 22.74
N ASP C 622 27.55 -22.84 23.42
CA ASP C 622 27.53 -22.82 24.88
C ASP C 622 28.86 -22.34 25.44
N PHE C 623 29.95 -22.86 24.91
CA PHE C 623 31.28 -22.43 25.35
C PHE C 623 31.48 -20.94 25.18
N LEU C 624 30.94 -20.35 24.11
CA LEU C 624 31.20 -18.95 23.82
C LEU C 624 30.23 -17.98 24.49
N PHE C 625 28.94 -18.29 24.55
CA PHE C 625 27.95 -17.34 25.06
C PHE C 625 27.26 -17.80 26.34
N ASP C 626 27.49 -19.03 26.80
CA ASP C 626 26.88 -19.60 27.98
C ASP C 626 25.36 -19.74 27.87
N ASP C 627 24.83 -19.86 26.65
CA ASP C 627 23.42 -20.12 26.45
C ASP C 627 23.26 -20.69 25.04
N GLU C 628 22.88 -21.97 24.96
CA GLU C 628 22.72 -22.62 23.66
C GLU C 628 21.67 -21.94 22.79
N ARG C 629 20.76 -21.16 23.39
CA ARG C 629 19.72 -20.47 22.64
C ARG C 629 20.17 -19.10 22.17
N ALA C 630 21.47 -18.84 22.18
CA ALA C 630 22.01 -17.56 21.71
C ALA C 630 22.47 -17.61 20.27
N MET C 631 22.45 -18.77 19.63
CA MET C 631 22.86 -18.88 18.24
C MET C 631 21.65 -18.79 17.32
N VAL C 632 21.91 -18.38 16.10
CA VAL C 632 20.87 -18.20 15.08
C VAL C 632 20.84 -19.48 14.27
N ARG C 633 19.91 -20.38 14.60
CA ARG C 633 19.75 -21.62 13.87
C ARG C 633 18.64 -21.47 12.85
N ILE C 634 18.90 -21.88 11.61
CA ILE C 634 17.86 -21.98 10.59
C ILE C 634 17.91 -23.40 10.05
N ASP C 635 16.73 -24.00 9.85
CA ASP C 635 16.61 -25.39 9.44
C ASP C 635 16.42 -25.44 7.94
N MET C 636 17.46 -25.83 7.21
CA MET C 636 17.49 -25.71 5.76
C MET C 636 16.70 -26.80 5.07
N SER C 637 15.84 -27.53 5.76
CA SER C 637 15.02 -28.56 5.14
C SER C 637 13.66 -28.04 4.70
N GLU C 638 13.31 -26.81 5.07
CA GLU C 638 12.10 -26.16 4.61
C GLU C 638 12.33 -25.28 3.39
N TYR C 639 13.57 -25.09 2.98
CA TYR C 639 13.92 -24.29 1.80
C TYR C 639 13.99 -25.19 0.58
N GLY C 640 12.91 -25.94 0.36
CA GLY C 640 12.87 -26.90 -0.72
C GLY C 640 12.70 -26.26 -2.08
N GLU C 641 11.89 -25.21 -2.17
CA GLU C 641 11.63 -24.53 -3.44
C GLU C 641 12.39 -23.22 -3.52
N LYS C 642 12.52 -22.71 -4.74
CA LYS C 642 13.29 -21.50 -4.98
C LYS C 642 12.76 -20.33 -4.16
N HIS C 643 11.47 -20.06 -4.26
CA HIS C 643 10.92 -18.82 -3.72
C HIS C 643 11.03 -18.72 -2.20
N THR C 644 11.52 -19.76 -1.52
CA THR C 644 11.72 -19.65 -0.08
C THR C 644 12.89 -18.77 0.30
N VAL C 645 13.71 -18.35 -0.67
CA VAL C 645 14.84 -17.48 -0.36
C VAL C 645 14.37 -16.14 0.17
N ALA C 646 13.19 -15.67 -0.26
CA ALA C 646 12.65 -14.41 0.21
C ALA C 646 12.35 -14.42 1.70
N ARG C 647 12.56 -15.54 2.38
CA ARG C 647 12.35 -15.61 3.82
C ARG C 647 13.49 -15.02 4.60
N LEU C 648 14.72 -15.18 4.13
CA LEU C 648 15.90 -14.70 4.84
C LEU C 648 16.47 -13.42 4.25
N ILE C 649 15.79 -12.82 3.28
CA ILE C 649 16.30 -11.60 2.66
C ILE C 649 15.21 -10.55 2.58
N GLY C 650 13.95 -10.94 2.75
CA GLY C 650 12.85 -10.01 2.76
C GLY C 650 12.27 -9.79 1.37
N ALA C 651 11.15 -9.07 1.34
CA ALA C 651 10.46 -8.79 0.09
C ALA C 651 10.84 -7.42 -0.45
N PRO C 652 10.87 -7.24 -1.76
CA PRO C 652 11.25 -5.96 -2.34
C PRO C 652 10.23 -4.88 -2.03
N PRO C 653 10.48 -3.63 -2.37
CA PRO C 653 9.50 -2.57 -2.11
C PRO C 653 8.22 -2.79 -2.90
N GLY C 654 7.09 -2.58 -2.24
CA GLY C 654 5.79 -2.66 -2.88
C GLY C 654 5.02 -3.94 -2.65
N TYR C 655 5.58 -4.89 -1.92
CA TYR C 655 4.96 -6.20 -1.74
C TYR C 655 4.55 -6.38 -0.27
N VAL C 656 3.96 -7.55 0.02
CA VAL C 656 3.14 -7.70 1.23
C VAL C 656 4.00 -7.54 2.48
N GLY C 657 4.94 -8.45 2.70
CA GLY C 657 5.75 -8.33 3.89
C GLY C 657 7.01 -7.57 3.58
N TYR C 658 7.00 -6.26 3.79
CA TYR C 658 8.11 -5.41 3.40
C TYR C 658 8.71 -4.65 4.56
N GLU C 659 7.90 -4.15 5.48
CA GLU C 659 8.42 -3.46 6.65
C GLU C 659 9.14 -4.39 7.60
N ALA C 660 8.83 -5.69 7.56
CA ALA C 660 9.46 -6.63 8.46
C ALA C 660 10.92 -6.88 8.11
N GLY C 661 11.30 -6.74 6.85
CA GLY C 661 12.66 -7.00 6.46
C GLY C 661 12.97 -8.49 6.54
N GLY C 662 14.25 -8.79 6.32
CA GLY C 662 14.71 -10.16 6.38
C GLY C 662 14.66 -10.71 7.79
N GLN C 663 14.85 -12.03 7.89
CA GLN C 663 14.89 -12.71 9.16
C GLN C 663 16.30 -13.01 9.62
N LEU C 664 17.11 -13.64 8.78
CA LEU C 664 18.54 -13.75 9.07
C LEU C 664 19.16 -12.37 9.20
N THR C 665 18.79 -11.46 8.29
CA THR C 665 19.37 -10.12 8.30
C THR C 665 19.05 -9.39 9.60
N GLU C 666 17.77 -9.37 9.99
CA GLU C 666 17.42 -8.70 11.23
C GLU C 666 17.91 -9.43 12.47
N ALA C 667 18.12 -10.74 12.38
CA ALA C 667 18.63 -11.47 13.54
C ALA C 667 20.11 -11.21 13.77
N VAL C 668 20.88 -11.01 12.70
CA VAL C 668 22.30 -10.70 12.85
C VAL C 668 22.56 -9.19 12.97
N ARG C 669 21.63 -8.35 12.53
CA ARG C 669 21.87 -6.91 12.58
C ARG C 669 21.97 -6.43 14.02
N ARG C 670 21.17 -6.99 14.92
CA ARG C 670 21.35 -6.79 16.35
C ARG C 670 22.11 -7.99 16.88
N ARG C 671 23.03 -7.75 17.81
CA ARG C 671 23.90 -8.79 18.34
C ARG C 671 24.67 -9.45 17.22
N PRO C 672 25.65 -8.76 16.62
CA PRO C 672 26.43 -9.31 15.51
C PRO C 672 27.62 -10.15 15.95
N TYR C 673 27.40 -11.04 16.92
CA TYR C 673 28.45 -11.91 17.42
C TYR C 673 27.92 -13.33 17.69
N THR C 674 26.96 -13.80 16.90
CA THR C 674 26.37 -15.10 17.18
C THR C 674 27.12 -16.18 16.41
N VAL C 675 26.59 -17.40 16.50
CA VAL C 675 26.99 -18.52 15.66
C VAL C 675 25.80 -18.84 14.77
N VAL C 676 26.05 -19.00 13.49
CA VAL C 676 24.99 -19.29 12.52
C VAL C 676 25.13 -20.73 12.08
N LEU C 677 24.02 -21.45 12.05
CA LEU C 677 24.01 -22.88 11.78
C LEU C 677 22.98 -23.19 10.70
N PHE C 678 23.44 -23.73 9.58
CA PHE C 678 22.58 -24.12 8.47
C PHE C 678 22.47 -25.65 8.50
N ASP C 679 21.49 -26.16 9.23
CA ASP C 679 21.33 -27.60 9.34
C ASP C 679 20.86 -28.20 8.03
N GLU C 680 21.51 -29.29 7.61
CA GLU C 680 21.08 -30.08 6.46
C GLU C 680 21.04 -29.23 5.20
N ILE C 681 22.22 -28.72 4.83
CA ILE C 681 22.30 -27.77 3.73
C ILE C 681 21.97 -28.44 2.40
N GLU C 682 22.17 -29.74 2.28
CA GLU C 682 22.01 -30.41 0.99
C GLU C 682 20.55 -30.66 0.64
N LYS C 683 19.63 -30.47 1.56
CA LYS C 683 18.22 -30.74 1.33
C LYS C 683 17.46 -29.53 0.79
N ALA C 684 18.15 -28.43 0.53
CA ALA C 684 17.53 -27.25 -0.02
C ALA C 684 17.68 -27.23 -1.54
N HIS C 685 17.04 -26.25 -2.17
CA HIS C 685 17.14 -26.12 -3.61
C HIS C 685 18.53 -25.62 -3.98
N PRO C 686 19.09 -26.08 -5.11
CA PRO C 686 20.43 -25.63 -5.52
C PRO C 686 20.44 -24.23 -6.09
N ASP C 687 19.70 -23.33 -5.43
CA ASP C 687 19.75 -21.90 -5.67
C ASP C 687 19.78 -21.10 -4.39
N VAL C 688 19.61 -21.74 -3.23
CA VAL C 688 19.85 -21.09 -1.96
C VAL C 688 21.35 -21.01 -1.69
N PHE C 689 22.13 -21.88 -2.32
CA PHE C 689 23.57 -21.84 -2.14
C PHE C 689 24.20 -20.60 -2.76
N ASP C 690 23.51 -19.95 -3.70
CA ASP C 690 24.04 -18.76 -4.34
C ASP C 690 23.97 -17.52 -3.47
N VAL C 691 22.95 -17.39 -2.63
CA VAL C 691 22.86 -16.24 -1.73
C VAL C 691 23.90 -16.30 -0.64
N LEU C 692 24.69 -17.38 -0.57
CA LEU C 692 25.74 -17.54 0.42
C LEU C 692 27.11 -17.22 -0.11
N LEU C 693 27.24 -16.96 -1.42
CA LEU C 693 28.54 -16.68 -2.00
C LEU C 693 29.13 -15.39 -1.48
N GLN C 694 28.30 -14.40 -1.13
CA GLN C 694 28.83 -13.18 -0.55
C GLN C 694 29.02 -13.33 0.96
N VAL C 695 28.07 -13.99 1.63
CA VAL C 695 28.15 -14.17 3.08
C VAL C 695 29.38 -14.99 3.46
N LEU C 696 29.87 -15.83 2.55
CA LEU C 696 31.02 -16.65 2.86
C LEU C 696 32.33 -15.96 2.52
N ASP C 697 32.36 -15.19 1.43
CA ASP C 697 33.63 -14.58 1.02
C ASP C 697 33.91 -13.29 1.77
N GLU C 698 32.87 -12.53 2.11
CA GLU C 698 32.99 -11.47 3.09
C GLU C 698 31.70 -11.46 3.90
N GLY C 699 31.45 -10.37 4.60
CA GLY C 699 30.35 -10.42 5.54
C GLY C 699 29.06 -9.74 5.10
N ARG C 700 28.88 -9.50 3.82
CA ARG C 700 27.79 -8.63 3.41
C ARG C 700 26.61 -9.43 2.85
N LEU C 701 25.42 -9.03 3.29
CA LEU C 701 24.15 -9.52 2.75
C LEU C 701 23.11 -8.41 2.91
N THR C 702 22.46 -8.03 1.81
CA THR C 702 21.59 -6.86 1.79
C THR C 702 20.13 -7.29 1.69
N ASP C 703 19.27 -6.66 2.48
CA ASP C 703 17.86 -7.01 2.49
C ASP C 703 17.08 -6.09 1.56
N GLY C 704 15.74 -6.17 1.61
CA GLY C 704 14.93 -5.42 0.67
C GLY C 704 14.95 -3.93 0.88
N HIS C 705 15.31 -3.48 2.08
CA HIS C 705 15.38 -2.06 2.35
C HIS C 705 16.67 -1.42 1.85
N GLY C 706 17.63 -2.22 1.42
CA GLY C 706 18.87 -1.70 0.87
C GLY C 706 19.99 -1.52 1.88
N ARG C 707 19.81 -1.95 3.12
CA ARG C 707 20.87 -1.82 4.12
C ARG C 707 21.65 -3.12 4.24
N THR C 708 22.96 -2.99 4.27
CA THR C 708 23.85 -4.14 4.33
C THR C 708 24.23 -4.43 5.77
N VAL C 709 24.20 -5.71 6.15
CA VAL C 709 24.64 -6.15 7.46
C VAL C 709 25.95 -6.90 7.27
N ASP C 710 26.76 -6.91 8.32
CA ASP C 710 28.10 -7.47 8.24
C ASP C 710 28.19 -8.77 9.02
N PHE C 711 28.67 -9.82 8.35
CA PHE C 711 28.87 -11.14 8.96
C PHE C 711 30.33 -11.40 9.27
N ARG C 712 31.11 -10.38 9.60
CA ARG C 712 32.53 -10.55 9.82
C ARG C 712 32.87 -10.96 11.24
N ASN C 713 31.88 -11.13 12.11
CA ASN C 713 32.16 -11.49 13.49
C ASN C 713 31.45 -12.78 13.88
N THR C 714 30.83 -13.44 12.93
CA THR C 714 30.10 -14.66 13.17
C THR C 714 30.96 -15.86 12.81
N ILE C 715 30.46 -17.04 13.16
CA ILE C 715 31.04 -18.31 12.76
C ILE C 715 29.95 -19.06 12.02
N LEU C 716 30.15 -19.30 10.73
CA LEU C 716 29.15 -19.99 9.94
C LEU C 716 29.46 -21.47 9.87
N ILE C 717 28.44 -22.29 10.10
CA ILE C 717 28.60 -23.73 10.20
C ILE C 717 27.52 -24.39 9.35
N LEU C 718 27.93 -25.36 8.53
CA LEU C 718 27.02 -26.06 7.63
C LEU C 718 27.18 -27.55 7.87
N THR C 719 26.11 -28.22 8.28
CA THR C 719 26.13 -29.65 8.51
C THR C 719 25.37 -30.36 7.40
N SER C 720 25.85 -31.54 7.01
CA SER C 720 25.23 -32.25 5.91
C SER C 720 25.52 -33.74 6.02
N ASN C 721 25.00 -34.49 5.06
CA ASN C 721 25.08 -35.95 5.09
C ASN C 721 25.34 -36.54 3.70
N LEU C 722 26.08 -35.85 2.85
CA LEU C 722 26.35 -36.38 1.51
C LEU C 722 27.20 -37.65 1.61
N GLY C 723 26.96 -38.58 0.69
CA GLY C 723 27.70 -39.82 0.65
C GLY C 723 27.70 -40.50 2.00
N SER C 724 26.55 -41.04 2.41
CA SER C 724 26.27 -41.33 3.81
C SER C 724 27.45 -41.98 4.52
N GLY C 725 27.85 -43.17 4.08
CA GLY C 725 28.92 -43.87 4.75
C GLY C 725 29.90 -44.55 3.83
N GLY C 726 30.15 -43.97 2.66
CA GLY C 726 30.98 -44.62 1.68
C GLY C 726 32.44 -44.76 2.07
N SER C 727 33.17 -43.65 2.08
CA SER C 727 34.59 -43.62 2.38
C SER C 727 34.98 -42.15 2.58
N ALA C 728 36.28 -41.89 2.65
CA ALA C 728 36.78 -40.53 2.68
C ALA C 728 37.02 -39.95 1.30
N GLU C 729 36.89 -40.76 0.25
CA GLU C 729 37.04 -40.31 -1.12
C GLU C 729 35.74 -40.26 -1.88
N GLN C 730 34.69 -40.94 -1.40
CA GLN C 730 33.38 -40.86 -2.02
C GLN C 730 32.54 -39.71 -1.50
N VAL C 731 32.69 -39.36 -0.22
CA VAL C 731 32.05 -38.14 0.27
C VAL C 731 32.58 -36.93 -0.48
N LEU C 732 33.88 -36.89 -0.77
CA LEU C 732 34.44 -35.76 -1.50
C LEU C 732 34.04 -35.74 -2.96
N ALA C 733 33.68 -36.89 -3.52
CA ALA C 733 33.16 -36.94 -4.88
C ALA C 733 31.66 -36.76 -4.93
N ALA C 734 30.98 -36.78 -3.79
CA ALA C 734 29.57 -36.40 -3.75
C ALA C 734 29.42 -34.91 -3.49
N VAL C 735 30.27 -34.36 -2.64
CA VAL C 735 30.30 -32.91 -2.44
C VAL C 735 30.58 -32.20 -3.75
N ARG C 736 31.57 -32.70 -4.49
CA ARG C 736 31.99 -32.08 -5.73
C ARG C 736 30.91 -32.17 -6.80
N ALA C 737 29.98 -33.10 -6.68
CA ALA C 737 28.88 -33.23 -7.64
C ALA C 737 27.62 -32.52 -7.19
N THR C 738 27.47 -32.24 -5.90
CA THR C 738 26.32 -31.49 -5.44
C THR C 738 26.54 -29.99 -5.43
N PHE C 739 27.74 -29.52 -5.11
CA PHE C 739 28.04 -28.09 -5.05
C PHE C 739 28.86 -27.68 -6.26
N LYS C 740 28.88 -26.37 -6.50
CA LYS C 740 29.60 -25.77 -7.60
C LYS C 740 31.07 -25.56 -7.23
N PRO C 741 31.96 -25.35 -8.20
CA PRO C 741 33.38 -25.25 -7.88
C PRO C 741 33.75 -23.95 -7.19
N GLU C 742 32.91 -22.93 -7.18
CA GLU C 742 33.22 -21.70 -6.47
C GLU C 742 32.54 -21.60 -5.13
N PHE C 743 31.58 -22.48 -4.82
CA PHE C 743 31.03 -22.54 -3.48
C PHE C 743 31.93 -23.32 -2.55
N ILE C 744 32.67 -24.30 -3.08
CA ILE C 744 33.60 -25.05 -2.25
C ILE C 744 34.87 -24.24 -2.02
N ASN C 745 35.08 -23.20 -2.81
CA ASN C 745 36.30 -22.41 -2.68
C ASN C 745 36.21 -21.39 -1.56
N ARG C 746 35.02 -20.89 -1.25
CA ARG C 746 34.86 -19.89 -0.20
C ARG C 746 35.05 -20.47 1.20
N LEU C 747 35.07 -21.78 1.34
CA LEU C 747 35.02 -22.39 2.65
C LEU C 747 36.42 -22.52 3.25
N ASP C 748 36.46 -22.63 4.57
CA ASP C 748 37.63 -23.13 5.27
C ASP C 748 37.62 -24.65 5.11
N ASP C 749 38.42 -25.35 5.91
CA ASP C 749 38.55 -26.79 5.77
C ASP C 749 37.18 -27.47 5.76
N VAL C 750 37.07 -28.53 4.97
CA VAL C 750 35.86 -29.32 4.86
C VAL C 750 36.08 -30.55 5.74
N LEU C 751 35.55 -30.50 6.95
CA LEU C 751 35.82 -31.54 7.94
C LEU C 751 34.97 -32.77 7.64
N ILE C 752 35.53 -33.95 7.91
CA ILE C 752 34.81 -35.20 7.72
C ILE C 752 34.77 -35.92 9.06
N PHE C 753 33.56 -36.23 9.52
CA PHE C 753 33.41 -36.86 10.81
C PHE C 753 33.56 -38.36 10.70
N GLU C 754 33.89 -38.99 11.82
CA GLU C 754 34.26 -40.40 11.85
C GLU C 754 33.21 -41.18 12.63
N GLY C 755 32.91 -42.39 12.15
CA GLY C 755 32.02 -43.26 12.90
C GLY C 755 32.55 -43.56 14.29
N LEU C 756 31.63 -43.91 15.17
CA LEU C 756 31.99 -44.10 16.57
C LEU C 756 32.68 -45.45 16.77
N ASN C 757 33.38 -45.57 17.90
CA ASN C 757 34.14 -46.73 18.28
C ASN C 757 33.49 -47.43 19.46
N PRO C 758 33.66 -48.75 19.59
CA PRO C 758 33.15 -49.44 20.78
C PRO C 758 33.77 -48.93 22.06
N GLU C 759 34.93 -48.26 21.98
CA GLU C 759 35.56 -47.67 23.14
C GLU C 759 35.11 -46.23 23.39
N GLU C 760 34.82 -45.48 22.33
CA GLU C 760 34.36 -44.10 22.47
C GLU C 760 32.94 -44.02 22.96
N LEU C 761 32.31 -45.15 23.24
CA LEU C 761 30.91 -45.18 23.62
C LEU C 761 30.70 -45.29 25.13
N VAL C 762 31.68 -45.79 25.87
CA VAL C 762 31.56 -45.83 27.33
C VAL C 762 31.52 -44.41 27.89
N ARG C 763 32.32 -43.51 27.34
CA ARG C 763 32.29 -42.13 27.81
C ARG C 763 30.96 -41.46 27.45
N ILE C 764 30.39 -41.78 26.30
CA ILE C 764 29.06 -41.28 25.97
C ILE C 764 28.04 -41.81 26.97
N VAL C 765 28.20 -43.07 27.41
CA VAL C 765 27.33 -43.62 28.44
C VAL C 765 27.44 -42.79 29.72
N ASP C 766 28.67 -42.46 30.11
CA ASP C 766 28.86 -41.63 31.30
C ASP C 766 28.14 -40.29 31.14
N ILE C 767 28.25 -39.67 29.97
CA ILE C 767 27.60 -38.38 29.74
C ILE C 767 26.09 -38.50 29.84
N GLN C 768 25.52 -39.54 29.23
CA GLN C 768 24.08 -39.73 29.26
C GLN C 768 23.58 -39.93 30.69
N LEU C 769 24.28 -40.76 31.46
CA LEU C 769 23.88 -40.98 32.84
C LEU C 769 24.02 -39.71 33.67
N ALA C 770 25.04 -38.90 33.39
CA ALA C 770 25.19 -37.64 34.10
C ALA C 770 24.03 -36.70 33.81
N GLN C 771 23.62 -36.61 32.54
CA GLN C 771 22.47 -35.78 32.20
C GLN C 771 21.21 -36.29 32.86
N LEU C 772 21.01 -37.61 32.87
CA LEU C 772 19.83 -38.17 33.51
C LEU C 772 19.82 -37.86 35.00
N GLY C 773 20.97 -37.95 35.66
CA GLY C 773 21.04 -37.61 37.06
C GLY C 773 20.77 -36.14 37.32
N LYS C 774 21.32 -35.27 36.48
CA LYS C 774 21.06 -33.84 36.61
C LYS C 774 19.57 -33.55 36.47
N ARG C 775 18.90 -34.22 35.54
CA ARG C 775 17.46 -34.02 35.39
C ARG C 775 16.67 -34.63 36.53
N LEU C 776 17.14 -35.74 37.10
CA LEU C 776 16.46 -36.35 38.23
C LEU C 776 16.57 -35.51 39.50
N ALA C 777 17.68 -34.80 39.68
CA ALA C 777 17.90 -34.07 40.92
C ALA C 777 16.92 -32.93 41.13
N GLN C 778 15.98 -32.70 40.21
CA GLN C 778 14.93 -31.71 40.44
C GLN C 778 13.99 -32.13 41.55
N ARG C 779 13.84 -33.43 41.80
CA ARG C 779 13.01 -33.92 42.89
C ARG C 779 13.85 -34.68 43.92
N ARG C 780 15.15 -34.42 43.97
CA ARG C 780 16.05 -34.97 44.97
C ARG C 780 16.10 -36.49 44.92
N LEU C 781 16.44 -37.00 43.73
CA LEU C 781 16.76 -38.41 43.53
C LEU C 781 18.13 -38.50 42.87
N GLN C 782 18.82 -39.61 43.14
CA GLN C 782 20.05 -39.91 42.43
C GLN C 782 20.19 -41.41 42.32
N LEU C 783 21.08 -41.83 41.43
CA LEU C 783 21.26 -43.23 41.11
C LEU C 783 22.63 -43.70 41.54
N GLN C 784 22.83 -45.01 41.53
CA GLN C 784 24.13 -45.62 41.78
C GLN C 784 24.29 -46.76 40.77
N VAL C 785 24.96 -46.47 39.65
CA VAL C 785 25.11 -47.43 38.57
C VAL C 785 26.43 -48.16 38.78
N SER C 786 26.36 -49.48 38.89
CA SER C 786 27.56 -50.29 39.05
C SER C 786 28.24 -50.51 37.71
N LEU C 787 29.54 -50.75 37.76
CA LEU C 787 30.31 -50.92 36.52
C LEU C 787 29.79 -52.02 35.61
N PRO C 788 29.35 -53.18 36.10
CA PRO C 788 28.75 -54.15 35.17
C PRO C 788 27.56 -53.61 34.41
N ALA C 789 26.70 -52.81 35.06
CA ALA C 789 25.59 -52.20 34.35
C ALA C 789 26.09 -51.14 33.38
N LYS C 790 27.04 -50.31 33.82
CA LYS C 790 27.58 -49.25 32.98
C LYS C 790 28.28 -49.80 31.75
N ARG C 791 28.72 -51.05 31.77
CA ARG C 791 29.28 -51.63 30.56
C ARG C 791 28.29 -52.52 29.81
N TRP C 792 27.27 -53.05 30.48
CA TRP C 792 26.16 -53.66 29.75
C TRP C 792 25.51 -52.65 28.80
N LEU C 793 25.24 -51.45 29.31
CA LEU C 793 24.69 -50.39 28.48
C LEU C 793 25.55 -50.13 27.25
N ALA C 794 26.84 -49.93 27.44
CA ALA C 794 27.72 -49.63 26.32
C ALA C 794 27.92 -50.83 25.40
N GLN C 795 27.69 -52.05 25.89
CA GLN C 795 27.73 -53.22 25.04
C GLN C 795 26.50 -53.30 24.14
N ARG C 796 25.33 -52.91 24.63
CA ARG C 796 24.15 -52.83 23.80
C ARG C 796 24.15 -51.57 22.92
N GLY C 797 25.26 -50.85 22.85
CA GLY C 797 25.42 -49.76 21.90
C GLY C 797 25.98 -50.29 20.60
N PHE C 798 25.18 -51.08 19.91
CA PHE C 798 25.52 -51.67 18.63
C PHE C 798 25.20 -50.69 17.51
N ASP C 799 25.05 -51.21 16.30
CA ASP C 799 24.68 -50.41 15.14
C ASP C 799 25.75 -49.41 14.76
N PRO C 800 26.83 -49.84 14.12
CA PRO C 800 27.72 -48.87 13.48
C PRO C 800 27.08 -48.36 12.20
N VAL C 801 25.78 -48.10 12.30
CA VAL C 801 25.00 -47.47 11.24
C VAL C 801 24.18 -46.29 11.75
N TYR C 802 23.88 -46.25 13.04
CA TYR C 802 22.96 -45.27 13.60
C TYR C 802 23.61 -44.36 14.63
N GLY C 803 24.90 -44.51 14.89
CA GLY C 803 25.58 -43.59 15.78
C GLY C 803 25.32 -43.81 17.25
N ALA C 804 24.85 -42.76 17.95
CA ALA C 804 24.72 -42.79 19.39
C ALA C 804 23.30 -42.49 19.85
N ARG C 805 22.32 -42.57 18.97
CA ARG C 805 20.93 -42.45 19.41
C ARG C 805 20.38 -43.75 19.97
N PRO C 806 20.68 -44.92 19.38
CA PRO C 806 20.28 -46.18 20.03
C PRO C 806 20.64 -46.26 21.49
N LEU C 807 21.77 -45.70 21.91
CA LEU C 807 22.11 -45.67 23.32
C LEU C 807 21.11 -44.83 24.11
N ARG C 808 20.69 -43.70 23.56
CA ARG C 808 19.68 -42.87 24.20
C ARG C 808 18.38 -43.65 24.38
N ARG C 809 17.90 -44.27 23.31
CA ARG C 809 16.65 -45.03 23.39
C ARG C 809 16.79 -46.19 24.36
N LEU C 810 17.97 -46.79 24.43
CA LEU C 810 18.17 -47.94 25.31
C LEU C 810 18.16 -47.50 26.77
N VAL C 811 18.79 -46.38 27.08
CA VAL C 811 18.72 -45.86 28.45
C VAL C 811 17.27 -45.57 28.82
N GLN C 812 16.52 -44.93 27.92
CA GLN C 812 15.09 -44.74 28.15
C GLN C 812 14.43 -46.06 28.51
N GLN C 813 14.45 -47.02 27.58
CA GLN C 813 13.70 -48.26 27.74
C GLN C 813 14.14 -49.04 28.98
N ALA C 814 15.42 -48.98 29.33
CA ALA C 814 15.94 -49.87 30.36
C ALA C 814 15.96 -49.26 31.75
N ILE C 815 15.88 -47.95 31.89
CA ILE C 815 15.91 -47.31 33.19
C ILE C 815 14.69 -46.42 33.41
N GLY C 816 14.34 -45.59 32.42
CA GLY C 816 13.35 -44.56 32.65
C GLY C 816 11.97 -45.12 32.92
N ASP C 817 11.54 -46.12 32.15
CA ASP C 817 10.20 -46.65 32.34
C ASP C 817 10.10 -47.42 33.65
N GLN C 818 11.11 -48.22 33.98
CA GLN C 818 11.14 -48.89 35.28
C GLN C 818 11.07 -47.88 36.40
N LEU C 819 11.83 -46.79 36.30
CA LEU C 819 11.85 -45.81 37.36
C LEU C 819 10.51 -45.10 37.47
N ALA C 820 9.87 -44.80 36.34
CA ALA C 820 8.55 -44.18 36.39
C ALA C 820 7.54 -45.10 37.06
N LYS C 821 7.55 -46.37 36.69
CA LYS C 821 6.67 -47.34 37.33
C LYS C 821 6.91 -47.39 38.83
N MET C 822 8.16 -47.61 39.25
CA MET C 822 8.50 -47.61 40.66
C MET C 822 8.22 -46.28 41.33
N LEU C 823 8.06 -45.21 40.57
CA LEU C 823 7.97 -43.88 41.15
C LEU C 823 6.54 -43.45 41.42
N LEU C 824 5.64 -43.60 40.46
CA LEU C 824 4.26 -43.18 40.68
C LEU C 824 3.42 -44.26 41.31
N ALA C 825 4.04 -45.26 41.95
CA ALA C 825 3.34 -46.27 42.73
C ALA C 825 3.90 -46.32 44.15
N GLY C 826 4.32 -45.18 44.68
CA GLY C 826 4.97 -45.18 45.98
C GLY C 826 6.33 -45.87 45.89
N GLN C 827 6.84 -46.23 47.07
CA GLN C 827 7.97 -47.13 47.30
C GLN C 827 9.31 -46.58 46.82
N VAL C 828 9.30 -45.50 46.07
CA VAL C 828 10.54 -44.82 45.68
C VAL C 828 10.37 -43.34 45.99
N HIS C 829 9.63 -43.05 47.06
CA HIS C 829 9.39 -41.69 47.51
C HIS C 829 10.67 -40.86 47.42
N ASP C 830 10.52 -39.62 46.93
CA ASP C 830 11.67 -38.78 46.63
C ASP C 830 12.55 -38.60 47.87
N GLY C 831 13.83 -38.39 47.63
CA GLY C 831 14.78 -38.49 48.73
C GLY C 831 15.85 -39.54 48.44
N ASP C 832 15.74 -40.67 49.13
CA ASP C 832 16.75 -41.72 49.10
C ASP C 832 17.17 -42.07 47.68
N THR C 833 18.40 -42.54 47.55
CA THR C 833 18.95 -42.97 46.28
C THR C 833 18.57 -44.41 45.99
N VAL C 834 18.57 -44.77 44.72
CA VAL C 834 18.23 -46.10 44.26
C VAL C 834 19.37 -46.64 43.39
N PRO C 835 19.90 -47.82 43.67
CA PRO C 835 20.96 -48.39 42.84
C PRO C 835 20.42 -49.33 41.78
N VAL C 836 21.03 -49.25 40.60
CA VAL C 836 20.71 -50.17 39.50
C VAL C 836 21.82 -51.21 39.41
N ASN C 837 21.43 -52.44 39.11
CA ASN C 837 22.37 -53.55 39.06
C ASN C 837 21.98 -54.48 37.93
N VAL C 838 22.98 -55.16 37.36
CA VAL C 838 22.74 -56.00 36.20
C VAL C 838 22.15 -57.35 36.64
N SER C 839 21.36 -57.94 35.76
CA SER C 839 20.83 -59.29 35.91
C SER C 839 21.32 -60.09 34.70
N PRO C 840 21.03 -61.41 34.60
CA PRO C 840 21.43 -62.16 33.40
C PRO C 840 21.19 -61.42 32.09
N ASP C 841 19.94 -61.01 31.81
CA ASP C 841 19.62 -60.34 30.55
C ASP C 841 19.40 -58.84 30.72
N ALA C 842 18.46 -58.46 31.58
CA ALA C 842 18.15 -57.06 31.82
C ALA C 842 18.89 -56.60 33.07
N ASP C 843 18.54 -55.41 33.57
CA ASP C 843 19.07 -54.91 34.82
C ASP C 843 17.95 -54.36 35.67
N SER C 844 18.05 -54.57 36.98
CA SER C 844 16.96 -54.32 37.90
C SER C 844 17.28 -53.17 38.85
N LEU C 845 16.23 -52.60 39.43
CA LEU C 845 16.38 -51.51 40.39
C LEU C 845 15.92 -51.92 41.78
N GLN D 159 6.40 26.87 36.16
CA GLN D 159 4.96 26.68 36.04
C GLN D 159 4.61 26.00 34.72
N ALA D 160 5.64 25.61 33.97
CA ALA D 160 5.42 24.94 32.70
C ALA D 160 5.66 23.45 32.81
N LEU D 161 6.79 23.04 33.38
CA LEU D 161 7.04 21.62 33.62
C LEU D 161 6.56 21.20 35.01
N GLN D 162 5.35 21.61 35.35
CA GLN D 162 4.68 21.08 36.51
C GLN D 162 3.21 20.80 36.27
N LYS D 163 2.67 21.16 35.11
CA LYS D 163 1.39 20.68 34.66
C LYS D 163 1.50 19.75 33.46
N TYR D 164 2.72 19.47 33.01
CA TYR D 164 2.97 18.55 31.91
C TYR D 164 3.99 17.48 32.30
N SER D 165 4.13 17.22 33.60
CA SER D 165 5.12 16.25 34.06
C SER D 165 4.91 15.97 35.53
N THR D 166 5.25 14.76 35.94
CA THR D 166 5.31 14.40 37.35
C THR D 166 6.78 14.29 37.76
N ASP D 167 7.02 14.01 39.04
CA ASP D 167 8.38 14.00 39.59
C ASP D 167 8.72 12.60 40.09
N LEU D 168 9.57 11.89 39.35
CA LEU D 168 9.92 10.53 39.70
C LEU D 168 10.73 10.48 41.00
N THR D 169 11.59 11.47 41.23
CA THR D 169 12.41 11.47 42.43
C THR D 169 11.57 11.78 43.67
N ALA D 170 10.70 12.79 43.58
CA ALA D 170 9.75 13.02 44.65
C ALA D 170 8.85 11.81 44.89
N ARG D 171 8.49 11.08 43.84
CA ARG D 171 7.71 9.86 44.02
C ARG D 171 8.51 8.78 44.73
N ALA D 172 9.82 8.72 44.47
CA ALA D 172 10.66 7.75 45.16
C ALA D 172 10.88 8.11 46.62
N ARG D 173 10.83 9.39 46.96
CA ARG D 173 11.06 9.78 48.35
C ARG D 173 9.96 9.25 49.26
N GLU D 174 8.71 9.30 48.82
CA GLU D 174 7.65 8.72 49.64
C GLU D 174 7.58 7.20 49.53
N GLY D 175 8.59 6.57 48.93
CA GLY D 175 8.61 5.12 48.85
C GLY D 175 7.47 4.51 48.09
N LYS D 176 6.91 5.21 47.11
CA LYS D 176 5.88 4.63 46.26
C LYS D 176 6.47 4.04 44.98
N LEU D 177 7.49 3.19 45.16
CA LEU D 177 8.16 2.53 44.05
C LEU D 177 8.56 1.14 44.50
N ASP D 178 9.12 0.37 43.58
CA ASP D 178 9.40 -1.00 43.96
C ASP D 178 10.91 -1.22 44.10
N PRO D 179 11.30 -2.19 44.93
CA PRO D 179 12.73 -2.40 45.20
C PRO D 179 13.47 -3.10 44.08
N VAL D 180 13.99 -2.33 43.11
CA VAL D 180 14.77 -2.90 42.02
C VAL D 180 15.92 -3.73 42.57
N ILE D 181 16.06 -4.95 42.06
CA ILE D 181 17.06 -5.91 42.53
C ILE D 181 18.01 -6.23 41.40
N GLY D 182 19.31 -6.14 41.66
CA GLY D 182 20.29 -6.49 40.66
C GLY D 182 20.40 -5.44 39.57
N ARG D 183 20.84 -5.90 38.39
CA ARG D 183 20.98 -5.05 37.21
C ARG D 183 21.92 -3.88 37.51
N ASP D 184 23.17 -4.21 37.79
CA ASP D 184 24.17 -3.20 38.06
C ASP D 184 24.91 -2.77 36.81
N ASN D 185 25.14 -3.69 35.86
CA ASN D 185 25.80 -3.33 34.61
C ASN D 185 25.02 -2.25 33.86
N GLU D 186 23.72 -2.45 33.69
CA GLU D 186 22.93 -1.51 32.91
C GLU D 186 22.79 -0.18 33.62
N ILE D 187 22.66 -0.20 34.95
CA ILE D 187 22.56 1.07 35.67
C ILE D 187 23.87 1.83 35.62
N ARG D 188 25.01 1.13 35.74
CA ARG D 188 26.29 1.80 35.60
C ARG D 188 26.44 2.42 34.22
N ARG D 189 26.02 1.69 33.18
CA ARG D 189 26.14 2.26 31.84
C ARG D 189 25.24 3.47 31.66
N VAL D 190 24.02 3.40 32.17
CA VAL D 190 23.13 4.56 32.11
C VAL D 190 23.76 5.74 32.81
N VAL D 191 24.35 5.52 33.99
CA VAL D 191 24.93 6.62 34.75
C VAL D 191 26.11 7.22 34.01
N GLN D 192 26.97 6.38 33.45
CA GLN D 192 28.17 6.93 32.82
C GLN D 192 27.89 7.53 31.46
N VAL D 193 26.77 7.18 30.82
CA VAL D 193 26.37 7.87 29.61
C VAL D 193 25.65 9.18 29.93
N LEU D 194 24.89 9.21 31.02
CA LEU D 194 24.15 10.39 31.42
C LEU D 194 25.04 11.51 31.92
N SER D 195 26.36 11.33 31.88
CA SER D 195 27.26 12.31 32.48
C SER D 195 28.47 12.59 31.62
N ARG D 196 28.35 12.55 30.30
CA ARG D 196 29.44 12.92 29.43
C ARG D 196 29.25 14.36 28.95
N ARG D 197 30.15 14.82 28.09
CA ARG D 197 30.17 16.23 27.74
C ARG D 197 29.02 16.60 26.81
N THR D 198 28.91 15.89 25.69
CA THR D 198 27.84 16.15 24.73
C THR D 198 27.12 14.85 24.40
N LYS D 199 25.86 14.98 23.99
CA LYS D 199 25.06 13.86 23.51
C LYS D 199 24.84 12.82 24.60
N ASN D 200 24.53 13.29 25.80
CA ASN D 200 24.32 12.41 26.95
C ASN D 200 22.86 12.01 27.03
N ASN D 201 22.44 11.20 26.08
CA ASN D 201 21.06 10.70 26.03
C ASN D 201 21.07 9.19 25.88
N PRO D 202 20.99 8.46 26.99
CA PRO D 202 20.86 7.00 26.91
C PRO D 202 19.44 6.61 26.54
N VAL D 203 19.31 5.43 25.95
CA VAL D 203 18.02 4.89 25.56
C VAL D 203 18.02 3.40 25.85
N LEU D 204 17.25 3.00 26.86
CA LEU D 204 17.11 1.59 27.17
C LEU D 204 16.27 0.94 26.09
N ILE D 205 16.71 -0.22 25.62
CA ILE D 205 16.06 -0.89 24.49
C ILE D 205 16.07 -2.38 24.79
N GLY D 206 15.00 -3.06 24.38
CA GLY D 206 14.87 -4.46 24.69
C GLY D 206 13.50 -5.01 24.35
N GLU D 207 13.27 -6.28 24.68
CA GLU D 207 12.01 -6.91 24.39
C GLU D 207 11.01 -6.65 25.52
N PRO D 208 9.70 -6.73 25.24
CA PRO D 208 8.72 -6.20 26.20
C PRO D 208 8.56 -7.10 27.40
N GLY D 209 8.73 -6.51 28.59
CA GLY D 209 8.50 -7.18 29.84
C GLY D 209 9.76 -7.50 30.62
N VAL D 210 10.94 -7.16 30.10
CA VAL D 210 12.20 -7.58 30.70
C VAL D 210 12.75 -6.59 31.70
N GLY D 211 12.00 -5.55 32.06
CA GLY D 211 12.44 -4.65 33.10
C GLY D 211 13.17 -3.41 32.63
N LYS D 212 12.58 -2.65 31.72
CA LYS D 212 13.22 -1.44 31.24
C LYS D 212 12.88 -0.21 32.08
N THR D 213 11.65 -0.11 32.57
CA THR D 213 11.29 0.99 33.44
C THR D 213 11.85 0.80 34.85
N ALA D 214 11.96 -0.45 35.28
CA ALA D 214 12.54 -0.73 36.60
C ALA D 214 13.96 -0.19 36.70
N ILE D 215 14.70 -0.17 35.59
CA ILE D 215 16.06 0.37 35.64
C ILE D 215 16.04 1.85 35.94
N VAL D 216 15.10 2.59 35.35
CA VAL D 216 15.02 4.02 35.61
C VAL D 216 14.55 4.28 37.03
N GLU D 217 13.59 3.50 37.51
CA GLU D 217 13.18 3.67 38.91
C GLU D 217 14.32 3.32 39.86
N GLY D 218 15.16 2.35 39.50
CA GLY D 218 16.32 2.07 40.31
C GLY D 218 17.31 3.22 40.32
N LEU D 219 17.51 3.85 39.17
CA LEU D 219 18.38 5.03 39.13
C LEU D 219 17.81 6.14 40.01
N ALA D 220 16.48 6.30 40.02
CA ALA D 220 15.87 7.33 40.85
C ALA D 220 16.09 7.03 42.33
N GLN D 221 15.85 5.78 42.74
CA GLN D 221 16.07 5.41 44.13
C GLN D 221 17.53 5.58 44.52
N ARG D 222 18.44 5.29 43.59
CA ARG D 222 19.86 5.46 43.88
C ARG D 222 20.23 6.92 44.05
N ILE D 223 19.67 7.79 43.20
CA ILE D 223 19.89 9.23 43.37
C ILE D 223 19.37 9.70 44.73
N VAL D 224 18.16 9.26 45.11
CA VAL D 224 17.62 9.67 46.39
C VAL D 224 18.50 9.19 47.54
N ALA D 225 18.99 7.95 47.46
CA ALA D 225 19.85 7.42 48.49
C ALA D 225 21.22 8.08 48.52
N GLY D 226 21.63 8.71 47.44
CA GLY D 226 22.94 9.34 47.39
C GLY D 226 24.06 8.41 47.03
N ASP D 227 23.85 7.51 46.07
CA ASP D 227 24.81 6.49 45.67
C ASP D 227 25.28 6.69 44.23
N VAL D 228 25.51 7.93 43.83
CA VAL D 228 25.88 8.24 42.45
C VAL D 228 27.16 9.05 42.44
N PRO D 229 27.85 9.21 41.30
CA PRO D 229 29.03 10.06 41.27
C PRO D 229 28.73 11.50 41.64
N GLU D 230 29.76 12.34 41.72
CA GLU D 230 29.57 13.68 42.28
C GLU D 230 28.73 14.55 41.37
N SER D 231 28.83 14.37 40.06
CA SER D 231 28.00 15.17 39.16
C SER D 231 26.70 14.46 38.81
N LEU D 232 26.03 13.91 39.81
CA LEU D 232 24.65 13.46 39.66
C LEU D 232 23.82 13.67 40.91
N ARG D 233 24.38 14.29 41.95
CA ARG D 233 23.68 14.38 43.22
C ARG D 233 22.62 15.47 43.17
N ASP D 234 21.42 15.12 43.64
CA ASP D 234 20.29 16.05 43.70
C ASP D 234 19.96 16.59 42.31
N LYS D 235 19.52 15.68 41.44
CA LYS D 235 19.25 16.03 40.05
C LYS D 235 17.79 15.94 39.66
N THR D 236 16.94 15.30 40.46
CA THR D 236 15.48 15.46 40.34
C THR D 236 14.99 15.09 38.94
N ILE D 237 15.11 13.80 38.61
CA ILE D 237 14.66 13.34 37.31
C ILE D 237 13.14 13.52 37.19
N VAL D 238 12.68 13.83 35.99
CA VAL D 238 11.32 14.30 35.73
C VAL D 238 10.69 13.42 34.65
N ALA D 239 9.50 12.92 34.93
CA ALA D 239 8.80 12.01 34.02
C ALA D 239 7.89 12.83 33.11
N LEU D 240 8.45 13.27 31.99
CA LEU D 240 7.70 14.06 31.02
C LEU D 240 6.68 13.20 30.30
N ASP D 241 5.58 13.82 29.88
CA ASP D 241 4.58 13.15 29.06
C ASP D 241 4.14 14.08 27.94
N LEU D 242 3.84 13.49 26.78
CA LEU D 242 3.47 14.26 25.61
C LEU D 242 1.99 14.16 25.27
N GLY D 243 1.34 13.06 25.62
CA GLY D 243 -0.07 12.91 25.31
C GLY D 243 -0.93 14.00 25.92
N SER D 244 -0.44 14.68 26.94
CA SER D 244 -1.17 15.76 27.58
C SER D 244 -0.81 17.12 27.01
N MET D 245 0.26 17.23 26.24
CA MET D 245 0.59 18.47 25.56
C MET D 245 -0.02 18.56 24.18
N VAL D 246 -0.35 17.42 23.57
CA VAL D 246 -0.97 17.39 22.26
C VAL D 246 -2.49 17.27 22.36
N ALA D 247 -3.04 17.18 23.58
CA ALA D 247 -4.46 16.87 23.72
C ALA D 247 -5.32 18.03 23.27
N GLY D 248 -5.24 19.15 23.98
CA GLY D 248 -5.98 20.30 23.51
C GLY D 248 -5.10 21.27 22.76
N SER D 249 -5.06 21.14 21.44
CA SER D 249 -4.34 22.09 20.60
C SER D 249 -4.89 21.93 19.18
N LYS D 250 -5.79 22.82 18.79
CA LYS D 250 -6.31 22.82 17.42
C LYS D 250 -6.27 24.25 16.90
N TYR D 251 -5.10 24.67 16.41
CA TYR D 251 -4.85 26.00 15.88
C TYR D 251 -3.44 26.01 15.34
N ARG D 252 -3.08 27.09 14.65
CA ARG D 252 -1.72 27.25 14.17
C ARG D 252 -0.82 27.62 15.33
N GLY D 253 0.19 26.80 15.58
CA GLY D 253 1.16 27.10 16.61
C GLY D 253 0.55 27.18 17.99
N GLU D 254 0.08 26.05 18.50
CA GLU D 254 -0.52 26.02 19.83
C GLU D 254 0.18 24.96 20.66
N PHE D 255 0.67 23.92 19.98
CA PHE D 255 1.55 22.93 20.59
C PHE D 255 3.00 23.40 20.59
N GLU D 256 3.39 24.21 19.61
CA GLU D 256 4.76 24.69 19.53
C GLU D 256 5.14 25.49 20.77
N GLU D 257 4.31 26.46 21.16
CA GLU D 257 4.65 27.25 22.33
C GLU D 257 4.50 26.45 23.61
N ARG D 258 3.56 25.51 23.64
CA ARG D 258 3.40 24.65 24.81
C ARG D 258 4.66 23.83 25.06
N LEU D 259 5.28 23.32 24.01
CA LEU D 259 6.54 22.59 24.14
C LEU D 259 7.73 23.52 24.33
N LYS D 260 7.67 24.71 23.75
CA LYS D 260 8.77 25.66 23.88
C LYS D 260 8.87 26.18 25.31
N ALA D 261 7.75 26.32 26.00
CA ALA D 261 7.79 26.71 27.41
C ALA D 261 8.49 25.64 28.25
N VAL D 262 8.19 24.37 27.98
CA VAL D 262 8.82 23.28 28.71
C VAL D 262 10.32 23.25 28.43
N LEU D 263 10.72 23.40 27.17
CA LEU D 263 12.13 23.39 26.83
C LEU D 263 12.86 24.56 27.48
N ASP D 264 12.23 25.75 27.47
CA ASP D 264 12.85 26.90 28.09
C ASP D 264 12.98 26.74 29.59
N ASP D 265 12.00 26.11 30.24
CA ASP D 265 12.12 25.90 31.67
C ASP D 265 13.16 24.85 32.01
N ILE D 266 13.32 23.83 31.16
CA ILE D 266 14.39 22.86 31.39
C ILE D 266 15.75 23.51 31.25
N LYS D 267 15.94 24.32 30.20
CA LYS D 267 17.26 24.88 29.97
C LYS D 267 17.54 26.13 30.79
N ASN D 268 16.51 26.71 31.42
CA ASN D 268 16.72 27.88 32.26
C ASN D 268 17.48 27.51 33.52
N SER D 269 16.90 26.64 34.34
CA SER D 269 17.61 26.10 35.48
C SER D 269 18.90 25.44 35.05
N ALA D 270 19.82 25.29 35.99
CA ALA D 270 21.11 24.67 35.69
C ALA D 270 20.90 23.22 35.29
N GLY D 271 21.96 22.53 34.92
CA GLY D 271 21.81 21.19 34.41
C GLY D 271 21.43 20.19 35.48
N GLN D 272 20.20 20.32 36.00
CA GLN D 272 19.72 19.40 37.02
C GLN D 272 18.26 19.01 36.80
N ILE D 273 17.87 18.82 35.54
CA ILE D 273 16.49 18.46 35.21
C ILE D 273 16.45 17.22 34.33
N ILE D 274 17.25 16.21 34.63
CA ILE D 274 17.25 14.96 33.88
C ILE D 274 15.82 14.57 33.55
N THR D 275 15.52 14.34 32.27
CA THR D 275 14.16 14.09 31.82
C THR D 275 13.99 12.65 31.39
N PHE D 276 12.74 12.19 31.39
CA PHE D 276 12.44 10.78 31.19
C PHE D 276 11.17 10.68 30.36
N ILE D 277 11.33 10.31 29.09
CA ILE D 277 10.21 10.03 28.21
C ILE D 277 10.12 8.52 28.04
N ASP D 278 9.02 7.95 28.50
CA ASP D 278 8.80 6.51 28.37
C ASP D 278 8.04 6.22 27.10
N GLU D 279 8.44 5.15 26.41
CA GLU D 279 7.93 4.84 25.08
C GLU D 279 8.12 6.02 24.15
N LEU D 280 9.39 6.35 23.89
CA LEU D 280 9.69 7.60 23.21
C LEU D 280 9.45 7.53 21.71
N HIS D 281 9.07 6.38 21.17
CA HIS D 281 8.73 6.34 19.75
C HIS D 281 7.54 7.21 19.41
N THR D 282 6.79 7.67 20.40
CA THR D 282 5.66 8.56 20.19
C THR D 282 6.07 10.02 20.07
N ILE D 283 7.37 10.32 20.07
CA ILE D 283 7.84 11.69 19.92
C ILE D 283 8.07 12.06 18.47
N VAL D 284 7.79 11.16 17.53
CA VAL D 284 8.10 11.42 16.12
C VAL D 284 6.96 12.18 15.44
N GLY D 285 5.74 12.05 15.93
CA GLY D 285 4.61 12.74 15.32
C GLY D 285 4.38 14.13 15.86
N ALA D 286 3.15 14.42 16.26
CA ALA D 286 2.68 15.74 16.69
C ALA D 286 2.76 16.78 15.58
N GLY D 287 2.95 16.35 14.33
CA GLY D 287 3.29 17.24 13.24
C GLY D 287 2.20 18.21 12.83
N ALA D 288 1.13 17.71 12.25
CA ALA D 288 0.05 18.59 11.79
C ALA D 288 -1.26 17.80 11.65
N ASP D 295 7.37 19.25 11.11
CA ASP D 295 7.91 20.22 12.05
C ASP D 295 7.33 20.02 13.45
N ALA D 296 7.64 18.89 14.07
CA ALA D 296 7.23 18.63 15.45
C ALA D 296 7.99 17.42 15.95
N GLY D 297 8.24 17.38 17.26
CA GLY D 297 9.19 16.43 17.81
C GLY D 297 10.56 16.56 17.18
N ASN D 298 10.82 17.70 16.54
CA ASN D 298 12.03 17.99 15.80
C ASN D 298 12.68 19.27 16.29
N MET D 299 11.95 20.11 17.02
CA MET D 299 12.54 21.27 17.68
C MET D 299 13.53 20.86 18.76
N ILE D 300 13.55 19.58 19.14
CA ILE D 300 14.35 19.13 20.26
C ILE D 300 15.78 18.77 19.88
N LYS D 301 16.08 18.69 18.59
CA LYS D 301 17.39 18.27 18.09
C LYS D 301 18.53 19.16 18.54
N PRO D 302 18.45 20.50 18.39
CA PRO D 302 19.58 21.35 18.79
C PRO D 302 19.96 21.19 20.24
N MET D 303 19.00 20.90 21.12
CA MET D 303 19.32 20.65 22.51
C MET D 303 19.75 19.22 22.78
N LEU D 304 19.22 18.25 22.04
CA LEU D 304 19.70 16.88 22.21
C LEU D 304 21.18 16.77 21.89
N ALA D 305 21.60 17.27 20.73
CA ALA D 305 23.01 17.10 20.39
C ALA D 305 23.85 18.26 20.88
N ARG D 306 23.61 18.67 22.13
CA ARG D 306 24.50 19.61 22.79
C ARG D 306 24.61 19.36 24.29
N GLY D 307 23.94 18.34 24.82
CA GLY D 307 23.98 18.05 26.23
C GLY D 307 23.19 19.00 27.10
N GLU D 308 22.14 19.61 26.55
CA GLU D 308 21.33 20.56 27.30
C GLU D 308 20.28 19.89 28.16
N LEU D 309 19.66 18.82 27.67
CA LEU D 309 18.76 17.98 28.45
C LEU D 309 19.27 16.55 28.36
N ARG D 310 18.90 15.73 29.33
CA ARG D 310 19.49 14.41 29.42
C ARG D 310 18.65 13.34 28.73
N LEU D 311 17.36 13.31 29.01
CA LEU D 311 16.40 12.50 28.24
C LEU D 311 16.74 11.01 28.27
N VAL D 312 16.63 10.42 29.44
CA VAL D 312 16.60 8.96 29.53
C VAL D 312 15.35 8.47 28.82
N GLY D 313 15.51 7.47 27.94
CA GLY D 313 14.41 6.92 27.20
C GLY D 313 14.25 5.43 27.40
N ALA D 314 13.19 4.89 26.81
CA ALA D 314 12.91 3.47 26.91
C ALA D 314 11.89 3.09 25.84
N THR D 315 12.21 2.05 25.07
CA THR D 315 11.31 1.60 24.02
C THR D 315 11.70 0.19 23.59
N THR D 316 10.80 -0.47 22.87
CA THR D 316 10.98 -1.83 22.42
C THR D 316 11.78 -1.85 21.12
N LEU D 317 12.38 -3.00 20.81
CA LEU D 317 13.20 -3.11 19.61
C LEU D 317 12.37 -2.89 18.35
N ASP D 318 11.18 -3.50 18.29
CA ASP D 318 10.35 -3.40 17.09
C ASP D 318 9.87 -1.97 16.87
N GLU D 319 9.36 -1.33 17.93
CA GLU D 319 8.94 0.06 17.81
C GLU D 319 10.10 0.97 17.47
N TYR D 320 11.28 0.71 18.03
CA TYR D 320 12.46 1.48 17.69
C TYR D 320 12.74 1.39 16.20
N ARG D 321 12.92 0.18 15.68
CA ARG D 321 13.19 0.00 14.26
C ARG D 321 12.12 0.64 13.40
N LYS D 322 10.86 0.52 13.78
CA LYS D 322 9.79 0.99 12.91
C LYS D 322 9.67 2.50 12.91
N HIS D 323 9.81 3.15 14.05
CA HIS D 323 9.55 4.58 14.15
C HIS D 323 10.79 5.44 14.16
N ILE D 324 11.79 5.13 14.98
CA ILE D 324 12.92 6.03 15.18
C ILE D 324 13.98 5.88 14.10
N GLU D 325 14.28 4.65 13.68
CA GLU D 325 15.32 4.46 12.69
C GLU D 325 14.95 5.01 11.32
N LYS D 326 13.73 5.49 11.13
CA LYS D 326 13.35 6.16 9.90
C LYS D 326 13.74 7.63 9.90
N ASP D 327 14.44 8.10 10.92
CA ASP D 327 14.80 9.49 11.13
C ASP D 327 16.28 9.59 11.46
N ALA D 328 17.11 9.01 10.60
CA ALA D 328 18.52 8.74 10.90
C ALA D 328 19.31 9.96 11.36
N ALA D 329 18.71 11.15 11.28
CA ALA D 329 19.33 12.32 11.88
C ALA D 329 19.02 12.45 13.36
N LEU D 330 17.89 11.90 13.80
CA LEU D 330 17.51 11.93 15.21
C LEU D 330 18.07 10.75 15.98
N GLU D 331 18.13 9.57 15.36
CA GLU D 331 18.70 8.40 16.04
C GLU D 331 20.14 8.65 16.46
N ARG D 332 20.89 9.43 15.68
CA ARG D 332 22.27 9.75 16.01
C ARG D 332 22.43 10.30 17.42
N ARG D 333 21.40 10.96 17.95
CA ARG D 333 21.51 11.66 19.21
C ARG D 333 21.15 10.80 20.42
N PHE D 334 20.92 9.50 20.21
CA PHE D 334 20.59 8.58 21.29
C PHE D 334 21.63 7.48 21.38
N GLN D 335 21.92 7.05 22.60
CA GLN D 335 22.84 5.95 22.85
C GLN D 335 22.05 4.73 23.27
N GLN D 336 22.20 3.64 22.53
CA GLN D 336 21.43 2.43 22.78
C GLN D 336 22.07 1.66 23.93
N VAL D 337 21.33 1.48 25.01
CA VAL D 337 21.73 0.61 26.10
C VAL D 337 20.86 -0.63 26.01
N TYR D 338 21.47 -1.76 25.65
CA TYR D 338 20.73 -2.97 25.35
C TYR D 338 20.41 -3.73 26.64
N VAL D 339 19.13 -4.00 26.85
CA VAL D 339 18.65 -4.72 28.03
C VAL D 339 18.18 -6.10 27.59
N GLY D 340 18.77 -7.14 28.17
CA GLY D 340 18.38 -8.49 27.84
C GLY D 340 17.66 -9.16 28.99
N GLU D 341 16.86 -10.19 28.71
CA GLU D 341 16.08 -10.80 29.77
C GLU D 341 16.99 -11.60 30.69
N PRO D 342 16.67 -11.62 31.98
CA PRO D 342 17.52 -12.35 32.92
C PRO D 342 17.26 -13.85 32.91
N SER D 343 18.06 -14.61 33.64
CA SER D 343 17.95 -16.04 33.69
C SER D 343 17.03 -16.46 34.84
N VAL D 344 16.89 -17.77 35.02
CA VAL D 344 15.98 -18.29 36.04
C VAL D 344 16.47 -17.92 37.43
N GLU D 345 17.77 -17.97 37.66
CA GLU D 345 18.31 -17.62 38.97
C GLU D 345 18.07 -16.15 39.28
N ASP D 346 18.33 -15.29 38.31
CA ASP D 346 18.08 -13.86 38.50
C ASP D 346 16.61 -13.61 38.78
N THR D 347 15.73 -14.33 38.09
CA THR D 347 14.30 -14.18 38.35
C THR D 347 13.94 -14.64 39.75
N ILE D 348 14.56 -15.72 40.23
CA ILE D 348 14.32 -16.17 41.59
C ILE D 348 14.76 -15.11 42.59
N GLY D 349 15.90 -14.47 42.33
CA GLY D 349 16.34 -13.40 43.20
C GLY D 349 15.37 -12.23 43.21
N ILE D 350 14.89 -11.85 42.03
CA ILE D 350 13.91 -10.77 41.93
C ILE D 350 12.65 -11.10 42.71
N LEU D 351 12.17 -12.33 42.59
CA LEU D 351 10.96 -12.73 43.30
C LEU D 351 11.18 -12.74 44.81
N ARG D 352 12.34 -13.23 45.25
CA ARG D 352 12.65 -13.18 46.68
C ARG D 352 12.70 -11.75 47.18
N GLY D 353 13.11 -10.82 46.33
CA GLY D 353 13.09 -9.42 46.73
C GLY D 353 11.68 -8.84 46.80
N LEU D 354 10.83 -9.17 45.84
CA LEU D 354 9.50 -8.58 45.74
C LEU D 354 8.44 -9.31 46.55
N LYS D 355 8.77 -10.44 47.18
CA LYS D 355 7.75 -11.26 47.84
C LYS D 355 6.98 -10.49 48.90
N ASP D 356 7.69 -9.75 49.75
CA ASP D 356 7.08 -9.15 50.93
C ASP D 356 6.13 -8.00 50.61
N ARG D 357 6.00 -7.62 49.35
CA ARG D 357 5.02 -6.62 48.97
C ARG D 357 3.70 -7.26 48.57
N TYR D 358 3.76 -8.39 47.86
CA TYR D 358 2.55 -9.15 47.57
C TYR D 358 1.99 -9.81 48.82
N GLU D 359 2.88 -10.29 49.69
CA GLU D 359 2.45 -10.85 50.96
C GLU D 359 1.64 -9.86 51.79
N VAL D 360 1.79 -8.57 51.54
CA VAL D 360 1.06 -7.55 52.26
C VAL D 360 -0.15 -7.08 51.48
N HIS D 361 -0.04 -6.95 50.16
CA HIS D 361 -1.19 -6.60 49.35
C HIS D 361 -2.31 -7.61 49.53
N HIS D 362 -2.01 -8.88 49.30
CA HIS D 362 -2.95 -9.93 49.69
C HIS D 362 -2.67 -10.34 51.13
N GLY D 363 -3.68 -10.87 51.80
CA GLY D 363 -3.50 -11.28 53.18
C GLY D 363 -3.12 -12.73 53.32
N VAL D 364 -2.04 -13.17 52.67
CA VAL D 364 -1.63 -14.57 52.68
C VAL D 364 -0.13 -14.64 52.87
N ARG D 365 0.39 -15.87 52.84
CA ARG D 365 1.81 -16.14 52.86
C ARG D 365 2.23 -16.78 51.55
N ILE D 366 3.49 -16.58 51.19
CA ILE D 366 4.06 -17.12 49.97
C ILE D 366 5.37 -17.80 50.32
N THR D 367 5.58 -18.99 49.77
CA THR D 367 6.69 -19.85 50.14
C THR D 367 7.82 -19.74 49.13
N ASP D 368 9.06 -19.84 49.61
CA ASP D 368 10.21 -19.77 48.72
C ASP D 368 10.17 -20.90 47.69
N SER D 369 9.69 -22.08 48.08
CA SER D 369 9.54 -23.13 47.10
C SER D 369 8.50 -22.75 46.05
N ALA D 370 7.48 -21.99 46.45
CA ALA D 370 6.50 -21.53 45.47
C ALA D 370 7.12 -20.53 44.50
N LEU D 371 8.00 -19.65 45.00
CA LEU D 371 8.69 -18.72 44.12
C LEU D 371 9.58 -19.48 43.12
N VAL D 372 10.33 -20.45 43.61
CA VAL D 372 11.18 -21.25 42.73
C VAL D 372 10.34 -21.99 41.70
N ALA D 373 9.21 -22.53 42.12
CA ALA D 373 8.33 -23.24 41.20
C ALA D 373 7.78 -22.30 40.14
N ALA D 374 7.41 -21.09 40.53
CA ALA D 374 6.94 -20.11 39.54
C ALA D 374 8.00 -19.82 38.52
N ALA D 375 9.21 -19.51 38.97
CA ALA D 375 10.28 -19.13 38.05
C ALA D 375 10.70 -20.28 37.16
N THR D 376 10.53 -21.53 37.62
CA THR D 376 10.91 -22.67 36.79
C THR D 376 9.80 -23.09 35.84
N LEU D 377 8.59 -23.30 36.36
CA LEU D 377 7.47 -23.73 35.53
C LEU D 377 7.14 -22.70 34.47
N SER D 378 7.26 -21.41 34.78
CA SER D 378 6.93 -20.41 33.78
C SER D 378 7.99 -20.27 32.70
N ASP D 379 8.97 -21.17 32.66
CA ASP D 379 10.02 -21.13 31.65
C ASP D 379 9.93 -22.29 30.67
N ARG D 380 9.35 -23.41 31.08
CA ARG D 380 9.19 -24.55 30.19
C ARG D 380 7.94 -24.45 29.34
N TYR D 381 6.89 -23.81 29.85
CA TYR D 381 5.57 -23.94 29.26
C TYR D 381 5.07 -22.66 28.59
N ILE D 382 5.24 -21.51 29.23
CA ILE D 382 4.82 -20.23 28.66
C ILE D 382 6.03 -19.73 27.87
N THR D 383 5.98 -19.91 26.54
CA THR D 383 7.11 -19.60 25.68
C THR D 383 6.84 -18.42 24.76
N ALA D 384 5.74 -17.71 24.96
CA ALA D 384 5.43 -16.53 24.16
C ALA D 384 5.76 -15.23 24.87
N ARG D 385 6.06 -15.25 26.16
CA ARG D 385 6.31 -14.05 26.94
C ARG D 385 7.71 -14.13 27.55
N PHE D 386 8.04 -13.14 28.37
CA PHE D 386 9.40 -12.99 28.87
C PHE D 386 9.43 -12.94 30.39
N LEU D 387 10.62 -13.18 30.93
CA LEU D 387 10.72 -13.88 32.22
C LEU D 387 10.35 -13.01 33.42
N PRO D 388 10.94 -11.83 33.64
CA PRO D 388 10.74 -11.17 34.94
C PRO D 388 9.29 -10.97 35.31
N ASP D 389 8.39 -10.78 34.34
CA ASP D 389 6.97 -10.62 34.65
C ASP D 389 6.15 -11.84 34.30
N LYS D 390 6.58 -12.63 33.32
CA LYS D 390 5.97 -13.93 33.10
C LYS D 390 5.94 -14.73 34.40
N ALA D 391 6.96 -14.57 35.24
CA ALA D 391 7.00 -15.31 36.51
C ALA D 391 6.19 -14.62 37.60
N ILE D 392 6.15 -13.29 37.60
CA ILE D 392 5.41 -12.57 38.64
C ILE D 392 3.92 -12.75 38.48
N ASP D 393 3.46 -12.88 37.23
CA ASP D 393 2.02 -13.02 36.98
C ASP D 393 1.47 -14.27 37.65
N LEU D 394 2.21 -15.37 37.61
CA LEU D 394 1.75 -16.61 38.25
C LEU D 394 1.57 -16.42 39.74
N VAL D 395 2.58 -15.84 40.40
CA VAL D 395 2.50 -15.62 41.84
C VAL D 395 1.31 -14.75 42.18
N ASP D 396 1.12 -13.66 41.42
CA ASP D 396 0.01 -12.76 41.70
C ASP D 396 -1.33 -13.47 41.55
N GLU D 397 -1.49 -14.23 40.46
CA GLU D 397 -2.74 -14.92 40.21
C GLU D 397 -3.04 -15.93 41.30
N ALA D 398 -2.03 -16.73 41.68
CA ALA D 398 -2.25 -17.75 42.70
C ALA D 398 -2.59 -17.11 44.04
N ALA D 399 -1.92 -16.02 44.40
CA ALA D 399 -2.22 -15.38 45.68
C ALA D 399 -3.64 -14.82 45.68
N SER D 400 -4.02 -14.13 44.62
CA SER D 400 -5.37 -13.56 44.57
C SER D 400 -6.42 -14.67 44.61
N ARG D 401 -6.16 -15.78 43.93
CA ARG D 401 -7.12 -16.88 43.90
C ARG D 401 -7.25 -17.54 45.27
N LEU D 402 -6.14 -17.70 45.98
CA LEU D 402 -6.21 -18.27 47.32
C LEU D 402 -6.95 -17.35 48.28
N ARG D 403 -6.74 -16.03 48.16
CA ARG D 403 -7.47 -15.11 49.02
C ARG D 403 -8.96 -15.14 48.69
N MET D 404 -9.31 -15.18 47.41
CA MET D 404 -10.72 -15.30 47.03
C MET D 404 -11.32 -16.59 47.56
N GLU D 405 -10.54 -17.64 47.67
CA GLU D 405 -11.05 -18.88 48.27
C GLU D 405 -11.25 -18.72 49.76
N ILE D 406 -10.28 -18.14 50.47
CA ILE D 406 -10.39 -17.99 51.92
C ILE D 406 -11.60 -17.14 52.28
N ASP D 407 -11.74 -16.00 51.64
CA ASP D 407 -12.94 -15.21 51.84
C ASP D 407 -14.11 -15.85 51.10
N SER D 408 -15.32 -15.41 51.44
CA SER D 408 -16.55 -15.76 50.75
C SER D 408 -16.83 -17.25 50.72
N ARG D 409 -16.08 -18.06 51.47
CA ARG D 409 -16.26 -19.51 51.49
C ARG D 409 -16.14 -20.01 52.92
N PRO D 410 -17.21 -19.93 53.71
CA PRO D 410 -17.24 -20.49 55.07
C PRO D 410 -17.10 -22.01 55.07
N LYS D 530 -1.86 -24.53 55.03
CA LYS D 530 -3.17 -24.48 54.39
C LYS D 530 -3.59 -23.04 54.15
N GLU D 531 -2.74 -22.10 54.56
CA GLU D 531 -3.00 -20.67 54.41
C GLU D 531 -2.00 -19.99 53.49
N GLU D 532 -1.07 -20.74 52.92
CA GLU D 532 -0.02 -20.17 52.08
C GLU D 532 -0.01 -20.85 50.72
N VAL D 533 0.54 -20.16 49.73
CA VAL D 533 0.68 -20.73 48.41
C VAL D 533 1.91 -21.63 48.36
N GLY D 534 1.76 -22.77 47.69
CA GLY D 534 2.82 -23.73 47.61
C GLY D 534 3.17 -24.07 46.18
N PRO D 535 4.17 -24.94 46.00
CA PRO D 535 4.65 -25.24 44.64
C PRO D 535 3.64 -25.93 43.75
N ASP D 536 2.43 -26.22 44.23
CA ASP D 536 1.43 -26.88 43.41
C ASP D 536 0.24 -26.00 43.06
N ASP D 537 0.01 -24.91 43.80
CA ASP D 537 -0.94 -23.91 43.33
C ASP D 537 -0.44 -23.23 42.07
N ILE D 538 0.86 -22.98 42.00
CA ILE D 538 1.45 -22.45 40.77
C ILE D 538 1.26 -23.42 39.63
N ALA D 539 1.38 -24.73 39.92
CA ALA D 539 1.13 -25.72 38.89
C ALA D 539 -0.33 -25.70 38.46
N ASP D 540 -1.24 -25.52 39.41
CA ASP D 540 -2.65 -25.42 39.06
C ASP D 540 -2.92 -24.25 38.13
N VAL D 541 -2.27 -23.11 38.37
CA VAL D 541 -2.48 -21.96 37.49
C VAL D 541 -1.89 -22.21 36.11
N VAL D 542 -0.61 -22.63 36.07
CA VAL D 542 0.08 -22.87 34.80
C VAL D 542 -0.53 -24.02 34.01
N SER D 543 -1.39 -24.81 34.63
CA SER D 543 -2.19 -25.77 33.89
C SER D 543 -3.57 -25.22 33.55
N ALA D 544 -4.07 -24.29 34.36
CA ALA D 544 -5.35 -23.66 34.06
C ALA D 544 -5.29 -22.89 32.76
N TRP D 545 -4.21 -22.16 32.53
CA TRP D 545 -3.96 -21.68 31.18
C TRP D 545 -2.71 -22.33 30.61
N THR D 546 -2.72 -22.54 29.29
CA THR D 546 -1.83 -23.33 28.45
C THR D 546 -2.17 -24.82 28.46
N GLY D 547 -3.12 -25.28 29.26
CA GLY D 547 -3.66 -26.61 29.09
C GLY D 547 -2.76 -27.79 29.44
N ILE D 548 -1.45 -27.54 29.52
CA ILE D 548 -0.51 -28.64 29.75
C ILE D 548 -0.67 -29.15 31.17
N PRO D 549 -0.59 -30.46 31.43
CA PRO D 549 -0.90 -30.98 32.77
C PRO D 549 0.21 -30.85 33.78
N ALA D 550 1.16 -29.95 33.54
CA ALA D 550 2.29 -29.71 34.45
C ALA D 550 1.86 -29.76 35.90
N GLY D 551 2.67 -30.42 36.72
CA GLY D 551 2.33 -30.63 38.12
C GLY D 551 3.22 -31.70 38.72
N ARG D 552 2.68 -32.38 39.73
CA ARG D 552 3.42 -33.42 40.42
C ARG D 552 2.53 -34.63 40.68
N LEU D 553 1.57 -34.88 39.80
CA LEU D 553 0.69 -36.04 39.86
C LEU D 553 -0.07 -36.08 41.19
N LEU D 554 -0.92 -35.09 41.39
CA LEU D 554 -1.83 -35.13 42.53
C LEU D 554 -2.69 -36.38 42.44
N GLU D 555 -3.01 -36.95 43.60
CA GLU D 555 -3.72 -38.22 43.63
C GLU D 555 -5.05 -38.12 42.91
N GLY D 556 -5.51 -39.23 42.37
CA GLY D 556 -6.74 -39.26 41.61
C GLY D 556 -6.51 -39.71 40.18
N GLU D 557 -5.40 -39.28 39.58
CA GLU D 557 -5.05 -39.71 38.23
C GLU D 557 -3.86 -40.64 38.19
N THR D 558 -3.13 -40.80 39.30
CA THR D 558 -2.09 -41.82 39.33
C THR D 558 -2.68 -43.21 39.22
N ALA D 559 -3.85 -43.43 39.82
CA ALA D 559 -4.56 -44.69 39.64
C ALA D 559 -4.95 -44.88 38.18
N LYS D 560 -5.40 -43.81 37.53
CA LYS D 560 -5.72 -43.88 36.12
C LYS D 560 -4.51 -44.26 35.28
N LEU D 561 -3.37 -43.64 35.56
CA LEU D 561 -2.16 -43.92 34.80
C LEU D 561 -1.68 -45.34 35.02
N LEU D 562 -1.80 -45.84 36.25
CA LEU D 562 -1.42 -47.24 36.51
C LEU D 562 -2.36 -48.18 35.78
N ARG D 563 -3.65 -47.95 35.87
CA ARG D 563 -4.66 -48.77 35.20
C ARG D 563 -4.95 -48.17 33.82
N MET D 564 -3.97 -48.31 32.94
CA MET D 564 -4.01 -47.68 31.63
C MET D 564 -4.00 -48.66 30.47
N GLU D 565 -3.16 -49.69 30.51
CA GLU D 565 -3.10 -50.63 29.38
C GLU D 565 -4.39 -51.41 29.20
N ASP D 566 -5.32 -51.34 30.14
CA ASP D 566 -6.62 -51.97 30.01
C ASP D 566 -7.76 -50.98 29.82
N GLU D 567 -7.72 -49.85 30.51
CA GLU D 567 -8.66 -48.78 30.21
C GLU D 567 -8.51 -48.30 28.77
N LEU D 568 -7.31 -48.44 28.22
CA LEU D 568 -7.10 -48.23 26.80
C LEU D 568 -7.41 -49.46 25.97
N GLY D 569 -7.55 -50.62 26.61
CA GLY D 569 -7.87 -51.85 25.91
C GLY D 569 -9.36 -52.08 25.80
N LYS D 570 -10.15 -51.22 26.44
CA LYS D 570 -11.59 -51.26 26.27
C LYS D 570 -12.02 -50.87 24.86
N ARG D 571 -11.09 -50.44 24.01
CA ARG D 571 -11.40 -49.99 22.68
C ARG D 571 -10.50 -50.56 21.60
N VAL D 572 -9.36 -51.15 21.97
CA VAL D 572 -8.44 -51.78 21.03
C VAL D 572 -8.21 -53.18 21.54
N ILE D 573 -8.65 -54.18 20.80
CA ILE D 573 -8.49 -55.58 21.19
C ILE D 573 -7.24 -56.13 20.51
N GLY D 574 -6.36 -56.73 21.30
CA GLY D 574 -5.10 -57.21 20.79
C GLY D 574 -4.06 -56.11 20.78
N GLN D 575 -3.07 -56.28 19.90
CA GLN D 575 -1.96 -55.35 19.74
C GLN D 575 -1.39 -54.94 21.10
N LYS D 576 -1.17 -55.94 21.95
CA LYS D 576 -0.73 -55.67 23.31
C LYS D 576 0.64 -55.00 23.33
N ALA D 577 1.49 -55.29 22.35
CA ALA D 577 2.84 -54.74 22.36
C ALA D 577 2.84 -53.26 21.97
N ALA D 578 1.86 -52.84 21.19
CA ALA D 578 1.78 -51.47 20.72
C ALA D 578 1.04 -50.56 21.69
N VAL D 579 0.40 -51.11 22.70
CA VAL D 579 -0.27 -50.32 23.72
C VAL D 579 0.65 -50.05 24.91
N THR D 580 1.46 -51.04 25.29
CA THR D 580 2.39 -50.85 26.38
C THR D 580 3.43 -49.79 26.04
N ALA D 581 3.78 -49.67 24.75
CA ALA D 581 4.75 -48.65 24.35
C ALA D 581 4.20 -47.24 24.56
N VAL D 582 3.00 -47.00 24.06
CA VAL D 582 2.36 -45.70 24.24
C VAL D 582 2.17 -45.40 25.73
N SER D 583 1.74 -46.41 26.48
CA SER D 583 1.51 -46.19 27.91
C SER D 583 2.81 -45.87 28.63
N ASP D 584 3.91 -46.54 28.25
CA ASP D 584 5.19 -46.22 28.84
C ASP D 584 5.63 -44.81 28.50
N ALA D 585 5.40 -44.37 27.26
CA ALA D 585 5.73 -43.00 26.92
C ALA D 585 4.98 -42.02 27.80
N VAL D 586 3.67 -42.21 27.96
CA VAL D 586 2.88 -41.24 28.71
C VAL D 586 3.27 -41.25 30.18
N ARG D 587 3.45 -42.44 30.77
CA ARG D 587 3.81 -42.50 32.19
C ARG D 587 5.20 -41.93 32.42
N ARG D 588 6.15 -42.29 31.57
CA ARG D 588 7.50 -41.78 31.68
C ARG D 588 7.56 -40.28 31.47
N SER D 589 6.58 -39.72 30.75
CA SER D 589 6.54 -38.28 30.59
C SER D 589 6.01 -37.61 31.84
N ARG D 590 4.84 -38.04 32.33
CA ARG D 590 4.24 -37.33 33.45
C ARG D 590 4.86 -37.71 34.78
N ALA D 591 5.76 -38.69 34.83
CA ALA D 591 6.44 -39.03 36.06
C ALA D 591 7.70 -38.22 36.29
N GLY D 592 8.11 -37.40 35.32
CA GLY D 592 9.25 -36.53 35.48
C GLY D 592 10.58 -37.10 35.06
N VAL D 593 10.60 -38.19 34.31
CA VAL D 593 11.85 -38.79 33.85
C VAL D 593 11.77 -38.86 32.32
N SER D 594 12.21 -37.80 31.66
CA SER D 594 12.24 -37.76 30.19
C SER D 594 12.91 -36.46 29.76
N ASP D 595 13.51 -36.48 28.59
CA ASP D 595 14.20 -35.32 28.05
C ASP D 595 13.23 -34.16 27.87
N PRO D 596 13.37 -33.07 28.62
CA PRO D 596 12.40 -31.98 28.51
C PRO D 596 12.52 -31.18 27.23
N ASN D 597 13.49 -31.46 26.36
CA ASN D 597 13.54 -30.86 25.04
C ASN D 597 13.67 -31.95 23.99
N ARG D 598 12.54 -32.56 23.67
CA ARG D 598 12.20 -33.47 22.57
C ARG D 598 10.71 -33.77 22.71
N PRO D 599 10.01 -34.12 21.63
CA PRO D 599 8.60 -34.49 21.78
C PRO D 599 8.42 -35.63 22.76
N THR D 600 7.21 -35.73 23.29
CA THR D 600 6.88 -36.72 24.31
C THR D 600 6.67 -38.11 23.73
N GLY D 601 7.07 -38.34 22.49
CA GLY D 601 6.89 -39.62 21.83
C GLY D 601 6.74 -39.45 20.34
N ALA D 602 7.44 -40.27 19.56
CA ALA D 602 7.50 -40.13 18.12
C ALA D 602 7.36 -41.48 17.43
N PHE D 603 6.36 -42.26 17.85
CA PHE D 603 6.21 -43.60 17.31
C PHE D 603 5.68 -43.59 15.89
N MET D 604 5.92 -44.68 15.18
CA MET D 604 5.26 -44.95 13.92
C MET D 604 4.98 -46.44 13.85
N PHE D 605 3.71 -46.82 13.78
CA PHE D 605 3.34 -48.22 13.75
C PHE D 605 2.65 -48.56 12.45
N LEU D 606 3.03 -49.69 11.87
CA LEU D 606 2.57 -50.13 10.57
C LEU D 606 2.36 -51.64 10.60
N GLY D 607 1.51 -52.11 9.70
CA GLY D 607 1.22 -53.52 9.60
C GLY D 607 0.22 -53.83 8.52
N PRO D 608 -0.62 -54.84 8.74
CA PRO D 608 -1.63 -55.20 7.73
C PRO D 608 -2.77 -54.20 7.68
N THR D 609 -3.79 -54.51 6.87
CA THR D 609 -4.91 -53.61 6.68
C THR D 609 -6.00 -53.88 7.72
N GLY D 610 -6.75 -52.85 8.08
CA GLY D 610 -7.87 -53.01 8.99
C GLY D 610 -7.52 -53.62 10.32
N VAL D 611 -6.37 -53.24 10.89
CA VAL D 611 -5.88 -53.90 12.09
C VAL D 611 -6.08 -53.09 13.36
N GLY D 612 -6.14 -51.76 13.26
CA GLY D 612 -6.39 -50.95 14.44
C GLY D 612 -5.39 -49.84 14.69
N LYS D 613 -4.66 -49.42 13.67
CA LYS D 613 -3.65 -48.37 13.86
C LYS D 613 -4.29 -47.02 14.11
N THR D 614 -5.04 -46.51 13.11
CA THR D 614 -5.76 -45.26 13.28
C THR D 614 -6.70 -45.32 14.47
N GLU D 615 -7.27 -46.49 14.72
CA GLU D 615 -8.22 -46.62 15.81
C GLU D 615 -7.52 -46.55 17.17
N LEU D 616 -6.29 -47.06 17.24
CA LEU D 616 -5.52 -46.91 18.47
C LEU D 616 -5.13 -45.45 18.70
N ALA D 617 -4.76 -44.75 17.63
CA ALA D 617 -4.45 -43.33 17.77
C ALA D 617 -5.66 -42.56 18.30
N LYS D 618 -6.83 -42.82 17.72
CA LYS D 618 -8.04 -42.15 18.20
C LYS D 618 -8.40 -42.56 19.61
N ALA D 619 -8.17 -43.82 19.98
CA ALA D 619 -8.47 -44.25 21.34
C ALA D 619 -7.57 -43.54 22.35
N LEU D 620 -6.30 -43.34 22.00
CA LEU D 620 -5.41 -42.59 22.87
C LEU D 620 -5.87 -41.15 23.02
N ALA D 621 -6.19 -40.50 21.91
CA ALA D 621 -6.67 -39.12 21.96
C ALA D 621 -7.93 -39.01 22.82
N ASP D 622 -8.82 -40.00 22.72
CA ASP D 622 -10.01 -39.99 23.57
C ASP D 622 -9.68 -40.24 25.03
N PHE D 623 -8.68 -41.08 25.30
CA PHE D 623 -8.32 -41.38 26.68
C PHE D 623 -7.81 -40.15 27.40
N LEU D 624 -6.88 -39.42 26.80
CA LEU D 624 -6.25 -38.32 27.53
C LEU D 624 -6.69 -36.93 27.08
N PHE D 625 -7.81 -36.82 26.37
CA PHE D 625 -8.40 -35.51 26.09
C PHE D 625 -9.89 -35.49 26.39
N ASP D 626 -10.52 -36.67 26.31
CA ASP D 626 -11.96 -36.90 26.42
C ASP D 626 -12.72 -36.41 25.20
N ASP D 627 -12.07 -35.73 24.27
CA ASP D 627 -12.66 -35.33 23.00
C ASP D 627 -11.91 -36.08 21.90
N GLU D 628 -12.50 -37.18 21.42
CA GLU D 628 -11.86 -37.99 20.40
C GLU D 628 -11.46 -37.20 19.18
N ARG D 629 -12.02 -36.00 18.98
CA ARG D 629 -11.67 -35.15 17.86
C ARG D 629 -10.84 -33.94 18.28
N ALA D 630 -10.16 -34.01 19.42
CA ALA D 630 -9.29 -32.92 19.83
C ALA D 630 -7.87 -33.10 19.31
N MET D 631 -7.65 -34.06 18.42
CA MET D 631 -6.32 -34.26 17.86
C MET D 631 -6.20 -33.53 16.52
N VAL D 632 -4.97 -33.46 16.02
CA VAL D 632 -4.65 -32.73 14.81
C VAL D 632 -4.17 -33.75 13.79
N ARG D 633 -5.08 -34.26 12.97
CA ARG D 633 -4.73 -35.25 11.96
C ARG D 633 -4.68 -34.59 10.59
N ILE D 634 -3.65 -34.95 9.82
CA ILE D 634 -3.51 -34.51 8.45
C ILE D 634 -3.35 -35.75 7.59
N ASP D 635 -3.97 -35.74 6.41
CA ASP D 635 -4.06 -36.94 5.58
C ASP D 635 -2.97 -36.88 4.53
N MET D 636 -1.88 -37.60 4.79
CA MET D 636 -0.72 -37.57 3.90
C MET D 636 -1.00 -38.13 2.51
N SER D 637 -2.20 -38.64 2.24
CA SER D 637 -2.52 -39.06 0.89
C SER D 637 -2.78 -37.88 -0.04
N GLU D 638 -2.87 -36.67 0.50
CA GLU D 638 -3.13 -35.47 -0.29
C GLU D 638 -1.86 -34.72 -0.66
N TYR D 639 -0.69 -35.19 -0.22
CA TYR D 639 0.58 -34.54 -0.49
C TYR D 639 1.38 -35.27 -1.55
N GLY D 640 0.70 -35.80 -2.57
CA GLY D 640 1.40 -36.49 -3.64
C GLY D 640 2.23 -35.58 -4.52
N GLU D 641 2.05 -34.27 -4.39
CA GLU D 641 2.80 -33.30 -5.18
C GLU D 641 3.76 -32.52 -4.28
N LYS D 642 4.99 -32.35 -4.77
CA LYS D 642 6.06 -31.80 -3.95
C LYS D 642 5.72 -30.42 -3.42
N HIS D 643 4.97 -29.63 -4.18
CA HIS D 643 4.81 -28.22 -3.84
C HIS D 643 3.81 -27.98 -2.74
N THR D 644 2.98 -28.96 -2.39
CA THR D 644 1.91 -28.74 -1.42
C THR D 644 2.39 -28.82 0.02
N VAL D 645 3.70 -28.76 0.26
CA VAL D 645 4.20 -28.68 1.62
C VAL D 645 3.85 -27.32 2.23
N ALA D 646 3.64 -26.31 1.40
CA ALA D 646 3.37 -24.96 1.87
C ALA D 646 2.05 -24.87 2.61
N ARG D 647 1.25 -25.94 2.59
CA ARG D 647 0.03 -25.96 3.38
C ARG D 647 0.34 -25.92 4.87
N LEU D 648 1.39 -26.62 5.29
CA LEU D 648 1.74 -26.74 6.70
C LEU D 648 2.98 -25.95 7.06
N ILE D 649 3.40 -25.02 6.21
CA ILE D 649 4.55 -24.15 6.48
C ILE D 649 4.11 -22.70 6.35
N GLY D 650 3.48 -22.36 5.25
CA GLY D 650 3.06 -21.02 4.93
C GLY D 650 3.74 -20.52 3.68
N ALA D 651 3.62 -19.22 3.45
CA ALA D 651 4.25 -18.64 2.29
C ALA D 651 5.25 -17.58 2.70
N PRO D 652 6.38 -17.49 2.01
CA PRO D 652 7.40 -16.52 2.38
C PRO D 652 6.91 -15.10 2.17
N PRO D 653 7.66 -14.09 2.63
CA PRO D 653 7.19 -12.72 2.47
C PRO D 653 7.03 -12.32 1.02
N GLY D 654 5.87 -11.77 0.70
CA GLY D 654 5.60 -11.26 -0.62
C GLY D 654 4.76 -12.14 -1.52
N TYR D 655 4.18 -13.21 -1.01
CA TYR D 655 3.38 -14.12 -1.81
C TYR D 655 1.94 -14.11 -1.33
N VAL D 656 1.08 -14.90 -1.99
CA VAL D 656 -0.36 -14.64 -1.95
C VAL D 656 -0.90 -14.76 -0.53
N GLY D 657 -0.86 -15.95 0.03
CA GLY D 657 -1.29 -16.09 1.41
C GLY D 657 -0.12 -16.09 2.35
N TYR D 658 0.22 -14.93 2.90
CA TYR D 658 1.42 -14.80 3.70
C TYR D 658 1.11 -14.61 5.17
N GLU D 659 0.17 -13.73 5.50
CA GLU D 659 -0.22 -13.50 6.88
C GLU D 659 -1.21 -14.53 7.40
N ALA D 660 -1.60 -15.49 6.57
CA ALA D 660 -2.48 -16.56 7.02
C ALA D 660 -1.75 -17.57 7.90
N GLY D 661 -0.48 -17.81 7.64
CA GLY D 661 0.28 -18.79 8.40
C GLY D 661 0.21 -20.16 7.76
N GLY D 662 0.57 -21.16 8.56
CA GLY D 662 0.53 -22.55 8.12
C GLY D 662 -0.49 -23.32 8.93
N GLN D 663 -1.09 -24.33 8.30
CA GLN D 663 -2.11 -25.14 8.96
C GLN D 663 -1.55 -25.78 10.22
N LEU D 664 -0.48 -26.55 10.09
CA LEU D 664 0.08 -27.27 11.23
C LEU D 664 0.60 -26.32 12.29
N THR D 665 1.36 -25.30 11.89
CA THR D 665 1.96 -24.38 12.83
C THR D 665 0.89 -23.64 13.62
N GLU D 666 -0.15 -23.13 12.94
CA GLU D 666 -1.19 -22.39 13.63
C GLU D 666 -2.12 -23.31 14.41
N ALA D 667 -2.18 -24.59 14.06
CA ALA D 667 -2.97 -25.53 14.85
C ALA D 667 -2.27 -25.95 16.13
N VAL D 668 -0.94 -25.99 16.13
CA VAL D 668 -0.20 -26.35 17.33
C VAL D 668 0.17 -25.14 18.18
N ARG D 669 0.20 -23.92 17.62
CA ARG D 669 0.53 -22.76 18.43
C ARG D 669 -0.51 -22.52 19.52
N ARG D 670 -1.77 -22.79 19.20
CA ARG D 670 -2.81 -22.88 20.22
C ARG D 670 -3.11 -24.34 20.50
N ARG D 671 -3.45 -24.63 21.75
CA ARG D 671 -3.58 -26.01 22.20
C ARG D 671 -2.26 -26.73 21.95
N PRO D 672 -1.20 -26.41 22.70
CA PRO D 672 0.08 -27.08 22.48
C PRO D 672 0.18 -28.40 23.22
N TYR D 673 -0.87 -29.20 23.17
CA TYR D 673 -0.89 -30.47 23.89
C TYR D 673 -1.57 -31.57 23.11
N THR D 674 -1.77 -31.40 21.80
CA THR D 674 -2.62 -32.31 21.04
C THR D 674 -1.86 -33.59 20.72
N VAL D 675 -2.45 -34.40 19.84
CA VAL D 675 -1.84 -35.61 19.30
C VAL D 675 -1.82 -35.42 17.79
N VAL D 676 -0.64 -35.32 17.20
CA VAL D 676 -0.56 -35.08 15.76
C VAL D 676 -0.48 -36.43 15.05
N LEU D 677 -1.20 -36.55 13.94
CA LEU D 677 -1.37 -37.82 13.26
C LEU D 677 -1.15 -37.64 11.76
N PHE D 678 -0.20 -38.40 11.21
CA PHE D 678 0.09 -38.39 9.78
C PHE D 678 -0.37 -39.72 9.21
N ASP D 679 -1.53 -39.73 8.57
CA ASP D 679 -2.12 -40.98 8.10
C ASP D 679 -1.49 -41.43 6.78
N GLU D 680 -1.11 -42.70 6.74
CA GLU D 680 -0.62 -43.35 5.53
C GLU D 680 0.52 -42.56 4.90
N ILE D 681 1.61 -42.43 5.65
CA ILE D 681 2.75 -41.64 5.17
C ILE D 681 3.63 -42.60 4.39
N GLU D 682 3.16 -42.96 3.19
CA GLU D 682 4.01 -43.41 2.11
C GLU D 682 3.52 -42.89 0.77
N LYS D 683 2.31 -42.34 0.71
CA LYS D 683 1.80 -41.78 -0.53
C LYS D 683 2.37 -40.39 -0.77
N ALA D 684 2.73 -39.68 0.30
CA ALA D 684 3.32 -38.36 0.19
C ALA D 684 4.60 -38.41 -0.62
N HIS D 685 4.83 -37.37 -1.42
CA HIS D 685 6.08 -37.25 -2.16
C HIS D 685 7.25 -37.28 -1.19
N PRO D 686 8.33 -37.97 -1.55
CA PRO D 686 9.41 -38.18 -0.58
C PRO D 686 10.26 -36.94 -0.35
N ASP D 687 9.62 -35.80 -0.21
CA ASP D 687 10.26 -34.60 0.30
C ASP D 687 9.50 -34.00 1.46
N VAL D 688 8.35 -34.56 1.81
CA VAL D 688 7.72 -34.21 3.08
C VAL D 688 8.37 -34.99 4.21
N PHE D 689 9.21 -35.97 3.88
CA PHE D 689 9.96 -36.67 4.90
C PHE D 689 11.14 -35.87 5.41
N ASP D 690 11.23 -34.59 5.04
CA ASP D 690 12.39 -33.77 5.38
C ASP D 690 12.04 -32.63 6.33
N VAL D 691 10.77 -32.27 6.44
CA VAL D 691 10.32 -31.22 7.34
C VAL D 691 10.09 -31.76 8.74
N LEU D 692 9.35 -32.87 8.83
CA LEU D 692 9.27 -33.52 10.12
C LEU D 692 10.56 -34.24 10.48
N LEU D 693 11.56 -34.23 9.61
CA LEU D 693 12.90 -34.67 9.97
C LEU D 693 13.44 -33.87 11.14
N GLN D 694 13.05 -32.60 11.25
CA GLN D 694 13.42 -31.79 12.39
C GLN D 694 12.23 -31.36 13.23
N VAL D 695 11.00 -31.61 12.76
CA VAL D 695 9.87 -31.58 13.70
C VAL D 695 10.08 -32.64 14.77
N LEU D 696 10.38 -33.87 14.36
CA LEU D 696 10.86 -34.89 15.28
C LEU D 696 12.21 -34.47 15.85
N ASP D 697 12.56 -35.09 16.96
CA ASP D 697 13.91 -35.06 17.51
C ASP D 697 14.30 -33.72 18.13
N GLU D 698 13.53 -32.67 17.85
CA GLU D 698 13.72 -31.41 18.57
C GLU D 698 12.45 -30.67 18.90
N GLY D 699 11.34 -30.90 18.21
CA GLY D 699 10.14 -30.12 18.43
C GLY D 699 10.32 -28.69 17.96
N ARG D 700 10.70 -28.53 16.70
CA ARG D 700 10.85 -27.21 16.10
C ARG D 700 10.15 -27.17 14.76
N LEU D 701 9.58 -26.02 14.44
CA LEU D 701 9.04 -25.75 13.11
C LEU D 701 8.76 -24.26 12.98
N THR D 702 9.27 -23.64 11.91
CA THR D 702 9.11 -22.22 11.69
C THR D 702 8.26 -21.98 10.45
N ASP D 703 7.45 -20.94 10.50
CA ASP D 703 6.53 -20.60 9.43
C ASP D 703 7.08 -19.41 8.64
N GLY D 704 6.26 -18.90 7.72
CA GLY D 704 6.69 -17.81 6.86
C GLY D 704 7.18 -16.60 7.63
N HIS D 705 6.49 -16.22 8.69
CA HIS D 705 6.92 -15.08 9.50
C HIS D 705 8.21 -15.36 10.26
N GLY D 706 8.73 -16.58 10.19
CA GLY D 706 9.98 -16.88 10.84
C GLY D 706 9.92 -17.08 12.33
N ARG D 707 8.75 -17.38 12.87
CA ARG D 707 8.62 -17.68 14.29
C ARG D 707 8.45 -19.19 14.49
N THR D 708 9.02 -19.67 15.59
CA THR D 708 9.13 -21.10 15.86
C THR D 708 8.04 -21.53 16.82
N VAL D 709 7.40 -22.65 16.51
CA VAL D 709 6.50 -23.30 17.44
C VAL D 709 7.18 -24.57 17.93
N ASP D 710 6.79 -25.04 19.11
CA ASP D 710 7.48 -26.15 19.76
C ASP D 710 6.54 -27.34 19.86
N PHE D 711 6.91 -28.43 19.20
CA PHE D 711 6.20 -29.70 19.34
C PHE D 711 6.78 -30.50 20.50
N ARG D 712 6.92 -29.86 21.65
CA ARG D 712 7.62 -30.47 22.77
C ARG D 712 6.69 -31.10 23.79
N ASN D 713 5.38 -30.94 23.62
CA ASN D 713 4.42 -31.56 24.52
C ASN D 713 3.46 -32.47 23.77
N THR D 714 3.55 -32.53 22.45
CA THR D 714 2.66 -33.33 21.64
C THR D 714 3.16 -34.78 21.61
N ILE D 715 2.34 -35.64 21.02
CA ILE D 715 2.70 -37.02 20.75
C ILE D 715 2.54 -37.22 19.26
N LEU D 716 3.65 -37.40 18.56
CA LEU D 716 3.61 -37.56 17.11
C LEU D 716 3.41 -39.02 16.77
N ILE D 717 2.43 -39.30 15.91
CA ILE D 717 2.11 -40.65 15.49
C ILE D 717 1.90 -40.62 13.99
N LEU D 718 2.60 -41.49 13.27
CA LEU D 718 2.49 -41.55 11.81
C LEU D 718 2.39 -43.00 11.38
N THR D 719 1.25 -43.37 10.81
CA THR D 719 0.96 -44.74 10.43
C THR D 719 1.33 -44.98 8.97
N SER D 720 1.34 -46.25 8.56
CA SER D 720 1.74 -46.61 7.21
C SER D 720 1.23 -48.01 6.91
N ASN D 721 1.49 -48.47 5.69
CA ASN D 721 1.03 -49.79 5.26
C ASN D 721 2.08 -50.54 4.45
N LEU D 722 3.36 -50.19 4.61
CA LEU D 722 4.40 -50.91 3.89
C LEU D 722 4.47 -52.36 4.34
N GLY D 723 4.91 -53.22 3.44
CA GLY D 723 4.91 -54.65 3.72
C GLY D 723 3.58 -55.27 3.38
N SER D 724 2.72 -55.46 4.38
CA SER D 724 1.34 -55.88 4.17
C SER D 724 1.27 -57.22 3.44
N GLY D 725 1.76 -58.26 4.11
CA GLY D 725 1.78 -59.57 3.51
C GLY D 725 3.12 -60.26 3.66
N GLY D 726 3.95 -59.74 4.55
CA GLY D 726 5.23 -60.34 4.87
C GLY D 726 5.39 -60.55 6.36
N SER D 727 6.51 -61.15 6.72
CA SER D 727 6.85 -61.39 8.11
C SER D 727 7.52 -60.16 8.70
N ALA D 728 7.89 -60.26 9.97
CA ALA D 728 8.51 -59.14 10.67
C ALA D 728 9.88 -58.78 10.12
N GLU D 729 10.40 -59.52 9.15
CA GLU D 729 11.69 -59.23 8.56
C GLU D 729 11.59 -58.54 7.20
N GLN D 730 10.71 -59.00 6.33
CA GLN D 730 10.53 -58.38 5.02
C GLN D 730 9.62 -57.16 5.07
N VAL D 731 8.99 -56.87 6.20
CA VAL D 731 8.27 -55.61 6.33
C VAL D 731 9.20 -54.51 6.82
N LEU D 732 10.26 -54.88 7.53
CA LEU D 732 11.25 -53.88 7.96
C LEU D 732 12.14 -53.48 6.78
N ALA D 733 12.38 -54.39 5.85
CA ALA D 733 13.19 -54.09 4.68
C ALA D 733 12.49 -53.14 3.73
N ALA D 734 11.16 -53.04 3.78
CA ALA D 734 10.46 -52.05 2.98
C ALA D 734 10.56 -50.67 3.59
N VAL D 735 10.53 -50.58 4.92
CA VAL D 735 10.79 -49.30 5.59
C VAL D 735 12.21 -48.84 5.29
N ARG D 736 13.18 -49.74 5.45
CA ARG D 736 14.57 -49.39 5.21
C ARG D 736 14.83 -48.95 3.77
N ALA D 737 13.97 -49.35 2.84
CA ALA D 737 14.14 -48.98 1.45
C ALA D 737 13.29 -47.79 1.03
N THR D 738 12.23 -47.47 1.78
CA THR D 738 11.43 -46.30 1.48
C THR D 738 11.94 -45.05 2.18
N PHE D 739 12.33 -45.15 3.44
CA PHE D 739 12.83 -44.02 4.20
C PHE D 739 14.36 -44.04 4.22
N LYS D 740 14.95 -43.05 4.88
CA LYS D 740 16.39 -42.87 4.92
C LYS D 740 16.90 -43.06 6.34
N PRO D 741 18.19 -43.41 6.49
CA PRO D 741 18.70 -43.72 7.83
C PRO D 741 18.55 -42.59 8.82
N GLU D 742 18.87 -41.36 8.43
CA GLU D 742 18.74 -40.25 9.36
C GLU D 742 17.30 -39.91 9.68
N PHE D 743 16.34 -40.55 9.02
CA PHE D 743 14.93 -40.41 9.35
C PHE D 743 14.43 -41.55 10.23
N ILE D 744 14.82 -42.79 9.91
CA ILE D 744 14.48 -43.91 10.78
C ILE D 744 15.17 -43.78 12.12
N ASN D 745 16.25 -43.01 12.19
CA ASN D 745 16.97 -42.83 13.44
C ASN D 745 16.35 -41.79 14.36
N ARG D 746 15.41 -40.98 13.87
CA ARG D 746 14.84 -39.93 14.72
C ARG D 746 13.76 -40.48 15.64
N LEU D 747 13.01 -41.47 15.19
CA LEU D 747 11.78 -41.86 15.87
C LEU D 747 11.99 -43.10 16.73
N ASP D 748 11.09 -43.24 17.71
CA ASP D 748 11.12 -44.32 18.68
C ASP D 748 10.56 -45.60 18.06
N ASP D 749 10.22 -46.58 18.90
CA ASP D 749 9.86 -47.92 18.46
C ASP D 749 9.08 -47.92 17.16
N VAL D 750 9.53 -48.73 16.21
CA VAL D 750 8.79 -48.99 14.97
C VAL D 750 7.92 -50.21 15.25
N LEU D 751 6.70 -49.97 15.70
CA LEU D 751 5.83 -51.06 16.12
C LEU D 751 5.21 -51.75 14.92
N ILE D 752 5.09 -53.06 15.00
CA ILE D 752 4.48 -53.88 13.95
C ILE D 752 3.17 -54.43 14.49
N PHE D 753 2.07 -54.07 13.86
CA PHE D 753 0.77 -54.55 14.30
C PHE D 753 0.55 -55.97 13.81
N GLU D 754 -0.09 -56.79 14.65
CA GLU D 754 -0.25 -58.20 14.36
C GLU D 754 -1.57 -58.45 13.66
N GLY D 755 -1.79 -59.68 13.19
CA GLY D 755 -3.02 -60.04 12.54
C GLY D 755 -4.10 -60.38 13.56
N LEU D 756 -5.35 -60.24 13.12
CA LEU D 756 -6.48 -60.44 14.00
C LEU D 756 -6.76 -61.92 14.20
N ASN D 757 -6.95 -62.32 15.45
CA ASN D 757 -7.28 -63.70 15.76
C ASN D 757 -8.78 -63.93 15.59
N PRO D 758 -9.18 -65.14 15.18
CA PRO D 758 -10.61 -65.45 15.09
C PRO D 758 -11.33 -65.53 16.42
N GLU D 759 -10.63 -65.33 17.54
CA GLU D 759 -11.26 -65.31 18.85
C GLU D 759 -11.55 -63.91 19.36
N GLU D 760 -11.05 -62.89 18.67
CA GLU D 760 -11.23 -61.50 19.06
C GLU D 760 -12.31 -60.79 18.26
N LEU D 761 -12.64 -61.30 17.08
CA LEU D 761 -13.69 -60.71 16.26
C LEU D 761 -14.99 -60.61 17.03
N VAL D 762 -15.27 -61.56 17.91
CA VAL D 762 -16.48 -61.47 18.73
C VAL D 762 -16.43 -60.24 19.61
N ARG D 763 -15.29 -59.95 20.21
CA ARG D 763 -15.17 -58.77 21.06
C ARG D 763 -15.26 -57.49 20.24
N ILE D 764 -14.72 -57.50 19.02
CA ILE D 764 -14.89 -56.33 18.15
C ILE D 764 -16.36 -56.11 17.84
N VAL D 765 -17.09 -57.18 17.59
CA VAL D 765 -18.52 -57.07 17.32
C VAL D 765 -19.26 -56.56 18.54
N ASP D 766 -18.85 -57.00 19.73
CA ASP D 766 -19.43 -56.44 20.94
C ASP D 766 -19.20 -54.94 21.03
N ILE D 767 -17.98 -54.50 20.72
CA ILE D 767 -17.69 -53.06 20.73
C ILE D 767 -18.63 -52.32 19.79
N GLN D 768 -18.76 -52.80 18.56
CA GLN D 768 -19.59 -52.11 17.57
C GLN D 768 -21.05 -52.10 17.98
N LEU D 769 -21.56 -53.23 18.47
CA LEU D 769 -22.96 -53.30 18.88
C LEU D 769 -23.21 -52.40 20.09
N ALA D 770 -22.24 -52.28 21.00
CA ALA D 770 -22.41 -51.37 22.13
C ALA D 770 -22.42 -49.93 21.66
N GLN D 771 -21.59 -49.59 20.67
CA GLN D 771 -21.63 -48.25 20.08
C GLN D 771 -23.01 -47.97 19.49
N LEU D 772 -23.55 -48.94 18.74
CA LEU D 772 -24.87 -48.75 18.15
C LEU D 772 -25.94 -48.57 19.22
N GLY D 773 -25.89 -49.39 20.26
CA GLY D 773 -26.86 -49.26 21.34
C GLY D 773 -26.79 -47.91 22.02
N LYS D 774 -25.58 -47.45 22.32
CA LYS D 774 -25.41 -46.12 22.90
C LYS D 774 -25.94 -45.03 21.98
N ARG D 775 -25.83 -45.24 20.66
CA ARG D 775 -26.49 -44.33 19.73
C ARG D 775 -28.00 -44.38 19.88
N LEU D 776 -28.55 -45.57 20.09
CA LEU D 776 -29.99 -45.75 20.26
C LEU D 776 -30.40 -45.37 21.68
N ALA D 777 -30.11 -44.12 22.03
CA ALA D 777 -30.44 -43.58 23.33
C ALA D 777 -31.25 -42.29 23.28
N GLN D 778 -31.39 -41.65 22.12
CA GLN D 778 -32.35 -40.57 21.97
C GLN D 778 -33.77 -41.09 22.03
N ARG D 779 -33.99 -42.33 21.60
CA ARG D 779 -35.17 -43.11 21.94
C ARG D 779 -34.83 -43.90 23.20
N ARG D 780 -35.68 -44.87 23.54
CA ARG D 780 -35.32 -45.84 24.56
C ARG D 780 -35.32 -47.26 24.00
N LEU D 781 -34.88 -47.41 22.75
CA LEU D 781 -34.74 -48.72 22.13
C LEU D 781 -33.66 -49.53 22.82
N GLN D 782 -33.74 -50.85 22.64
CA GLN D 782 -32.72 -51.78 23.10
C GLN D 782 -32.57 -52.88 22.05
N LEU D 783 -31.57 -53.74 22.26
CA LEU D 783 -31.37 -54.89 21.38
C LEU D 783 -31.10 -56.12 22.23
N GLN D 784 -31.34 -57.29 21.62
CA GLN D 784 -31.18 -58.57 22.29
C GLN D 784 -30.43 -59.54 21.37
N VAL D 785 -29.30 -59.08 20.84
CA VAL D 785 -28.56 -59.87 19.86
C VAL D 785 -28.21 -61.22 20.45
N SER D 786 -28.42 -62.26 19.66
CA SER D 786 -28.18 -63.63 20.07
C SER D 786 -26.76 -64.06 19.74
N LEU D 787 -26.31 -65.11 20.41
CA LEU D 787 -24.97 -65.66 20.13
C LEU D 787 -24.79 -66.09 18.68
N PRO D 788 -25.71 -66.81 18.05
CA PRO D 788 -25.52 -67.12 16.62
C PRO D 788 -25.52 -65.88 15.75
N ALA D 789 -26.28 -64.85 16.14
CA ALA D 789 -26.27 -63.60 15.39
C ALA D 789 -24.89 -62.95 15.46
N LYS D 790 -24.33 -62.86 16.67
CA LYS D 790 -22.99 -62.31 16.83
C LYS D 790 -21.98 -63.12 16.05
N ARG D 791 -22.08 -64.45 16.09
CA ARG D 791 -21.12 -65.28 15.39
C ARG D 791 -21.23 -65.11 13.89
N TRP D 792 -22.45 -65.00 13.36
CA TRP D 792 -22.63 -64.77 11.94
C TRP D 792 -22.05 -63.42 11.54
N LEU D 793 -22.31 -62.39 12.35
CA LEU D 793 -21.78 -61.07 12.06
C LEU D 793 -20.26 -61.08 12.05
N ALA D 794 -19.64 -61.79 12.99
CA ALA D 794 -18.19 -61.87 13.02
C ALA D 794 -17.66 -62.68 11.83
N GLN D 795 -18.43 -63.66 11.37
CA GLN D 795 -17.99 -64.46 10.23
C GLN D 795 -18.06 -63.68 8.93
N ARG D 796 -19.07 -62.83 8.76
CA ARG D 796 -19.23 -62.04 7.55
C ARG D 796 -18.56 -60.69 7.73
N GLY D 797 -17.63 -60.37 6.85
CA GLY D 797 -16.94 -59.10 6.92
C GLY D 797 -15.73 -59.09 7.82
N PHE D 798 -14.83 -60.06 7.63
CA PHE D 798 -13.54 -60.06 8.32
C PHE D 798 -12.43 -60.54 7.40
N ASP D 799 -12.65 -60.50 6.09
CA ASP D 799 -11.82 -61.13 5.07
C ASP D 799 -10.33 -60.94 5.34
N PRO D 800 -9.50 -61.97 5.08
CA PRO D 800 -8.12 -61.95 5.57
C PRO D 800 -7.24 -60.88 4.93
N VAL D 801 -7.68 -60.27 3.84
CA VAL D 801 -6.88 -59.25 3.18
C VAL D 801 -7.25 -57.84 3.64
N TYR D 802 -8.50 -57.61 4.05
CA TYR D 802 -8.94 -56.26 4.41
C TYR D 802 -9.31 -56.14 5.88
N GLY D 803 -8.85 -57.07 6.71
CA GLY D 803 -9.06 -57.03 8.14
C GLY D 803 -10.51 -56.77 8.51
N ALA D 804 -10.70 -56.05 9.60
CA ALA D 804 -12.03 -55.74 10.11
C ALA D 804 -12.65 -54.52 9.46
N ARG D 805 -12.18 -54.13 8.28
CA ARG D 805 -12.70 -52.92 7.65
C ARG D 805 -14.17 -53.03 7.25
N PRO D 806 -14.63 -54.09 6.57
CA PRO D 806 -16.04 -54.08 6.14
C PRO D 806 -16.99 -54.59 7.23
N LEU D 807 -16.92 -53.99 8.39
CA LEU D 807 -17.79 -54.47 9.47
C LEU D 807 -18.76 -53.41 9.94
N ARG D 808 -18.35 -52.16 10.06
CA ARG D 808 -19.30 -51.10 10.39
C ARG D 808 -20.35 -50.96 9.30
N ARG D 809 -19.91 -50.98 8.05
CA ARG D 809 -20.83 -50.92 6.92
C ARG D 809 -21.82 -52.08 6.96
N LEU D 810 -21.34 -53.29 7.25
CA LEU D 810 -22.22 -54.44 7.29
C LEU D 810 -23.20 -54.35 8.45
N VAL D 811 -22.74 -53.94 9.63
CA VAL D 811 -23.63 -53.77 10.76
C VAL D 811 -24.75 -52.80 10.41
N GLN D 812 -24.39 -51.64 9.87
CA GLN D 812 -25.41 -50.67 9.49
C GLN D 812 -26.37 -51.25 8.47
N GLN D 813 -25.83 -51.75 7.35
CA GLN D 813 -26.65 -52.31 6.28
C GLN D 813 -27.63 -53.35 6.78
N ALA D 814 -27.19 -54.24 7.67
CA ALA D 814 -28.00 -55.37 8.07
C ALA D 814 -28.85 -55.11 9.29
N ILE D 815 -28.68 -53.99 9.99
CA ILE D 815 -29.52 -53.73 11.15
C ILE D 815 -30.23 -52.39 11.06
N GLY D 816 -29.47 -51.32 10.86
CA GLY D 816 -30.04 -49.99 10.97
C GLY D 816 -31.08 -49.67 9.91
N ASP D 817 -30.91 -50.20 8.70
CA ASP D 817 -31.88 -49.94 7.64
C ASP D 817 -33.26 -50.47 8.01
N GLN D 818 -33.37 -51.77 8.26
CA GLN D 818 -34.66 -52.34 8.61
C GLN D 818 -35.06 -52.04 10.05
N LEU D 819 -34.20 -51.39 10.82
CA LEU D 819 -34.66 -50.79 12.06
C LEU D 819 -35.31 -49.43 11.83
N ALA D 820 -34.89 -48.71 10.80
CA ALA D 820 -35.58 -47.48 10.42
C ALA D 820 -36.87 -47.77 9.68
N LYS D 821 -36.83 -48.69 8.71
CA LYS D 821 -38.04 -49.09 7.99
C LYS D 821 -39.13 -49.52 8.97
N MET D 822 -38.81 -50.46 9.86
CA MET D 822 -39.76 -50.89 10.87
C MET D 822 -39.95 -49.87 11.99
N LEU D 823 -39.45 -48.65 11.83
CA LEU D 823 -39.78 -47.57 12.75
C LEU D 823 -40.57 -46.46 12.07
N LEU D 824 -40.31 -46.22 10.79
CA LEU D 824 -41.11 -45.26 10.05
C LEU D 824 -42.54 -45.76 9.84
N ALA D 825 -42.70 -47.07 9.69
CA ALA D 825 -44.01 -47.69 9.45
C ALA D 825 -44.60 -48.26 10.73
N GLY D 826 -44.39 -47.58 11.86
CA GLY D 826 -44.89 -48.08 13.13
C GLY D 826 -44.25 -49.41 13.47
N GLN D 827 -44.97 -50.17 14.31
CA GLN D 827 -44.72 -51.55 14.74
C GLN D 827 -43.46 -51.71 15.56
N VAL D 828 -42.64 -50.67 15.70
CA VAL D 828 -41.57 -50.61 16.68
C VAL D 828 -41.56 -49.20 17.26
N HIS D 829 -41.78 -49.09 18.57
CA HIS D 829 -41.85 -47.81 19.24
C HIS D 829 -40.82 -47.76 20.35
N ASP D 830 -40.51 -46.54 20.79
CA ASP D 830 -39.48 -46.35 21.81
C ASP D 830 -39.80 -47.14 23.07
N GLY D 831 -38.94 -48.10 23.38
CA GLY D 831 -39.13 -48.93 24.56
C GLY D 831 -39.05 -50.41 24.25
N ASP D 832 -39.45 -50.79 23.04
CA ASP D 832 -39.53 -52.19 22.67
C ASP D 832 -38.13 -52.75 22.42
N THR D 833 -37.64 -53.59 23.31
CA THR D 833 -36.34 -54.22 23.13
C THR D 833 -36.44 -55.31 22.06
N VAL D 834 -36.16 -54.95 20.82
CA VAL D 834 -36.37 -55.84 19.68
C VAL D 834 -35.26 -56.87 19.59
N PRO D 835 -35.58 -58.15 19.35
CA PRO D 835 -34.53 -59.16 19.18
C PRO D 835 -34.14 -59.35 17.73
N VAL D 836 -33.02 -60.02 17.49
CA VAL D 836 -32.55 -60.32 16.14
C VAL D 836 -32.05 -61.76 16.11
N ASN D 837 -32.28 -62.42 14.97
CA ASN D 837 -31.96 -63.84 14.82
C ASN D 837 -31.29 -64.07 13.46
N VAL D 838 -31.06 -65.34 13.16
CA VAL D 838 -30.17 -65.74 12.08
C VAL D 838 -30.93 -66.58 11.06
N SER D 839 -32.21 -66.25 10.84
CA SER D 839 -33.10 -67.00 9.95
C SER D 839 -32.36 -67.43 8.68
N PRO D 840 -32.61 -68.65 8.18
CA PRO D 840 -31.62 -69.37 7.36
C PRO D 840 -30.76 -68.55 6.42
N ASP D 841 -31.34 -67.54 5.77
CA ASP D 841 -30.63 -66.69 4.83
C ASP D 841 -29.81 -65.65 5.56
N ALA D 842 -29.39 -64.59 4.84
CA ALA D 842 -28.79 -63.44 5.49
C ALA D 842 -29.65 -62.96 6.65
N ASP D 843 -29.00 -62.31 7.61
CA ASP D 843 -29.62 -61.98 8.88
C ASP D 843 -30.93 -61.23 8.70
N SER D 844 -31.89 -61.53 9.57
CA SER D 844 -33.19 -60.89 9.58
C SER D 844 -33.66 -60.79 11.01
N LEU D 845 -34.57 -59.85 11.27
CA LEU D 845 -35.05 -59.61 12.61
C LEU D 845 -35.79 -60.82 13.16
N GLN E 159 -18.09 14.93 43.02
CA GLN E 159 -18.82 16.17 43.23
C GLN E 159 -18.17 17.31 42.44
N ALA E 160 -17.55 16.98 41.32
CA ALA E 160 -16.91 17.99 40.48
C ALA E 160 -17.53 18.10 39.10
N LEU E 161 -17.61 17.01 38.34
CA LEU E 161 -18.03 17.05 36.94
C LEU E 161 -18.97 15.90 36.59
N GLN E 162 -19.96 15.64 37.45
CA GLN E 162 -20.98 14.63 37.17
C GLN E 162 -21.96 15.14 36.10
N LYS E 163 -21.46 15.17 34.86
CA LYS E 163 -22.16 15.80 33.75
C LYS E 163 -22.35 14.89 32.54
N TYR E 164 -21.38 14.04 32.22
CA TYR E 164 -21.42 13.19 31.04
C TYR E 164 -21.26 11.73 31.43
N SER E 165 -21.99 11.32 32.46
CA SER E 165 -21.88 9.97 33.00
C SER E 165 -23.18 9.62 33.71
N THR E 166 -23.14 8.52 34.45
CA THR E 166 -24.23 8.12 35.33
C THR E 166 -23.64 7.61 36.64
N ASP E 167 -24.48 7.01 37.48
CA ASP E 167 -24.02 6.42 38.74
C ASP E 167 -24.81 5.13 38.94
N LEU E 168 -24.26 4.02 38.45
CA LEU E 168 -24.92 2.72 38.59
C LEU E 168 -25.04 2.30 40.05
N THR E 169 -24.21 2.85 40.94
CA THR E 169 -24.33 2.51 42.35
C THR E 169 -25.43 3.31 43.03
N ALA E 170 -25.44 4.63 42.83
CA ALA E 170 -26.47 5.46 43.43
C ALA E 170 -27.85 5.06 42.93
N ARG E 171 -27.99 4.89 41.61
CA ARG E 171 -29.22 4.38 41.05
C ARG E 171 -29.62 3.02 41.63
N ALA E 172 -28.66 2.22 42.07
CA ALA E 172 -28.96 0.97 42.75
C ALA E 172 -29.35 1.17 44.20
N ARG E 173 -28.95 2.29 44.81
CA ARG E 173 -29.35 2.57 46.18
C ARG E 173 -30.86 2.71 46.34
N GLU E 174 -31.60 2.95 45.26
CA GLU E 174 -33.04 3.07 45.32
C GLU E 174 -33.79 1.89 44.71
N GLY E 175 -33.22 1.21 43.73
CA GLY E 175 -33.82 0.03 43.16
C GLY E 175 -34.34 0.16 41.75
N LYS E 176 -33.84 1.13 40.97
CA LYS E 176 -34.27 1.26 39.59
C LYS E 176 -33.79 0.10 38.72
N LEU E 177 -32.79 -0.65 39.17
CA LEU E 177 -32.18 -1.67 38.34
C LEU E 177 -32.99 -2.96 38.35
N ASP E 178 -32.69 -3.83 37.40
CA ASP E 178 -33.39 -5.09 37.19
C ASP E 178 -32.76 -6.21 38.00
N PRO E 179 -33.48 -7.30 38.24
CA PRO E 179 -32.84 -8.51 38.73
C PRO E 179 -31.94 -9.10 37.67
N VAL E 180 -30.91 -9.81 38.14
CA VAL E 180 -29.82 -10.27 37.27
C VAL E 180 -29.64 -11.78 37.46
N ILE E 181 -30.74 -12.49 37.68
CA ILE E 181 -30.75 -13.92 38.00
C ILE E 181 -29.79 -14.71 37.12
N GLY E 182 -29.07 -15.64 37.72
CA GLY E 182 -28.09 -16.41 37.01
C GLY E 182 -26.78 -15.68 36.85
N ARG E 183 -25.87 -16.30 36.11
CA ARG E 183 -24.58 -15.70 35.77
C ARG E 183 -23.79 -15.34 37.03
N ASP E 184 -23.70 -16.29 37.95
CA ASP E 184 -23.04 -16.09 39.23
C ASP E 184 -21.57 -16.51 39.20
N ASN E 185 -21.03 -16.77 38.02
CA ASN E 185 -19.63 -17.13 37.87
C ASN E 185 -18.80 -16.01 37.28
N GLU E 186 -19.31 -15.33 36.25
CA GLU E 186 -18.58 -14.19 35.69
C GLU E 186 -18.46 -13.05 36.68
N ILE E 187 -19.45 -12.88 37.56
CA ILE E 187 -19.35 -11.84 38.58
C ILE E 187 -18.18 -12.14 39.51
N ARG E 188 -18.03 -13.40 39.90
CA ARG E 188 -16.91 -13.76 40.77
C ARG E 188 -15.58 -13.63 40.04
N ARG E 189 -15.55 -13.97 38.75
CA ARG E 189 -14.32 -13.78 37.98
C ARG E 189 -13.94 -12.31 37.91
N VAL E 190 -14.92 -11.43 37.73
CA VAL E 190 -14.63 -10.00 37.67
C VAL E 190 -14.14 -9.49 39.02
N VAL E 191 -14.81 -9.89 40.10
CA VAL E 191 -14.35 -9.49 41.44
C VAL E 191 -12.92 -9.97 41.66
N GLN E 192 -12.61 -11.18 41.20
CA GLN E 192 -11.28 -11.75 41.39
C GLN E 192 -10.22 -10.96 40.63
N VAL E 193 -10.50 -10.63 39.36
CA VAL E 193 -9.52 -9.88 38.58
C VAL E 193 -9.36 -8.48 39.12
N LEU E 194 -10.44 -7.86 39.58
CA LEU E 194 -10.39 -6.50 40.11
C LEU E 194 -9.62 -6.39 41.43
N SER E 195 -9.12 -7.49 41.97
CA SER E 195 -8.51 -7.50 43.29
C SER E 195 -7.05 -7.92 43.25
N ARG E 196 -6.42 -7.78 42.10
CA ARG E 196 -5.02 -8.17 41.95
C ARG E 196 -4.11 -7.00 42.30
N ARG E 197 -2.83 -7.15 42.01
CA ARG E 197 -1.85 -6.09 42.18
C ARG E 197 -1.44 -5.45 40.87
N THR E 198 -1.34 -6.23 39.79
CA THR E 198 -1.04 -5.75 38.46
C THR E 198 -1.91 -6.50 37.47
N LYS E 199 -2.19 -5.86 36.33
CA LYS E 199 -3.04 -6.44 35.28
C LYS E 199 -4.46 -6.65 35.78
N ASN E 200 -4.92 -5.78 36.69
CA ASN E 200 -6.30 -5.72 37.13
C ASN E 200 -7.16 -4.98 36.12
N ASN E 201 -8.34 -4.50 36.54
CA ASN E 201 -9.34 -3.80 35.73
C ASN E 201 -9.71 -4.60 34.48
N PRO E 202 -10.56 -5.61 34.63
CA PRO E 202 -10.86 -6.50 33.50
C PRO E 202 -11.67 -5.82 32.41
N VAL E 203 -11.93 -6.58 31.36
CA VAL E 203 -12.71 -6.13 30.20
C VAL E 203 -13.63 -7.28 29.80
N LEU E 204 -14.93 -7.01 29.78
CA LEU E 204 -15.92 -8.02 29.39
C LEU E 204 -15.95 -8.16 27.88
N ILE E 205 -16.07 -9.40 27.41
CA ILE E 205 -16.00 -9.71 25.98
C ILE E 205 -17.20 -10.58 25.62
N GLY E 206 -17.97 -10.13 24.63
CA GLY E 206 -19.10 -10.91 24.16
C GLY E 206 -19.83 -10.20 23.05
N GLU E 207 -20.82 -10.90 22.50
CA GLU E 207 -21.65 -10.36 21.44
C GLU E 207 -22.59 -9.30 22.00
N PRO E 208 -23.24 -8.52 21.14
CA PRO E 208 -24.19 -7.53 21.66
C PRO E 208 -25.41 -8.19 22.27
N GLY E 209 -25.96 -7.53 23.29
CA GLY E 209 -27.18 -7.98 23.94
C GLY E 209 -27.06 -9.33 24.61
N VAL E 210 -25.91 -9.63 25.22
CA VAL E 210 -25.76 -10.86 25.98
C VAL E 210 -25.85 -10.65 27.48
N GLY E 211 -25.60 -9.45 27.99
CA GLY E 211 -25.77 -9.22 29.41
C GLY E 211 -24.54 -8.69 30.12
N LYS E 212 -23.65 -8.01 29.40
CA LYS E 212 -22.46 -7.46 30.03
C LYS E 212 -22.82 -6.32 30.97
N THR E 213 -23.60 -5.35 30.47
CA THR E 213 -24.15 -4.33 31.35
C THR E 213 -24.94 -4.95 32.49
N ALA E 214 -25.58 -6.10 32.24
CA ALA E 214 -26.30 -6.79 33.30
C ALA E 214 -25.36 -7.31 34.36
N ILE E 215 -24.19 -7.81 33.94
CA ILE E 215 -23.19 -8.29 34.90
C ILE E 215 -22.71 -7.13 35.75
N VAL E 216 -22.48 -5.97 35.14
CA VAL E 216 -22.03 -4.82 35.92
C VAL E 216 -23.12 -4.36 36.89
N GLU E 217 -24.37 -4.37 36.44
CA GLU E 217 -25.48 -4.03 37.31
C GLU E 217 -25.58 -5.00 38.48
N GLY E 218 -25.39 -6.29 38.22
CA GLY E 218 -25.44 -7.27 39.30
C GLY E 218 -24.28 -7.10 40.26
N LEU E 219 -23.10 -6.74 39.75
CA LEU E 219 -21.98 -6.44 40.63
C LEU E 219 -22.32 -5.26 41.53
N ALA E 220 -22.87 -4.19 40.97
CA ALA E 220 -23.24 -3.03 41.78
C ALA E 220 -24.31 -3.39 42.81
N GLN E 221 -25.25 -4.25 42.42
CA GLN E 221 -26.31 -4.62 43.34
C GLN E 221 -25.79 -5.48 44.49
N ARG E 222 -24.91 -6.44 44.17
CA ARG E 222 -24.28 -7.22 45.22
C ARG E 222 -23.40 -6.34 46.10
N ILE E 223 -22.82 -5.28 45.54
CA ILE E 223 -22.09 -4.31 46.34
C ILE E 223 -23.02 -3.67 47.36
N VAL E 224 -24.11 -3.06 46.88
CA VAL E 224 -24.96 -2.25 47.75
C VAL E 224 -25.67 -3.14 48.77
N ALA E 225 -25.92 -4.40 48.42
CA ALA E 225 -26.53 -5.31 49.39
C ALA E 225 -25.51 -5.85 50.37
N GLY E 226 -24.28 -6.06 49.90
CA GLY E 226 -23.18 -6.55 50.71
C GLY E 226 -22.91 -8.02 50.47
N ASP E 227 -22.00 -8.31 49.55
CA ASP E 227 -21.53 -9.67 49.31
C ASP E 227 -20.05 -9.75 49.00
N VAL E 228 -19.43 -8.68 48.52
CA VAL E 228 -18.06 -8.69 48.02
C VAL E 228 -17.10 -8.65 49.20
N PRO E 229 -15.81 -8.93 49.00
CA PRO E 229 -14.84 -8.72 50.07
C PRO E 229 -14.72 -7.24 50.42
N GLU E 230 -14.21 -7.00 51.64
CA GLU E 230 -14.09 -5.63 52.12
C GLU E 230 -13.19 -4.77 51.24
N SER E 231 -12.19 -5.38 50.58
CA SER E 231 -11.32 -4.61 49.70
C SER E 231 -12.11 -3.85 48.65
N LEU E 232 -13.11 -4.51 48.05
CA LEU E 232 -13.97 -3.88 47.05
C LEU E 232 -15.17 -3.19 47.65
N ARG E 233 -15.62 -3.59 48.83
CA ARG E 233 -16.81 -3.02 49.45
C ARG E 233 -16.65 -1.51 49.65
N ASP E 234 -17.79 -0.83 49.79
CA ASP E 234 -17.86 0.59 50.15
C ASP E 234 -17.38 1.50 49.03
N LYS E 235 -17.52 1.08 47.77
CA LYS E 235 -17.04 1.87 46.64
C LYS E 235 -18.17 2.04 45.63
N THR E 236 -18.03 3.06 44.78
CA THR E 236 -19.07 3.36 43.79
C THR E 236 -18.56 3.13 42.38
N ILE E 237 -19.49 3.09 41.43
CA ILE E 237 -19.20 2.82 40.04
C ILE E 237 -19.86 3.91 39.19
N VAL E 238 -19.30 4.14 38.01
CA VAL E 238 -19.75 5.20 37.10
C VAL E 238 -19.59 4.69 35.68
N ALA E 239 -20.59 4.99 34.84
CA ALA E 239 -20.54 4.64 33.43
C ALA E 239 -20.09 5.85 32.61
N LEU E 240 -19.66 5.58 31.37
CA LEU E 240 -19.19 6.65 30.48
C LEU E 240 -19.82 6.50 29.11
N ASP E 241 -19.97 7.65 28.45
CA ASP E 241 -20.72 7.78 27.21
C ASP E 241 -19.81 8.16 26.05
N LEU E 242 -19.49 7.18 25.20
CA LEU E 242 -18.64 7.45 24.05
C LEU E 242 -19.38 8.18 22.93
N GLY E 243 -20.69 8.35 23.05
CA GLY E 243 -21.43 9.06 22.02
C GLY E 243 -21.55 10.55 22.31
N SER E 244 -21.81 10.92 23.57
CA SER E 244 -21.99 12.32 23.91
C SER E 244 -20.71 13.13 23.83
N MET E 245 -19.55 12.47 23.86
CA MET E 245 -18.30 13.20 23.76
C MET E 245 -17.96 13.54 22.31
N VAL E 246 -17.79 12.51 21.48
CA VAL E 246 -17.35 12.70 20.11
C VAL E 246 -18.49 13.21 19.24
N ARG E 252 -13.05 18.14 14.06
CA ARG E 252 -12.24 17.19 14.84
C ARG E 252 -11.42 17.94 15.89
N GLY E 253 -11.36 17.37 17.09
CA GLY E 253 -10.65 17.98 18.20
C GLY E 253 -11.57 18.32 19.35
N GLU E 254 -10.95 18.69 20.47
CA GLU E 254 -11.61 19.09 21.71
C GLU E 254 -12.25 17.89 22.42
N PHE E 255 -12.30 16.75 21.73
CA PHE E 255 -12.72 15.53 22.39
C PHE E 255 -11.69 15.10 23.42
N GLU E 256 -10.40 15.22 23.08
CA GLU E 256 -9.36 14.93 24.05
C GLU E 256 -9.35 15.95 25.19
N GLU E 257 -9.72 17.20 24.90
CA GLU E 257 -9.86 18.17 25.97
C GLU E 257 -10.95 17.76 26.95
N ARG E 258 -12.09 17.30 26.43
CA ARG E 258 -13.16 16.82 27.29
C ARG E 258 -12.75 15.57 28.04
N LEU E 259 -12.05 14.65 27.37
CA LEU E 259 -11.53 13.45 28.01
C LEU E 259 -10.59 13.80 29.16
N LYS E 260 -9.73 14.79 28.96
CA LYS E 260 -8.85 15.24 30.03
C LYS E 260 -9.66 15.85 31.17
N ALA E 261 -10.72 16.59 30.84
CA ALA E 261 -11.58 17.13 31.88
C ALA E 261 -12.16 16.02 32.74
N VAL E 262 -12.52 14.89 32.12
CA VAL E 262 -13.09 13.78 32.89
C VAL E 262 -12.02 13.09 33.72
N LEU E 263 -10.89 12.76 33.10
CA LEU E 263 -9.82 12.10 33.86
C LEU E 263 -9.27 12.99 34.95
N ASP E 264 -9.44 14.30 34.82
CA ASP E 264 -9.08 15.22 35.91
C ASP E 264 -9.96 14.99 37.12
N ASP E 265 -11.29 14.95 36.92
CA ASP E 265 -12.18 14.62 38.01
C ASP E 265 -11.84 13.26 38.60
N ILE E 266 -11.40 12.32 37.76
CA ILE E 266 -10.98 11.01 38.28
C ILE E 266 -9.79 11.16 39.22
N LYS E 267 -8.72 11.82 38.76
CA LYS E 267 -7.54 12.00 39.59
C LYS E 267 -7.83 12.83 40.83
N ASN E 268 -8.87 13.66 40.79
CA ASN E 268 -9.23 14.44 41.98
C ASN E 268 -10.06 13.61 42.95
N SER E 269 -10.85 12.66 42.44
CA SER E 269 -11.40 11.64 43.32
C SER E 269 -10.28 10.89 44.02
N ALA E 270 -9.25 10.52 43.26
CA ALA E 270 -8.00 9.98 43.81
C ALA E 270 -8.27 8.87 44.82
N GLY E 271 -9.16 7.95 44.45
CA GLY E 271 -9.53 6.89 45.35
C GLY E 271 -9.97 5.63 44.64
N GLN E 272 -11.04 5.04 45.12
CA GLN E 272 -11.52 3.77 44.59
C GLN E 272 -12.92 3.94 44.02
N ILE E 273 -13.11 5.01 43.24
CA ILE E 273 -14.37 5.25 42.55
C ILE E 273 -14.21 4.66 41.15
N ILE E 274 -14.63 3.41 40.99
CA ILE E 274 -14.42 2.68 39.75
C ILE E 274 -15.22 3.32 38.62
N THR E 275 -14.68 3.24 37.42
CA THR E 275 -15.37 3.70 36.22
C THR E 275 -15.80 2.50 35.39
N PHE E 276 -16.71 2.74 34.45
CA PHE E 276 -17.20 1.68 33.58
C PHE E 276 -17.40 2.27 32.19
N ILE E 277 -16.64 1.78 31.22
CA ILE E 277 -16.68 2.30 29.86
C ILE E 277 -17.35 1.26 28.97
N ASP E 278 -18.20 1.74 28.06
CA ASP E 278 -18.91 0.87 27.12
C ASP E 278 -18.32 1.07 25.73
N GLU E 279 -17.85 -0.02 25.13
CA GLU E 279 -17.28 -0.02 23.78
C GLU E 279 -16.08 0.94 23.71
N LEU E 280 -15.06 0.59 24.49
CA LEU E 280 -13.86 1.42 24.53
C LEU E 280 -13.01 1.31 23.27
N HIS E 281 -13.26 0.30 22.42
CA HIS E 281 -12.45 0.18 21.21
C HIS E 281 -12.69 1.33 20.23
N THR E 282 -13.62 2.23 20.53
CA THR E 282 -13.69 3.50 19.81
C THR E 282 -12.61 4.45 20.27
N ILE E 283 -12.32 4.46 21.57
CA ILE E 283 -11.27 5.32 22.11
C ILE E 283 -9.91 4.92 21.56
N VAL E 284 -9.58 3.64 21.64
CA VAL E 284 -8.26 3.17 21.22
C VAL E 284 -8.32 1.67 20.93
N GLY E 297 -5.65 7.07 23.68
CA GLY E 297 -4.76 5.92 23.57
C GLY E 297 -3.61 5.99 24.55
N ASN E 298 -2.50 6.60 24.11
CA ASN E 298 -1.37 6.85 24.98
C ASN E 298 -1.60 7.98 25.96
N MET E 299 -2.80 8.57 25.95
CA MET E 299 -3.17 9.61 26.91
C MET E 299 -3.60 9.01 28.24
N ILE E 300 -4.21 7.82 28.21
CA ILE E 300 -4.68 7.19 29.44
C ILE E 300 -3.64 6.28 30.07
N LYS E 301 -2.73 5.71 29.27
CA LYS E 301 -1.81 4.70 29.79
C LYS E 301 -0.96 5.17 30.97
N PRO E 302 -0.36 6.37 30.96
CA PRO E 302 0.36 6.82 32.16
C PRO E 302 -0.51 6.83 33.40
N MET E 303 -1.68 7.48 33.32
CA MET E 303 -2.60 7.51 34.44
C MET E 303 -3.03 6.11 34.86
N LEU E 304 -3.10 5.17 33.92
CA LEU E 304 -3.55 3.83 34.24
C LEU E 304 -2.47 3.06 34.98
N ALA E 305 -1.23 3.18 34.54
CA ALA E 305 -0.12 2.50 35.21
C ALA E 305 0.46 3.35 36.32
N ARG E 306 -0.42 3.89 37.16
CA ARG E 306 0.00 4.59 38.37
C ARG E 306 -0.84 4.26 39.59
N GLY E 307 -2.09 3.81 39.44
CA GLY E 307 -2.88 3.38 40.57
C GLY E 307 -3.82 4.44 41.12
N GLU E 308 -4.61 5.08 40.26
CA GLU E 308 -5.61 6.02 40.71
C GLU E 308 -6.98 5.82 40.08
N LEU E 309 -7.08 5.05 39.00
CA LEU E 309 -8.36 4.74 38.40
C LEU E 309 -8.43 3.25 38.09
N ARG E 310 -9.66 2.73 38.10
CA ARG E 310 -9.93 1.36 37.73
C ARG E 310 -10.90 1.36 36.56
N LEU E 311 -10.70 0.44 35.62
CA LEU E 311 -11.37 0.49 34.33
C LEU E 311 -12.04 -0.84 34.02
N VAL E 312 -13.34 -0.95 34.31
CA VAL E 312 -14.13 -2.09 33.89
C VAL E 312 -14.62 -1.80 32.48
N GLY E 313 -14.21 -2.62 31.52
CA GLY E 313 -14.56 -2.38 30.13
C GLY E 313 -15.74 -3.18 29.65
N ALA E 314 -16.06 -3.01 28.37
CA ALA E 314 -17.09 -3.79 27.69
C ALA E 314 -16.93 -3.59 26.19
N THR E 315 -16.79 -4.69 25.46
CA THR E 315 -16.57 -4.63 24.02
C THR E 315 -16.81 -6.01 23.43
N THR E 316 -16.47 -6.15 22.15
CA THR E 316 -16.68 -7.38 21.40
C THR E 316 -15.35 -7.97 20.99
N LEU E 317 -15.36 -9.29 20.74
CA LEU E 317 -14.11 -10.02 20.51
C LEU E 317 -13.33 -9.47 19.32
N ASP E 318 -13.96 -9.45 18.15
CA ASP E 318 -13.26 -9.05 16.93
C ASP E 318 -12.73 -7.62 16.98
N GLU E 319 -13.50 -6.67 17.52
CA GLU E 319 -13.02 -5.30 17.65
C GLU E 319 -11.93 -5.16 18.70
N TYR E 320 -12.02 -5.95 19.78
CA TYR E 320 -10.92 -6.01 20.73
C TYR E 320 -9.64 -6.49 20.06
N ARG E 321 -9.76 -7.46 19.16
CA ARG E 321 -8.59 -8.00 18.49
C ARG E 321 -7.95 -7.00 17.51
N LYS E 322 -8.71 -6.05 17.01
CA LYS E 322 -8.19 -5.12 16.01
C LYS E 322 -7.79 -3.78 16.62
N HIS E 323 -8.43 -3.40 17.73
CA HIS E 323 -8.19 -2.08 18.29
C HIS E 323 -7.40 -2.14 19.58
N ILE E 324 -7.67 -3.13 20.44
CA ILE E 324 -7.04 -3.20 21.74
C ILE E 324 -5.98 -4.29 21.73
N GLU E 325 -5.54 -4.67 20.55
CA GLU E 325 -4.48 -5.67 20.43
C GLU E 325 -3.34 -5.23 19.53
N LYS E 326 -3.62 -4.47 18.48
CA LYS E 326 -2.59 -4.14 17.50
C LYS E 326 -1.65 -3.05 18.02
N ASP E 327 -2.20 -1.89 18.37
CA ASP E 327 -1.40 -0.74 18.77
C ASP E 327 -1.51 -0.42 20.25
N ALA E 328 -2.01 -1.35 21.06
CA ALA E 328 -2.29 -1.06 22.45
C ALA E 328 -1.03 -0.72 23.24
N ALA E 329 -0.13 -1.68 23.40
CA ALA E 329 0.98 -1.65 24.35
C ALA E 329 0.50 -1.52 25.78
N LEU E 330 -0.81 -1.57 26.00
CA LEU E 330 -1.40 -1.69 27.34
C LEU E 330 -2.21 -2.96 27.47
N GLU E 331 -2.12 -3.88 26.50
CA GLU E 331 -2.71 -5.20 26.66
C GLU E 331 -2.14 -5.92 27.87
N ARG E 332 -0.99 -5.46 28.37
CA ARG E 332 -0.47 -5.90 29.66
C ARG E 332 -1.20 -5.27 30.83
N ARG E 333 -2.23 -4.46 30.59
CA ARG E 333 -3.02 -3.87 31.66
C ARG E 333 -4.47 -4.31 31.62
N PHE E 334 -4.86 -5.15 30.67
CA PHE E 334 -6.25 -5.51 30.47
C PHE E 334 -6.43 -7.02 30.57
N GLN E 335 -7.50 -7.43 31.23
CA GLN E 335 -7.85 -8.83 31.38
C GLN E 335 -9.19 -9.10 30.74
N GLN E 336 -9.22 -10.09 29.85
CA GLN E 336 -10.42 -10.42 29.08
C GLN E 336 -11.27 -11.41 29.84
N VAL E 337 -12.55 -11.08 30.00
CA VAL E 337 -13.54 -11.98 30.57
C VAL E 337 -14.56 -12.30 29.48
N TYR E 338 -14.85 -13.57 29.30
CA TYR E 338 -15.71 -14.01 28.20
C TYR E 338 -17.13 -14.28 28.69
N VAL E 339 -18.10 -13.80 27.91
CA VAL E 339 -19.51 -14.08 28.16
C VAL E 339 -20.19 -14.39 26.84
N GLY E 340 -20.29 -15.68 26.49
CA GLY E 340 -20.77 -16.00 25.16
C GLY E 340 -22.26 -15.75 24.95
N GLU E 341 -23.11 -16.61 25.52
CA GLU E 341 -24.56 -16.45 25.53
C GLU E 341 -25.19 -17.62 26.27
N PRO E 342 -26.36 -17.45 26.85
CA PRO E 342 -27.01 -18.56 27.55
C PRO E 342 -27.53 -19.61 26.57
N SER E 343 -28.08 -20.67 27.14
CA SER E 343 -28.73 -21.71 26.37
C SER E 343 -30.24 -21.50 26.43
N VAL E 344 -31.00 -22.40 25.79
CA VAL E 344 -32.45 -22.27 25.80
C VAL E 344 -33.00 -22.42 27.21
N GLU E 345 -32.45 -23.34 27.99
CA GLU E 345 -32.93 -23.53 29.36
C GLU E 345 -32.58 -22.33 30.24
N ASP E 346 -31.36 -21.82 30.11
CA ASP E 346 -30.97 -20.65 30.90
C ASP E 346 -31.80 -19.43 30.50
N THR E 347 -32.12 -19.29 29.22
CA THR E 347 -32.98 -18.19 28.78
C THR E 347 -34.39 -18.36 29.33
N ILE E 348 -34.91 -19.59 29.38
CA ILE E 348 -36.23 -19.81 29.95
C ILE E 348 -36.24 -19.45 31.43
N GLY E 349 -35.16 -19.78 32.13
CA GLY E 349 -35.05 -19.36 33.52
C GLY E 349 -35.01 -17.85 33.66
N ILE E 350 -34.21 -17.20 32.82
CA ILE E 350 -34.15 -15.74 32.79
C ILE E 350 -35.54 -15.17 32.64
N LEU E 351 -36.30 -15.68 31.68
CA LEU E 351 -37.63 -15.17 31.41
C LEU E 351 -38.56 -15.38 32.61
N ARG E 352 -38.68 -16.64 33.05
CA ARG E 352 -39.59 -16.95 34.14
C ARG E 352 -39.22 -16.24 35.44
N GLY E 353 -38.00 -15.74 35.56
CA GLY E 353 -37.69 -14.88 36.69
C GLY E 353 -38.04 -13.44 36.39
N LEU E 354 -37.86 -13.03 35.15
CA LEU E 354 -38.15 -11.67 34.70
C LEU E 354 -39.54 -11.61 34.07
N LYS E 355 -40.54 -11.86 34.90
CA LYS E 355 -41.91 -12.02 34.44
C LYS E 355 -42.89 -11.08 35.13
N ASP E 356 -42.65 -10.77 36.40
CA ASP E 356 -43.54 -9.84 37.12
C ASP E 356 -43.48 -8.45 36.52
N ARG E 357 -42.34 -8.09 35.92
CA ARG E 357 -42.18 -6.74 35.37
C ARG E 357 -43.22 -6.44 34.31
N TYR E 358 -43.32 -7.30 33.30
CA TYR E 358 -44.23 -7.03 32.19
C TYR E 358 -45.68 -7.27 32.59
N GLU E 359 -45.91 -8.31 33.40
CA GLU E 359 -47.24 -8.58 33.96
C GLU E 359 -47.78 -7.40 34.75
N VAL E 360 -46.91 -6.49 35.20
CA VAL E 360 -47.34 -5.30 35.91
C VAL E 360 -47.39 -4.10 34.99
N HIS E 361 -46.42 -3.98 34.08
CA HIS E 361 -46.40 -2.87 33.13
C HIS E 361 -47.65 -2.89 32.25
N HIS E 362 -47.81 -3.91 31.42
CA HIS E 362 -49.02 -4.00 30.60
C HIS E 362 -50.14 -4.62 31.44
N GLY E 363 -50.00 -5.91 31.74
CA GLY E 363 -50.85 -6.64 32.64
C GLY E 363 -51.95 -7.33 31.87
N VAL E 364 -51.71 -8.57 31.44
CA VAL E 364 -52.81 -9.42 30.99
C VAL E 364 -52.69 -10.79 31.64
N ARG E 365 -51.71 -11.58 31.22
CA ARG E 365 -51.24 -12.82 31.81
C ARG E 365 -50.17 -13.37 30.88
N ILE E 366 -49.32 -14.24 31.42
CA ILE E 366 -48.28 -14.89 30.62
C ILE E 366 -48.18 -16.34 31.09
N THR E 367 -48.11 -17.27 30.14
CA THR E 367 -48.01 -18.69 30.45
C THR E 367 -46.59 -19.18 30.27
N ASP E 368 -46.18 -20.07 31.16
CA ASP E 368 -44.85 -20.68 31.05
C ASP E 368 -44.68 -21.37 29.71
N SER E 369 -45.77 -21.93 29.18
CA SER E 369 -45.74 -22.47 27.83
C SER E 369 -45.38 -21.39 26.82
N ALA E 370 -45.94 -20.20 26.99
CA ALA E 370 -45.60 -19.10 26.09
C ALA E 370 -44.14 -18.70 26.24
N LEU E 371 -43.61 -18.74 27.46
CA LEU E 371 -42.19 -18.43 27.66
C LEU E 371 -41.31 -19.43 26.92
N VAL E 372 -41.58 -20.72 27.11
CA VAL E 372 -40.83 -21.75 26.38
C VAL E 372 -40.95 -21.54 24.88
N ALA E 373 -42.16 -21.22 24.41
CA ALA E 373 -42.36 -21.01 22.98
C ALA E 373 -41.54 -19.84 22.47
N ALA E 374 -41.53 -18.74 23.22
CA ALA E 374 -40.72 -17.58 22.84
C ALA E 374 -39.26 -17.97 22.71
N ALA E 375 -38.71 -18.60 23.74
CA ALA E 375 -37.30 -18.98 23.72
C ALA E 375 -37.00 -19.87 22.52
N THR E 376 -37.80 -20.93 22.34
CA THR E 376 -37.50 -21.93 21.31
C THR E 376 -37.67 -21.36 19.91
N LEU E 377 -38.79 -20.67 19.66
CA LEU E 377 -39.02 -20.06 18.35
C LEU E 377 -37.94 -19.05 18.01
N SER E 378 -37.60 -18.17 18.96
CA SER E 378 -36.52 -17.22 18.74
C SER E 378 -35.24 -17.93 18.35
N ASP E 379 -34.79 -18.87 19.20
CA ASP E 379 -33.54 -19.58 18.93
C ASP E 379 -33.57 -20.22 17.55
N ARG E 380 -34.70 -20.84 17.19
CA ARG E 380 -34.75 -21.60 15.95
C ARG E 380 -34.76 -20.73 14.71
N TYR E 381 -35.55 -19.65 14.70
CA TYR E 381 -35.81 -18.93 13.46
C TYR E 381 -35.11 -17.58 13.37
N ILE E 382 -34.93 -16.88 14.48
CA ILE E 382 -34.27 -15.58 14.45
C ILE E 382 -32.78 -15.80 14.68
N THR E 383 -31.97 -15.48 13.67
CA THR E 383 -30.54 -15.74 13.74
C THR E 383 -29.68 -14.48 13.78
N ALA E 384 -30.28 -13.29 13.64
CA ALA E 384 -29.49 -12.06 13.69
C ALA E 384 -29.07 -11.74 15.12
N ARG E 385 -30.02 -11.56 16.01
CA ARG E 385 -29.72 -11.21 17.39
C ARG E 385 -29.53 -12.49 18.22
N PHE E 386 -29.33 -12.30 19.52
CA PHE E 386 -28.95 -13.39 20.42
C PHE E 386 -29.94 -13.49 21.57
N LEU E 387 -29.79 -14.58 22.34
CA LEU E 387 -30.89 -15.09 23.16
C LEU E 387 -31.42 -14.09 24.18
N PRO E 388 -30.62 -13.56 25.10
CA PRO E 388 -31.21 -12.92 26.30
C PRO E 388 -32.18 -11.80 25.98
N ASP E 389 -31.94 -11.01 24.93
CA ASP E 389 -32.87 -9.94 24.56
C ASP E 389 -33.73 -10.29 23.36
N LYS E 390 -33.21 -11.12 22.43
CA LYS E 390 -34.03 -11.61 21.34
C LYS E 390 -35.28 -12.30 21.85
N ALA E 391 -35.20 -12.95 23.00
CA ALA E 391 -36.37 -13.58 23.59
C ALA E 391 -37.33 -12.57 24.19
N ILE E 392 -36.82 -11.60 24.94
CA ILE E 392 -37.73 -10.67 25.62
C ILE E 392 -38.41 -9.74 24.63
N ASP E 393 -37.81 -9.50 23.47
CA ASP E 393 -38.50 -8.75 22.43
C ASP E 393 -39.86 -9.36 22.11
N LEU E 394 -39.87 -10.69 21.91
CA LEU E 394 -41.12 -11.36 21.55
C LEU E 394 -42.16 -11.22 22.64
N VAL E 395 -41.76 -11.43 23.90
CA VAL E 395 -42.71 -11.35 25.00
C VAL E 395 -43.29 -9.94 25.11
N ASP E 396 -42.43 -8.93 25.05
CA ASP E 396 -42.92 -7.56 25.20
C ASP E 396 -43.82 -7.17 24.04
N GLU E 397 -43.48 -7.57 22.82
CA GLU E 397 -44.32 -7.26 21.67
C GLU E 397 -45.67 -7.95 21.77
N ALA E 398 -45.68 -9.22 22.21
CA ALA E 398 -46.93 -9.92 22.40
C ALA E 398 -47.81 -9.23 23.43
N ALA E 399 -47.23 -8.84 24.56
CA ALA E 399 -48.01 -8.15 25.58
C ALA E 399 -48.57 -6.84 25.04
N SER E 400 -47.75 -6.07 24.31
CA SER E 400 -48.21 -4.80 23.76
C SER E 400 -49.37 -5.00 22.79
N ARG E 401 -49.25 -5.98 21.88
CA ARG E 401 -50.30 -6.18 20.90
C ARG E 401 -51.58 -6.70 21.55
N LEU E 402 -51.45 -7.57 22.55
CA LEU E 402 -52.64 -8.04 23.26
C LEU E 402 -53.32 -6.88 23.99
N ARG E 403 -52.55 -5.97 24.57
CA ARG E 403 -53.16 -4.81 25.21
C ARG E 403 -53.85 -3.92 24.18
N MET E 404 -53.23 -3.72 23.02
CA MET E 404 -53.82 -2.84 22.02
C MET E 404 -55.04 -3.48 21.34
N GLU E 405 -55.16 -4.81 21.41
CA GLU E 405 -56.29 -5.50 20.82
C GLU E 405 -57.63 -5.13 21.45
N ILE E 406 -57.65 -4.70 22.71
CA ILE E 406 -58.89 -4.57 23.45
C ILE E 406 -59.63 -3.27 23.11
N ASP E 407 -59.16 -2.54 22.11
CA ASP E 407 -59.81 -1.30 21.67
C ASP E 407 -61.28 -1.53 21.32
N LYS E 530 -59.65 -14.78 25.90
CA LYS E 530 -58.27 -14.52 25.53
C LYS E 530 -57.69 -13.40 26.40
N GLU E 531 -57.59 -13.68 27.69
CA GLU E 531 -57.03 -12.74 28.67
C GLU E 531 -55.64 -13.17 29.10
N GLU E 532 -54.93 -13.89 28.23
CA GLU E 532 -53.60 -14.38 28.54
C GLU E 532 -52.85 -14.59 27.24
N VAL E 533 -51.52 -14.57 27.32
CA VAL E 533 -50.66 -14.79 26.16
C VAL E 533 -50.30 -16.27 26.13
N GLY E 534 -50.61 -16.94 25.02
CA GLY E 534 -50.37 -18.35 24.89
C GLY E 534 -49.29 -18.66 23.88
N PRO E 535 -48.92 -19.94 23.78
CA PRO E 535 -47.85 -20.31 22.85
C PRO E 535 -48.20 -20.04 21.40
N ASP E 536 -49.49 -20.06 21.06
CA ASP E 536 -49.91 -19.63 19.73
C ASP E 536 -49.88 -18.12 19.58
N ASP E 537 -50.05 -17.38 20.68
CA ASP E 537 -50.04 -15.92 20.66
C ASP E 537 -48.64 -15.36 20.46
N ILE E 538 -47.65 -16.20 20.21
CA ILE E 538 -46.31 -15.74 19.87
C ILE E 538 -45.88 -16.20 18.49
N ALA E 539 -46.43 -17.31 17.98
CA ALA E 539 -46.20 -17.69 16.59
C ALA E 539 -46.65 -16.58 15.65
N ASP E 540 -47.71 -15.87 16.01
CA ASP E 540 -48.18 -14.77 15.18
C ASP E 540 -47.15 -13.64 15.12
N VAL E 541 -46.57 -13.29 16.26
CA VAL E 541 -45.55 -12.23 16.29
C VAL E 541 -44.32 -12.65 15.50
N VAL E 542 -43.85 -13.87 15.72
CA VAL E 542 -42.62 -14.28 15.04
C VAL E 542 -42.88 -14.44 13.54
N SER E 543 -44.09 -14.79 13.14
CA SER E 543 -44.42 -14.87 11.73
C SER E 543 -44.45 -13.48 11.12
N ALA E 544 -45.10 -12.53 11.79
CA ALA E 544 -45.05 -11.15 11.36
C ALA E 544 -43.61 -10.68 11.17
N TRP E 545 -42.71 -11.17 12.02
CA TRP E 545 -41.31 -10.77 11.91
C TRP E 545 -40.63 -11.41 10.69
N THR E 546 -40.66 -12.74 10.59
CA THR E 546 -39.84 -13.42 9.61
C THR E 546 -40.48 -13.58 8.23
N GLY E 547 -41.79 -13.87 8.17
CA GLY E 547 -42.43 -14.04 6.89
C GLY E 547 -43.13 -15.37 6.73
N ILE E 548 -42.53 -16.42 7.26
CA ILE E 548 -43.11 -17.77 7.16
C ILE E 548 -44.44 -17.80 7.89
N PRO E 549 -45.49 -18.40 7.33
CA PRO E 549 -46.80 -18.38 7.99
C PRO E 549 -46.80 -19.19 9.28
N ALA E 550 -47.78 -18.88 10.13
CA ALA E 550 -47.83 -19.48 11.46
C ALA E 550 -48.06 -20.98 11.43
N GLY E 551 -48.61 -21.49 10.33
CA GLY E 551 -48.84 -22.93 10.23
C GLY E 551 -47.57 -23.74 10.18
N ARG E 552 -46.55 -23.21 9.49
CA ARG E 552 -45.27 -23.90 9.43
C ARG E 552 -44.49 -23.83 10.73
N LEU E 553 -44.66 -22.75 11.50
CA LEU E 553 -43.90 -22.58 12.74
C LEU E 553 -44.57 -23.28 13.91
N LEU E 554 -44.91 -24.54 13.68
CA LEU E 554 -45.39 -25.48 14.69
C LEU E 554 -44.68 -26.80 14.41
N GLU E 555 -45.21 -27.91 14.93
CA GLU E 555 -44.63 -29.22 14.68
C GLU E 555 -44.16 -29.35 13.24
N GLY E 556 -42.88 -29.67 13.07
CA GLY E 556 -42.27 -29.66 11.76
C GLY E 556 -41.26 -30.76 11.55
N GLU E 557 -41.35 -31.82 12.36
CA GLU E 557 -40.44 -32.95 12.22
C GLU E 557 -41.13 -34.21 11.72
N THR E 558 -42.41 -34.41 12.06
CA THR E 558 -43.22 -35.46 11.47
C THR E 558 -44.24 -34.88 10.50
N ALA E 559 -44.83 -33.74 10.84
CA ALA E 559 -45.74 -33.06 9.94
C ALA E 559 -45.08 -32.64 8.64
N LYS E 560 -43.75 -32.48 8.61
CA LYS E 560 -43.06 -32.16 7.38
C LYS E 560 -42.59 -33.38 6.61
N LEU E 561 -42.27 -34.49 7.29
CA LEU E 561 -41.98 -35.70 6.55
C LEU E 561 -43.23 -36.27 5.90
N LEU E 562 -44.39 -36.13 6.55
CA LEU E 562 -45.61 -36.64 5.95
C LEU E 562 -45.97 -35.90 4.67
N ARG E 563 -45.50 -34.67 4.52
CA ARG E 563 -45.78 -33.89 3.32
C ARG E 563 -44.81 -34.14 2.20
N MET E 564 -44.00 -35.19 2.18
CA MET E 564 -43.16 -35.48 1.02
C MET E 564 -43.96 -36.05 -0.14
N GLU E 565 -45.28 -35.97 -0.05
CA GLU E 565 -46.21 -36.27 -1.13
C GLU E 565 -46.21 -35.11 -2.11
N ASP E 566 -47.28 -34.99 -2.90
CA ASP E 566 -47.41 -34.06 -4.01
C ASP E 566 -46.84 -32.68 -3.73
N GLU E 567 -46.69 -32.29 -2.46
CA GLU E 567 -45.98 -31.06 -2.15
C GLU E 567 -44.64 -30.98 -2.87
N LEU E 568 -44.05 -32.13 -3.21
CA LEU E 568 -42.98 -32.16 -4.19
C LEU E 568 -43.53 -32.24 -5.60
N GLY E 569 -44.57 -33.06 -5.81
CA GLY E 569 -45.20 -33.20 -7.11
C GLY E 569 -45.93 -31.97 -7.60
N LYS E 570 -46.18 -31.00 -6.72
CA LYS E 570 -46.73 -29.73 -7.19
C LYS E 570 -45.78 -29.05 -8.17
N ARG E 571 -44.48 -29.30 -8.04
CA ARG E 571 -43.46 -28.70 -8.89
C ARG E 571 -43.01 -29.63 -10.01
N VAL E 572 -42.80 -30.91 -9.71
CA VAL E 572 -42.39 -31.88 -10.70
C VAL E 572 -43.57 -32.75 -11.09
N ILE E 573 -43.70 -33.03 -12.38
CA ILE E 573 -44.83 -33.78 -12.94
C ILE E 573 -44.33 -35.17 -13.32
N GLY E 574 -45.13 -36.18 -13.01
CA GLY E 574 -44.73 -37.54 -13.30
C GLY E 574 -43.57 -37.97 -12.43
N GLN E 575 -42.82 -38.95 -12.92
CA GLN E 575 -41.63 -39.45 -12.22
C GLN E 575 -41.98 -39.92 -10.82
N LYS E 576 -43.12 -40.61 -10.70
CA LYS E 576 -43.64 -40.97 -9.38
C LYS E 576 -42.70 -41.90 -8.64
N ALA E 577 -42.09 -42.85 -9.36
CA ALA E 577 -41.14 -43.76 -8.72
C ALA E 577 -39.94 -42.99 -8.18
N ALA E 578 -39.40 -42.07 -8.97
CA ALA E 578 -38.29 -41.25 -8.52
C ALA E 578 -38.66 -40.45 -7.28
N VAL E 579 -39.82 -39.79 -7.31
CA VAL E 579 -40.24 -38.97 -6.17
C VAL E 579 -40.41 -39.83 -4.94
N THR E 580 -41.03 -41.01 -5.08
CA THR E 580 -41.22 -41.89 -3.94
C THR E 580 -39.88 -42.33 -3.36
N ALA E 581 -38.95 -42.74 -4.22
CA ALA E 581 -37.66 -43.24 -3.73
C ALA E 581 -36.89 -42.14 -3.02
N VAL E 582 -36.84 -40.95 -3.62
CA VAL E 582 -36.12 -39.83 -3.00
C VAL E 582 -36.76 -39.45 -1.67
N SER E 583 -38.09 -39.33 -1.66
CA SER E 583 -38.78 -38.96 -0.44
C SER E 583 -38.52 -39.96 0.68
N ASP E 584 -38.61 -41.25 0.37
CA ASP E 584 -38.40 -42.25 1.41
C ASP E 584 -36.96 -42.26 1.88
N ALA E 585 -36.00 -42.16 0.96
CA ALA E 585 -34.60 -42.14 1.35
C ALA E 585 -34.30 -40.99 2.29
N VAL E 586 -34.79 -39.79 1.97
CA VAL E 586 -34.57 -38.65 2.87
C VAL E 586 -35.37 -38.81 4.15
N ARG E 587 -36.52 -39.47 4.09
CA ARG E 587 -37.37 -39.59 5.27
C ARG E 587 -36.79 -40.54 6.29
N ARG E 588 -36.07 -41.58 5.86
CA ARG E 588 -35.47 -42.51 6.81
C ARG E 588 -34.11 -42.06 7.31
N SER E 589 -33.47 -41.11 6.62
CA SER E 589 -32.22 -40.57 7.14
C SER E 589 -32.45 -39.68 8.35
N ARG E 590 -33.57 -38.95 8.36
CA ARG E 590 -33.93 -38.11 9.49
C ARG E 590 -34.45 -38.89 10.68
N ALA E 591 -34.55 -40.22 10.56
CA ALA E 591 -35.09 -41.04 11.65
C ALA E 591 -34.22 -40.92 12.90
N GLY E 592 -32.93 -41.16 12.75
CA GLY E 592 -32.02 -40.99 13.87
C GLY E 592 -31.35 -42.28 14.33
N VAL E 593 -31.11 -43.20 13.41
CA VAL E 593 -30.47 -44.46 13.74
C VAL E 593 -29.18 -44.71 12.99
N SER E 594 -28.84 -43.91 11.99
CA SER E 594 -27.63 -44.16 11.21
C SER E 594 -26.46 -43.36 11.78
N ASP E 595 -25.28 -43.58 11.19
CA ASP E 595 -24.07 -42.93 11.66
C ASP E 595 -24.12 -41.43 11.36
N PRO E 596 -23.73 -40.58 12.31
CA PRO E 596 -23.93 -39.13 12.15
C PRO E 596 -22.95 -38.44 11.21
N ASN E 597 -22.00 -39.16 10.60
CA ASN E 597 -21.02 -38.56 9.71
C ASN E 597 -21.19 -39.18 8.32
N ARG E 598 -22.15 -38.64 7.58
CA ARG E 598 -22.49 -39.07 6.23
C ARG E 598 -23.50 -38.07 5.68
N PRO E 599 -23.45 -37.73 4.40
CA PRO E 599 -24.42 -36.77 3.85
C PRO E 599 -25.85 -37.25 4.03
N THR E 600 -26.79 -36.32 3.89
CA THR E 600 -28.19 -36.66 4.09
C THR E 600 -28.73 -37.51 2.95
N GLY E 601 -28.05 -37.52 1.81
CA GLY E 601 -28.48 -38.33 0.68
C GLY E 601 -27.50 -38.31 -0.47
N ALA E 602 -27.18 -39.48 -1.00
CA ALA E 602 -26.13 -39.61 -2.01
C ALA E 602 -26.61 -40.48 -3.16
N PHE E 603 -27.79 -40.18 -3.69
CA PHE E 603 -28.31 -40.93 -4.82
C PHE E 603 -27.99 -40.21 -6.12
N MET E 604 -27.94 -40.99 -7.20
CA MET E 604 -27.70 -40.50 -8.54
C MET E 604 -28.80 -41.02 -9.46
N PHE E 605 -29.18 -40.19 -10.44
CA PHE E 605 -30.22 -40.59 -11.38
C PHE E 605 -29.89 -40.07 -12.77
N LEU E 606 -30.46 -40.76 -13.76
CA LEU E 606 -30.06 -40.61 -15.15
C LEU E 606 -31.28 -40.82 -16.05
N GLY E 607 -31.05 -40.80 -17.35
CA GLY E 607 -32.10 -40.94 -18.33
C GLY E 607 -32.00 -39.89 -19.41
N PRO E 608 -33.13 -39.60 -20.06
CA PRO E 608 -33.13 -38.56 -21.09
C PRO E 608 -33.13 -37.16 -20.49
N THR E 609 -32.57 -36.22 -21.24
CA THR E 609 -32.50 -34.85 -20.75
C THR E 609 -33.84 -34.15 -20.92
N GLY E 610 -33.98 -33.01 -20.26
CA GLY E 610 -35.19 -32.22 -20.32
C GLY E 610 -36.43 -32.87 -19.75
N VAL E 611 -36.32 -34.07 -19.18
CA VAL E 611 -37.48 -34.74 -18.60
C VAL E 611 -37.75 -34.30 -17.17
N GLY E 612 -37.03 -33.32 -16.66
CA GLY E 612 -37.18 -32.85 -15.30
C GLY E 612 -36.12 -33.32 -14.33
N LYS E 613 -34.86 -33.39 -14.75
CA LYS E 613 -33.85 -34.01 -13.89
C LYS E 613 -33.31 -33.02 -12.86
N THR E 614 -33.10 -31.76 -13.26
CA THR E 614 -32.73 -30.73 -12.31
C THR E 614 -33.93 -30.05 -11.67
N GLU E 615 -35.12 -30.21 -12.26
CA GLU E 615 -36.31 -29.65 -11.64
C GLU E 615 -36.62 -30.34 -10.33
N LEU E 616 -36.41 -31.66 -10.27
CA LEU E 616 -36.57 -32.37 -9.00
C LEU E 616 -35.60 -31.82 -7.96
N ALA E 617 -34.36 -31.54 -8.36
CA ALA E 617 -33.39 -31.00 -7.42
C ALA E 617 -33.81 -29.62 -6.93
N LYS E 618 -34.25 -28.75 -7.84
CA LYS E 618 -34.68 -27.42 -7.44
C LYS E 618 -35.86 -27.49 -6.49
N ALA E 619 -36.82 -28.37 -6.78
CA ALA E 619 -37.98 -28.50 -5.91
C ALA E 619 -37.60 -29.06 -4.54
N LEU E 620 -36.69 -30.05 -4.53
CA LEU E 620 -36.24 -30.63 -3.26
C LEU E 620 -35.48 -29.62 -2.42
N ALA E 621 -34.76 -28.70 -3.07
CA ALA E 621 -34.10 -27.63 -2.32
C ALA E 621 -35.10 -26.58 -1.85
N ASP E 622 -36.17 -26.35 -2.62
CA ASP E 622 -37.18 -25.37 -2.23
C ASP E 622 -37.95 -25.83 -1.00
N PHE E 623 -38.21 -27.14 -0.89
CA PHE E 623 -39.00 -27.64 0.23
C PHE E 623 -38.16 -27.76 1.49
N LEU E 624 -36.98 -28.36 1.39
CA LEU E 624 -36.18 -28.68 2.57
C LEU E 624 -35.46 -27.47 3.14
N PHE E 625 -34.88 -26.63 2.29
CA PHE E 625 -34.00 -25.56 2.73
C PHE E 625 -34.62 -24.18 2.57
N ASP E 626 -35.90 -24.11 2.22
CA ASP E 626 -36.65 -22.85 2.15
C ASP E 626 -36.03 -21.89 1.13
N ASP E 627 -35.40 -22.45 0.11
CA ASP E 627 -34.79 -21.64 -0.93
C ASP E 627 -34.59 -22.48 -2.17
N GLU E 628 -34.90 -21.92 -3.33
CA GLU E 628 -34.61 -22.58 -4.59
C GLU E 628 -33.25 -22.18 -5.16
N ARG E 629 -32.61 -21.17 -4.60
CA ARG E 629 -31.21 -20.86 -4.93
C ARG E 629 -30.26 -21.56 -3.97
N ALA E 630 -30.45 -22.86 -3.80
CA ALA E 630 -29.64 -23.63 -2.87
C ALA E 630 -28.79 -24.69 -3.55
N MET E 631 -29.13 -25.12 -4.76
CA MET E 631 -28.30 -26.07 -5.45
C MET E 631 -27.10 -25.37 -6.08
N VAL E 632 -25.91 -25.94 -5.85
CA VAL E 632 -24.69 -25.51 -6.50
C VAL E 632 -24.38 -26.52 -7.59
N ARG E 633 -24.20 -26.03 -8.81
CA ARG E 633 -24.12 -26.88 -9.99
C ARG E 633 -22.76 -26.70 -10.64
N ILE E 634 -21.95 -27.76 -10.63
CA ILE E 634 -20.64 -27.74 -11.26
C ILE E 634 -20.68 -28.68 -12.46
N ASP E 635 -19.97 -28.30 -13.51
CA ASP E 635 -19.97 -29.05 -14.76
C ASP E 635 -18.78 -30.01 -14.75
N MET E 636 -19.05 -31.31 -14.79
CA MET E 636 -17.99 -32.31 -14.81
C MET E 636 -17.57 -32.65 -16.23
N SER E 637 -17.29 -31.63 -17.02
CA SER E 637 -16.76 -31.80 -18.36
C SER E 637 -15.34 -31.31 -18.50
N GLU E 638 -14.99 -30.23 -17.79
CA GLU E 638 -13.61 -29.75 -17.78
C GLU E 638 -12.79 -30.35 -16.66
N TYR E 639 -13.35 -31.27 -15.87
CA TYR E 639 -12.57 -32.05 -14.92
C TYR E 639 -12.21 -33.40 -15.52
N GLY E 640 -11.45 -33.36 -16.59
CA GLY E 640 -11.10 -34.57 -17.30
C GLY E 640 -9.65 -34.96 -17.20
N GLU E 641 -8.79 -33.98 -16.88
CA GLU E 641 -7.35 -34.18 -16.83
C GLU E 641 -6.92 -34.47 -15.40
N LYS E 642 -5.72 -35.04 -15.27
CA LYS E 642 -5.21 -35.36 -13.94
C LYS E 642 -4.84 -34.11 -13.16
N HIS E 643 -4.53 -33.02 -13.85
CA HIS E 643 -4.13 -31.78 -13.19
C HIS E 643 -5.32 -30.93 -12.76
N THR E 644 -6.50 -31.13 -13.34
CA THR E 644 -7.68 -30.36 -13.00
C THR E 644 -8.52 -31.00 -11.90
N VAL E 645 -7.96 -31.97 -11.16
CA VAL E 645 -8.70 -32.58 -10.07
C VAL E 645 -8.65 -31.71 -8.83
N ALA E 646 -7.49 -31.13 -8.54
CA ALA E 646 -7.38 -30.22 -7.41
C ALA E 646 -7.87 -28.83 -7.73
N ARG E 647 -8.54 -28.64 -8.86
CA ARG E 647 -9.08 -27.33 -9.20
C ARG E 647 -10.32 -26.99 -8.38
N LEU E 648 -10.98 -27.99 -7.82
CA LEU E 648 -12.15 -27.75 -6.97
C LEU E 648 -11.79 -27.70 -5.50
N ILE E 649 -10.51 -27.60 -5.16
CA ILE E 649 -10.11 -27.27 -3.81
C ILE E 649 -9.16 -26.08 -3.82
N GLY E 650 -8.00 -26.26 -4.43
CA GLY E 650 -7.01 -25.22 -4.59
C GLY E 650 -6.03 -25.35 -3.45
N ALA E 651 -4.96 -26.10 -3.65
CA ALA E 651 -4.29 -26.68 -2.49
C ALA E 651 -3.38 -25.71 -1.73
N PRO E 652 -2.34 -25.14 -2.34
CA PRO E 652 -1.28 -24.55 -1.55
C PRO E 652 -1.48 -23.06 -1.36
N PRO E 653 -0.82 -22.46 -0.38
CA PRO E 653 -0.71 -21.01 -0.33
C PRO E 653 0.42 -20.51 -1.22
N GLY E 654 0.29 -19.30 -1.75
CA GLY E 654 1.33 -18.72 -2.56
C GLY E 654 1.29 -19.11 -4.02
N TYR E 655 0.34 -19.92 -4.45
CA TYR E 655 0.26 -20.38 -5.83
C TYR E 655 -0.93 -19.72 -6.53
N VAL E 656 -1.14 -20.09 -7.80
CA VAL E 656 -1.95 -19.27 -8.69
C VAL E 656 -3.37 -19.12 -8.16
N GLY E 657 -4.10 -20.23 -8.09
CA GLY E 657 -5.44 -20.15 -7.54
C GLY E 657 -5.47 -20.51 -6.07
N TYR E 658 -5.39 -19.50 -5.21
CA TYR E 658 -5.40 -19.72 -3.78
C TYR E 658 -6.54 -18.98 -3.09
N GLU E 659 -6.72 -17.70 -3.39
CA GLU E 659 -7.76 -16.91 -2.77
C GLU E 659 -9.12 -17.12 -3.41
N ALA E 660 -9.18 -17.75 -4.58
CA ALA E 660 -10.44 -18.10 -5.20
C ALA E 660 -11.04 -19.37 -4.62
N GLY E 661 -10.36 -20.03 -3.69
CA GLY E 661 -10.87 -21.26 -3.11
C GLY E 661 -11.03 -22.36 -4.14
N GLY E 662 -11.86 -23.33 -3.75
CA GLY E 662 -12.19 -24.43 -4.65
C GLY E 662 -13.64 -24.38 -5.06
N GLN E 663 -13.96 -24.89 -6.26
CA GLN E 663 -15.32 -24.79 -6.75
C GLN E 663 -16.30 -25.56 -5.87
N LEU E 664 -15.85 -26.63 -5.23
CA LEU E 664 -16.72 -27.45 -4.40
C LEU E 664 -16.69 -27.04 -2.94
N THR E 665 -15.50 -26.79 -2.39
CA THR E 665 -15.39 -26.48 -0.97
C THR E 665 -15.75 -25.05 -0.63
N GLU E 666 -15.66 -24.13 -1.57
CA GLU E 666 -16.01 -22.74 -1.28
C GLU E 666 -17.53 -22.55 -1.26
N ALA E 667 -18.26 -23.32 -2.04
CA ALA E 667 -19.71 -23.20 -2.09
C ALA E 667 -20.43 -23.92 -0.96
N VAL E 668 -19.71 -24.74 -0.20
CA VAL E 668 -20.31 -25.45 0.93
C VAL E 668 -19.90 -24.86 2.27
N ARG E 669 -18.70 -24.28 2.38
CA ARG E 669 -18.31 -23.63 3.63
C ARG E 669 -19.26 -22.49 3.97
N ARG E 670 -19.86 -21.87 2.97
CA ARG E 670 -20.97 -20.95 3.13
C ARG E 670 -22.23 -21.65 2.64
N ARG E 671 -23.35 -21.40 3.30
CA ARG E 671 -24.57 -22.19 3.08
C ARG E 671 -24.27 -23.67 3.24
N PRO E 672 -24.01 -24.16 4.46
CA PRO E 672 -23.74 -25.58 4.62
C PRO E 672 -25.01 -26.39 4.72
N TYR E 673 -25.99 -26.06 3.87
CA TYR E 673 -27.27 -26.75 3.81
C TYR E 673 -27.74 -26.90 2.37
N THR E 674 -26.80 -27.02 1.43
CA THR E 674 -27.11 -26.87 0.02
C THR E 674 -27.41 -28.23 -0.61
N VAL E 675 -27.52 -28.24 -1.94
CA VAL E 675 -27.69 -29.43 -2.74
C VAL E 675 -26.60 -29.36 -3.81
N VAL E 676 -25.92 -30.47 -4.05
CA VAL E 676 -24.79 -30.48 -4.98
C VAL E 676 -25.17 -31.32 -6.20
N LEU E 677 -25.07 -30.72 -7.37
CA LEU E 677 -25.28 -31.42 -8.63
C LEU E 677 -23.95 -31.63 -9.34
N PHE E 678 -23.79 -32.80 -9.94
CA PHE E 678 -22.61 -33.14 -10.71
C PHE E 678 -23.07 -33.51 -12.12
N ASP E 679 -23.25 -32.50 -12.97
CA ASP E 679 -23.67 -32.73 -14.34
C ASP E 679 -22.63 -33.57 -15.08
N GLU E 680 -23.11 -34.50 -15.90
CA GLU E 680 -22.27 -35.14 -16.90
C GLU E 680 -21.10 -35.88 -16.24
N ILE E 681 -21.45 -36.68 -15.24
CA ILE E 681 -20.43 -37.37 -14.45
C ILE E 681 -19.72 -38.45 -15.26
N GLU E 682 -20.23 -38.79 -16.44
CA GLU E 682 -19.55 -39.76 -17.28
C GLU E 682 -18.26 -39.25 -17.88
N LYS E 683 -17.96 -37.96 -17.72
CA LYS E 683 -16.76 -37.36 -18.30
C LYS E 683 -15.78 -36.86 -17.26
N ALA E 684 -15.56 -37.61 -16.18
CA ALA E 684 -14.65 -37.18 -15.13
C ALA E 684 -13.40 -38.04 -15.12
N HIS E 685 -12.28 -37.44 -14.76
CA HIS E 685 -11.04 -38.19 -14.61
C HIS E 685 -11.16 -39.18 -13.45
N PRO E 686 -10.54 -40.36 -13.57
CA PRO E 686 -10.72 -41.36 -12.51
C PRO E 686 -9.91 -41.05 -11.26
N ASP E 687 -9.94 -39.79 -10.85
CA ASP E 687 -9.44 -39.38 -9.54
C ASP E 687 -10.39 -38.45 -8.80
N VAL E 688 -11.31 -37.78 -9.50
CA VAL E 688 -12.41 -37.09 -8.83
C VAL E 688 -13.13 -38.04 -7.89
N PHE E 689 -13.35 -39.28 -8.34
CA PHE E 689 -14.09 -40.25 -7.54
C PHE E 689 -13.41 -40.55 -6.22
N ASP E 690 -12.10 -40.36 -6.10
CA ASP E 690 -11.46 -40.53 -4.81
C ASP E 690 -11.95 -39.48 -3.81
N VAL E 691 -12.02 -38.22 -4.25
CA VAL E 691 -12.55 -37.16 -3.38
C VAL E 691 -14.02 -37.40 -3.11
N LEU E 692 -14.78 -37.74 -4.16
CA LEU E 692 -16.21 -37.94 -4.03
C LEU E 692 -16.54 -39.19 -3.21
N LEU E 693 -15.56 -40.06 -2.99
CA LEU E 693 -15.76 -41.23 -2.15
C LEU E 693 -15.30 -40.96 -0.72
N GLN E 694 -14.25 -40.15 -0.56
CA GLN E 694 -13.88 -39.72 0.78
C GLN E 694 -14.93 -38.85 1.43
N VAL E 695 -15.66 -38.04 0.65
CA VAL E 695 -16.62 -37.13 1.26
C VAL E 695 -17.77 -37.89 1.90
N LEU E 696 -18.18 -39.02 1.32
CA LEU E 696 -19.34 -39.76 1.82
C LEU E 696 -18.97 -40.97 2.67
N ASP E 697 -17.70 -41.07 3.07
CA ASP E 697 -17.32 -42.00 4.13
C ASP E 697 -17.30 -41.33 5.49
N GLU E 698 -16.94 -40.05 5.53
CA GLU E 698 -17.23 -39.18 6.66
C GLU E 698 -17.45 -37.78 6.11
N GLY E 699 -18.46 -37.09 6.63
CA GLY E 699 -18.85 -35.83 6.06
C GLY E 699 -17.87 -34.71 6.37
N ARG E 700 -16.68 -34.79 5.82
CA ARG E 700 -15.67 -33.76 6.03
C ARG E 700 -14.75 -33.70 4.83
N LEU E 701 -14.07 -32.56 4.70
CA LEU E 701 -13.09 -32.35 3.65
C LEU E 701 -12.21 -31.20 4.09
N THR E 702 -11.01 -31.13 3.50
CA THR E 702 -10.03 -30.10 3.83
C THR E 702 -9.73 -29.30 2.58
N ASP E 703 -10.04 -28.01 2.60
CA ASP E 703 -9.74 -27.16 1.47
C ASP E 703 -8.28 -26.71 1.52
N GLY E 704 -7.95 -25.73 0.68
CA GLY E 704 -6.56 -25.29 0.60
C GLY E 704 -6.13 -24.42 1.75
N HIS E 705 -7.05 -23.61 2.28
CA HIS E 705 -6.68 -22.70 3.36
C HIS E 705 -6.48 -23.45 4.67
N GLY E 706 -6.76 -24.75 4.68
CA GLY E 706 -6.59 -25.54 5.87
C GLY E 706 -7.89 -25.76 6.63
N ARG E 707 -8.93 -25.01 6.24
CA ARG E 707 -10.24 -25.18 6.86
C ARG E 707 -10.73 -26.62 6.69
N THR E 708 -11.73 -26.97 7.49
CA THR E 708 -12.43 -28.24 7.35
C THR E 708 -13.92 -27.94 7.17
N VAL E 709 -14.51 -28.53 6.13
CA VAL E 709 -15.90 -28.28 5.77
C VAL E 709 -16.69 -29.55 6.02
N ASP E 710 -17.92 -29.39 6.53
CA ASP E 710 -18.75 -30.51 6.96
C ASP E 710 -19.89 -30.72 5.98
N PHE E 711 -19.98 -31.94 5.44
CA PHE E 711 -20.93 -32.26 4.40
C PHE E 711 -22.17 -32.98 4.94
N ARG E 712 -22.29 -33.11 6.25
CA ARG E 712 -23.33 -33.95 6.82
C ARG E 712 -24.71 -33.30 6.84
N ASN E 713 -24.91 -32.20 6.12
CA ASN E 713 -26.24 -31.63 5.98
C ASN E 713 -26.54 -31.26 4.54
N THR E 714 -25.82 -31.85 3.60
CA THR E 714 -26.03 -31.61 2.18
C THR E 714 -26.65 -32.84 1.53
N ILE E 715 -27.03 -32.68 0.26
CA ILE E 715 -27.63 -33.74 -0.52
C ILE E 715 -26.90 -33.81 -1.85
N LEU E 716 -26.28 -34.95 -2.12
CA LEU E 716 -25.49 -35.14 -3.33
C LEU E 716 -26.35 -35.77 -4.42
N ILE E 717 -26.11 -35.35 -5.66
CA ILE E 717 -26.87 -35.81 -6.81
C ILE E 717 -25.93 -35.85 -8.01
N LEU E 718 -25.82 -37.01 -8.64
CA LEU E 718 -24.96 -37.19 -9.82
C LEU E 718 -25.86 -37.47 -11.02
N THR E 719 -26.05 -36.47 -11.87
CA THR E 719 -26.83 -36.68 -13.08
C THR E 719 -25.99 -37.42 -14.11
N SER E 720 -26.61 -37.75 -15.23
CA SER E 720 -25.95 -38.46 -16.33
C SER E 720 -26.90 -38.44 -17.52
N ASN E 721 -26.39 -38.91 -18.66
CA ASN E 721 -27.20 -39.00 -19.87
C ASN E 721 -26.99 -40.32 -20.60
N LEU E 722 -26.43 -41.33 -19.94
CA LEU E 722 -26.23 -42.62 -20.58
C LEU E 722 -27.56 -43.25 -20.97
N GLY E 723 -27.53 -44.06 -22.02
CA GLY E 723 -28.72 -44.71 -22.49
C GLY E 723 -29.60 -43.84 -23.36
N SER E 724 -29.06 -43.38 -24.49
CA SER E 724 -29.84 -42.56 -25.40
C SER E 724 -30.96 -43.37 -26.05
N GLY E 725 -30.71 -44.65 -26.29
CA GLY E 725 -31.72 -45.50 -26.91
C GLY E 725 -32.39 -46.48 -25.97
N GLY E 726 -31.61 -47.10 -25.08
CA GLY E 726 -32.15 -48.12 -24.20
C GLY E 726 -33.10 -47.53 -23.17
N SER E 727 -34.16 -48.28 -22.87
CA SER E 727 -35.15 -47.79 -21.91
C SER E 727 -34.73 -48.10 -20.47
N ALA E 728 -34.68 -49.39 -20.11
CA ALA E 728 -34.38 -49.76 -18.74
C ALA E 728 -33.54 -51.03 -18.61
N GLU E 729 -33.03 -51.58 -19.70
CA GLU E 729 -32.47 -52.93 -19.66
C GLU E 729 -30.94 -52.95 -19.65
N GLN E 730 -30.28 -52.22 -20.55
CA GLN E 730 -28.84 -52.25 -20.66
C GLN E 730 -28.16 -51.01 -20.09
N VAL E 731 -28.91 -49.93 -19.86
CA VAL E 731 -28.33 -48.74 -19.27
C VAL E 731 -27.79 -49.05 -17.88
N LEU E 732 -28.41 -50.01 -17.19
CA LEU E 732 -27.95 -50.37 -15.85
C LEU E 732 -26.59 -51.05 -15.91
N ALA E 733 -26.42 -52.01 -16.82
CA ALA E 733 -25.11 -52.63 -16.99
C ALA E 733 -24.08 -51.63 -17.46
N ALA E 734 -24.49 -50.68 -18.32
CA ALA E 734 -23.56 -49.66 -18.79
C ALA E 734 -23.06 -48.79 -17.64
N VAL E 735 -23.97 -48.27 -16.81
CA VAL E 735 -23.58 -47.44 -15.69
C VAL E 735 -22.92 -48.22 -14.57
N ARG E 736 -23.06 -49.54 -14.55
CA ARG E 736 -22.27 -50.35 -13.64
C ARG E 736 -20.85 -50.55 -14.13
N ALA E 737 -20.68 -50.79 -15.43
CA ALA E 737 -19.35 -51.02 -15.97
C ALA E 737 -18.55 -49.74 -16.09
N THR E 738 -19.21 -48.58 -16.27
CA THR E 738 -18.48 -47.33 -16.43
C THR E 738 -17.81 -46.91 -15.13
N PHE E 739 -18.52 -46.99 -14.02
CA PHE E 739 -17.99 -46.59 -12.73
C PHE E 739 -17.51 -47.80 -11.95
N LYS E 740 -16.65 -47.55 -10.97
CA LYS E 740 -16.13 -48.61 -10.12
C LYS E 740 -17.27 -49.29 -9.35
N PRO E 741 -17.23 -50.61 -9.17
CA PRO E 741 -18.40 -51.29 -8.59
C PRO E 741 -18.64 -50.93 -7.13
N GLU E 742 -17.59 -50.72 -6.35
CA GLU E 742 -17.78 -50.40 -4.93
C GLU E 742 -18.22 -48.96 -4.72
N PHE E 743 -18.11 -48.11 -5.75
CA PHE E 743 -18.54 -46.73 -5.62
C PHE E 743 -20.06 -46.63 -5.60
N ILE E 744 -20.73 -47.45 -6.42
CA ILE E 744 -22.19 -47.49 -6.41
C ILE E 744 -22.70 -48.12 -5.12
N ASN E 745 -21.93 -49.05 -4.54
CA ASN E 745 -22.35 -49.69 -3.31
C ASN E 745 -22.50 -48.71 -2.15
N ARG E 746 -21.94 -47.51 -2.28
CA ARG E 746 -22.08 -46.50 -1.24
C ARG E 746 -23.27 -45.57 -1.48
N LEU E 747 -23.71 -45.43 -2.73
CA LEU E 747 -24.81 -44.54 -3.05
C LEU E 747 -26.12 -45.07 -2.46
N ASP E 748 -27.16 -44.26 -2.59
CA ASP E 748 -28.52 -44.70 -2.38
C ASP E 748 -29.09 -45.16 -3.71
N ASP E 749 -30.41 -45.27 -3.82
CA ASP E 749 -31.06 -45.76 -5.04
C ASP E 749 -30.47 -45.10 -6.29
N VAL E 750 -30.46 -45.85 -7.38
CA VAL E 750 -29.84 -45.45 -8.63
C VAL E 750 -30.96 -45.29 -9.64
N LEU E 751 -32.11 -44.83 -9.15
CA LEU E 751 -33.35 -44.77 -9.92
C LEU E 751 -33.14 -44.13 -11.28
N ILE E 752 -33.91 -44.60 -12.25
CA ILE E 752 -33.79 -44.19 -13.65
C ILE E 752 -35.05 -43.41 -14.02
N PHE E 753 -34.87 -42.19 -14.51
CA PHE E 753 -36.00 -41.39 -14.94
C PHE E 753 -36.67 -42.02 -16.15
N GLU E 754 -37.89 -41.58 -16.43
CA GLU E 754 -38.72 -42.15 -17.49
C GLU E 754 -39.17 -41.05 -18.43
N GLY E 755 -39.61 -41.46 -19.62
CA GLY E 755 -40.07 -40.52 -20.61
C GLY E 755 -41.30 -39.77 -20.17
N LEU E 756 -41.63 -38.73 -20.93
CA LEU E 756 -42.78 -37.90 -20.63
C LEU E 756 -43.98 -38.38 -21.44
N ASN E 757 -45.03 -38.80 -20.75
CA ASN E 757 -46.26 -39.22 -21.41
C ASN E 757 -46.82 -38.09 -22.25
N PRO E 758 -47.15 -38.33 -23.51
CA PRO E 758 -47.85 -37.29 -24.30
C PRO E 758 -49.08 -36.75 -23.61
N GLU E 759 -49.74 -37.56 -22.78
CA GLU E 759 -50.80 -37.03 -21.93
C GLU E 759 -50.23 -36.15 -20.83
N GLU E 760 -49.04 -36.50 -20.33
CA GLU E 760 -48.40 -35.71 -19.28
C GLU E 760 -47.54 -34.62 -19.88
N LEU E 761 -48.10 -33.86 -20.81
CA LEU E 761 -47.46 -32.64 -21.32
C LEU E 761 -48.35 -31.41 -21.19
N VAL E 762 -49.67 -31.56 -21.31
CA VAL E 762 -50.56 -30.46 -20.98
C VAL E 762 -50.37 -30.02 -19.54
N ARG E 763 -49.86 -30.92 -18.68
CA ARG E 763 -49.48 -30.51 -17.34
C ARG E 763 -48.43 -29.39 -17.37
N ILE E 764 -47.33 -29.64 -18.08
CA ILE E 764 -46.28 -28.63 -18.18
C ILE E 764 -46.79 -27.38 -18.89
N VAL E 765 -47.67 -27.57 -19.88
CA VAL E 765 -48.25 -26.42 -20.55
C VAL E 765 -49.06 -25.57 -19.57
N ASP E 766 -49.85 -26.22 -18.71
CA ASP E 766 -50.64 -25.49 -17.74
C ASP E 766 -49.74 -24.81 -16.72
N ILE E 767 -48.63 -25.45 -16.35
CA ILE E 767 -47.68 -24.79 -15.46
C ILE E 767 -47.13 -23.53 -16.12
N GLN E 768 -46.77 -23.62 -17.39
CA GLN E 768 -46.27 -22.45 -18.11
C GLN E 768 -47.31 -21.34 -18.14
N LEU E 769 -48.57 -21.68 -18.44
CA LEU E 769 -49.60 -20.65 -18.50
C LEU E 769 -49.90 -20.05 -17.13
N ALA E 770 -49.91 -20.87 -16.07
CA ALA E 770 -50.14 -20.34 -14.74
C ALA E 770 -49.01 -19.42 -14.32
N GLN E 771 -47.78 -19.73 -14.73
CA GLN E 771 -46.68 -18.81 -14.48
C GLN E 771 -46.87 -17.52 -15.28
N LEU E 772 -47.29 -17.65 -16.54
CA LEU E 772 -47.49 -16.49 -17.40
C LEU E 772 -48.66 -15.63 -16.97
N GLY E 773 -49.56 -16.16 -16.14
CA GLY E 773 -50.69 -15.39 -15.65
C GLY E 773 -50.34 -14.22 -14.76
N LYS E 774 -49.06 -13.88 -14.63
CA LYS E 774 -48.63 -12.72 -13.86
C LYS E 774 -47.66 -11.85 -14.62
N ARG E 775 -47.35 -12.18 -15.88
CA ARG E 775 -46.51 -11.31 -16.69
C ARG E 775 -47.27 -10.09 -17.18
N LEU E 776 -48.55 -10.27 -17.50
CA LEU E 776 -49.45 -9.16 -17.79
C LEU E 776 -50.25 -8.81 -16.54
N ALA E 777 -49.51 -8.33 -15.54
CA ALA E 777 -50.11 -7.89 -14.28
C ALA E 777 -50.06 -6.39 -14.12
N GLN E 778 -49.49 -5.65 -15.07
CA GLN E 778 -49.52 -4.20 -15.01
C GLN E 778 -50.92 -3.67 -15.30
N ARG E 779 -51.52 -4.12 -16.41
CA ARG E 779 -52.82 -3.65 -16.84
C ARG E 779 -53.89 -4.73 -16.75
N ARG E 780 -53.70 -5.73 -15.89
CA ARG E 780 -54.70 -6.76 -15.59
C ARG E 780 -55.24 -7.46 -16.84
N LEU E 781 -54.48 -7.45 -17.93
CA LEU E 781 -54.91 -8.12 -19.15
C LEU E 781 -54.81 -9.63 -18.96
N GLN E 782 -55.94 -10.32 -19.06
CA GLN E 782 -56.01 -11.76 -18.80
C GLN E 782 -55.48 -12.52 -20.02
N LEU E 783 -55.71 -13.83 -20.05
CA LEU E 783 -55.27 -14.69 -21.14
C LEU E 783 -56.42 -15.58 -21.59
N GLN E 784 -56.39 -15.94 -22.87
CA GLN E 784 -57.37 -16.82 -23.48
C GLN E 784 -56.82 -18.24 -23.51
N VAL E 785 -57.69 -19.22 -23.39
CA VAL E 785 -57.31 -20.63 -23.33
C VAL E 785 -58.15 -21.42 -24.33
N SER E 786 -57.49 -22.35 -25.04
CA SER E 786 -58.17 -23.23 -25.98
C SER E 786 -57.38 -24.53 -26.05
N LEU E 787 -58.06 -25.66 -25.81
CA LEU E 787 -57.39 -26.94 -25.72
C LEU E 787 -56.62 -27.34 -26.97
N PRO E 788 -57.11 -27.11 -28.20
CA PRO E 788 -56.26 -27.39 -29.37
C PRO E 788 -54.95 -26.61 -29.36
N ALA E 789 -55.00 -25.32 -29.04
CA ALA E 789 -53.76 -24.54 -28.97
C ALA E 789 -52.88 -25.02 -27.83
N LYS E 790 -53.47 -25.48 -26.74
CA LYS E 790 -52.69 -26.08 -25.66
C LYS E 790 -51.94 -27.30 -26.15
N ARG E 791 -52.64 -28.23 -26.81
CA ARG E 791 -51.98 -29.37 -27.43
C ARG E 791 -51.25 -29.02 -28.72
N TRP E 792 -51.30 -27.76 -29.16
CA TRP E 792 -50.54 -27.36 -30.32
C TRP E 792 -49.05 -27.21 -30.00
N LEU E 793 -48.74 -26.65 -28.83
CA LEU E 793 -47.35 -26.42 -28.43
C LEU E 793 -46.58 -27.70 -28.17
N ALA E 794 -47.28 -28.81 -27.87
CA ALA E 794 -46.60 -30.06 -27.53
C ALA E 794 -45.65 -30.48 -28.65
N GLN E 795 -46.19 -30.64 -29.86
CA GLN E 795 -45.38 -31.17 -30.96
C GLN E 795 -44.25 -30.21 -31.34
N ARG E 796 -44.57 -28.96 -31.62
CA ARG E 796 -43.58 -27.98 -32.05
C ARG E 796 -42.78 -27.40 -30.89
N GLY E 797 -42.88 -27.97 -29.70
CA GLY E 797 -42.08 -27.50 -28.58
C GLY E 797 -41.30 -28.59 -27.89
N PHE E 798 -41.69 -29.86 -28.10
CA PHE E 798 -41.02 -30.94 -27.39
C PHE E 798 -39.59 -31.13 -27.90
N ASP E 799 -39.45 -31.46 -29.18
CA ASP E 799 -38.15 -31.76 -29.76
C ASP E 799 -37.50 -32.87 -28.92
N PRO E 800 -37.94 -34.12 -29.06
CA PRO E 800 -37.49 -35.17 -28.15
C PRO E 800 -36.01 -35.51 -28.28
N VAL E 801 -35.17 -34.48 -28.26
CA VAL E 801 -33.76 -34.62 -27.91
C VAL E 801 -33.32 -33.61 -26.86
N TYR E 802 -34.07 -32.52 -26.67
CA TYR E 802 -33.84 -31.57 -25.60
C TYR E 802 -35.00 -31.52 -24.61
N GLY E 803 -35.74 -32.61 -24.45
CA GLY E 803 -36.81 -32.66 -23.47
C GLY E 803 -37.89 -31.62 -23.69
N ALA E 804 -37.92 -30.60 -22.84
CA ALA E 804 -38.85 -29.49 -22.97
C ALA E 804 -38.14 -28.14 -22.88
N ARG E 805 -36.88 -28.08 -23.31
CA ARG E 805 -36.12 -26.83 -23.24
C ARG E 805 -36.78 -25.67 -23.97
N PRO E 806 -37.34 -25.82 -25.17
CA PRO E 806 -37.97 -24.66 -25.83
C PRO E 806 -39.39 -24.35 -25.34
N LEU E 807 -39.99 -25.19 -24.49
CA LEU E 807 -41.32 -24.88 -23.97
C LEU E 807 -41.40 -23.53 -23.28
N ARG E 808 -40.26 -22.93 -22.91
CA ARG E 808 -40.27 -21.61 -22.30
C ARG E 808 -39.97 -20.54 -23.34
N ARG E 809 -38.85 -20.70 -24.06
CA ARG E 809 -38.46 -19.71 -25.06
C ARG E 809 -39.51 -19.57 -26.14
N LEU E 810 -39.98 -20.69 -26.69
CA LEU E 810 -40.97 -20.64 -27.76
C LEU E 810 -42.23 -19.91 -27.31
N VAL E 811 -42.82 -20.36 -26.21
CA VAL E 811 -44.06 -19.76 -25.73
C VAL E 811 -43.86 -18.26 -25.49
N GLN E 812 -42.79 -17.91 -24.77
CA GLN E 812 -42.62 -16.51 -24.39
C GLN E 812 -42.43 -15.64 -25.63
N GLN E 813 -41.52 -16.03 -26.54
CA GLN E 813 -41.31 -15.22 -27.73
C GLN E 813 -42.60 -15.11 -28.55
N ALA E 814 -43.24 -16.24 -28.85
CA ALA E 814 -44.42 -16.22 -29.70
C ALA E 814 -45.50 -15.33 -29.12
N ILE E 815 -46.00 -15.67 -27.92
CA ILE E 815 -47.15 -14.94 -27.39
C ILE E 815 -46.77 -13.50 -27.06
N GLY E 816 -45.64 -13.29 -26.36
CA GLY E 816 -45.26 -11.93 -26.01
C GLY E 816 -45.10 -11.03 -27.20
N ASP E 817 -44.40 -11.49 -28.23
CA ASP E 817 -44.16 -10.64 -29.40
C ASP E 817 -45.44 -10.43 -30.19
N GLN E 818 -46.21 -11.49 -30.43
CA GLN E 818 -47.43 -11.34 -31.20
C GLN E 818 -48.48 -10.52 -30.45
N LEU E 819 -48.35 -10.37 -29.13
CA LEU E 819 -49.27 -9.55 -28.38
C LEU E 819 -48.80 -8.11 -28.19
N ALA E 820 -47.50 -7.89 -27.96
CA ALA E 820 -47.00 -6.55 -27.62
C ALA E 820 -47.54 -5.47 -28.55
N LYS E 821 -47.71 -5.79 -29.84
CA LYS E 821 -48.29 -4.83 -30.77
C LYS E 821 -49.70 -4.43 -30.35
N MET E 822 -50.58 -5.40 -30.14
CA MET E 822 -51.97 -5.09 -29.85
C MET E 822 -52.16 -4.63 -28.41
N LEU E 823 -51.27 -5.00 -27.50
CA LEU E 823 -51.32 -4.50 -26.13
C LEU E 823 -51.12 -2.99 -26.06
N LEU E 824 -50.57 -2.37 -27.10
CA LEU E 824 -50.48 -0.92 -27.15
C LEU E 824 -51.49 -0.37 -28.15
N ALA E 825 -51.74 -1.11 -29.23
CA ALA E 825 -52.71 -0.66 -30.23
C ALA E 825 -54.13 -0.66 -29.68
N GLY E 826 -54.36 -1.33 -28.56
CA GLY E 826 -55.70 -1.42 -28.00
C GLY E 826 -56.39 -2.69 -28.42
N GLN E 827 -57.67 -2.59 -28.77
CA GLN E 827 -58.48 -3.68 -29.31
C GLN E 827 -58.80 -4.71 -28.22
N VAL E 828 -58.14 -4.59 -27.07
CA VAL E 828 -58.37 -5.41 -25.89
C VAL E 828 -57.92 -4.62 -24.67
N HIS E 829 -58.72 -4.63 -23.62
CA HIS E 829 -58.40 -3.92 -22.39
C HIS E 829 -58.60 -4.88 -21.23
N ASP E 830 -58.55 -4.35 -20.00
CA ASP E 830 -58.60 -5.21 -18.83
C ASP E 830 -60.01 -5.62 -18.46
N GLY E 831 -60.76 -6.12 -19.44
CA GLY E 831 -62.04 -6.75 -19.18
C GLY E 831 -62.28 -7.90 -20.13
N ASP E 832 -61.31 -8.15 -21.01
CA ASP E 832 -61.45 -9.14 -22.07
C ASP E 832 -60.52 -10.31 -21.81
N THR E 833 -60.83 -11.43 -22.45
CA THR E 833 -60.03 -12.64 -22.35
C THR E 833 -58.80 -12.60 -23.26
N VAL E 834 -58.60 -11.52 -24.01
CA VAL E 834 -57.53 -11.40 -24.99
C VAL E 834 -57.60 -12.60 -25.94
N PRO E 835 -58.57 -12.62 -26.85
CA PRO E 835 -58.81 -13.83 -27.66
C PRO E 835 -57.57 -14.24 -28.44
N VAL E 836 -57.25 -15.54 -28.38
CA VAL E 836 -56.08 -16.11 -29.03
C VAL E 836 -56.44 -17.51 -29.49
N ASN E 837 -55.89 -17.91 -30.62
CA ASN E 837 -55.99 -19.29 -31.10
C ASN E 837 -54.82 -19.55 -32.03
N VAL E 838 -54.89 -20.64 -32.78
CA VAL E 838 -53.77 -21.08 -33.62
C VAL E 838 -54.19 -20.90 -35.08
N SER E 839 -53.31 -20.26 -35.86
CA SER E 839 -53.49 -20.21 -37.31
C SER E 839 -53.03 -21.54 -37.91
N PRO E 840 -53.36 -21.82 -39.18
CA PRO E 840 -52.80 -23.01 -39.83
C PRO E 840 -51.29 -23.11 -39.70
N ASP E 841 -50.60 -21.96 -39.76
CA ASP E 841 -49.15 -21.95 -39.61
C ASP E 841 -48.72 -21.61 -38.19
N ALA E 842 -49.09 -20.43 -37.71
CA ALA E 842 -48.65 -19.91 -36.43
C ALA E 842 -49.80 -19.86 -35.43
N ASP E 843 -49.58 -19.22 -34.29
CA ASP E 843 -50.61 -19.00 -33.27
C ASP E 843 -51.28 -17.66 -33.55
N SER E 844 -52.55 -17.71 -33.96
CA SER E 844 -53.27 -16.48 -34.26
C SER E 844 -53.52 -15.68 -32.99
N LEU E 845 -54.03 -14.47 -33.18
CA LEU E 845 -54.42 -13.62 -32.06
C LEU E 845 -55.90 -13.78 -31.77
N GLN F 159 -45.50 25.79 31.29
CA GLN F 159 -46.44 26.15 30.23
C GLN F 159 -45.81 27.20 29.32
N ALA F 160 -44.59 27.63 29.65
CA ALA F 160 -43.87 28.62 28.86
C ALA F 160 -43.49 28.11 27.48
N LEU F 161 -43.83 26.87 27.13
CA LEU F 161 -43.46 26.29 25.86
C LEU F 161 -44.23 26.87 24.68
N GLN F 162 -45.26 27.69 24.93
CA GLN F 162 -46.03 28.25 23.83
C GLN F 162 -45.18 29.13 22.93
N LYS F 163 -44.21 29.83 23.50
CA LYS F 163 -43.26 30.60 22.71
C LYS F 163 -42.08 29.76 22.23
N TYR F 164 -41.85 28.59 22.83
CA TYR F 164 -40.82 27.67 22.37
C TYR F 164 -41.34 26.61 21.41
N SER F 165 -42.53 26.07 21.67
CA SER F 165 -43.03 24.94 20.91
C SER F 165 -44.45 25.22 20.45
N THR F 166 -44.86 24.54 19.38
CA THR F 166 -46.22 24.59 18.88
C THR F 166 -47.10 23.67 19.73
N ASP F 167 -48.30 23.37 19.26
CA ASP F 167 -49.18 22.43 19.95
C ASP F 167 -50.03 21.70 18.92
N LEU F 168 -50.44 20.48 19.28
CA LEU F 168 -51.31 19.68 18.43
C LEU F 168 -52.50 19.06 19.15
N THR F 169 -52.47 18.94 20.48
CA THR F 169 -53.59 18.36 21.20
C THR F 169 -54.79 19.30 21.27
N ALA F 170 -54.68 20.50 20.73
CA ALA F 170 -55.77 21.47 20.71
C ALA F 170 -56.25 21.81 19.31
N ARG F 171 -55.42 21.57 18.28
CA ARG F 171 -55.84 21.88 16.92
C ARG F 171 -57.03 21.04 16.50
N ALA F 172 -56.95 19.73 16.72
CA ALA F 172 -58.07 18.85 16.36
C ALA F 172 -59.26 19.08 17.29
N ARG F 173 -59.00 19.46 18.54
CA ARG F 173 -60.09 19.79 19.45
C ARG F 173 -60.88 21.00 18.97
N GLU F 174 -60.19 22.06 18.56
CA GLU F 174 -60.87 23.26 18.10
C GLU F 174 -61.49 23.07 16.71
N GLY F 175 -60.85 22.27 15.86
CA GLY F 175 -61.40 21.98 14.56
C GLY F 175 -60.45 22.26 13.42
N LYS F 176 -59.28 22.80 13.73
CA LYS F 176 -58.27 23.11 12.73
C LYS F 176 -57.39 21.90 12.51
N LEU F 177 -57.49 21.31 11.32
CA LEU F 177 -56.73 20.11 10.97
C LEU F 177 -56.95 19.84 9.49
N ASP F 178 -56.19 18.88 8.97
CA ASP F 178 -56.42 18.43 7.60
C ASP F 178 -56.85 16.96 7.61
N PRO F 179 -57.85 16.59 6.82
CA PRO F 179 -58.29 15.19 6.82
C PRO F 179 -57.30 14.27 6.12
N VAL F 180 -56.57 13.49 6.90
CA VAL F 180 -55.68 12.47 6.34
C VAL F 180 -56.35 11.12 6.50
N ILE F 181 -56.42 10.37 5.40
CA ILE F 181 -57.11 9.09 5.38
C ILE F 181 -56.09 8.02 5.02
N GLY F 182 -56.25 6.84 5.61
CA GLY F 182 -55.33 5.76 5.38
C GLY F 182 -54.32 5.60 6.50
N ARG F 183 -53.32 4.76 6.24
CA ARG F 183 -52.24 4.49 7.18
C ARG F 183 -52.75 4.00 8.52
N ASP F 184 -53.88 3.29 8.53
CA ASP F 184 -54.42 2.80 9.80
C ASP F 184 -53.46 1.81 10.45
N ASN F 185 -52.86 0.93 9.65
CA ASN F 185 -51.86 0.01 10.17
C ASN F 185 -50.65 0.76 10.70
N GLU F 186 -50.30 1.89 10.09
CA GLU F 186 -49.16 2.66 10.56
C GLU F 186 -49.45 3.33 11.89
N ILE F 187 -50.63 3.92 12.04
CA ILE F 187 -50.99 4.51 13.33
C ILE F 187 -51.09 3.42 14.39
N ARG F 188 -51.56 2.24 14.00
CA ARG F 188 -51.58 1.10 14.91
C ARG F 188 -50.17 0.74 15.36
N ARG F 189 -49.23 0.68 14.41
CA ARG F 189 -47.84 0.42 14.74
C ARG F 189 -47.31 1.46 15.71
N VAL F 190 -47.63 2.73 15.48
CA VAL F 190 -47.13 3.80 16.35
C VAL F 190 -47.66 3.61 17.76
N VAL F 191 -48.96 3.38 17.90
CA VAL F 191 -49.54 3.21 19.23
C VAL F 191 -48.95 1.98 19.92
N GLN F 192 -48.76 0.90 19.16
CA GLN F 192 -48.22 -0.32 19.75
C GLN F 192 -46.79 -0.13 20.23
N VAL F 193 -45.95 0.49 19.40
CA VAL F 193 -44.56 0.72 19.78
C VAL F 193 -44.48 1.65 20.98
N LEU F 194 -45.30 2.71 20.99
CA LEU F 194 -45.27 3.62 22.12
C LEU F 194 -45.79 2.95 23.39
N SER F 195 -46.62 1.91 23.24
CA SER F 195 -47.13 1.17 24.38
C SER F 195 -46.24 -0.05 24.60
N ARG F 196 -45.04 0.19 25.11
CA ARG F 196 -44.07 -0.86 25.38
C ARG F 196 -43.31 -0.52 26.66
N ARG F 197 -42.59 -1.50 27.18
CA ARG F 197 -41.73 -1.26 28.32
C ARG F 197 -40.32 -0.84 27.90
N THR F 198 -39.80 -1.45 26.83
CA THR F 198 -38.50 -1.09 26.30
C THR F 198 -38.60 -0.89 24.80
N LYS F 199 -37.67 -0.09 24.27
CA LYS F 199 -37.52 0.12 22.82
C LYS F 199 -38.76 0.81 22.23
N ASN F 200 -39.34 1.70 23.01
CA ASN F 200 -40.52 2.45 22.59
C ASN F 200 -40.11 3.72 21.85
N ASN F 201 -41.04 4.66 21.69
CA ASN F 201 -40.90 5.95 21.02
C ASN F 201 -40.31 5.78 19.61
N PRO F 202 -41.14 5.35 18.65
CA PRO F 202 -40.65 5.05 17.31
C PRO F 202 -40.14 6.27 16.56
N VAL F 203 -39.56 6.05 15.39
CA VAL F 203 -39.11 7.13 14.51
C VAL F 203 -39.57 6.83 13.09
N LEU F 204 -40.40 7.71 12.55
CA LEU F 204 -41.02 7.50 11.24
C LEU F 204 -39.99 7.75 10.15
N ILE F 205 -39.38 6.68 9.66
CA ILE F 205 -38.33 6.75 8.65
C ILE F 205 -38.98 6.69 7.27
N GLY F 206 -38.39 7.42 6.32
CA GLY F 206 -38.88 7.40 4.95
C GLY F 206 -38.12 8.32 4.01
N GLU F 207 -38.86 9.07 3.20
CA GLU F 207 -38.30 9.97 2.21
C GLU F 207 -39.03 11.31 2.27
N PRO F 208 -38.34 12.42 1.97
CA PRO F 208 -39.01 13.72 2.01
C PRO F 208 -40.17 13.82 1.02
N GLY F 209 -41.37 14.07 1.54
CA GLY F 209 -42.54 14.18 0.69
C GLY F 209 -43.35 12.90 0.61
N VAL F 210 -43.62 12.28 1.75
CA VAL F 210 -44.47 11.10 1.81
C VAL F 210 -45.56 11.33 2.85
N GLY F 211 -45.32 12.24 3.78
CA GLY F 211 -46.35 12.60 4.73
C GLY F 211 -46.19 12.00 6.12
N LYS F 212 -44.98 12.04 6.66
CA LYS F 212 -44.79 11.61 8.05
C LYS F 212 -45.49 12.57 9.00
N THR F 213 -45.41 13.87 8.71
CA THR F 213 -46.25 14.81 9.44
C THR F 213 -47.72 14.45 9.33
N ALA F 214 -48.12 13.92 8.16
CA ALA F 214 -49.51 13.49 8.00
C ALA F 214 -49.83 12.31 8.92
N ILE F 215 -48.89 11.36 9.04
CA ILE F 215 -49.09 10.26 9.97
C ILE F 215 -49.27 10.78 11.39
N VAL F 216 -48.45 11.76 11.79
CA VAL F 216 -48.51 12.24 13.16
C VAL F 216 -49.83 12.98 13.42
N GLU F 217 -50.25 13.83 12.48
CA GLU F 217 -51.49 14.56 12.69
C GLU F 217 -52.70 13.63 12.65
N GLY F 218 -52.64 12.59 11.81
CA GLY F 218 -53.69 11.59 11.84
C GLY F 218 -53.73 10.85 13.17
N LEU F 219 -52.55 10.57 13.73
CA LEU F 219 -52.49 9.96 15.06
C LEU F 219 -53.15 10.85 16.10
N ALA F 220 -52.82 12.14 16.07
CA ALA F 220 -53.43 13.09 17.01
C ALA F 220 -54.94 13.14 16.84
N GLN F 221 -55.40 13.14 15.59
CA GLN F 221 -56.84 13.14 15.31
C GLN F 221 -57.50 11.88 15.88
N ARG F 222 -56.86 10.73 15.70
CA ARG F 222 -57.42 9.49 16.22
C ARG F 222 -57.47 9.49 17.74
N ILE F 223 -56.42 10.02 18.39
CA ILE F 223 -56.44 10.14 19.85
C ILE F 223 -57.60 11.02 20.30
N VAL F 224 -57.73 12.21 19.71
CA VAL F 224 -58.73 13.15 20.21
C VAL F 224 -60.14 12.63 19.94
N ALA F 225 -60.36 11.96 18.81
CA ALA F 225 -61.65 11.32 18.58
C ALA F 225 -61.89 10.21 19.61
N GLY F 226 -60.85 9.44 19.92
CA GLY F 226 -60.87 8.46 20.97
C GLY F 226 -60.84 7.04 20.46
N ASP F 227 -59.63 6.47 20.39
CA ASP F 227 -59.44 5.08 20.03
C ASP F 227 -58.28 4.44 20.79
N VAL F 228 -57.73 5.12 21.79
CA VAL F 228 -56.45 4.76 22.40
C VAL F 228 -56.66 3.91 23.64
N PRO F 229 -55.66 3.11 24.06
CA PRO F 229 -55.81 2.34 25.28
C PRO F 229 -55.76 3.20 26.54
N GLU F 230 -55.76 2.55 27.70
CA GLU F 230 -55.91 3.26 28.97
C GLU F 230 -54.72 4.16 29.25
N SER F 231 -53.53 3.76 28.83
CA SER F 231 -52.31 4.50 29.13
C SER F 231 -52.10 5.70 28.22
N LEU F 232 -53.09 6.07 27.40
CA LEU F 232 -52.95 7.16 26.45
C LEU F 232 -54.10 8.15 26.59
N ARG F 233 -54.38 8.59 27.81
CA ARG F 233 -55.48 9.52 28.04
C ARG F 233 -55.17 10.89 27.47
N ASP F 234 -55.07 10.95 26.14
CA ASP F 234 -54.96 12.14 25.30
C ASP F 234 -53.60 12.82 25.37
N LYS F 235 -52.79 12.49 26.38
CA LYS F 235 -51.34 12.56 26.32
C LYS F 235 -50.74 13.91 25.91
N THR F 236 -51.59 14.91 25.66
CA THR F 236 -51.15 16.26 25.28
C THR F 236 -49.98 16.25 24.29
N ILE F 237 -50.19 15.66 23.10
CA ILE F 237 -49.12 15.58 22.12
C ILE F 237 -48.72 17.00 21.69
N VAL F 238 -47.43 17.19 21.46
CA VAL F 238 -46.86 18.51 21.22
C VAL F 238 -45.61 18.36 20.36
N ALA F 239 -45.37 19.32 19.47
CA ALA F 239 -44.18 19.36 18.66
C ALA F 239 -43.13 20.25 19.29
N LEU F 240 -42.00 20.41 18.59
CA LEU F 240 -40.92 21.28 19.02
C LEU F 240 -40.48 22.15 17.85
N ASP F 241 -40.57 23.46 18.03
CA ASP F 241 -40.13 24.39 16.99
C ASP F 241 -38.62 24.54 17.06
N LEU F 242 -37.93 24.07 16.03
CA LEU F 242 -36.50 24.33 15.91
C LEU F 242 -36.20 25.77 15.54
N GLY F 243 -37.23 26.59 15.29
CA GLY F 243 -37.11 27.99 15.00
C GLY F 243 -36.86 28.89 16.19
N SER F 244 -36.39 28.33 17.31
CA SER F 244 -35.99 29.11 18.47
C SER F 244 -34.49 29.22 18.59
N MET F 245 -33.78 29.32 17.47
CA MET F 245 -32.33 29.36 17.45
C MET F 245 -31.81 29.97 16.16
N PHE F 255 -27.28 29.90 23.43
CA PHE F 255 -28.34 29.17 22.76
C PHE F 255 -28.88 28.04 23.64
N GLU F 256 -27.96 27.18 24.10
CA GLU F 256 -28.34 26.04 24.92
C GLU F 256 -29.02 26.43 26.22
N GLU F 257 -28.90 27.68 26.65
CA GLU F 257 -29.57 28.15 27.85
C GLU F 257 -31.08 28.13 27.74
N ARG F 258 -31.64 28.09 26.53
CA ARG F 258 -33.08 27.98 26.38
C ARG F 258 -33.56 26.54 26.29
N LEU F 259 -32.69 25.62 25.89
CA LEU F 259 -33.06 24.21 25.93
C LEU F 259 -33.34 23.75 27.34
N LYS F 260 -32.61 24.29 28.32
CA LYS F 260 -32.94 24.00 29.71
C LYS F 260 -34.34 24.48 30.04
N ALA F 261 -34.72 25.65 29.51
CA ALA F 261 -36.05 26.18 29.78
C ALA F 261 -37.14 25.32 29.15
N VAL F 262 -36.90 24.82 27.94
CA VAL F 262 -37.93 24.02 27.28
C VAL F 262 -37.98 22.61 27.87
N LEU F 263 -36.88 22.13 28.42
CA LEU F 263 -36.85 20.81 29.04
C LEU F 263 -37.27 20.82 30.50
N ASP F 264 -37.29 21.98 31.16
CA ASP F 264 -37.77 22.05 32.53
C ASP F 264 -39.25 21.65 32.64
N ASP F 265 -40.06 22.04 31.66
CA ASP F 265 -41.47 21.67 31.66
C ASP F 265 -41.68 20.23 31.25
N ILE F 266 -40.67 19.58 30.68
CA ILE F 266 -40.77 18.17 30.34
C ILE F 266 -40.26 17.31 31.49
N LYS F 267 -39.33 17.84 32.29
CA LYS F 267 -38.81 17.08 33.42
C LYS F 267 -39.86 16.96 34.52
N ASN F 268 -40.43 18.09 34.92
CA ASN F 268 -41.53 18.09 35.89
C ASN F 268 -42.78 17.40 35.34
N SER F 269 -42.82 17.11 34.05
CA SER F 269 -43.95 16.42 33.47
C SER F 269 -44.10 15.03 34.04
N ALA F 270 -45.35 14.53 34.03
CA ALA F 270 -45.67 13.20 34.53
C ALA F 270 -45.81 12.18 33.41
N GLY F 271 -45.00 12.29 32.36
CA GLY F 271 -45.12 11.40 31.23
C GLY F 271 -46.39 11.58 30.44
N GLN F 272 -47.06 12.73 30.57
CA GLN F 272 -48.26 13.04 29.82
C GLN F 272 -48.07 14.20 28.85
N ILE F 273 -46.83 14.62 28.62
CA ILE F 273 -46.53 15.75 27.75
C ILE F 273 -45.54 15.27 26.68
N ILE F 274 -45.73 14.03 26.22
CA ILE F 274 -44.87 13.46 25.20
C ILE F 274 -44.75 14.43 24.03
N THR F 275 -43.54 14.51 23.48
CA THR F 275 -43.22 15.47 22.43
C THR F 275 -43.15 14.78 21.06
N PHE F 276 -42.74 15.57 20.06
CA PHE F 276 -42.49 15.04 18.72
C PHE F 276 -41.51 15.98 18.03
N ILE F 277 -40.29 15.50 17.80
CA ILE F 277 -39.27 16.26 17.10
C ILE F 277 -39.29 15.86 15.64
N ASP F 278 -39.28 16.84 14.75
CA ASP F 278 -39.19 16.57 13.33
C ASP F 278 -37.74 16.75 12.88
N GLU F 279 -37.23 15.78 12.13
CA GLU F 279 -35.84 15.76 11.65
C GLU F 279 -34.87 15.79 12.84
N LEU F 280 -34.94 14.73 13.63
CA LEU F 280 -34.16 14.65 14.87
C LEU F 280 -32.70 14.34 14.66
N HIS F 281 -32.29 13.97 13.44
CA HIS F 281 -30.89 13.69 13.19
C HIS F 281 -30.04 14.95 13.36
N THR F 282 -30.68 16.11 13.40
CA THR F 282 -29.97 17.34 13.75
C THR F 282 -29.54 17.34 15.20
N ILE F 283 -30.46 17.02 16.11
CA ILE F 283 -30.12 16.97 17.53
C ILE F 283 -29.05 15.93 17.82
N VAL F 284 -29.24 14.69 17.35
CA VAL F 284 -28.32 13.62 17.65
C VAL F 284 -27.70 13.09 16.36
N ASN F 298 -25.86 14.37 25.34
CA ASN F 298 -25.34 15.65 25.83
C ASN F 298 -26.37 16.28 26.76
N MET F 299 -27.46 16.77 26.17
CA MET F 299 -28.50 17.47 26.94
C MET F 299 -29.79 16.68 27.05
N ILE F 300 -30.13 15.86 26.07
CA ILE F 300 -31.40 15.13 26.09
C ILE F 300 -31.16 13.64 26.32
N LYS F 301 -30.02 13.13 25.85
CA LYS F 301 -29.76 11.69 25.93
C LYS F 301 -29.80 11.13 27.34
N PRO F 302 -29.18 11.75 28.36
CA PRO F 302 -29.33 11.21 29.72
C PRO F 302 -30.76 11.17 30.18
N MET F 303 -31.55 12.21 29.89
CA MET F 303 -32.96 12.21 30.25
C MET F 303 -33.71 11.09 29.54
N LEU F 304 -33.38 10.84 28.27
CA LEU F 304 -34.00 9.73 27.55
C LEU F 304 -33.66 8.40 28.18
N ALA F 305 -32.40 8.21 28.59
CA ALA F 305 -32.00 7.00 29.28
C ALA F 305 -32.82 6.76 30.55
N ARG F 306 -33.28 7.82 31.21
CA ARG F 306 -34.08 7.69 32.42
C ARG F 306 -35.56 7.52 32.10
N GLY F 307 -36.03 8.11 31.00
CA GLY F 307 -37.38 7.85 30.52
C GLY F 307 -38.46 8.74 31.08
N GLU F 308 -38.28 10.06 30.98
CA GLU F 308 -39.33 11.01 31.33
C GLU F 308 -39.98 11.64 30.11
N LEU F 309 -39.44 11.37 28.91
CA LEU F 309 -39.97 11.94 27.68
C LEU F 309 -39.92 10.87 26.60
N ARG F 310 -40.94 10.88 25.74
CA ARG F 310 -41.04 9.92 24.66
C ARG F 310 -40.33 10.37 23.40
N LEU F 311 -40.69 11.54 22.87
CA LEU F 311 -40.01 12.13 21.70
C LEU F 311 -40.15 11.22 20.48
N VAL F 312 -41.40 11.12 20.01
CA VAL F 312 -41.64 10.55 18.69
C VAL F 312 -40.84 11.33 17.66
N GLY F 313 -40.19 10.63 16.74
CA GLY F 313 -39.29 11.23 15.79
C GLY F 313 -39.71 11.05 14.33
N ALA F 314 -38.85 11.54 13.44
CA ALA F 314 -39.04 11.41 12.00
C ALA F 314 -37.73 11.76 11.31
N THR F 315 -37.28 10.90 10.40
CA THR F 315 -36.02 11.10 9.69
C THR F 315 -36.12 10.34 8.36
N THR F 316 -35.02 10.30 7.61
CA THR F 316 -34.93 9.56 6.36
C THR F 316 -33.90 8.45 6.49
N LEU F 317 -33.91 7.54 5.50
CA LEU F 317 -33.09 6.33 5.57
C LEU F 317 -31.61 6.66 5.66
N ASP F 318 -31.09 7.37 4.67
CA ASP F 318 -29.66 7.65 4.60
C ASP F 318 -29.17 8.36 5.86
N GLU F 319 -29.85 9.44 6.25
CA GLU F 319 -29.43 10.21 7.41
C GLU F 319 -29.53 9.39 8.69
N TYR F 320 -30.62 8.64 8.86
CA TYR F 320 -30.79 7.76 10.00
C TYR F 320 -29.63 6.79 10.12
N ARG F 321 -29.27 6.14 9.01
CA ARG F 321 -28.14 5.22 9.03
C ARG F 321 -26.83 5.95 9.33
N LYS F 322 -26.70 7.18 8.85
CA LYS F 322 -25.46 7.92 9.03
C LYS F 322 -25.24 8.29 10.49
N HIS F 323 -26.31 8.69 11.19
CA HIS F 323 -26.12 9.26 12.51
C HIS F 323 -26.29 8.22 13.62
N ILE F 324 -27.46 7.58 13.68
CA ILE F 324 -27.77 6.77 14.86
C ILE F 324 -27.92 5.29 14.49
N GLU F 325 -27.16 4.83 13.51
CA GLU F 325 -27.06 3.41 13.20
C GLU F 325 -25.64 2.89 13.44
N LYS F 326 -24.84 3.59 14.23
CA LYS F 326 -23.50 3.11 14.54
C LYS F 326 -23.21 3.19 16.04
N ASP F 327 -23.99 3.99 16.76
CA ASP F 327 -23.86 4.10 18.20
C ASP F 327 -24.90 3.21 18.86
N ALA F 328 -24.54 1.95 19.10
CA ALA F 328 -25.47 0.97 19.66
C ALA F 328 -25.98 1.34 21.03
N ALA F 329 -25.41 2.38 21.66
CA ALA F 329 -25.92 2.82 22.96
C ALA F 329 -27.23 3.57 22.80
N LEU F 330 -27.55 4.01 21.58
CA LEU F 330 -28.80 4.72 21.32
C LEU F 330 -29.77 3.90 20.47
N GLU F 331 -29.31 2.85 19.81
CA GLU F 331 -30.21 1.90 19.17
C GLU F 331 -31.02 1.10 20.17
N ARG F 332 -30.81 1.35 21.46
CA ARG F 332 -31.52 0.70 22.54
C ARG F 332 -32.85 1.36 22.85
N ARG F 333 -33.10 2.56 22.31
CA ARG F 333 -34.29 3.33 22.65
C ARG F 333 -35.11 3.69 21.41
N PHE F 334 -34.67 3.28 20.23
CA PHE F 334 -35.30 3.72 19.00
C PHE F 334 -35.63 2.52 18.13
N GLN F 335 -36.93 2.24 17.98
CA GLN F 335 -37.42 1.20 17.08
C GLN F 335 -37.98 1.89 15.85
N GLN F 336 -37.32 1.70 14.71
CA GLN F 336 -37.68 2.41 13.50
C GLN F 336 -38.99 1.90 12.91
N VAL F 337 -39.74 2.82 12.31
CA VAL F 337 -40.96 2.49 11.57
C VAL F 337 -40.73 2.90 10.12
N TYR F 338 -40.82 1.94 9.21
CA TYR F 338 -40.60 2.19 7.79
C TYR F 338 -41.93 2.59 7.15
N VAL F 339 -41.89 3.64 6.34
CA VAL F 339 -43.08 4.17 5.68
C VAL F 339 -42.81 4.27 4.18
N GLY F 340 -43.80 3.87 3.38
CA GLY F 340 -43.74 4.04 1.94
C GLY F 340 -44.84 4.97 1.47
N GLU F 341 -44.87 5.17 0.16
CA GLU F 341 -45.87 6.06 -0.41
C GLU F 341 -47.16 5.31 -0.71
N PRO F 342 -48.30 5.99 -0.67
CA PRO F 342 -49.55 5.34 -1.07
C PRO F 342 -49.56 5.05 -2.56
N SER F 343 -50.45 4.15 -2.96
CA SER F 343 -50.51 3.74 -4.35
C SER F 343 -51.02 4.89 -5.23
N VAL F 344 -51.01 4.64 -6.54
CA VAL F 344 -51.45 5.65 -7.50
C VAL F 344 -52.94 5.95 -7.31
N GLU F 345 -53.77 4.91 -7.34
CA GLU F 345 -55.19 5.09 -7.08
C GLU F 345 -55.44 5.65 -5.68
N ASP F 346 -54.54 5.35 -4.74
CA ASP F 346 -54.69 5.89 -3.40
C ASP F 346 -54.47 7.40 -3.39
N THR F 347 -53.42 7.87 -4.05
CA THR F 347 -53.22 9.31 -4.20
C THR F 347 -54.42 9.95 -4.90
N ILE F 348 -54.93 9.29 -5.95
CA ILE F 348 -56.09 9.81 -6.65
C ILE F 348 -57.27 9.98 -5.70
N GLY F 349 -57.56 8.94 -4.92
CA GLY F 349 -58.68 9.00 -4.00
C GLY F 349 -58.50 10.02 -2.90
N ILE F 350 -57.26 10.22 -2.44
CA ILE F 350 -57.00 11.19 -1.37
C ILE F 350 -56.95 12.62 -1.89
N LEU F 351 -56.81 12.80 -3.20
CA LEU F 351 -56.71 14.14 -3.77
C LEU F 351 -57.93 15.01 -3.51
N ARG F 352 -59.03 14.46 -3.02
CA ARG F 352 -60.24 15.27 -2.85
C ARG F 352 -60.16 16.22 -1.65
N GLY F 353 -59.06 16.18 -0.91
CA GLY F 353 -58.84 17.14 0.15
C GLY F 353 -57.83 18.19 -0.27
N LEU F 354 -57.77 18.47 -1.57
CA LEU F 354 -56.84 19.43 -2.14
C LEU F 354 -57.49 20.26 -3.24
N LYS F 355 -58.82 20.13 -3.41
CA LYS F 355 -59.52 20.76 -4.52
C LYS F 355 -59.42 22.28 -4.51
N ASP F 356 -59.08 22.89 -3.38
CA ASP F 356 -59.04 24.35 -3.28
C ASP F 356 -57.73 24.90 -2.73
N ARG F 357 -56.71 24.06 -2.54
CA ARG F 357 -55.46 24.53 -1.97
C ARG F 357 -54.78 25.54 -2.90
N TYR F 358 -54.40 25.08 -4.09
CA TYR F 358 -53.53 25.84 -4.98
C TYR F 358 -54.28 26.63 -6.04
N GLU F 359 -55.25 26.01 -6.71
CA GLU F 359 -55.95 26.66 -7.83
C GLU F 359 -57.02 27.59 -7.28
N VAL F 360 -56.56 28.76 -6.83
CA VAL F 360 -57.47 29.83 -6.42
C VAL F 360 -57.00 31.14 -7.06
N HIS F 361 -56.09 31.04 -8.02
CA HIS F 361 -55.52 32.24 -8.64
C HIS F 361 -56.26 32.64 -9.90
N HIS F 362 -56.30 31.76 -10.90
CA HIS F 362 -56.94 32.05 -12.18
C HIS F 362 -58.23 31.29 -12.37
N GLY F 363 -58.81 30.77 -11.28
CA GLY F 363 -60.12 30.15 -11.29
C GLY F 363 -60.40 29.15 -12.38
N VAL F 364 -59.38 28.43 -12.86
CA VAL F 364 -59.60 27.38 -13.84
C VAL F 364 -60.26 26.20 -13.15
N ARG F 365 -61.31 25.67 -13.78
CA ARG F 365 -62.15 24.67 -13.14
C ARG F 365 -61.43 23.33 -13.13
N ILE F 366 -61.28 22.74 -11.95
CA ILE F 366 -60.62 21.46 -11.81
C ILE F 366 -61.56 20.34 -12.27
N THR F 367 -61.04 19.43 -13.08
CA THR F 367 -61.82 18.29 -13.55
C THR F 367 -61.17 16.98 -13.11
N ASP F 368 -62.03 16.02 -12.78
CA ASP F 368 -61.54 14.71 -12.34
C ASP F 368 -60.72 14.02 -13.43
N SER F 369 -61.01 14.30 -14.70
CA SER F 369 -60.22 13.72 -15.77
C SER F 369 -58.76 14.13 -15.66
N ALA F 370 -58.50 15.45 -15.63
CA ALA F 370 -57.13 15.92 -15.48
C ALA F 370 -56.55 15.53 -14.13
N LEU F 371 -57.41 15.43 -13.11
CA LEU F 371 -56.95 15.01 -11.80
C LEU F 371 -56.35 13.61 -11.84
N VAL F 372 -57.08 12.66 -12.43
CA VAL F 372 -56.58 11.29 -12.51
C VAL F 372 -55.46 11.18 -13.53
N ALA F 373 -55.41 12.10 -14.50
CA ALA F 373 -54.34 12.08 -15.49
C ALA F 373 -53.03 12.67 -14.98
N ALA F 374 -53.08 13.53 -13.97
CA ALA F 374 -51.88 14.20 -13.48
C ALA F 374 -50.86 13.20 -12.96
N ALA F 375 -51.21 12.45 -11.93
CA ALA F 375 -50.30 11.45 -11.39
C ALA F 375 -50.01 10.32 -12.37
N THR F 376 -50.87 10.13 -13.38
CA THR F 376 -50.68 9.05 -14.34
C THR F 376 -49.35 9.20 -15.09
N LEU F 377 -49.00 10.42 -15.46
CA LEU F 377 -47.76 10.73 -16.18
C LEU F 377 -46.63 11.08 -15.22
N SER F 378 -46.40 10.19 -14.25
CA SER F 378 -45.41 10.42 -13.21
C SER F 378 -43.98 10.20 -13.67
N ASP F 379 -43.76 9.39 -14.70
CA ASP F 379 -42.41 9.10 -15.19
C ASP F 379 -42.20 9.64 -16.61
N ARG F 380 -42.83 10.76 -16.91
CA ARG F 380 -42.59 11.48 -18.16
C ARG F 380 -41.41 12.44 -18.04
N TYR F 381 -41.22 13.07 -16.88
CA TYR F 381 -40.12 14.00 -16.66
C TYR F 381 -39.02 13.42 -15.79
N ILE F 382 -39.35 12.98 -14.57
CA ILE F 382 -38.34 12.58 -13.59
C ILE F 382 -38.91 11.53 -12.65
N THR F 383 -38.12 10.50 -12.37
CA THR F 383 -38.50 9.43 -11.45
C THR F 383 -37.86 9.59 -10.07
N ALA F 384 -37.12 10.67 -9.83
CA ALA F 384 -36.58 10.96 -8.52
C ALA F 384 -37.64 11.51 -7.57
N ARG F 385 -38.68 12.13 -8.08
CA ARG F 385 -39.80 12.56 -7.28
C ARG F 385 -40.67 11.37 -6.90
N PHE F 386 -41.64 11.61 -6.03
CA PHE F 386 -42.49 10.56 -5.50
C PHE F 386 -43.96 10.89 -5.75
N LEU F 387 -44.84 10.02 -5.22
CA LEU F 387 -46.27 10.22 -5.46
C LEU F 387 -46.89 11.30 -4.57
N PRO F 388 -46.85 11.19 -3.24
CA PRO F 388 -47.87 11.89 -2.43
C PRO F 388 -47.83 13.40 -2.55
N ASP F 389 -46.65 14.01 -2.43
CA ASP F 389 -46.52 15.45 -2.54
C ASP F 389 -45.82 15.91 -3.82
N LYS F 390 -45.00 15.05 -4.42
CA LYS F 390 -44.38 15.43 -5.69
C LYS F 390 -45.35 15.34 -6.86
N ALA F 391 -46.40 14.53 -6.77
CA ALA F 391 -47.47 14.63 -7.75
C ALA F 391 -48.18 15.97 -7.62
N ILE F 392 -48.31 16.47 -6.39
CA ILE F 392 -48.88 17.80 -6.19
C ILE F 392 -47.94 18.86 -6.75
N ASP F 393 -46.63 18.65 -6.61
CA ASP F 393 -45.65 19.53 -7.23
C ASP F 393 -45.85 19.56 -8.74
N LEU F 394 -46.02 18.39 -9.35
CA LEU F 394 -46.33 18.31 -10.77
C LEU F 394 -47.60 19.09 -11.12
N VAL F 395 -48.66 18.91 -10.33
CA VAL F 395 -49.93 19.56 -10.62
C VAL F 395 -49.78 21.07 -10.54
N ASP F 396 -49.03 21.55 -9.55
CA ASP F 396 -48.86 23.00 -9.40
C ASP F 396 -47.96 23.57 -10.48
N GLU F 397 -46.93 22.83 -10.88
CA GLU F 397 -46.17 23.19 -12.07
C GLU F 397 -47.08 23.35 -13.28
N ALA F 398 -48.02 22.41 -13.44
CA ALA F 398 -48.92 22.45 -14.60
C ALA F 398 -49.84 23.65 -14.53
N ALA F 399 -50.43 23.90 -13.36
CA ALA F 399 -51.29 25.07 -13.19
C ALA F 399 -50.53 26.35 -13.50
N SER F 400 -49.30 26.45 -13.00
CA SER F 400 -48.50 27.65 -13.23
C SER F 400 -48.18 27.83 -14.71
N ARG F 401 -47.81 26.75 -15.40
CA ARG F 401 -47.45 26.87 -16.80
C ARG F 401 -48.66 27.21 -17.65
N LEU F 402 -49.82 26.62 -17.35
CA LEU F 402 -51.05 27.05 -18.02
C LEU F 402 -51.30 28.53 -17.79
N ARG F 403 -51.39 28.95 -16.52
CA ARG F 403 -51.66 30.35 -16.21
C ARG F 403 -50.60 31.30 -16.75
N MET F 404 -49.44 30.78 -17.16
CA MET F 404 -48.45 31.61 -17.83
C MET F 404 -48.67 31.68 -19.33
N GLU F 405 -49.01 30.56 -19.97
CA GLU F 405 -49.22 30.56 -21.41
C GLU F 405 -50.57 31.15 -21.81
N ILE F 406 -51.67 30.54 -21.36
CA ILE F 406 -52.99 31.09 -21.68
C ILE F 406 -53.34 32.28 -20.81
N ASP F 407 -52.42 32.74 -19.96
CA ASP F 407 -52.59 33.93 -19.15
C ASP F 407 -53.77 33.81 -18.20
N LYS F 530 -58.26 29.19 -21.39
CA LYS F 530 -59.43 28.34 -21.27
C LYS F 530 -59.94 28.31 -19.83
N GLU F 531 -61.18 27.87 -19.65
CA GLU F 531 -61.84 27.86 -18.35
C GLU F 531 -61.73 26.50 -17.66
N GLU F 532 -61.07 25.54 -18.28
CA GLU F 532 -61.00 24.19 -17.73
C GLU F 532 -59.58 23.67 -17.80
N VAL F 533 -59.29 22.69 -16.95
CA VAL F 533 -57.99 22.03 -16.95
C VAL F 533 -58.03 20.84 -17.90
N GLY F 534 -56.91 20.63 -18.60
CA GLY F 534 -56.86 19.63 -19.64
C GLY F 534 -55.75 18.62 -19.44
N PRO F 535 -56.10 17.33 -19.50
CA PRO F 535 -55.10 16.28 -19.21
C PRO F 535 -53.89 16.32 -20.13
N ASP F 536 -54.10 16.34 -21.44
CA ASP F 536 -52.97 16.45 -22.36
C ASP F 536 -52.23 17.77 -22.19
N ASP F 537 -52.88 18.79 -21.62
CA ASP F 537 -52.21 20.07 -21.40
C ASP F 537 -51.24 19.98 -20.22
N ILE F 538 -51.69 19.37 -19.11
CA ILE F 538 -50.76 19.03 -18.04
C ILE F 538 -49.64 18.13 -18.55
N ALA F 539 -49.98 17.24 -19.49
CA ALA F 539 -48.96 16.38 -20.09
C ALA F 539 -47.92 17.20 -20.84
N ASP F 540 -48.38 18.16 -21.64
CA ASP F 540 -47.45 19.04 -22.35
C ASP F 540 -46.61 19.86 -21.37
N VAL F 541 -47.19 20.22 -20.22
CA VAL F 541 -46.41 20.90 -19.18
C VAL F 541 -45.26 20.01 -18.74
N VAL F 542 -45.58 18.80 -18.25
CA VAL F 542 -44.55 17.93 -17.71
C VAL F 542 -43.59 17.45 -18.78
N SER F 543 -43.98 17.53 -20.05
CA SER F 543 -43.24 16.95 -21.15
C SER F 543 -42.36 17.96 -21.89
N ALA F 544 -42.66 19.25 -21.75
CA ALA F 544 -41.94 20.27 -22.50
C ALA F 544 -40.53 20.54 -21.98
N TRP F 545 -40.02 19.72 -21.07
CA TRP F 545 -38.65 19.88 -20.59
C TRP F 545 -37.85 18.58 -20.60
N THR F 546 -38.49 17.42 -20.51
CA THR F 546 -37.84 16.20 -20.99
C THR F 546 -38.24 15.91 -22.44
N GLY F 547 -38.17 16.97 -23.25
CA GLY F 547 -38.50 16.91 -24.65
C GLY F 547 -38.65 18.33 -25.17
N ILE F 548 -38.07 18.63 -26.34
CA ILE F 548 -38.11 19.99 -26.87
C ILE F 548 -39.48 20.27 -27.47
N PRO F 549 -40.02 19.44 -28.39
CA PRO F 549 -41.39 19.68 -28.88
C PRO F 549 -42.44 19.04 -27.96
N ALA F 550 -42.31 19.29 -26.66
CA ALA F 550 -43.06 18.61 -25.62
C ALA F 550 -42.87 17.10 -25.67
N GLY F 551 -41.73 16.64 -26.17
CA GLY F 551 -41.35 15.25 -26.20
C GLY F 551 -42.30 14.37 -26.98
N ARG F 552 -42.18 13.06 -26.72
CA ARG F 552 -43.05 12.09 -27.32
C ARG F 552 -44.47 12.24 -26.78
N LEU F 553 -45.45 12.09 -27.66
CA LEU F 553 -46.86 12.18 -27.29
C LEU F 553 -47.31 10.89 -26.62
N LEU F 554 -48.62 10.68 -26.52
CA LEU F 554 -49.15 9.40 -26.06
C LEU F 554 -48.52 8.26 -26.85
N GLU F 555 -48.57 7.06 -26.25
CA GLU F 555 -47.68 5.95 -26.57
C GLU F 555 -47.33 5.82 -28.05
N GLY F 556 -48.34 5.58 -28.90
CA GLY F 556 -48.17 5.54 -30.34
C GLY F 556 -46.89 4.85 -30.80
N GLU F 557 -46.71 3.60 -30.38
CA GLU F 557 -45.45 2.88 -30.60
C GLU F 557 -45.04 2.83 -32.08
N THR F 558 -45.95 3.13 -33.00
CA THR F 558 -45.61 3.17 -34.41
C THR F 558 -44.68 4.33 -34.76
N ALA F 559 -44.26 5.12 -33.78
CA ALA F 559 -43.41 6.27 -34.06
C ALA F 559 -41.97 5.86 -34.35
N LYS F 560 -41.30 5.26 -33.38
CA LYS F 560 -39.88 4.97 -33.49
C LYS F 560 -39.54 3.50 -33.33
N LEU F 561 -40.22 2.79 -32.42
CA LEU F 561 -39.77 1.46 -32.03
C LEU F 561 -40.24 0.37 -32.98
N LEU F 562 -41.37 0.57 -33.67
CA LEU F 562 -41.79 -0.41 -34.67
C LEU F 562 -40.76 -0.56 -35.78
N ARG F 563 -40.08 0.53 -36.14
CA ARG F 563 -39.10 0.47 -37.19
C ARG F 563 -37.81 -0.18 -36.70
N MET F 564 -37.13 0.46 -35.76
CA MET F 564 -36.00 -0.04 -35.00
C MET F 564 -34.75 -0.30 -35.84
N GLU F 565 -34.82 -0.16 -37.17
CA GLU F 565 -33.69 -0.49 -38.02
C GLU F 565 -33.22 0.68 -38.88
N ASP F 566 -33.99 1.76 -38.98
CA ASP F 566 -33.60 2.92 -39.76
C ASP F 566 -32.15 3.30 -39.50
N GLU F 567 -31.77 3.38 -38.22
CA GLU F 567 -30.37 3.60 -37.89
C GLU F 567 -29.60 2.28 -37.85
N LEU F 568 -30.20 1.24 -37.28
CA LEU F 568 -29.45 0.02 -37.00
C LEU F 568 -29.15 -0.75 -38.27
N GLY F 569 -30.17 -1.07 -39.06
CA GLY F 569 -29.97 -1.86 -40.27
C GLY F 569 -29.10 -1.19 -41.31
N LYS F 570 -29.04 0.14 -41.30
CA LYS F 570 -28.27 0.90 -42.28
C LYS F 570 -26.95 1.42 -41.72
N ARG F 571 -26.71 1.24 -40.43
CA ARG F 571 -25.46 1.64 -39.80
C ARG F 571 -24.59 0.47 -39.42
N VAL F 572 -25.19 -0.68 -39.12
CA VAL F 572 -24.45 -1.88 -38.74
C VAL F 572 -24.79 -2.94 -39.78
N ILE F 573 -23.94 -3.06 -40.79
CA ILE F 573 -24.17 -3.99 -41.90
C ILE F 573 -23.88 -5.41 -41.40
N GLY F 574 -24.86 -6.27 -41.46
CA GLY F 574 -24.78 -7.61 -40.94
C GLY F 574 -25.48 -7.72 -39.61
N GLN F 575 -25.28 -8.87 -38.95
CA GLN F 575 -25.88 -9.15 -37.64
C GLN F 575 -27.41 -9.00 -37.69
N LYS F 576 -27.99 -9.28 -38.86
CA LYS F 576 -29.41 -9.05 -39.07
C LYS F 576 -30.25 -9.85 -38.08
N ALA F 577 -29.85 -11.09 -37.80
CA ALA F 577 -30.61 -11.91 -36.86
C ALA F 577 -30.60 -11.32 -35.46
N ALA F 578 -29.42 -10.90 -34.99
CA ALA F 578 -29.32 -10.29 -33.67
C ALA F 578 -30.15 -9.01 -33.60
N VAL F 579 -30.10 -8.19 -34.65
CA VAL F 579 -30.84 -6.92 -34.63
C VAL F 579 -32.34 -7.17 -34.65
N THR F 580 -32.80 -8.10 -35.50
CA THR F 580 -34.22 -8.43 -35.52
C THR F 580 -34.66 -8.98 -34.17
N ALA F 581 -33.83 -9.80 -33.55
CA ALA F 581 -34.18 -10.38 -32.25
C ALA F 581 -34.29 -9.31 -31.17
N VAL F 582 -33.30 -8.42 -31.09
CA VAL F 582 -33.36 -7.38 -30.07
C VAL F 582 -34.49 -6.41 -30.36
N SER F 583 -34.83 -6.19 -31.64
CA SER F 583 -35.97 -5.35 -31.98
C SER F 583 -37.27 -5.99 -31.48
N ASP F 584 -37.44 -7.28 -31.73
CA ASP F 584 -38.59 -8.00 -31.19
C ASP F 584 -38.61 -7.91 -29.67
N ALA F 585 -37.44 -8.04 -29.05
CA ALA F 585 -37.35 -8.00 -27.59
C ALA F 585 -37.76 -6.64 -27.05
N VAL F 586 -37.34 -5.56 -27.70
CA VAL F 586 -37.68 -4.25 -27.18
C VAL F 586 -39.11 -3.86 -27.54
N ARG F 587 -39.69 -4.49 -28.56
CA ARG F 587 -41.12 -4.34 -28.75
C ARG F 587 -41.90 -5.07 -27.67
N ARG F 588 -41.39 -6.24 -27.24
CA ARG F 588 -42.05 -6.99 -26.19
C ARG F 588 -41.81 -6.39 -24.81
N SER F 589 -40.78 -5.55 -24.67
CA SER F 589 -40.38 -5.06 -23.36
C SER F 589 -40.62 -3.58 -23.14
N ARG F 590 -40.26 -2.72 -24.09
CA ARG F 590 -40.27 -1.28 -23.84
C ARG F 590 -41.70 -0.72 -23.92
N ALA F 591 -42.59 -1.27 -23.09
CA ALA F 591 -43.86 -0.61 -22.82
C ALA F 591 -44.30 -0.79 -21.37
N GLY F 592 -43.35 -1.00 -20.46
CA GLY F 592 -43.71 -1.43 -19.13
C GLY F 592 -44.42 -2.76 -19.09
N VAL F 593 -44.18 -3.62 -20.09
CA VAL F 593 -44.99 -4.80 -20.31
C VAL F 593 -44.18 -6.09 -20.15
N SER F 594 -43.23 -6.09 -19.22
CA SER F 594 -42.50 -7.31 -18.88
C SER F 594 -42.81 -7.81 -17.48
N ASP F 595 -42.63 -6.96 -16.47
CA ASP F 595 -42.68 -7.39 -15.06
C ASP F 595 -42.71 -6.17 -14.13
N PRO F 596 -42.72 -6.39 -12.80
CA PRO F 596 -42.44 -5.29 -11.87
C PRO F 596 -41.05 -4.72 -12.07
N ASN F 597 -40.62 -3.78 -11.22
CA ASN F 597 -39.52 -2.90 -11.57
C ASN F 597 -38.21 -3.67 -11.72
N ARG F 598 -37.94 -4.04 -12.97
CA ARG F 598 -36.71 -4.66 -13.44
C ARG F 598 -35.94 -3.61 -14.23
N PRO F 599 -34.73 -3.91 -14.70
CA PRO F 599 -34.11 -3.04 -15.71
C PRO F 599 -34.94 -2.97 -16.98
N THR F 600 -35.85 -3.94 -17.15
CA THR F 600 -36.72 -4.04 -18.32
C THR F 600 -35.90 -4.29 -19.58
N GLY F 601 -34.76 -4.94 -19.43
CA GLY F 601 -33.96 -5.36 -20.57
C GLY F 601 -32.66 -6.02 -20.18
N ALA F 602 -32.37 -7.19 -20.76
CA ALA F 602 -31.14 -7.92 -20.49
C ALA F 602 -30.93 -9.01 -21.52
N PHE F 603 -29.80 -9.02 -22.21
CA PHE F 603 -29.54 -10.02 -23.23
C PHE F 603 -28.04 -10.08 -23.52
N MET F 604 -27.66 -11.07 -24.31
CA MET F 604 -26.26 -11.35 -24.61
C MET F 604 -26.18 -11.91 -26.03
N PHE F 605 -25.06 -11.68 -26.71
CA PHE F 605 -24.82 -12.29 -28.00
C PHE F 605 -23.32 -12.32 -28.27
N LEU F 606 -22.95 -12.92 -29.40
CA LEU F 606 -21.58 -13.37 -29.63
C LEU F 606 -21.00 -12.75 -30.90
N GLY F 607 -19.67 -12.55 -30.88
CA GLY F 607 -18.96 -12.02 -32.01
C GLY F 607 -17.45 -11.92 -31.81
N PRO F 608 -16.70 -12.13 -32.91
CA PRO F 608 -15.24 -11.98 -32.86
C PRO F 608 -14.81 -10.56 -33.19
N THR F 609 -13.51 -10.31 -33.30
CA THR F 609 -13.05 -9.00 -33.75
C THR F 609 -13.46 -8.75 -35.20
N GLY F 610 -13.78 -7.49 -35.48
CA GLY F 610 -14.10 -7.09 -36.84
C GLY F 610 -15.48 -7.48 -37.32
N VAL F 611 -16.50 -7.32 -36.47
CA VAL F 611 -17.87 -7.59 -36.90
C VAL F 611 -18.84 -6.47 -36.56
N GLY F 612 -18.41 -5.51 -35.75
CA GLY F 612 -19.23 -4.34 -35.51
C GLY F 612 -20.02 -4.33 -34.22
N LYS F 613 -19.50 -4.97 -33.17
CA LYS F 613 -20.21 -4.98 -31.91
C LYS F 613 -20.19 -3.60 -31.26
N THR F 614 -19.00 -3.01 -31.12
CA THR F 614 -18.90 -1.63 -30.67
C THR F 614 -19.69 -0.70 -31.57
N GLU F 615 -19.77 -1.03 -32.86
CA GLU F 615 -20.50 -0.16 -33.77
C GLU F 615 -22.01 -0.23 -33.51
N LEU F 616 -22.54 -1.42 -33.26
CA LEU F 616 -23.93 -1.52 -32.86
C LEU F 616 -24.19 -0.80 -31.54
N ALA F 617 -23.26 -0.94 -30.60
CA ALA F 617 -23.40 -0.25 -29.31
C ALA F 617 -23.51 1.25 -29.51
N LYS F 618 -22.58 1.84 -30.27
CA LYS F 618 -22.61 3.29 -30.47
C LYS F 618 -23.66 3.71 -31.49
N ALA F 619 -24.23 2.76 -32.22
CA ALA F 619 -25.28 3.11 -33.19
C ALA F 619 -26.63 3.22 -32.51
N LEU F 620 -26.98 2.25 -31.66
CA LEU F 620 -28.24 2.34 -30.94
C LEU F 620 -28.29 3.54 -30.01
N ALA F 621 -27.16 4.21 -29.75
CA ALA F 621 -27.15 5.32 -28.82
C ALA F 621 -27.90 6.53 -29.37
N ASP F 622 -27.63 6.91 -30.62
CA ASP F 622 -28.28 8.07 -31.20
C ASP F 622 -29.77 7.85 -31.46
N PHE F 623 -30.26 6.62 -31.33
CA PHE F 623 -31.66 6.34 -31.59
C PHE F 623 -32.48 6.07 -30.34
N LEU F 624 -32.03 5.16 -29.47
CA LEU F 624 -32.87 4.71 -28.37
C LEU F 624 -33.35 5.86 -27.50
N PHE F 625 -32.56 6.92 -27.36
CA PHE F 625 -33.03 8.09 -26.63
C PHE F 625 -32.72 9.40 -27.35
N ASP F 626 -32.33 9.35 -28.63
CA ASP F 626 -32.14 10.54 -29.46
C ASP F 626 -31.10 11.49 -28.85
N ASP F 627 -29.94 10.93 -28.53
CA ASP F 627 -28.83 11.70 -28.00
C ASP F 627 -27.58 10.83 -28.03
N GLU F 628 -26.48 11.39 -27.53
CA GLU F 628 -25.20 10.70 -27.51
C GLU F 628 -24.94 9.93 -26.23
N ARG F 629 -25.43 10.42 -25.09
CA ARG F 629 -25.17 9.80 -23.79
C ARG F 629 -26.30 8.86 -23.39
N ALA F 630 -26.97 8.26 -24.37
CA ALA F 630 -28.00 7.26 -24.10
C ALA F 630 -27.40 5.91 -23.74
N MET F 631 -26.10 5.85 -23.50
CA MET F 631 -25.43 4.59 -23.21
C MET F 631 -24.25 4.83 -22.29
N VAL F 632 -23.95 3.83 -21.47
CA VAL F 632 -22.69 3.78 -20.73
C VAL F 632 -22.03 2.43 -21.01
N ARG F 633 -20.78 2.47 -21.42
CA ARG F 633 -20.02 1.26 -21.74
C ARG F 633 -18.92 1.09 -20.70
N ILE F 634 -18.98 -0.01 -19.95
CA ILE F 634 -18.08 -0.25 -18.84
C ILE F 634 -17.17 -1.42 -19.18
N ASP F 635 -15.87 -1.20 -19.06
CA ASP F 635 -14.87 -2.25 -19.19
C ASP F 635 -14.32 -2.55 -17.80
N MET F 636 -14.20 -3.82 -17.48
CA MET F 636 -13.68 -4.25 -16.18
C MET F 636 -12.20 -4.55 -16.20
N SER F 637 -11.42 -3.84 -17.03
CA SER F 637 -9.97 -3.94 -17.02
C SER F 637 -9.42 -3.47 -15.67
N GLU F 638 -10.31 -2.96 -14.83
CA GLU F 638 -10.05 -2.60 -13.45
C GLU F 638 -10.84 -3.44 -12.46
N TYR F 639 -12.06 -3.86 -12.82
CA TYR F 639 -12.89 -4.70 -11.95
C TYR F 639 -12.65 -6.17 -12.31
N GLY F 640 -11.47 -6.65 -11.94
CA GLY F 640 -11.11 -8.04 -12.20
C GLY F 640 -10.82 -8.80 -10.92
N GLU F 641 -10.47 -8.07 -9.87
CA GLU F 641 -10.12 -8.64 -8.58
C GLU F 641 -11.06 -8.08 -7.51
N LYS F 642 -10.93 -8.60 -6.30
CA LYS F 642 -11.73 -8.10 -5.18
C LYS F 642 -11.24 -6.78 -4.64
N HIS F 643 -10.11 -6.27 -5.12
CA HIS F 643 -9.61 -4.97 -4.72
C HIS F 643 -10.46 -3.82 -5.25
N THR F 644 -11.23 -4.04 -6.31
CA THR F 644 -11.96 -2.98 -6.98
C THR F 644 -13.47 -3.12 -6.96
N VAL F 645 -14.00 -4.26 -6.53
CA VAL F 645 -15.45 -4.49 -6.58
C VAL F 645 -16.19 -3.42 -5.78
N ALA F 646 -15.52 -2.80 -4.82
CA ALA F 646 -16.11 -1.74 -4.02
C ALA F 646 -15.96 -0.37 -4.66
N ARG F 647 -15.11 -0.24 -5.68
CA ARG F 647 -14.86 1.06 -6.29
C ARG F 647 -16.05 1.60 -7.05
N LEU F 648 -16.90 0.74 -7.62
CA LEU F 648 -18.09 1.20 -8.33
C LEU F 648 -19.28 1.39 -7.40
N ILE F 649 -19.10 1.26 -6.09
CA ILE F 649 -20.15 1.56 -5.13
C ILE F 649 -19.60 2.53 -4.07
N GLY F 662 -18.89 5.67 -5.65
CA GLY F 662 -18.98 4.79 -6.78
C GLY F 662 -18.54 5.43 -8.08
N GLN F 663 -17.78 4.69 -8.88
CA GLN F 663 -17.26 5.20 -10.15
C GLN F 663 -18.38 5.48 -11.14
N LEU F 664 -19.28 4.51 -11.34
CA LEU F 664 -20.40 4.70 -12.25
C LEU F 664 -21.54 5.50 -11.62
N THR F 665 -21.67 5.45 -10.30
CA THR F 665 -22.84 5.99 -9.63
C THR F 665 -23.03 7.46 -9.90
N GLU F 666 -21.95 8.24 -9.98
CA GLU F 666 -22.07 9.67 -10.25
C GLU F 666 -22.87 9.92 -11.52
N ALA F 667 -22.40 9.38 -12.64
CA ALA F 667 -23.08 9.63 -13.92
C ALA F 667 -24.44 8.95 -13.97
N VAL F 668 -24.54 7.74 -13.45
CA VAL F 668 -25.81 7.01 -13.58
C VAL F 668 -26.88 7.59 -12.67
N ARG F 669 -26.50 8.37 -11.66
CA ARG F 669 -27.49 9.07 -10.85
C ARG F 669 -27.76 10.47 -11.37
N ARG F 670 -26.77 11.13 -11.98
CA ARG F 670 -26.99 12.48 -12.46
C ARG F 670 -27.83 12.48 -13.73
N ARG F 671 -27.56 11.56 -14.65
CA ARG F 671 -28.26 11.51 -15.93
C ARG F 671 -28.79 10.09 -16.15
N PRO F 672 -29.89 9.71 -15.48
CA PRO F 672 -30.42 8.35 -15.65
C PRO F 672 -31.16 8.17 -16.97
N TYR F 673 -30.47 8.43 -18.08
CA TYR F 673 -31.02 8.28 -19.41
C TYR F 673 -30.04 7.54 -20.31
N THR F 674 -29.51 6.42 -19.81
CA THR F 674 -28.46 5.71 -20.53
C THR F 674 -28.66 4.21 -20.39
N VAL F 675 -28.13 3.49 -21.36
CA VAL F 675 -28.19 2.02 -21.38
C VAL F 675 -26.81 1.48 -21.01
N VAL F 676 -26.79 0.55 -20.07
CA VAL F 676 -25.54 0.06 -19.52
C VAL F 676 -24.99 -1.04 -20.41
N LEU F 677 -23.68 -1.00 -20.64
CA LEU F 677 -23.01 -1.92 -21.55
C LEU F 677 -21.78 -2.49 -20.89
N PHE F 678 -21.58 -3.80 -21.06
CA PHE F 678 -20.36 -4.47 -20.64
C PHE F 678 -19.94 -5.34 -21.81
N ASP F 679 -18.92 -4.90 -22.56
CA ASP F 679 -18.59 -5.53 -23.83
C ASP F 679 -18.08 -6.96 -23.64
N GLU F 680 -17.28 -7.20 -22.61
CA GLU F 680 -16.71 -8.52 -22.40
C GLU F 680 -16.67 -8.86 -20.91
N ILE F 681 -16.93 -10.13 -20.60
CA ILE F 681 -16.77 -10.66 -19.25
C ILE F 681 -15.46 -11.42 -19.09
N GLU F 682 -14.66 -11.51 -20.16
CA GLU F 682 -13.31 -12.06 -20.01
C GLU F 682 -12.37 -11.09 -19.29
N LYS F 683 -12.91 -10.01 -18.72
CA LYS F 683 -12.17 -9.09 -17.88
C LYS F 683 -12.83 -8.90 -16.52
N ALA F 684 -13.78 -9.76 -16.17
CA ALA F 684 -14.63 -9.57 -15.00
C ALA F 684 -14.34 -10.64 -13.95
N HIS F 685 -14.77 -10.36 -12.71
CA HIS F 685 -14.71 -11.06 -11.43
C HIS F 685 -16.10 -11.53 -11.02
N PRO F 686 -16.24 -12.67 -10.33
CA PRO F 686 -17.57 -13.16 -9.95
C PRO F 686 -18.25 -12.37 -8.84
N ASP F 687 -17.68 -11.27 -8.38
CA ASP F 687 -18.36 -10.45 -7.38
C ASP F 687 -19.22 -9.36 -8.00
N VAL F 688 -18.76 -8.75 -9.10
CA VAL F 688 -19.67 -7.91 -9.85
C VAL F 688 -20.85 -8.73 -10.35
N PHE F 689 -20.66 -10.04 -10.52
CA PHE F 689 -21.77 -10.95 -10.84
C PHE F 689 -22.88 -10.82 -9.81
N ASP F 690 -22.55 -10.99 -8.53
CA ASP F 690 -23.58 -10.90 -7.49
C ASP F 690 -24.08 -9.49 -7.32
N VAL F 691 -23.23 -8.48 -7.56
CA VAL F 691 -23.70 -7.09 -7.53
C VAL F 691 -24.84 -6.91 -8.52
N LEU F 692 -24.61 -7.29 -9.78
CA LEU F 692 -25.63 -7.12 -10.80
C LEU F 692 -26.81 -8.07 -10.58
N LEU F 693 -26.57 -9.23 -9.95
CA LEU F 693 -27.67 -10.12 -9.62
C LEU F 693 -28.61 -9.47 -8.62
N GLN F 694 -28.07 -8.89 -7.54
CA GLN F 694 -28.89 -8.16 -6.59
C GLN F 694 -29.57 -6.98 -7.26
N VAL F 695 -28.87 -6.35 -8.21
CA VAL F 695 -29.52 -5.31 -9.03
C VAL F 695 -30.76 -5.86 -9.69
N LEU F 696 -30.65 -7.06 -10.27
CA LEU F 696 -31.76 -7.66 -11.02
C LEU F 696 -32.78 -8.25 -10.07
N ASP F 697 -33.95 -7.63 -9.97
CA ASP F 697 -35.16 -8.15 -9.34
C ASP F 697 -35.11 -8.22 -7.82
N GLU F 698 -34.00 -7.91 -7.18
CA GLU F 698 -33.91 -7.93 -5.73
C GLU F 698 -33.48 -6.56 -5.20
N GLY F 699 -34.02 -5.50 -5.81
CA GLY F 699 -33.61 -4.17 -5.43
C GLY F 699 -32.89 -3.45 -6.55
N ARG F 700 -33.24 -2.18 -6.76
CA ARG F 700 -32.66 -1.43 -7.87
C ARG F 700 -31.16 -1.22 -7.68
N LEU F 701 -30.74 -0.76 -6.51
CA LEU F 701 -29.35 -0.44 -6.24
C LEU F 701 -29.19 -0.06 -4.79
N THR F 702 -28.03 -0.37 -4.21
CA THR F 702 -27.67 0.09 -2.88
C THR F 702 -26.27 0.68 -2.93
N ASP F 703 -26.17 1.96 -2.54
CA ASP F 703 -24.91 2.68 -2.58
C ASP F 703 -24.26 2.62 -1.21
N GLY F 704 -22.93 2.58 -1.22
CA GLY F 704 -22.15 2.51 0.00
C GLY F 704 -22.37 3.71 0.91
N HIS F 705 -22.78 4.84 0.32
CA HIS F 705 -23.08 6.01 1.14
C HIS F 705 -24.54 5.98 1.61
N GLY F 706 -25.44 5.47 0.78
CA GLY F 706 -26.83 5.35 1.18
C GLY F 706 -27.84 5.86 0.17
N ARG F 707 -27.41 6.72 -0.75
CA ARG F 707 -28.28 7.28 -1.76
C ARG F 707 -28.43 6.29 -2.91
N THR F 708 -29.62 5.70 -3.02
CA THR F 708 -29.90 4.65 -3.99
C THR F 708 -30.50 5.24 -5.26
N VAL F 709 -30.13 4.66 -6.40
CA VAL F 709 -30.52 5.15 -7.71
C VAL F 709 -31.13 4.01 -8.51
N ASP F 710 -32.35 4.21 -9.00
CA ASP F 710 -33.12 3.17 -9.68
C ASP F 710 -32.58 2.96 -11.09
N PHE F 711 -32.77 1.75 -11.61
CA PHE F 711 -32.45 1.43 -13.00
C PHE F 711 -33.75 1.20 -13.78
N ARG F 712 -34.30 2.31 -14.28
CA ARG F 712 -35.58 2.24 -14.96
C ARG F 712 -35.44 2.17 -16.48
N ASN F 713 -34.49 2.91 -17.05
CA ASN F 713 -34.33 2.94 -18.50
C ASN F 713 -32.98 2.37 -18.90
N THR F 714 -32.60 1.26 -18.27
CA THR F 714 -31.31 0.63 -18.50
C THR F 714 -31.51 -0.78 -19.02
N ILE F 715 -30.79 -1.12 -20.09
CA ILE F 715 -30.84 -2.45 -20.67
C ILE F 715 -29.47 -3.09 -20.49
N LEU F 716 -29.45 -4.40 -20.23
CA LEU F 716 -28.22 -5.12 -19.94
C LEU F 716 -27.76 -5.85 -21.19
N ILE F 717 -26.53 -5.60 -21.60
CA ILE F 717 -26.01 -6.17 -22.84
C ILE F 717 -24.64 -6.78 -22.56
N LEU F 718 -24.34 -7.86 -23.28
CA LEU F 718 -22.99 -8.38 -23.37
C LEU F 718 -22.80 -8.96 -24.76
N THR F 719 -21.93 -8.35 -25.55
CA THR F 719 -21.57 -8.88 -26.86
C THR F 719 -20.19 -9.49 -26.70
N SER F 720 -20.15 -10.73 -26.23
CA SER F 720 -18.90 -11.35 -25.83
C SER F 720 -18.36 -12.27 -26.92
N ASN F 721 -17.05 -12.46 -26.89
CA ASN F 721 -16.41 -13.51 -27.68
C ASN F 721 -16.22 -14.76 -26.84
N LEU F 722 -17.32 -15.27 -26.27
CA LEU F 722 -17.32 -16.43 -25.39
C LEU F 722 -17.78 -17.62 -26.25
N GLY F 723 -16.81 -18.35 -26.79
CA GLY F 723 -17.12 -19.48 -27.66
C GLY F 723 -17.35 -19.05 -29.08
N SER F 724 -16.52 -18.14 -29.59
CA SER F 724 -16.69 -17.67 -30.97
C SER F 724 -16.13 -18.69 -31.97
N GLY F 725 -15.09 -19.43 -31.58
CA GLY F 725 -14.58 -20.46 -32.45
C GLY F 725 -15.63 -21.50 -32.78
N GLY F 726 -16.35 -21.98 -31.77
CA GLY F 726 -17.51 -22.81 -32.00
C GLY F 726 -18.64 -22.04 -32.64
N SER F 727 -19.71 -22.74 -32.95
CA SER F 727 -20.83 -22.10 -33.63
C SER F 727 -22.08 -22.01 -32.80
N ALA F 728 -22.61 -23.13 -32.32
CA ALA F 728 -23.88 -23.14 -31.60
C ALA F 728 -23.83 -23.92 -30.30
N GLU F 729 -22.98 -24.94 -30.21
CA GLU F 729 -22.93 -25.81 -29.04
C GLU F 729 -21.86 -25.42 -28.04
N GLN F 730 -20.65 -25.14 -28.51
CA GLN F 730 -19.58 -24.71 -27.61
C GLN F 730 -19.95 -23.40 -26.94
N VAL F 731 -20.53 -22.47 -27.69
CA VAL F 731 -20.94 -21.18 -27.12
C VAL F 731 -21.94 -21.40 -26.01
N LEU F 732 -22.96 -22.25 -26.25
CA LEU F 732 -24.00 -22.44 -25.25
C LEU F 732 -23.47 -23.15 -24.01
N ALA F 733 -22.59 -24.13 -24.20
CA ALA F 733 -21.98 -24.80 -23.04
C ALA F 733 -21.14 -23.81 -22.24
N ALA F 734 -20.35 -22.98 -22.92
CA ALA F 734 -19.48 -22.04 -22.22
C ALA F 734 -20.30 -20.96 -21.51
N VAL F 735 -21.46 -20.60 -22.06
CA VAL F 735 -22.35 -19.66 -21.37
C VAL F 735 -22.93 -20.31 -20.13
N ARG F 736 -23.44 -21.53 -20.28
CA ARG F 736 -24.01 -22.24 -19.12
C ARG F 736 -22.98 -22.46 -18.04
N ALA F 737 -21.69 -22.56 -18.42
CA ALA F 737 -20.65 -22.76 -17.42
C ALA F 737 -20.19 -21.44 -16.79
N THR F 738 -19.68 -20.52 -17.61
CA THR F 738 -18.93 -19.39 -17.07
C THR F 738 -19.81 -18.41 -16.29
N PHE F 739 -21.11 -18.37 -16.58
CA PHE F 739 -22.01 -17.49 -15.86
C PHE F 739 -22.77 -18.33 -14.84
N LYS F 740 -22.12 -18.57 -13.71
CA LYS F 740 -22.66 -19.40 -12.64
C LYS F 740 -23.96 -18.79 -12.10
N PRO F 741 -23.93 -17.58 -11.50
CA PRO F 741 -25.14 -17.12 -10.82
C PRO F 741 -26.18 -16.52 -11.76
N GLU F 742 -27.20 -17.32 -12.07
CA GLU F 742 -28.49 -16.89 -12.64
C GLU F 742 -28.39 -15.77 -13.66
N PHE F 743 -27.39 -15.83 -14.55
CA PHE F 743 -27.35 -14.96 -15.71
C PHE F 743 -27.95 -15.62 -16.95
N ILE F 744 -28.82 -16.61 -16.74
CA ILE F 744 -29.47 -17.34 -17.81
C ILE F 744 -30.99 -17.26 -17.69
N ASN F 745 -31.51 -17.43 -16.48
CA ASN F 745 -32.96 -17.53 -16.30
C ASN F 745 -33.65 -16.17 -16.35
N ARG F 746 -33.00 -15.13 -15.83
CA ARG F 746 -33.61 -13.81 -15.80
C ARG F 746 -33.21 -12.93 -16.98
N LEU F 747 -32.24 -13.35 -17.77
CA LEU F 747 -31.91 -12.64 -19.00
C LEU F 747 -32.88 -13.04 -20.10
N ASP F 748 -32.71 -12.42 -21.27
CA ASP F 748 -33.48 -12.76 -22.46
C ASP F 748 -32.58 -13.56 -23.40
N ASP F 749 -33.10 -13.79 -24.62
CA ASP F 749 -32.44 -14.69 -25.55
C ASP F 749 -30.98 -14.29 -25.79
N VAL F 750 -30.18 -15.28 -26.14
CA VAL F 750 -28.77 -15.10 -26.45
C VAL F 750 -28.57 -15.32 -27.94
N LEU F 751 -27.95 -14.36 -28.60
CA LEU F 751 -28.02 -14.28 -30.05
C LEU F 751 -26.64 -14.50 -30.69
N ILE F 752 -26.60 -14.34 -32.01
CA ILE F 752 -25.42 -14.63 -32.81
C ILE F 752 -25.15 -13.49 -33.77
N PHE F 753 -24.02 -13.57 -34.45
CA PHE F 753 -23.63 -12.61 -35.47
C PHE F 753 -23.59 -13.28 -36.84
N GLU F 754 -23.51 -12.44 -37.88
CA GLU F 754 -23.38 -12.89 -39.27
C GLU F 754 -22.17 -12.17 -39.85
N GLY F 755 -21.03 -12.87 -39.89
CA GLY F 755 -19.76 -12.29 -40.30
C GLY F 755 -19.76 -11.61 -41.64
N LEU F 756 -18.71 -10.82 -41.91
CA LEU F 756 -18.63 -10.06 -43.15
C LEU F 756 -18.78 -10.97 -44.36
N ASN F 757 -19.78 -10.68 -45.17
CA ASN F 757 -20.18 -11.49 -46.32
C ASN F 757 -20.10 -10.63 -47.57
N PRO F 758 -19.74 -11.23 -48.71
CA PRO F 758 -19.66 -10.46 -49.95
C PRO F 758 -20.90 -9.62 -50.25
N GLU F 759 -22.08 -10.07 -49.81
CA GLU F 759 -23.27 -9.25 -49.95
C GLU F 759 -23.27 -8.05 -49.02
N GLU F 760 -22.64 -8.19 -47.85
CA GLU F 760 -22.67 -7.16 -46.80
C GLU F 760 -21.47 -6.23 -46.87
N LEU F 761 -20.99 -5.93 -48.07
CA LEU F 761 -19.80 -5.11 -48.23
C LEU F 761 -20.14 -3.80 -48.93
N VAL F 762 -21.22 -3.81 -49.71
CA VAL F 762 -21.58 -2.64 -50.49
C VAL F 762 -22.00 -1.49 -49.57
N ARG F 763 -22.83 -1.76 -48.57
CA ARG F 763 -23.22 -0.70 -47.65
C ARG F 763 -22.03 -0.23 -46.81
N ILE F 764 -21.14 -1.17 -46.46
CA ILE F 764 -19.91 -0.79 -45.77
C ILE F 764 -19.18 0.28 -46.56
N VAL F 765 -18.84 -0.04 -47.82
CA VAL F 765 -18.05 0.90 -48.61
C VAL F 765 -18.84 2.18 -48.85
N ASP F 766 -20.17 2.08 -48.96
CA ASP F 766 -20.98 3.26 -49.17
C ASP F 766 -20.86 4.23 -48.00
N ILE F 767 -21.06 3.74 -46.77
CA ILE F 767 -21.00 4.62 -45.61
C ILE F 767 -19.58 5.12 -45.40
N GLN F 768 -18.58 4.28 -45.66
CA GLN F 768 -17.20 4.75 -45.53
C GLN F 768 -16.92 5.91 -46.48
N LEU F 769 -17.35 5.78 -47.73
CA LEU F 769 -17.13 6.86 -48.69
C LEU F 769 -17.93 8.09 -48.32
N ALA F 770 -19.14 7.92 -47.78
CA ALA F 770 -19.93 9.06 -47.33
C ALA F 770 -19.20 9.82 -46.23
N GLN F 771 -18.63 9.09 -45.27
CA GLN F 771 -17.91 9.76 -44.18
C GLN F 771 -16.66 10.46 -44.70
N LEU F 772 -15.90 9.79 -45.56
CA LEU F 772 -14.75 10.44 -46.17
C LEU F 772 -15.15 11.71 -46.91
N GLY F 773 -16.30 11.69 -47.57
CA GLY F 773 -16.76 12.87 -48.30
C GLY F 773 -17.10 14.02 -47.37
N LYS F 774 -17.88 13.74 -46.33
CA LYS F 774 -18.20 14.80 -45.37
C LYS F 774 -16.95 15.31 -44.67
N ARG F 775 -15.92 14.48 -44.54
CA ARG F 775 -14.65 14.96 -43.99
C ARG F 775 -13.93 15.86 -44.98
N LEU F 776 -13.99 15.53 -46.26
CA LEU F 776 -13.37 16.34 -47.30
C LEU F 776 -14.13 17.62 -47.59
N ALA F 777 -15.38 17.74 -47.15
CA ALA F 777 -16.20 18.87 -47.55
C ALA F 777 -15.65 20.20 -47.02
N GLN F 778 -14.80 20.16 -46.00
CA GLN F 778 -14.18 21.38 -45.48
C GLN F 778 -13.26 22.06 -46.49
N ARG F 779 -12.78 21.34 -47.51
CA ARG F 779 -12.01 21.95 -48.58
C ARG F 779 -12.78 21.98 -49.88
N ARG F 780 -14.07 21.63 -49.85
CA ARG F 780 -14.98 21.74 -50.99
C ARG F 780 -14.57 20.82 -52.14
N LEU F 781 -14.17 19.59 -51.81
CA LEU F 781 -13.92 18.56 -52.82
C LEU F 781 -14.98 17.47 -52.69
N GLN F 782 -15.27 16.81 -53.81
CA GLN F 782 -16.21 15.70 -53.81
C GLN F 782 -15.65 14.59 -54.67
N LEU F 783 -16.01 13.36 -54.33
CA LEU F 783 -15.49 12.17 -55.00
C LEU F 783 -16.55 11.56 -55.91
N GLN F 784 -16.14 11.23 -57.12
CA GLN F 784 -16.97 10.49 -58.07
C GLN F 784 -16.51 9.04 -58.04
N VAL F 785 -17.24 8.20 -57.30
CA VAL F 785 -16.86 6.81 -57.10
C VAL F 785 -17.75 5.93 -57.97
N SER F 786 -17.14 5.22 -58.90
CA SER F 786 -17.84 4.32 -59.80
C SER F 786 -17.85 2.90 -59.24
N LEU F 787 -18.81 2.12 -59.70
CA LEU F 787 -18.92 0.74 -59.26
C LEU F 787 -17.69 -0.11 -59.58
N PRO F 788 -16.97 0.11 -60.69
CA PRO F 788 -15.70 -0.60 -60.87
C PRO F 788 -14.78 -0.55 -59.66
N ALA F 789 -14.44 0.65 -59.17
CA ALA F 789 -13.58 0.73 -57.99
C ALA F 789 -14.35 0.33 -56.73
N LYS F 790 -15.64 0.65 -56.66
CA LYS F 790 -16.45 0.25 -55.52
C LYS F 790 -16.40 -1.25 -55.28
N ARG F 791 -16.16 -2.03 -56.34
CA ARG F 791 -15.99 -3.46 -56.15
C ARG F 791 -14.53 -3.90 -56.17
N TRP F 792 -13.64 -3.14 -56.82
CA TRP F 792 -12.23 -3.50 -56.81
C TRP F 792 -11.63 -3.38 -55.42
N LEU F 793 -12.06 -2.36 -54.66
CA LEU F 793 -11.67 -2.27 -53.25
C LEU F 793 -12.27 -3.43 -52.47
N ALA F 794 -13.56 -3.72 -52.69
CA ALA F 794 -14.24 -4.79 -52.00
C ALA F 794 -13.59 -6.15 -52.26
N GLN F 795 -12.94 -6.32 -53.41
CA GLN F 795 -12.24 -7.56 -53.73
C GLN F 795 -11.16 -7.85 -52.71
N ARG F 796 -10.18 -6.95 -52.59
CA ARG F 796 -9.04 -7.15 -51.71
C ARG F 796 -9.29 -6.60 -50.31
N GLY F 797 -10.54 -6.26 -49.99
CA GLY F 797 -10.85 -5.92 -48.61
C GLY F 797 -11.82 -6.84 -47.91
N PHE F 798 -11.79 -8.14 -48.22
CA PHE F 798 -12.76 -9.07 -47.64
C PHE F 798 -12.22 -9.66 -46.33
N ASP F 799 -11.13 -10.45 -46.42
CA ASP F 799 -10.32 -10.97 -45.32
C ASP F 799 -11.12 -11.22 -44.04
N PRO F 800 -12.06 -12.18 -44.02
CA PRO F 800 -12.98 -12.33 -42.90
C PRO F 800 -12.36 -12.99 -41.66
N VAL F 801 -11.14 -12.57 -41.35
CA VAL F 801 -10.49 -12.97 -40.10
C VAL F 801 -10.24 -11.73 -39.25
N TYR F 802 -9.95 -10.60 -39.92
CA TYR F 802 -9.70 -9.35 -39.22
C TYR F 802 -10.92 -8.44 -39.21
N GLY F 803 -11.54 -8.19 -40.35
CA GLY F 803 -12.74 -7.39 -40.40
C GLY F 803 -12.64 -6.18 -41.30
N ALA F 804 -13.37 -5.14 -40.92
CA ALA F 804 -13.47 -3.94 -41.74
C ALA F 804 -12.25 -3.04 -41.61
N ARG F 805 -11.37 -3.29 -40.66
CA ARG F 805 -10.21 -2.44 -40.49
C ARG F 805 -9.24 -2.56 -41.66
N PRO F 806 -9.05 -3.76 -42.23
CA PRO F 806 -8.37 -3.82 -43.53
C PRO F 806 -9.00 -2.93 -44.59
N LEU F 807 -10.33 -2.89 -44.65
CA LEU F 807 -10.99 -2.01 -45.62
C LEU F 807 -10.68 -0.55 -45.33
N ARG F 808 -10.73 -0.15 -44.07
CA ARG F 808 -10.48 1.24 -43.71
C ARG F 808 -9.03 1.62 -44.02
N ARG F 809 -8.09 0.75 -43.69
CA ARG F 809 -6.69 1.02 -43.97
C ARG F 809 -6.41 1.05 -45.47
N LEU F 810 -7.10 0.20 -46.24
CA LEU F 810 -6.91 0.20 -47.69
C LEU F 810 -7.50 1.47 -48.31
N VAL F 811 -8.69 1.87 -47.84
CA VAL F 811 -9.25 3.16 -48.22
C VAL F 811 -8.23 4.25 -47.99
N GLN F 812 -7.74 4.35 -46.75
CA GLN F 812 -6.76 5.37 -46.40
C GLN F 812 -5.57 5.32 -47.36
N GLN F 813 -4.91 4.18 -47.47
CA GLN F 813 -3.74 4.10 -48.33
C GLN F 813 -4.08 4.48 -49.76
N ALA F 814 -4.87 3.65 -50.45
CA ALA F 814 -5.15 3.83 -51.86
C ALA F 814 -5.66 5.23 -52.17
N ILE F 815 -6.79 5.61 -51.58
CA ILE F 815 -7.36 6.92 -51.87
C ILE F 815 -6.51 8.03 -51.26
N GLY F 816 -6.44 8.06 -49.93
CA GLY F 816 -5.93 9.21 -49.23
C GLY F 816 -4.47 9.50 -49.44
N ASP F 817 -3.62 8.47 -49.52
CA ASP F 817 -2.19 8.74 -49.68
C ASP F 817 -1.94 9.49 -50.98
N GLN F 818 -2.51 9.00 -52.09
CA GLN F 818 -2.33 9.68 -53.36
C GLN F 818 -3.03 11.02 -53.38
N LEU F 819 -4.25 11.08 -52.81
CA LEU F 819 -5.00 12.32 -52.79
C LEU F 819 -4.24 13.40 -52.02
N ALA F 820 -3.63 13.03 -50.90
CA ALA F 820 -2.89 13.98 -50.08
C ALA F 820 -1.52 14.30 -50.65
N LYS F 821 -0.96 13.42 -51.48
CA LYS F 821 0.24 13.79 -52.21
C LYS F 821 -0.10 14.85 -53.27
N MET F 822 -1.13 14.58 -54.07
CA MET F 822 -1.48 15.51 -55.13
C MET F 822 -2.04 16.83 -54.61
N LEU F 823 -2.72 16.82 -53.46
CA LEU F 823 -3.28 18.05 -52.92
C LEU F 823 -2.21 19.09 -52.68
N LEU F 824 -1.05 18.69 -52.16
CA LEU F 824 0.06 19.61 -52.04
C LEU F 824 0.97 19.59 -53.25
N ALA F 825 0.74 18.68 -54.20
CA ALA F 825 1.39 18.75 -55.51
C ALA F 825 0.59 19.60 -56.50
N GLY F 826 -0.26 20.49 -56.01
CA GLY F 826 -1.08 21.34 -56.85
C GLY F 826 -2.14 20.53 -57.59
N GLN F 827 -2.68 21.16 -58.64
CA GLN F 827 -3.46 20.51 -59.69
C GLN F 827 -4.73 19.85 -59.18
N VAL F 828 -4.98 19.90 -57.87
CA VAL F 828 -6.20 19.37 -57.29
C VAL F 828 -6.78 20.46 -56.40
N HIS F 829 -6.57 21.71 -56.80
CA HIS F 829 -6.96 22.87 -56.00
C HIS F 829 -8.42 22.77 -55.54
N ASP F 830 -8.70 23.41 -54.41
CA ASP F 830 -10.00 23.31 -53.77
C ASP F 830 -11.12 23.68 -54.73
N GLY F 831 -12.20 22.89 -54.72
CA GLY F 831 -13.34 23.08 -55.59
C GLY F 831 -13.46 22.01 -56.66
N ASP F 832 -12.36 21.31 -56.96
CA ASP F 832 -12.36 20.29 -58.00
C ASP F 832 -13.20 19.09 -57.58
N THR F 833 -13.33 18.16 -58.50
CA THR F 833 -13.92 16.86 -58.24
C THR F 833 -13.07 15.78 -58.88
N VAL F 834 -12.90 14.67 -58.18
CA VAL F 834 -11.98 13.63 -58.63
C VAL F 834 -12.71 12.32 -58.83
N PRO F 835 -12.45 11.62 -59.92
CA PRO F 835 -13.06 10.30 -60.14
C PRO F 835 -12.17 9.17 -59.64
N VAL F 836 -12.71 7.96 -59.72
CA VAL F 836 -11.96 6.75 -59.42
C VAL F 836 -11.86 5.90 -60.69
N ASN F 837 -10.67 5.37 -60.94
CA ASN F 837 -10.40 4.60 -62.14
C ASN F 837 -9.52 3.41 -61.77
N VAL F 838 -10.05 2.21 -61.96
CA VAL F 838 -9.31 1.00 -61.60
C VAL F 838 -8.16 0.79 -62.57
N SER F 839 -7.02 0.38 -62.02
CA SER F 839 -5.84 0.01 -62.79
C SER F 839 -5.58 -1.46 -62.51
N PRO F 840 -4.72 -2.15 -63.30
CA PRO F 840 -4.41 -3.57 -63.02
C PRO F 840 -4.15 -3.88 -61.55
N ASP F 841 -3.24 -3.16 -60.92
CA ASP F 841 -2.89 -3.39 -59.52
C ASP F 841 -3.22 -2.22 -58.62
N ALA F 842 -3.16 -1.00 -59.12
CA ALA F 842 -3.52 0.19 -58.39
C ALA F 842 -4.88 0.71 -58.86
N ASP F 843 -5.24 1.91 -58.43
CA ASP F 843 -6.32 2.66 -59.05
C ASP F 843 -6.00 4.14 -58.89
N SER F 844 -6.17 4.91 -59.96
CA SER F 844 -5.78 6.30 -59.95
C SER F 844 -6.97 7.20 -59.66
N LEU F 845 -6.70 8.49 -59.59
CA LEU F 845 -7.72 9.49 -59.27
C LEU F 845 -7.75 10.58 -60.33
N UNK G 1 -17.07 47.22 23.70
CA UNK G 1 -16.13 47.47 22.62
C UNK G 1 -15.33 46.22 22.31
N UNK G 2 -16.03 45.10 22.14
CA UNK G 2 -15.39 43.82 21.85
C UNK G 2 -15.28 43.61 20.35
N UNK G 3 -14.13 43.08 19.92
CA UNK G 3 -13.88 42.76 18.53
C UNK G 3 -14.01 41.26 18.31
N UNK G 4 -13.80 40.83 17.07
CA UNK G 4 -14.06 39.44 16.67
C UNK G 4 -12.81 38.56 16.77
N UNK G 5 -11.70 38.97 16.15
CA UNK G 5 -10.44 38.24 16.22
C UNK G 5 -10.60 36.81 15.69
N UNK G 6 -10.86 36.72 14.39
CA UNK G 6 -10.95 35.44 13.71
C UNK G 6 -9.67 34.63 13.89
N UNK G 7 -9.78 33.31 13.78
CA UNK G 7 -8.69 32.39 14.07
C UNK G 7 -8.47 31.42 12.91
N UNK G 8 -7.26 30.87 12.85
CA UNK G 8 -6.86 29.94 11.80
C UNK G 8 -6.56 28.57 12.39
N UNK G 9 -7.01 27.53 11.71
CA UNK G 9 -6.86 26.15 12.17
C UNK G 9 -6.08 25.34 11.15
N UNK G 10 -5.20 24.47 11.64
CA UNK G 10 -4.32 23.68 10.80
C UNK G 10 -5.01 22.36 10.44
N UNK G 11 -4.85 21.94 9.19
CA UNK G 11 -5.47 20.72 8.67
C UNK G 11 -4.41 19.77 8.13
N UNK G 12 -4.65 18.48 8.29
CA UNK G 12 -3.71 17.42 7.91
C UNK G 12 -4.31 16.54 6.82
N UNK G 13 -3.60 15.46 6.50
CA UNK G 13 -4.04 14.56 5.44
C UNK G 13 -3.58 13.14 5.76
N UNK G 14 -4.22 12.18 5.11
CA UNK G 14 -3.90 10.77 5.27
C UNK G 14 -3.86 10.08 3.91
N UNK G 15 -2.80 9.29 3.69
CA UNK G 15 -2.58 8.65 2.41
C UNK G 15 -2.29 7.17 2.62
N UNK G 16 -3.08 6.31 1.99
CA UNK G 16 -2.95 4.86 2.13
C UNK G 16 -1.87 4.33 1.19
N UNK G 17 -1.64 3.02 1.22
CA UNK G 17 -0.57 2.39 0.45
C UNK G 17 -0.84 0.91 0.33
N UNK G 18 -1.03 0.43 -0.90
CA UNK G 18 -1.39 -0.96 -1.15
C UNK G 18 -0.15 -1.83 -1.34
N UNK G 19 -0.37 -3.15 -1.31
CA UNK G 19 0.68 -4.14 -1.50
C UNK G 19 0.30 -5.07 -2.64
N UNK G 20 1.30 -5.75 -3.21
CA UNK G 20 1.11 -6.40 -4.50
C UNK G 20 0.82 -7.90 -4.44
N UNK G 21 1.46 -8.64 -3.55
CA UNK G 21 1.13 -10.05 -3.30
C UNK G 21 1.28 -10.91 -4.56
N UNK G 22 2.53 -11.09 -4.97
CA UNK G 22 2.85 -11.93 -6.12
C UNK G 22 2.39 -13.38 -5.90
N UNK G 23 2.47 -14.17 -6.96
CA UNK G 23 1.94 -15.53 -6.99
C UNK G 23 2.95 -16.45 -7.67
N UNK G 24 3.29 -17.56 -7.02
CA UNK G 24 4.43 -18.38 -7.46
C UNK G 24 4.22 -19.02 -8.82
N UNK G 25 3.01 -18.97 -9.38
CA UNK G 25 2.75 -19.31 -10.78
C UNK G 25 3.29 -20.69 -11.14
N UNK G 26 2.71 -21.70 -10.51
CA UNK G 26 3.09 -23.07 -10.80
C UNK G 26 1.90 -24.02 -10.83
PG AGS H . -18.78 30.70 -14.66
S1G AGS H . -16.94 31.24 -14.83
O2G AGS H . -19.60 31.87 -14.06
O3G AGS H . -18.88 29.47 -13.72
PB AGS H . -20.42 31.30 -16.72
O1B AGS H . -20.94 32.23 -15.71
O2B AGS H . -21.48 30.38 -17.30
O3B AGS H . -19.34 30.34 -16.08
PA AGS H . -20.54 33.43 -18.32
O1A AGS H . -20.35 34.45 -17.27
O2A AGS H . -21.99 33.07 -18.60
O3A AGS H . -19.84 32.07 -17.95
O5' AGS H . -19.78 33.96 -19.60
C5' AGS H . -19.76 33.19 -20.81
C4' AGS H . -19.19 34.05 -21.91
O4' AGS H . -19.85 33.73 -23.15
C3' AGS H . -19.42 35.54 -21.74
O3' AGS H . -18.46 36.27 -22.49
C2' AGS H . -20.81 35.73 -22.33
O2' AGS H . -20.97 37.04 -22.86
C1' AGS H . -20.82 34.71 -23.46
N9 AGS H . -22.09 34.02 -23.63
C8 AGS H . -22.48 32.85 -23.03
N7 AGS H . -23.69 32.46 -23.36
C5 AGS H . -24.12 33.44 -24.25
C6 AGS H . -25.32 33.60 -24.95
N6 AGS H . -26.35 32.75 -24.89
N1 AGS H . -25.43 34.69 -25.75
C2 AGS H . -24.41 35.54 -25.82
N3 AGS H . -23.23 35.49 -25.20
C4 AGS H . -23.15 34.41 -24.41
PG AGS I . 18.32 -2.86 -31.03
S1G AGS I . 20.02 -3.59 -30.44
O2G AGS I . 17.93 -1.66 -30.14
O3G AGS I . 17.22 -3.95 -30.94
PB AGS I . 18.42 -0.80 -32.69
O1B AGS I . 17.53 -0.19 -31.69
O2B AGS I . 18.03 -0.56 -34.14
O3B AGS I . 18.44 -2.36 -32.49
PA AGS I . 20.05 1.27 -33.08
O1A AGS I . 19.70 2.23 -32.05
O2A AGS I . 19.19 1.36 -34.34
O3A AGS I . 19.87 -0.20 -32.58
O5' AGS I . 21.57 1.46 -33.40
C5' AGS I . 22.20 2.63 -32.87
C4' AGS I . 23.60 2.76 -33.42
O4' AGS I . 23.66 2.14 -34.72
C3' AGS I . 24.07 4.19 -33.60
O3' AGS I . 25.48 4.29 -33.37
C2' AGS I . 23.73 4.48 -35.06
O2' AGS I . 24.61 5.44 -35.62
C1' AGS I . 23.98 3.11 -35.70
N9 AGS I . 23.17 2.85 -36.87
C8 AGS I . 22.33 1.78 -37.06
N7 AGS I . 21.70 1.79 -38.20
C5 AGS I . 22.15 2.95 -38.83
C6 AGS I . 21.88 3.52 -40.07
N6 AGS I . 21.03 3.00 -40.95
N1 AGS I . 22.50 4.68 -40.38
C2 AGS I . 23.35 5.20 -39.49
N3 AGS I . 23.69 4.75 -38.29
C4 AGS I . 23.06 3.61 -38.01
PG AGS J . 10.92 30.78 -11.39
S1G AGS J . 12.37 30.39 -10.15
O2G AGS J . 10.26 32.13 -10.99
O3G AGS J . 9.88 29.63 -11.31
PB AGS J . 11.89 32.35 -13.33
O1B AGS J . 11.22 33.38 -12.51
O2B AGS J . 11.54 32.41 -14.81
O3B AGS J . 11.49 30.92 -12.82
PA AGS J . 14.01 33.94 -13.67
O1A AGS J . 13.60 34.96 -12.72
O2A AGS J . 13.59 34.19 -15.12
O3A AGS J . 13.43 32.53 -13.29
O5' AGS J . 15.57 33.76 -13.53
C5' AGS J . 16.35 33.15 -14.56
C4' AGS J . 17.70 33.83 -14.57
O4' AGS J . 18.16 33.93 -15.93
C3' AGS J . 17.68 35.26 -14.05
O3' AGS J . 18.98 35.64 -13.59
C2' AGS J . 17.30 36.05 -15.29
O2' AGS J . 17.80 37.38 -15.22
C1' AGS J . 18.01 35.27 -16.39
N9 AGS J . 17.29 35.22 -17.64
C8 AGS J . 16.32 34.32 -18.01
N7 AGS J . 15.83 34.52 -19.21
C5 AGS J . 16.53 35.63 -19.67
C6 AGS J . 16.46 36.35 -20.87
N6 AGS J . 15.65 36.04 -21.87
N1 AGS J . 17.28 37.40 -21.01
C2 AGS J . 18.10 37.72 -20.01
N3 AGS J . 18.24 37.12 -18.82
C4 AGS J . 17.41 36.07 -18.71
PG AGS K . 35.05 -15.77 -8.41
S1G AGS K . 34.96 -16.86 -6.81
O2G AGS K . 34.31 -14.42 -8.17
O3G AGS K . 34.36 -16.52 -9.58
PB AGS K . 37.12 -14.08 -8.28
O1B AGS K . 36.01 -13.16 -7.95
O2B AGS K . 38.04 -13.59 -9.39
O3B AGS K . 36.52 -15.46 -8.76
PA AGS K . 38.72 -12.94 -6.49
O1A AGS K . 37.79 -12.22 -5.61
O2A AGS K . 39.11 -12.17 -7.75
O3A AGS K . 38.07 -14.26 -7.05
O5' AGS K . 39.96 -13.37 -5.64
C5' AGS K . 39.90 -13.27 -4.21
C4' AGS K . 41.25 -13.53 -3.62
O4' AGS K . 42.14 -14.03 -4.63
C3' AGS K . 41.92 -12.32 -2.99
O3' AGS K . 42.59 -12.66 -1.79
C2' AGS K . 42.93 -11.90 -4.06
O2' AGS K . 44.06 -11.28 -3.48
C1' AGS K . 43.31 -13.24 -4.67
N9 AGS K . 43.75 -13.16 -6.05
C8 AGS K . 43.23 -13.85 -7.12
N7 AGS K . 43.82 -13.60 -8.26
C5 AGS K . 44.79 -12.67 -7.92
C6 AGS K . 45.76 -11.99 -8.69
N6 AGS K . 45.90 -12.16 -10.01
N1 AGS K . 46.58 -11.13 -8.06
C2 AGS K . 46.44 -10.96 -6.73
N3 AGS K . 45.57 -11.54 -5.91
C4 AGS K . 44.76 -12.39 -6.57
PG AGS L . 22.39 -36.13 11.74
S1G AGS L . 20.86 -37.25 12.16
O2G AGS L . 22.02 -34.63 11.89
O3G AGS L . 22.84 -36.42 10.29
PB AGS L . 23.76 -35.50 13.96
O1B AGS L . 23.21 -34.16 13.66
O2B AGS L . 25.26 -35.50 14.24
O3B AGS L . 23.55 -36.46 12.73
PA AGS L . 23.54 -35.46 16.64
O1A AGS L . 22.64 -34.40 17.08
O2A AGS L . 24.97 -34.99 16.41
O3A AGS L . 23.10 -36.08 15.27
O5' AGS L . 23.47 -36.64 17.69
C5' AGS L . 22.31 -36.84 18.51
C4' AGS L . 22.75 -37.14 19.92
O4' AGS L . 23.82 -38.11 19.89
C3' AGS L . 23.32 -35.96 20.68
O3' AGS L . 22.29 -35.21 21.29
C2' AGS L . 24.21 -36.64 21.71
O2' AGS L . 23.47 -36.96 22.88
C1' AGS L . 24.67 -37.92 21.00
N9 AGS L . 26.04 -37.88 20.51
C8 AGS L . 26.46 -38.09 19.24
N7 AGS L . 27.76 -38.00 19.07
C5 AGS L . 28.22 -37.70 20.35
C6 AGS L . 29.51 -37.48 20.86
N6 AGS L . 30.61 -37.52 20.11
N1 AGS L . 29.63 -37.21 22.17
C2 AGS L . 28.53 -37.17 22.92
N3 AGS L . 27.26 -37.36 22.55
C4 AGS L . 27.17 -37.63 21.25
PG AGS M . 23.24 16.46 11.98
S1G AGS M . 22.69 16.12 13.82
O2G AGS M . 23.03 17.96 11.64
O3G AGS M . 22.40 15.59 11.00
PB AGS M . 25.79 17.30 12.01
O1B AGS M . 25.07 18.58 12.16
O2B AGS M . 26.78 17.28 10.86
O3B AGS M . 24.75 16.15 11.76
PA AGS M . 27.72 17.98 13.83
O1A AGS M . 27.11 19.12 14.53
O2A AGS M . 28.60 18.34 12.64
O3A AGS M . 26.63 16.98 13.29
O5' AGS M . 28.52 17.15 14.89
C5' AGS M . 29.66 16.39 14.49
C4' AGS M . 30.54 16.24 15.70
O4' AGS M . 31.91 16.10 15.27
C3' AGS M . 30.56 17.45 16.63
O3' AGS M . 30.93 17.07 17.94
C2' AGS M . 31.62 18.34 16.00
O2' AGS M . 32.22 19.20 16.96
C1' AGS M . 32.63 17.30 15.51
N9 AGS M . 33.30 17.67 14.27
C8 AGS M . 32.93 17.33 13.00
N7 AGS M . 33.74 17.79 12.07
C5 AGS M . 34.70 18.47 12.79
C6 AGS M . 35.85 19.20 12.38
N6 AGS M . 36.22 19.35 11.11
N1 AGS M . 36.60 19.76 13.35
C2 AGS M . 36.23 19.62 14.63
N3 AGS M . 35.18 18.96 15.12
C4 AGS M . 34.45 18.41 14.14
PG AGS N . 7.22 -2.64 28.97
S1G AGS N . 5.51 -3.55 29.14
O2G AGS N . 7.13 -1.24 29.62
O3G AGS N . 7.55 -2.50 27.46
PB AGS N . 8.86 -2.97 31.07
O1B AGS N . 8.53 -1.54 31.26
O2B AGS N . 10.36 -3.26 31.10
O3B AGS N . 8.34 -3.46 29.68
PA AGS N . 8.32 -3.29 33.70
O1A AGS N . 7.56 -2.05 33.85
O2A AGS N . 9.80 -3.18 34.08
O3A AGS N . 8.27 -3.83 32.23
O5' AGS N . 7.60 -4.40 34.55
C5' AGS N . 8.25 -5.63 34.86
C4' AGS N . 7.75 -6.09 36.20
O4' AGS N . 8.78 -6.84 36.86
C3' AGS N . 7.38 -4.97 37.17
O3' AGS N . 6.43 -5.41 38.12
C2' AGS N . 8.73 -4.67 37.82
O2' AGS N . 8.57 -4.15 39.14
C1' AGS N . 9.38 -6.06 37.88
N9 AGS N . 10.82 -6.04 37.66
C8 AGS N . 11.46 -6.15 36.46
N7 AGS N . 12.77 -6.11 36.55
C5 AGS N . 13.00 -5.97 37.91
C6 AGS N . 14.17 -5.87 38.66
N6 AGS N . 15.40 -5.90 38.14
N1 AGS N . 14.05 -5.73 40.01
C2 AGS N . 12.84 -5.71 40.54
N3 AGS N . 11.65 -5.79 39.93
C4 AGS N . 11.80 -5.92 38.61
PG AGS O . -5.96 -48.91 7.01
S1G AGS O . -7.67 -48.83 6.08
O2G AGS O . -5.54 -47.48 7.46
O3G AGS O . -4.87 -49.50 6.07
PB AGS O . -6.52 -49.08 9.62
O1B AGS O . -6.09 -47.67 9.60
O2B AGS O . -5.86 -49.89 10.74
O3B AGS O . -6.10 -49.79 8.28
PA AGS O . -8.62 -48.92 11.31
O1A AGS O . -9.21 -47.57 11.42
O2A AGS O . -7.42 -49.17 12.21
O3A AGS O . -8.08 -49.19 9.86
O5' AGS O . -9.77 -49.98 11.56
C5' AGS O . -10.98 -49.93 10.79
C4' AGS O . -12.08 -50.58 11.58
O4' AGS O . -11.60 -51.78 12.22
C3' AGS O . -12.69 -49.71 12.69
O3' AGS O . -14.11 -49.81 12.69
C2' AGS O . -12.11 -50.32 13.96
O2' AGS O . -13.02 -50.19 15.05
C1' AGS O . -11.95 -51.77 13.58
N9 AGS O . -10.91 -52.47 14.32
C8 AGS O . -9.81 -53.08 13.78
N7 AGS O . -9.02 -53.63 14.67
C5 AGS O . -9.65 -53.36 15.88
C6 AGS O . -9.32 -53.68 17.21
N6 AGS O . -8.23 -54.37 17.56
N1 AGS O . -10.17 -53.26 18.18
C2 AGS O . -11.25 -52.57 17.83
N3 AGS O . -11.67 -52.22 16.60
C4 AGS O . -10.81 -52.65 15.67
PG AGS P . -25.25 -3.87 24.58
S1G AGS P . -24.44 -3.52 22.85
O2G AGS P . -26.72 -3.38 24.58
O3G AGS P . -24.46 -3.13 25.70
PB AGS P . -25.39 -5.90 26.35
O1B AGS P . -24.81 -4.92 27.29
O2B AGS P . -24.71 -7.28 26.42
O3B AGS P . -25.21 -5.41 24.87
PA AGS P . -27.52 -5.51 27.99
O1A AGS P . -27.40 -4.03 27.99
O2A AGS P . -26.85 -6.20 29.18
O3A AGS P . -26.91 -6.14 26.68
O5' AGS P . -29.05 -5.86 27.91
C5' AGS P . -29.50 -7.06 27.25
C4' AGS P . -30.84 -7.44 27.82
O4' AGS P . -30.77 -8.76 28.39
C3' AGS P . -31.36 -6.52 28.93
O3' AGS P . -32.76 -6.32 28.81
C2' AGS P . -31.01 -7.28 30.20
O2' AGS P . -31.92 -6.99 31.26
C1' AGS P . -31.20 -8.73 29.74
N9 AGS P . -30.42 -9.70 30.49
C8 AGS P . -29.32 -10.39 30.07
N7 AGS P . -28.83 -11.21 30.96
C5 AGS P . -29.66 -11.04 32.06
C6 AGS P . -29.68 -11.64 33.33
N6 AGS P . -28.79 -12.55 33.75
N1 AGS P . -30.65 -11.24 34.19
C2 AGS P . -31.54 -10.33 33.79
N3 AGS P . -31.61 -9.71 32.61
C4 AGS P . -30.65 -10.11 31.79
PB ADP Q . -32.64 -30.93 -17.90
O1B ADP Q . -31.90 -29.70 -18.37
O2B ADP Q . -32.92 -31.90 -19.01
O3B ADP Q . -31.99 -31.58 -16.70
PA ADP Q . -34.55 -29.00 -16.80
O1A ADP Q . -33.36 -28.13 -16.64
O2A ADP Q . -35.43 -29.23 -15.61
O3A ADP Q . -34.08 -30.41 -17.38
O5' ADP Q . -35.45 -28.44 -18.02
C5' ADP Q . -36.30 -29.38 -18.74
C4' ADP Q . -37.67 -28.79 -18.89
O4' ADP Q . -38.66 -29.84 -18.71
C3' ADP Q . -38.04 -27.69 -17.87
O3' ADP Q . -38.84 -26.68 -18.48
C2' ADP Q . -38.83 -28.46 -16.81
O2' ADP Q . -39.74 -27.65 -16.11
C1' ADP Q . -39.54 -29.50 -17.67
N9 ADP Q . -39.90 -30.71 -16.94
C8 ADP Q . -39.41 -31.98 -17.17
N7 ADP Q . -39.90 -32.88 -16.36
C5 ADP Q . -40.76 -32.17 -15.54
C6 ADP Q . -41.58 -32.56 -14.46
N6 ADP Q . -41.68 -33.81 -14.02
N1 ADP Q . -42.32 -31.60 -13.86
C2 ADP Q . -42.22 -30.34 -14.30
N3 ADP Q . -41.48 -29.86 -15.30
C4 ADP Q . -40.77 -30.83 -15.89
PG AGS R . -13.31 -5.09 -31.81
S1G AGS R . -11.48 -5.34 -32.41
O2G AGS R . -13.36 -4.08 -30.62
O3G AGS R . -13.90 -6.45 -31.32
PB AGS R . -15.48 -3.72 -32.56
O1B AGS R . -15.73 -3.89 -31.11
O2B AGS R . -16.60 -4.24 -33.47
O3B AGS R . -14.19 -4.54 -32.96
PA AGS R . -15.93 -1.64 -34.25
O1A AGS R . -16.62 -2.70 -34.99
O2A AGS R . -16.80 -0.44 -33.88
O3A AGS R . -15.32 -2.20 -32.91
O5' AGS R . -14.67 -1.20 -35.10
C5' AGS R . -14.27 -1.97 -36.23
C4' AGS R . -14.40 -1.10 -37.45
O4' AGS R . -15.12 -1.81 -38.48
C3' AGS R . -15.17 0.20 -37.23
O3' AGS R . -14.68 1.24 -38.08
C2' AGS R . -16.60 -0.20 -37.61
O2' AGS R . -17.35 0.93 -38.06
C1' AGS R . -16.33 -1.16 -38.78
N9 AGS R . -17.37 -2.17 -38.97
C8 AGS R . -17.19 -3.53 -39.03
N7 AGS R . -18.29 -4.19 -39.22
C5 AGS R . -19.26 -3.22 -39.30
C6 AGS R . -20.66 -3.28 -39.49
N6 AGS R . -21.34 -4.41 -39.65
N1 AGS R . -21.34 -2.11 -39.51
C2 AGS R . -20.66 -0.97 -39.36
N3 AGS R . -19.35 -0.78 -39.17
C4 AGS R . -18.71 -1.96 -39.15
PB ADP S . -42.29 14.84 4.76
O1B ADP S . -41.57 16.16 4.86
O2B ADP S . -41.66 13.85 3.83
O3B ADP S . -42.72 14.26 6.10
PA ADP S . -44.92 15.81 4.89
O1A ADP S . -44.55 17.21 5.35
O2A ADP S . -45.32 14.77 5.91
O3A ADP S . -43.69 15.21 4.04
O5' ADP S . -46.08 15.92 3.80
C5' ADP S . -47.41 16.28 4.19
C4' ADP S . -48.16 16.86 2.99
O4' ADP S . -48.30 15.85 1.98
C3' ADP S . -49.54 17.34 3.38
O3' ADP S . -49.64 18.75 3.19
C2' ADP S . -50.52 16.53 2.51
O2' ADP S . -51.35 17.34 1.68
C1' ADP S . -49.67 15.61 1.66
N9 ADP S . -50.01 14.19 1.95
C8 ADP S . -49.22 13.13 1.70
N7 ADP S . -49.83 11.97 2.09
C5 ADP S . -51.03 12.30 2.60
C6 ADP S . -52.17 11.56 3.19
N6 ADP S . -52.15 10.21 3.31
N1 ADP S . -53.25 12.29 3.60
C2 ADP S . -53.28 13.62 3.49
N3 ADP S . -52.28 14.36 2.96
C4 ADP S . -51.15 13.77 2.51
#